data_3UJ2
#
_entry.id   3UJ2
#
_cell.length_a   282.350
_cell.length_b   282.210
_cell.length_c   119.180
_cell.angle_alpha   90.000
_cell.angle_beta   90.000
_cell.angle_gamma   90.000
#
_symmetry.space_group_name_H-M   'C 2 2 21'
#
loop_
_entity.id
_entity.type
_entity.pdbx_description
1 polymer 'Enolase 1'
2 non-polymer 'SULFATE ION'
3 non-polymer 'MAGNESIUM ION'
4 water water
#
_entity_poly.entity_id   1
_entity_poly.type   'polypeptide(L)'
_entity_poly.pdbx_seq_one_letter_code
;MHHHHHHSSGVDLGTENLYFQSMNYLEIEKVIGREIIDSRGNPTVEAEVYLAGGVTGRGTAPSGASTGEFEALELRDGDK
GRFGGKGVTKAVQNINTEISEILSGMDASDIYAVDRAMIDADGTKDKSKFGANAVLAVSIACAKAAAAALGVPLYRFLGG
LNANRLPVPMMNILNGGAHAANTVDVQEFMIMPVGAESFREALRQCTEVFHALAGLLKSKGLATSVGDEGGFAPDLASDE
EAIEYILEAVKLAGYEPGRDFVLAMDAASSEWKGEKKGEYILPKCKRKFASEELVAHWKSLCERYPIVSIEDGLDEEDWE
GWQYMTRELGDKIQLVGDDLFVTNTERLNKGIKERCGNSILIKLNQIGTVSETLEAIKMAHKAGYTAVVSHRSGETEDTT
IADLAVALNTGQIKTGAPSRSERVAKYNQLLRIEEELGDSAVYPGFTTF
;
_entity_poly.pdbx_strand_id   A,B,C,D,E,F,G,H
#
# COMPACT_ATOMS: atom_id res chain seq x y z
N ASN A 24 7.90 14.26 -4.12
CA ASN A 24 8.38 13.75 -2.83
C ASN A 24 9.13 12.44 -2.97
N TYR A 25 8.63 11.55 -3.83
CA TYR A 25 9.39 10.37 -4.24
C TYR A 25 10.54 10.81 -5.14
N LEU A 26 10.42 12.01 -5.71
CA LEU A 26 11.46 12.58 -6.53
C LEU A 26 12.38 13.50 -5.73
N GLU A 27 12.12 13.63 -4.43
CA GLU A 27 12.97 14.46 -3.60
C GLU A 27 14.35 13.83 -3.38
N ILE A 28 15.40 14.60 -3.62
CA ILE A 28 16.76 14.12 -3.39
C ILE A 28 17.04 14.04 -1.89
N GLU A 29 17.55 12.89 -1.44
CA GLU A 29 17.86 12.67 -0.04
C GLU A 29 19.36 12.82 0.23
N LYS A 30 20.17 12.33 -0.70
CA LYS A 30 21.61 12.22 -0.48
C LYS A 30 22.28 12.07 -1.84
N VAL A 31 23.45 12.70 -2.03
CA VAL A 31 24.28 12.49 -3.22
C VAL A 31 25.65 12.05 -2.75
N ILE A 32 26.18 10.96 -3.30
CA ILE A 32 27.55 10.55 -3.00
C ILE A 32 28.43 10.53 -4.23
N GLY A 33 29.74 10.62 -4.01
CA GLY A 33 30.66 10.53 -5.12
C GLY A 33 31.61 9.38 -4.87
N ARG A 34 32.22 8.87 -5.92
CA ARG A 34 33.27 7.91 -5.72
C ARG A 34 34.28 8.00 -6.84
N GLU A 35 35.51 7.61 -6.53
CA GLU A 35 36.60 7.64 -7.49
C GLU A 35 36.66 6.29 -8.18
N ILE A 36 36.29 6.27 -9.45
CA ILE A 36 36.36 5.03 -10.22
C ILE A 36 37.44 5.20 -11.27
N ILE A 37 37.66 4.16 -12.06
CA ILE A 37 38.69 4.17 -13.09
C ILE A 37 38.03 4.20 -14.48
N ASP A 38 38.55 5.04 -15.38
CA ASP A 38 38.01 5.13 -16.73
C ASP A 38 38.66 4.12 -17.68
N SER A 39 38.31 4.17 -18.96
CA SER A 39 38.75 3.15 -19.91
C SER A 39 40.25 3.22 -20.22
N ARG A 40 40.94 4.26 -19.78
CA ARG A 40 42.38 4.36 -20.05
C ARG A 40 43.21 4.07 -18.84
N GLY A 41 42.56 3.76 -17.73
CA GLY A 41 43.28 3.41 -16.53
C GLY A 41 43.54 4.63 -15.64
N ASN A 42 42.78 5.70 -15.87
CA ASN A 42 42.85 6.92 -15.08
C ASN A 42 41.58 7.15 -14.28
N PRO A 43 41.71 7.85 -13.14
CA PRO A 43 40.53 8.00 -12.28
C PRO A 43 39.51 8.91 -12.89
N THR A 44 38.26 8.72 -12.53
CA THR A 44 37.25 9.71 -12.86
C THR A 44 36.16 9.66 -11.80
N VAL A 45 35.15 10.50 -11.97
CA VAL A 45 34.16 10.72 -10.94
C VAL A 45 32.88 9.99 -11.24
N GLU A 46 32.36 9.30 -10.25
CA GLU A 46 31.05 8.70 -10.37
C GLU A 46 30.20 9.25 -9.26
N ALA A 47 28.94 9.52 -9.56
CA ALA A 47 28.05 10.01 -8.55
C ALA A 47 26.83 9.09 -8.49
N GLU A 48 26.22 9.04 -7.31
CA GLU A 48 25.02 8.28 -7.10
C GLU A 48 24.05 9.19 -6.37
N VAL A 49 22.87 9.38 -6.96
CA VAL A 49 21.82 10.20 -6.35
C VAL A 49 20.77 9.27 -5.73
N TYR A 50 20.43 9.51 -4.46
CA TYR A 50 19.38 8.74 -3.77
C TYR A 50 18.11 9.58 -3.54
N LEU A 51 16.96 9.08 -3.98
CA LEU A 51 15.71 9.83 -3.82
C LEU A 51 14.93 9.32 -2.61
N ALA A 52 13.97 10.11 -2.13
CA ALA A 52 13.19 9.75 -0.93
C ALA A 52 12.48 8.41 -1.09
N GLY A 53 12.15 8.03 -2.32
CA GLY A 53 11.48 6.79 -2.59
C GLY A 53 12.38 5.56 -2.66
N GLY A 54 13.68 5.74 -2.40
CA GLY A 54 14.61 4.62 -2.45
C GLY A 54 15.14 4.31 -3.84
N VAL A 55 14.72 5.10 -4.82
CA VAL A 55 15.26 4.98 -6.17
C VAL A 55 16.63 5.63 -6.17
N THR A 56 17.55 5.09 -6.97
CA THR A 56 18.86 5.72 -7.17
C THR A 56 19.22 5.94 -8.64
N GLY A 57 20.17 6.85 -8.87
CA GLY A 57 20.65 7.16 -10.21
C GLY A 57 22.15 7.20 -10.11
N ARG A 58 22.83 6.89 -11.19
CA ARG A 58 24.28 6.83 -11.21
C ARG A 58 24.77 7.47 -12.48
N GLY A 59 25.76 8.34 -12.36
CA GLY A 59 26.33 8.97 -13.51
C GLY A 59 27.82 8.98 -13.36
N THR A 60 28.53 9.19 -14.47
CA THR A 60 29.98 9.29 -14.44
C THR A 60 30.42 10.40 -15.38
N ALA A 61 31.63 10.89 -15.19
CA ALA A 61 32.18 11.92 -16.06
C ALA A 61 33.25 11.32 -16.96
N PRO A 62 33.12 11.50 -18.29
CA PRO A 62 34.22 11.06 -19.15
C PRO A 62 35.33 12.09 -19.05
N SER A 63 36.44 11.85 -19.71
CA SER A 63 37.57 12.74 -19.64
C SER A 63 38.33 12.68 -20.96
N GLY A 64 38.71 13.84 -21.49
CA GLY A 64 39.44 13.90 -22.74
C GLY A 64 40.95 14.12 -22.62
N GLY A 68 42.16 22.86 -21.82
CA GLY A 68 41.52 23.93 -22.56
C GLY A 68 41.23 25.20 -21.75
N GLU A 69 40.64 26.20 -22.41
CA GLU A 69 40.39 27.52 -21.81
C GLU A 69 38.94 28.00 -21.99
N PHE A 70 38.25 27.47 -22.99
CA PHE A 70 36.87 27.88 -23.21
C PHE A 70 35.87 26.82 -22.75
N GLU A 71 36.36 25.84 -22.00
CA GLU A 71 35.53 24.75 -21.51
C GLU A 71 35.50 24.67 -20.00
N ALA A 72 34.61 23.83 -19.50
CA ALA A 72 34.50 23.56 -18.09
C ALA A 72 35.72 22.75 -17.71
N LEU A 73 36.24 22.96 -16.51
CA LEU A 73 37.50 22.34 -16.14
C LEU A 73 37.22 21.25 -15.13
N GLU A 74 37.71 20.05 -15.42
CA GLU A 74 37.53 18.96 -14.50
C GLU A 74 38.52 19.22 -13.37
N LEU A 75 38.24 18.71 -12.19
CA LEU A 75 39.11 18.95 -11.04
C LEU A 75 39.92 17.70 -10.67
N ARG A 76 41.24 17.79 -10.80
CA ARG A 76 42.14 16.68 -10.45
C ARG A 76 42.92 16.99 -9.18
N ASP A 77 43.34 15.95 -8.46
CA ASP A 77 44.00 16.12 -7.17
C ASP A 77 45.41 16.72 -7.25
N GLY A 78 46.17 16.35 -8.27
CA GLY A 78 47.52 16.85 -8.41
C GLY A 78 48.55 16.17 -7.49
N ASP A 79 48.10 15.24 -6.65
CA ASP A 79 49.00 14.51 -5.74
C ASP A 79 49.86 13.49 -6.48
N LYS A 80 51.11 13.85 -6.72
CA LYS A 80 52.03 13.02 -7.51
C LYS A 80 52.17 11.60 -6.97
N GLY A 81 51.84 11.40 -5.70
CA GLY A 81 51.92 10.07 -5.08
C GLY A 81 50.71 9.16 -5.32
N ARG A 82 49.68 9.69 -5.98
CA ARG A 82 48.49 8.91 -6.30
C ARG A 82 48.09 9.11 -7.74
N PHE A 83 48.04 8.01 -8.51
CA PHE A 83 47.54 8.08 -9.88
C PHE A 83 48.31 9.07 -10.75
N GLY A 84 49.55 9.34 -10.40
CA GLY A 84 50.37 10.23 -11.20
C GLY A 84 49.80 11.64 -11.19
N GLY A 85 49.10 11.99 -10.11
CA GLY A 85 48.52 13.31 -9.98
C GLY A 85 47.11 13.46 -10.49
N LYS A 86 46.49 12.37 -10.94
CA LYS A 86 45.20 12.42 -11.60
C LYS A 86 44.03 11.99 -10.70
N GLY A 87 44.26 11.94 -9.39
CA GLY A 87 43.23 11.53 -8.45
C GLY A 87 42.05 12.45 -8.59
N VAL A 88 40.88 12.03 -8.11
CA VAL A 88 39.72 12.93 -8.12
C VAL A 88 39.01 12.86 -6.77
N THR A 89 39.79 12.62 -5.72
CA THR A 89 39.25 12.59 -4.37
C THR A 89 38.73 13.95 -3.93
N LYS A 90 39.28 15.04 -4.47
CA LYS A 90 38.77 16.36 -4.12
C LYS A 90 37.38 16.57 -4.69
N ALA A 91 37.25 16.23 -5.97
CA ALA A 91 35.97 16.35 -6.65
C ALA A 91 34.93 15.51 -5.93
N VAL A 92 35.33 14.30 -5.52
CA VAL A 92 34.45 13.37 -4.82
C VAL A 92 33.98 13.92 -3.48
N GLN A 93 34.91 14.57 -2.78
CA GLN A 93 34.63 15.20 -1.50
C GLN A 93 33.66 16.37 -1.71
N ASN A 94 33.78 17.06 -2.83
CA ASN A 94 32.80 18.11 -3.16
C ASN A 94 31.39 17.59 -3.37
N ILE A 95 31.25 16.43 -3.97
CA ILE A 95 29.95 15.82 -4.14
C ILE A 95 29.42 15.45 -2.76
N ASN A 96 30.22 14.71 -2.01
CA ASN A 96 29.78 14.20 -0.70
C ASN A 96 29.40 15.24 0.33
N THR A 97 30.02 16.39 0.29
CA THR A 97 29.71 17.41 1.29
C THR A 97 28.88 18.53 0.69
N GLU A 98 29.51 19.40 -0.08
CA GLU A 98 28.82 20.60 -0.53
C GLU A 98 27.63 20.33 -1.45
N ILE A 99 27.83 19.54 -2.49
CA ILE A 99 26.79 19.33 -3.49
C ILE A 99 25.59 18.59 -2.89
N SER A 100 25.86 17.56 -2.12
CA SER A 100 24.80 16.86 -1.44
C SER A 100 23.94 17.79 -0.59
N GLU A 101 24.59 18.65 0.19
CA GLU A 101 23.83 19.52 1.08
C GLU A 101 23.01 20.48 0.28
N ILE A 102 23.60 21.00 -0.79
CA ILE A 102 22.91 21.91 -1.69
C ILE A 102 21.69 21.29 -2.36
N LEU A 103 21.82 20.04 -2.79
CA LEU A 103 20.76 19.40 -3.57
C LEU A 103 19.68 18.72 -2.74
N SER A 104 19.99 18.37 -1.50
CA SER A 104 19.03 17.70 -0.65
C SER A 104 17.75 18.46 -0.52
N GLY A 105 16.64 17.76 -0.72
CA GLY A 105 15.34 18.38 -0.66
C GLY A 105 14.80 18.79 -2.01
N MET A 106 15.65 18.86 -3.03
CA MET A 106 15.19 19.31 -4.35
C MET A 106 14.56 18.20 -5.18
N ASP A 107 13.73 18.61 -6.13
CA ASP A 107 13.04 17.71 -7.04
C ASP A 107 13.97 17.25 -8.14
N ALA A 108 14.37 15.99 -8.09
CA ALA A 108 15.28 15.43 -9.09
C ALA A 108 14.78 15.51 -10.54
N SER A 109 13.48 15.63 -10.76
CA SER A 109 13.02 15.80 -12.15
C SER A 109 13.26 17.22 -12.67
N ASP A 110 13.49 18.17 -11.78
CA ASP A 110 13.77 19.54 -12.21
C ASP A 110 15.27 19.72 -12.43
N ILE A 111 15.80 19.11 -13.49
CA ILE A 111 17.23 19.08 -13.76
C ILE A 111 17.80 20.46 -14.00
N TYR A 112 17.04 21.33 -14.65
CA TYR A 112 17.52 22.70 -14.85
C TYR A 112 17.80 23.39 -13.51
N ALA A 113 16.89 23.21 -12.55
CA ALA A 113 17.04 23.80 -11.23
C ALA A 113 18.18 23.15 -10.43
N VAL A 114 18.29 21.85 -10.53
CA VAL A 114 19.40 21.14 -9.92
C VAL A 114 20.75 21.65 -10.46
N ASP A 115 20.95 21.57 -11.77
CA ASP A 115 22.12 22.12 -12.45
C ASP A 115 22.44 23.56 -12.06
N ARG A 116 21.40 24.38 -11.91
CA ARG A 116 21.58 25.80 -11.65
C ARG A 116 22.04 26.01 -10.22
N ALA A 117 21.57 25.16 -9.31
CA ALA A 117 21.98 25.21 -7.91
C ALA A 117 23.44 24.87 -7.80
N MET A 118 23.87 23.90 -8.59
CA MET A 118 25.29 23.54 -8.61
C MET A 118 26.15 24.63 -9.26
N ILE A 119 25.65 25.22 -10.33
CA ILE A 119 26.39 26.27 -11.03
C ILE A 119 26.57 27.52 -10.15
N ASP A 120 25.52 27.91 -9.46
CA ASP A 120 25.55 29.10 -8.61
C ASP A 120 26.41 28.88 -7.37
N ALA A 121 26.34 27.69 -6.80
CA ALA A 121 27.12 27.37 -5.61
C ALA A 121 28.60 27.28 -5.95
N ASP A 122 28.88 26.77 -7.14
CA ASP A 122 30.23 26.64 -7.59
C ASP A 122 30.81 28.05 -7.83
N GLY A 123 30.01 28.94 -8.38
CA GLY A 123 30.40 30.33 -8.49
C GLY A 123 31.42 30.72 -9.56
N THR A 124 31.99 29.75 -10.26
CA THR A 124 32.93 30.09 -11.33
C THR A 124 32.27 29.92 -12.70
N LYS A 125 32.98 30.33 -13.74
CA LYS A 125 32.46 30.25 -15.10
C LYS A 125 32.79 28.91 -15.75
N ASP A 126 33.65 28.13 -15.11
CA ASP A 126 34.17 26.91 -15.72
C ASP A 126 34.06 25.72 -14.79
N LYS A 127 33.21 25.86 -13.77
CA LYS A 127 32.98 24.80 -12.78
C LYS A 127 34.27 24.35 -12.10
N SER A 128 35.22 25.28 -11.97
CA SER A 128 36.53 24.95 -11.42
C SER A 128 36.55 24.81 -9.89
N LYS A 129 35.50 25.26 -9.21
CA LYS A 129 35.49 25.05 -7.77
C LYS A 129 35.10 23.62 -7.42
N PHE A 130 33.98 23.15 -8.00
CA PHE A 130 33.50 21.80 -7.70
C PHE A 130 34.18 20.79 -8.61
N GLY A 131 34.54 21.23 -9.82
CA GLY A 131 35.04 20.32 -10.83
C GLY A 131 33.93 20.04 -11.83
N ALA A 132 34.20 20.25 -13.11
CA ALA A 132 33.17 19.97 -14.11
C ALA A 132 32.82 18.49 -14.08
N ASN A 133 33.75 17.69 -13.58
CA ASN A 133 33.54 16.24 -13.49
C ASN A 133 32.61 15.85 -12.36
N ALA A 134 32.76 16.50 -11.20
CA ALA A 134 31.79 16.32 -10.12
C ALA A 134 30.39 16.74 -10.57
N VAL A 135 30.31 17.92 -11.16
CA VAL A 135 29.04 18.52 -11.50
C VAL A 135 28.33 17.71 -12.58
N LEU A 136 29.03 17.35 -13.64
CA LEU A 136 28.39 16.54 -14.67
C LEU A 136 27.91 15.22 -14.08
N ALA A 137 28.75 14.57 -13.29
CA ALA A 137 28.45 13.25 -12.78
C ALA A 137 27.17 13.29 -11.94
N VAL A 138 26.98 14.36 -11.21
CA VAL A 138 25.76 14.53 -10.42
C VAL A 138 24.56 14.89 -11.30
N SER A 139 24.79 15.74 -12.30
CA SER A 139 23.76 16.11 -13.25
C SER A 139 23.14 14.87 -13.90
N ILE A 140 24.00 14.02 -14.45
CA ILE A 140 23.55 12.77 -15.06
C ILE A 140 22.86 11.85 -14.05
N ALA A 141 23.48 11.66 -12.91
CA ALA A 141 22.92 10.78 -11.88
C ALA A 141 21.52 11.18 -11.48
N CYS A 142 21.28 12.49 -11.40
N CYS A 142 21.29 12.48 -11.47
CA CYS A 142 19.96 12.97 -11.04
CA CYS A 142 20.00 13.02 -11.04
C CYS A 142 18.95 12.63 -12.11
C CYS A 142 18.92 12.85 -12.10
N ALA A 143 19.34 12.88 -13.36
CA ALA A 143 18.42 12.69 -14.46
C ALA A 143 18.08 11.22 -14.47
N LYS A 144 19.09 10.37 -14.31
CA LYS A 144 18.80 8.95 -14.26
C LYS A 144 17.93 8.59 -13.07
N ALA A 145 18.15 9.25 -11.92
CA ALA A 145 17.31 8.98 -10.76
C ALA A 145 15.86 9.35 -11.05
N ALA A 146 15.65 10.55 -11.58
CA ALA A 146 14.32 11.01 -11.92
C ALA A 146 13.65 10.10 -12.94
N ALA A 147 14.39 9.71 -13.98
CA ALA A 147 13.79 8.86 -15.01
C ALA A 147 13.26 7.58 -14.36
N ALA A 148 14.11 6.92 -13.59
CA ALA A 148 13.75 5.68 -12.92
C ALA A 148 12.60 5.90 -11.96
N ALA A 149 12.63 7.01 -11.22
CA ALA A 149 11.56 7.27 -10.26
C ALA A 149 10.25 7.44 -10.99
N LEU A 150 10.31 7.95 -12.23
CA LEU A 150 9.08 8.20 -12.98
C LEU A 150 8.65 6.96 -13.77
N GLY A 151 9.49 5.92 -13.75
CA GLY A 151 9.24 4.72 -14.53
C GLY A 151 9.36 4.90 -16.03
N VAL A 152 10.31 5.72 -16.46
CA VAL A 152 10.55 5.93 -17.90
C VAL A 152 12.01 5.77 -18.25
N PRO A 153 12.29 5.38 -19.50
CA PRO A 153 13.68 5.35 -19.97
C PRO A 153 14.26 6.77 -20.01
N LEU A 154 15.56 6.87 -19.83
CA LEU A 154 16.20 8.18 -19.77
C LEU A 154 15.94 9.04 -21.01
N TYR A 155 15.86 8.42 -22.19
CA TYR A 155 15.62 9.19 -23.40
C TYR A 155 14.19 9.72 -23.45
N ARG A 156 13.27 9.04 -22.79
CA ARG A 156 11.91 9.55 -22.70
C ARG A 156 11.86 10.64 -21.64
N PHE A 157 12.64 10.48 -20.58
CA PHE A 157 12.73 11.53 -19.58
C PHE A 157 13.26 12.81 -20.23
N LEU A 158 14.33 12.67 -21.02
CA LEU A 158 15.02 13.82 -21.59
C LEU A 158 14.27 14.44 -22.76
N GLY A 159 13.73 13.60 -23.66
CA GLY A 159 13.12 14.08 -24.89
C GLY A 159 11.63 13.81 -25.06
N GLY A 160 11.03 13.04 -24.15
CA GLY A 160 9.59 12.84 -24.20
C GLY A 160 9.17 11.92 -25.32
N LEU A 161 7.87 11.91 -25.60
CA LEU A 161 7.33 11.08 -26.66
C LEU A 161 7.98 11.41 -27.99
N ASN A 162 8.56 12.61 -28.08
CA ASN A 162 9.08 13.11 -29.35
C ASN A 162 10.44 12.53 -29.68
N ALA A 163 10.98 11.72 -28.78
CA ALA A 163 12.27 11.08 -28.96
C ALA A 163 12.12 9.76 -29.72
N ASN A 164 12.45 9.73 -31.01
CA ASN A 164 12.44 8.45 -31.73
C ASN A 164 13.49 8.26 -32.83
N ARG A 165 14.46 9.16 -32.96
CA ARG A 165 15.50 8.97 -33.97
C ARG A 165 16.71 8.26 -33.43
N LEU A 166 17.03 7.09 -34.00
CA LEU A 166 18.30 6.45 -33.72
C LEU A 166 19.38 7.17 -34.54
N PRO A 167 20.52 7.46 -33.92
CA PRO A 167 21.60 8.17 -34.61
C PRO A 167 22.34 7.28 -35.63
N VAL A 168 22.86 7.89 -36.69
CA VAL A 168 23.82 7.21 -37.54
C VAL A 168 25.17 7.35 -36.87
N PRO A 169 25.84 6.22 -36.58
CA PRO A 169 27.11 6.36 -35.88
C PRO A 169 28.24 6.63 -36.84
N MET A 170 29.16 7.52 -36.48
CA MET A 170 30.43 7.53 -37.16
C MET A 170 31.47 6.79 -36.30
N MET A 171 31.94 5.65 -36.80
CA MET A 171 32.85 4.81 -36.04
C MET A 171 34.29 4.94 -36.48
N ASN A 172 35.13 5.40 -35.54
CA ASN A 172 36.55 5.63 -35.79
C ASN A 172 37.38 4.34 -35.85
N ILE A 173 37.48 3.73 -37.01
CA ILE A 173 38.13 2.42 -37.07
C ILE A 173 39.59 2.47 -37.48
N LEU A 174 40.02 3.59 -38.04
CA LEU A 174 41.43 3.78 -38.39
C LEU A 174 41.96 5.10 -37.82
N ASN A 175 43.09 5.03 -37.12
CA ASN A 175 43.62 6.19 -36.40
C ASN A 175 44.91 6.73 -37.00
N GLY A 176 45.05 8.05 -37.01
CA GLY A 176 46.32 8.66 -37.37
C GLY A 176 46.58 9.80 -36.39
N GLY A 177 47.29 10.82 -36.86
CA GLY A 177 47.46 12.01 -36.07
C GLY A 177 48.45 11.85 -34.94
N ALA A 178 48.39 12.80 -34.00
CA ALA A 178 49.42 13.00 -32.99
C ALA A 178 49.95 11.73 -32.32
N HIS A 179 49.04 10.92 -31.78
CA HIS A 179 49.47 9.77 -30.98
C HIS A 179 49.26 8.43 -31.66
N ALA A 180 49.48 8.39 -32.97
CA ALA A 180 49.47 7.12 -33.69
C ALA A 180 50.85 6.79 -34.27
N ALA A 181 51.15 5.50 -34.32
CA ALA A 181 52.45 5.01 -34.78
C ALA A 181 52.46 4.81 -36.29
N ASN A 182 52.17 5.87 -37.03
CA ASN A 182 52.15 5.81 -38.48
C ASN A 182 52.38 7.18 -39.07
N THR A 183 52.35 7.25 -40.38
CA THR A 183 52.67 8.48 -41.08
C THR A 183 51.40 9.20 -41.48
N VAL A 184 50.29 8.83 -40.83
CA VAL A 184 49.00 9.39 -41.18
C VAL A 184 48.72 10.61 -40.34
N ASP A 185 48.42 11.73 -40.99
CA ASP A 185 48.25 13.01 -40.29
C ASP A 185 46.84 13.27 -39.75
N VAL A 186 45.82 12.90 -40.51
CA VAL A 186 44.43 13.06 -40.06
C VAL A 186 44.22 12.18 -38.83
N GLN A 187 43.45 12.66 -37.87
CA GLN A 187 43.32 11.96 -36.59
C GLN A 187 42.36 10.77 -36.57
N GLU A 188 41.16 10.92 -37.13
CA GLU A 188 40.18 9.84 -37.08
C GLU A 188 39.61 9.56 -38.46
N PHE A 189 39.50 8.28 -38.80
CA PHE A 189 38.86 7.90 -40.05
C PHE A 189 37.64 7.07 -39.71
N MET A 190 36.46 7.56 -40.06
CA MET A 190 35.23 6.95 -39.57
C MET A 190 34.37 6.43 -40.70
N ILE A 191 33.70 5.33 -40.45
CA ILE A 191 32.67 4.84 -41.36
C ILE A 191 31.28 5.20 -40.80
N MET A 192 30.38 5.60 -41.70
CA MET A 192 28.98 5.85 -41.36
C MET A 192 28.10 4.96 -42.22
N PRO A 193 27.32 4.09 -41.57
CA PRO A 193 26.42 3.16 -42.29
C PRO A 193 25.14 3.84 -42.74
N VAL A 194 25.26 4.73 -43.74
CA VAL A 194 24.10 5.53 -44.16
C VAL A 194 23.00 4.72 -44.88
N GLY A 195 23.34 3.53 -45.37
CA GLY A 195 22.38 2.74 -46.15
C GLY A 195 21.46 1.80 -45.40
N ALA A 196 21.78 1.50 -44.14
CA ALA A 196 20.97 0.57 -43.36
C ALA A 196 19.62 1.16 -43.02
N GLU A 197 18.69 0.34 -42.60
CA GLU A 197 17.32 0.81 -42.41
C GLU A 197 16.88 0.66 -40.97
N SER A 198 17.76 0.13 -40.14
CA SER A 198 17.56 0.11 -38.70
C SER A 198 18.92 0.36 -38.07
N PHE A 199 18.95 0.74 -36.80
CA PHE A 199 20.23 0.91 -36.12
C PHE A 199 20.88 -0.46 -35.90
N ARG A 200 20.05 -1.48 -35.73
CA ARG A 200 20.57 -2.83 -35.55
C ARG A 200 21.35 -3.25 -36.80
N GLU A 201 20.81 -2.96 -37.96
CA GLU A 201 21.49 -3.33 -39.19
C GLU A 201 22.78 -2.52 -39.35
N ALA A 202 22.72 -1.23 -39.06
CA ALA A 202 23.90 -0.35 -39.15
C ALA A 202 25.06 -0.82 -38.26
N LEU A 203 24.73 -1.27 -37.06
CA LEU A 203 25.72 -1.76 -36.14
C LEU A 203 26.33 -3.03 -36.69
N ARG A 204 25.50 -4.01 -37.02
CA ARG A 204 26.00 -5.25 -37.62
C ARG A 204 26.98 -5.01 -38.76
N GLN A 205 26.60 -4.17 -39.72
CA GLN A 205 27.44 -3.90 -40.88
C GLN A 205 28.76 -3.30 -40.47
N CYS A 206 28.70 -2.36 -39.53
CA CYS A 206 29.90 -1.72 -39.03
C CYS A 206 30.86 -2.76 -38.44
N THR A 207 30.35 -3.70 -37.66
CA THR A 207 31.23 -4.73 -37.12
C THR A 207 31.83 -5.57 -38.24
N GLU A 208 31.06 -5.79 -39.31
CA GLU A 208 31.55 -6.59 -40.43
C GLU A 208 32.68 -5.87 -41.17
N VAL A 209 32.53 -4.56 -41.38
CA VAL A 209 33.58 -3.77 -42.01
C VAL A 209 34.81 -3.75 -41.12
N PHE A 210 34.56 -3.62 -39.82
CA PHE A 210 35.63 -3.59 -38.80
C PHE A 210 36.50 -4.86 -38.85
N HIS A 211 35.86 -6.01 -38.87
CA HIS A 211 36.63 -7.25 -38.92
C HIS A 211 37.31 -7.48 -40.28
N ALA A 212 36.67 -7.01 -41.37
CA ALA A 212 37.31 -7.02 -42.69
C ALA A 212 38.59 -6.22 -42.70
N LEU A 213 38.51 -4.99 -42.18
CA LEU A 213 39.69 -4.16 -42.05
C LEU A 213 40.79 -4.85 -41.22
N ALA A 214 40.41 -5.54 -40.14
CA ALA A 214 41.40 -6.25 -39.34
C ALA A 214 42.09 -7.34 -40.14
N GLY A 215 41.32 -8.11 -40.90
CA GLY A 215 41.87 -9.20 -41.68
C GLY A 215 42.78 -8.67 -42.78
N LEU A 216 42.36 -7.59 -43.40
CA LEU A 216 43.17 -6.92 -44.41
C LEU A 216 44.50 -6.41 -43.84
N LEU A 217 44.45 -5.71 -42.71
CA LEU A 217 45.68 -5.25 -42.07
C LEU A 217 46.59 -6.43 -41.74
N LYS A 218 45.99 -7.50 -41.21
CA LYS A 218 46.72 -8.71 -40.86
C LYS A 218 47.41 -9.28 -42.10
N SER A 219 46.64 -9.53 -43.14
CA SER A 219 47.18 -10.05 -44.39
C SER A 219 48.34 -9.21 -44.92
N LYS A 220 48.41 -7.94 -44.54
CA LYS A 220 49.49 -7.08 -44.99
C LYS A 220 50.58 -6.93 -43.93
N GLY A 221 50.55 -7.80 -42.92
CA GLY A 221 51.54 -7.77 -41.85
C GLY A 221 51.47 -6.60 -40.87
N LEU A 222 50.37 -5.85 -40.90
CA LEU A 222 50.23 -4.65 -40.07
C LEU A 222 49.53 -4.96 -38.72
N ALA A 223 49.74 -4.12 -37.71
CA ALA A 223 49.22 -4.36 -36.36
C ALA A 223 47.71 -4.25 -36.23
N THR A 224 47.09 -5.21 -35.55
CA THR A 224 45.66 -5.15 -35.34
C THR A 224 45.27 -4.88 -33.89
N SER A 225 46.25 -4.45 -33.08
CA SER A 225 45.94 -4.03 -31.73
C SER A 225 45.29 -2.65 -31.82
N VAL A 226 44.59 -2.24 -30.78
CA VAL A 226 43.75 -1.04 -30.89
C VAL A 226 44.19 0.16 -30.03
N GLY A 227 43.69 1.33 -30.38
CA GLY A 227 43.91 2.54 -29.60
C GLY A 227 42.75 2.80 -28.64
N ASP A 228 42.74 3.99 -28.04
CA ASP A 228 41.77 4.37 -27.02
C ASP A 228 40.33 4.17 -27.43
N GLU A 229 40.02 4.38 -28.69
CA GLU A 229 38.61 4.37 -29.10
C GLU A 229 38.26 3.10 -29.85
N GLY A 230 39.15 2.12 -29.79
CA GLY A 230 38.84 0.78 -30.23
C GLY A 230 39.24 0.50 -31.65
N GLY A 231 39.77 1.53 -32.31
CA GLY A 231 40.20 1.43 -33.69
C GLY A 231 41.66 1.03 -33.87
N PHE A 232 42.06 0.81 -35.11
CA PHE A 232 43.42 0.35 -35.44
C PHE A 232 44.30 1.53 -35.77
N ALA A 233 45.59 1.38 -35.55
CA ALA A 233 46.56 2.42 -35.90
C ALA A 233 47.77 1.79 -36.56
N PRO A 234 47.58 1.21 -37.74
CA PRO A 234 48.62 0.52 -38.50
C PRO A 234 49.55 1.53 -39.17
N ASP A 235 50.74 1.08 -39.54
CA ASP A 235 51.72 1.98 -40.12
C ASP A 235 51.47 2.17 -41.62
N LEU A 236 50.48 2.99 -41.94
CA LEU A 236 50.19 3.34 -43.32
C LEU A 236 50.88 4.65 -43.70
N ALA A 237 50.93 4.91 -45.00
CA ALA A 237 51.78 5.96 -45.54
C ALA A 237 51.18 7.35 -45.41
N SER A 238 49.86 7.44 -45.50
CA SER A 238 49.21 8.74 -45.59
C SER A 238 47.69 8.66 -45.40
N ASP A 239 47.06 9.83 -45.38
CA ASP A 239 45.61 9.92 -45.22
C ASP A 239 44.95 9.13 -46.34
N GLU A 240 45.43 9.33 -47.57
CA GLU A 240 44.86 8.68 -48.74
C GLU A 240 44.95 7.16 -48.60
N GLU A 241 46.07 6.65 -48.11
CA GLU A 241 46.18 5.19 -48.02
C GLU A 241 45.22 4.66 -46.96
N ALA A 242 45.13 5.36 -45.84
CA ALA A 242 44.15 5.02 -44.81
C ALA A 242 42.74 4.96 -45.40
N ILE A 243 42.39 5.97 -46.19
CA ILE A 243 41.07 6.01 -46.80
C ILE A 243 40.85 4.79 -47.67
N GLU A 244 41.87 4.41 -48.41
CA GLU A 244 41.72 3.30 -49.34
C GLU A 244 41.71 1.96 -48.61
N TYR A 245 42.36 1.90 -47.45
CA TYR A 245 42.27 0.69 -46.63
C TYR A 245 40.84 0.54 -46.13
N ILE A 246 40.24 1.64 -45.71
CA ILE A 246 38.87 1.59 -45.22
C ILE A 246 37.91 1.22 -46.34
N LEU A 247 38.06 1.88 -47.48
CA LEU A 247 37.20 1.58 -48.62
C LEU A 247 37.30 0.12 -49.02
N GLU A 248 38.51 -0.42 -48.98
CA GLU A 248 38.75 -1.82 -49.28
C GLU A 248 38.09 -2.72 -48.24
N ALA A 249 38.24 -2.35 -46.97
CA ALA A 249 37.55 -3.07 -45.90
C ALA A 249 36.05 -3.11 -46.17
N VAL A 250 35.47 -1.98 -46.58
CA VAL A 250 34.05 -1.93 -46.88
C VAL A 250 33.64 -2.91 -47.98
N LYS A 251 34.43 -2.94 -49.06
CA LYS A 251 34.15 -3.83 -50.18
C LYS A 251 34.32 -5.30 -49.77
N LEU A 252 35.38 -5.57 -49.02
CA LEU A 252 35.61 -6.92 -48.52
C LEU A 252 34.45 -7.42 -47.67
N ALA A 253 33.79 -6.51 -46.95
CA ALA A 253 32.68 -6.91 -46.08
C ALA A 253 31.42 -7.17 -46.90
N GLY A 254 31.45 -6.78 -48.17
CA GLY A 254 30.34 -7.04 -49.07
C GLY A 254 29.44 -5.85 -49.31
N TYR A 255 29.97 -4.63 -49.09
CA TYR A 255 29.16 -3.41 -49.14
C TYR A 255 29.71 -2.41 -50.16
N GLU A 256 28.88 -1.44 -50.57
CA GLU A 256 29.28 -0.45 -51.57
C GLU A 256 29.56 0.93 -50.98
N PRO A 257 30.76 1.45 -51.20
CA PRO A 257 30.97 2.86 -50.84
C PRO A 257 29.92 3.74 -51.51
N GLY A 258 29.44 4.76 -50.80
CA GLY A 258 28.44 5.66 -51.32
C GLY A 258 27.01 5.25 -50.99
N ARG A 259 26.66 4.01 -51.32
CA ARG A 259 25.31 3.53 -51.08
C ARG A 259 25.15 3.04 -49.65
N ASP A 260 26.13 2.27 -49.17
CA ASP A 260 26.05 1.62 -47.87
C ASP A 260 26.83 2.37 -46.80
N PHE A 261 28.00 2.85 -47.21
CA PHE A 261 28.94 3.47 -46.28
C PHE A 261 29.54 4.74 -46.87
N VAL A 262 29.69 5.77 -46.05
CA VAL A 262 30.44 6.95 -46.45
C VAL A 262 31.40 7.26 -45.32
N LEU A 263 32.28 8.22 -45.53
CA LEU A 263 33.34 8.44 -44.56
C LEU A 263 33.17 9.75 -43.84
N ALA A 264 33.60 9.80 -42.60
CA ALA A 264 33.78 11.08 -41.93
C ALA A 264 35.19 11.07 -41.44
N MET A 265 35.75 12.26 -41.27
CA MET A 265 37.12 12.38 -40.80
C MET A 265 37.20 13.43 -39.72
N ASP A 266 38.15 13.26 -38.82
CA ASP A 266 38.51 14.32 -37.88
C ASP A 266 39.93 14.77 -38.16
N ALA A 267 40.08 15.88 -38.87
CA ALA A 267 41.40 16.36 -39.21
C ALA A 267 42.15 16.81 -37.96
N ALA A 268 41.41 17.35 -37.00
CA ALA A 268 42.04 17.95 -35.83
C ALA A 268 43.18 18.87 -36.29
N SER A 269 42.89 19.70 -37.29
CA SER A 269 43.90 20.59 -37.87
C SER A 269 44.40 21.67 -36.90
N SER A 270 43.77 21.82 -35.74
CA SER A 270 44.34 22.70 -34.71
C SER A 270 45.73 22.20 -34.27
N GLU A 271 46.08 20.99 -34.69
CA GLU A 271 47.39 20.38 -34.36
C GLU A 271 48.39 20.56 -35.50
N TRP A 272 47.94 21.22 -36.56
CA TRP A 272 48.75 21.45 -37.75
C TRP A 272 49.23 22.89 -37.86
N LYS A 273 49.28 23.60 -36.73
CA LYS A 273 49.62 25.01 -36.74
C LYS A 273 50.88 25.28 -37.57
N GLY A 274 50.75 26.14 -38.58
CA GLY A 274 51.89 26.56 -39.39
C GLY A 274 52.68 27.68 -38.74
N GLU A 275 53.31 28.53 -39.55
CA GLU A 275 54.13 29.62 -39.02
C GLU A 275 53.29 30.77 -38.47
N LYS A 276 52.17 31.05 -39.12
CA LYS A 276 51.22 32.05 -38.64
C LYS A 276 49.77 31.67 -38.97
N LYS A 277 48.83 32.46 -38.46
CA LYS A 277 47.43 32.21 -38.74
C LYS A 277 47.23 32.02 -40.24
N GLY A 278 46.39 31.05 -40.59
CA GLY A 278 46.08 30.80 -41.99
C GLY A 278 47.11 29.93 -42.67
N GLU A 279 48.15 29.53 -41.94
CA GLU A 279 49.15 28.62 -42.48
C GLU A 279 49.18 27.30 -41.72
N TYR A 280 49.26 26.20 -42.46
CA TYR A 280 49.17 24.87 -41.88
C TYR A 280 50.36 24.02 -42.29
N ILE A 281 50.94 23.32 -41.33
CA ILE A 281 51.96 22.32 -41.64
C ILE A 281 51.58 20.99 -41.03
N LEU A 282 51.33 20.00 -41.88
CA LEU A 282 51.12 18.64 -41.39
C LEU A 282 52.40 18.13 -40.74
N PRO A 283 52.32 17.74 -39.47
CA PRO A 283 53.45 17.26 -38.65
C PRO A 283 54.23 16.10 -39.27
N LYS A 284 53.54 15.16 -39.92
CA LYS A 284 54.21 13.98 -40.48
C LYS A 284 54.57 14.15 -41.97
N CYS A 285 53.56 14.35 -42.82
CA CYS A 285 53.73 14.68 -44.24
C CYS A 285 54.68 15.87 -44.46
N LYS A 286 54.65 16.84 -43.55
CA LYS A 286 55.42 18.07 -43.70
C LYS A 286 54.90 18.94 -44.84
N ARG A 287 53.81 18.49 -45.47
CA ARG A 287 53.10 19.31 -46.44
C ARG A 287 52.68 20.65 -45.83
N LYS A 288 52.80 21.72 -46.59
CA LYS A 288 52.39 23.03 -46.10
C LYS A 288 51.17 23.50 -46.88
N PHE A 289 50.24 24.15 -46.16
CA PHE A 289 48.99 24.59 -46.76
C PHE A 289 48.68 26.01 -46.37
N ALA A 290 48.21 26.78 -47.34
CA ALA A 290 47.56 28.03 -47.02
C ALA A 290 46.14 27.67 -46.57
N SER A 291 45.61 28.44 -45.65
CA SER A 291 44.24 28.23 -45.19
C SER A 291 43.33 27.82 -46.36
N GLU A 292 43.44 28.54 -47.48
CA GLU A 292 42.57 28.32 -48.63
C GLU A 292 42.97 27.13 -49.49
N GLU A 293 44.22 26.69 -49.36
CA GLU A 293 44.72 25.53 -50.10
C GLU A 293 44.32 24.25 -49.38
N LEU A 294 44.35 24.30 -48.05
CA LEU A 294 43.83 23.22 -47.24
C LEU A 294 42.38 22.96 -47.64
N VAL A 295 41.57 24.02 -47.69
CA VAL A 295 40.19 23.90 -48.15
C VAL A 295 40.12 23.25 -49.54
N ALA A 296 41.07 23.61 -50.41
CA ALA A 296 41.12 23.06 -51.74
C ALA A 296 41.48 21.58 -51.63
N HIS A 297 42.38 21.27 -50.71
CA HIS A 297 42.73 19.88 -50.43
C HIS A 297 41.51 19.06 -50.00
N TRP A 298 40.71 19.61 -49.09
CA TRP A 298 39.55 18.87 -48.62
C TRP A 298 38.60 18.60 -49.77
N LYS A 299 38.47 19.56 -50.68
CA LYS A 299 37.52 19.46 -51.79
C LYS A 299 37.93 18.38 -52.78
N SER A 300 39.22 18.28 -53.04
CA SER A 300 39.72 17.21 -53.89
C SER A 300 39.54 15.84 -53.22
N LEU A 301 39.85 15.76 -51.93
CA LEU A 301 39.63 14.51 -51.18
C LEU A 301 38.18 14.06 -51.29
N CYS A 302 37.27 15.03 -51.17
CA CYS A 302 35.84 14.78 -51.21
C CYS A 302 35.27 14.46 -52.59
N GLU A 303 35.94 14.93 -53.65
CA GLU A 303 35.58 14.51 -54.99
C GLU A 303 36.13 13.13 -55.32
N ARG A 304 37.36 12.87 -54.88
CA ARG A 304 37.98 11.57 -55.05
C ARG A 304 37.24 10.46 -54.29
N TYR A 305 36.92 10.72 -53.02
CA TYR A 305 36.35 9.70 -52.14
C TYR A 305 35.04 10.14 -51.49
N PRO A 306 34.19 9.16 -51.11
CA PRO A 306 32.87 9.41 -50.53
C PRO A 306 32.93 9.86 -49.08
N ILE A 307 33.63 10.96 -48.83
CA ILE A 307 33.68 11.60 -47.53
C ILE A 307 32.58 12.66 -47.43
N VAL A 308 31.70 12.55 -46.44
CA VAL A 308 30.55 13.44 -46.36
C VAL A 308 30.62 14.38 -45.17
N SER A 309 31.64 14.17 -44.33
CA SER A 309 31.81 15.00 -43.14
C SER A 309 33.27 15.14 -42.78
N ILE A 310 33.64 16.34 -42.38
CA ILE A 310 35.01 16.62 -41.95
C ILE A 310 34.96 17.48 -40.70
N GLU A 311 35.68 17.04 -39.68
CA GLU A 311 35.68 17.71 -38.39
C GLU A 311 36.99 18.47 -38.24
N ASP A 312 36.90 19.69 -37.74
CA ASP A 312 38.08 20.54 -37.54
C ASP A 312 39.00 20.61 -38.76
N GLY A 313 38.43 20.95 -39.91
CA GLY A 313 39.15 20.99 -41.17
C GLY A 313 40.05 22.19 -41.22
N LEU A 314 39.90 23.09 -40.25
CA LEU A 314 40.77 24.25 -40.10
C LEU A 314 40.93 24.53 -38.62
N ASP A 315 41.89 25.40 -38.31
CA ASP A 315 42.26 25.69 -36.92
C ASP A 315 41.09 26.21 -36.07
N GLU A 316 41.18 25.98 -34.76
CA GLU A 316 40.20 26.44 -33.79
C GLU A 316 40.02 27.96 -33.74
N GLU A 317 40.80 28.68 -34.54
CA GLU A 317 40.76 30.14 -34.51
C GLU A 317 40.87 30.74 -35.90
N ASP A 318 40.92 29.88 -36.91
CA ASP A 318 40.97 30.39 -38.27
C ASP A 318 39.55 30.71 -38.75
N TRP A 319 38.91 31.63 -38.05
CA TRP A 319 37.51 31.97 -38.33
C TRP A 319 37.33 32.45 -39.76
N GLU A 320 38.28 33.21 -40.27
CA GLU A 320 38.18 33.67 -41.65
C GLU A 320 38.23 32.47 -42.59
N GLY A 321 39.08 31.51 -42.24
CA GLY A 321 39.19 30.28 -43.01
C GLY A 321 37.89 29.50 -42.98
N TRP A 322 37.38 29.26 -41.78
CA TRP A 322 36.11 28.54 -41.61
C TRP A 322 35.00 29.16 -42.46
N GLN A 323 34.92 30.49 -42.42
CA GLN A 323 33.96 31.22 -43.25
C GLN A 323 34.10 30.81 -44.73
N TYR A 324 35.33 30.85 -45.21
CA TYR A 324 35.56 30.51 -46.61
C TYR A 324 35.19 29.05 -46.87
N MET A 325 35.68 28.16 -46.00
CA MET A 325 35.49 26.73 -46.19
C MET A 325 34.01 26.37 -46.23
N THR A 326 33.25 27.04 -45.39
CA THR A 326 31.83 26.79 -45.27
C THR A 326 31.09 27.28 -46.51
N ARG A 327 31.59 28.35 -47.12
CA ARG A 327 31.07 28.80 -48.41
C ARG A 327 31.43 27.80 -49.50
N GLU A 328 32.70 27.43 -49.55
CA GLU A 328 33.22 26.52 -50.56
C GLU A 328 32.70 25.08 -50.47
N LEU A 329 32.52 24.57 -49.25
CA LEU A 329 32.21 23.16 -49.06
C LEU A 329 30.91 22.90 -48.30
N GLY A 330 30.44 23.90 -47.57
CA GLY A 330 29.32 23.72 -46.66
C GLY A 330 28.06 23.12 -47.24
N ASP A 331 27.84 23.34 -48.53
CA ASP A 331 26.59 22.90 -49.13
C ASP A 331 26.59 21.42 -49.48
N LYS A 332 27.77 20.81 -49.52
CA LYS A 332 27.87 19.38 -49.83
C LYS A 332 28.43 18.55 -48.68
N ILE A 333 29.29 19.17 -47.89
CA ILE A 333 30.04 18.46 -46.87
C ILE A 333 29.58 18.96 -45.53
N GLN A 334 29.44 18.03 -44.58
CA GLN A 334 29.22 18.43 -43.21
C GLN A 334 30.55 18.92 -42.65
N LEU A 335 30.54 20.10 -42.05
CA LEU A 335 31.75 20.66 -41.46
C LEU A 335 31.54 20.77 -39.97
N VAL A 336 32.11 19.83 -39.22
CA VAL A 336 31.87 19.73 -37.80
C VAL A 336 32.90 20.53 -37.00
N GLY A 337 32.43 21.47 -36.19
CA GLY A 337 33.34 22.14 -35.27
C GLY A 337 33.51 21.31 -34.02
N ASP A 338 34.74 20.92 -33.72
CA ASP A 338 35.01 20.24 -32.45
C ASP A 338 35.74 21.26 -31.58
N ASP A 339 37.06 21.36 -31.77
CA ASP A 339 37.86 22.40 -31.11
C ASP A 339 37.38 23.80 -31.43
N LEU A 340 36.80 23.99 -32.61
CA LEU A 340 36.30 25.31 -32.97
C LEU A 340 35.32 25.82 -31.92
N PHE A 341 34.49 24.93 -31.38
CA PHE A 341 33.34 25.32 -30.55
C PHE A 341 33.45 24.90 -29.10
N VAL A 342 34.19 23.82 -28.85
CA VAL A 342 34.31 23.20 -27.52
C VAL A 342 33.00 23.20 -26.73
N THR A 343 31.91 22.88 -27.40
CA THR A 343 30.58 22.85 -26.77
C THR A 343 30.36 24.11 -25.93
N ASN A 344 30.82 25.24 -26.44
CA ASN A 344 30.64 26.52 -25.78
C ASN A 344 29.64 27.32 -26.61
N THR A 345 28.53 27.73 -26.02
CA THR A 345 27.47 28.38 -26.80
C THR A 345 27.82 29.79 -27.23
N GLU A 346 28.79 30.41 -26.58
CA GLU A 346 29.24 31.72 -27.05
C GLU A 346 30.05 31.53 -28.32
N ARG A 347 30.86 30.48 -28.35
CA ARG A 347 31.62 30.14 -29.56
C ARG A 347 30.69 29.57 -30.62
N LEU A 348 29.70 28.78 -30.22
CA LEU A 348 28.72 28.28 -31.19
C LEU A 348 27.99 29.47 -31.83
N ASN A 349 27.57 30.41 -31.01
CA ASN A 349 26.87 31.58 -31.51
C ASN A 349 27.70 32.39 -32.52
N LYS A 350 28.94 32.70 -32.15
CA LYS A 350 29.86 33.36 -33.07
C LYS A 350 29.97 32.62 -34.41
N GLY A 351 30.09 31.29 -34.37
CA GLY A 351 30.15 30.51 -35.61
C GLY A 351 28.87 30.62 -36.44
N ILE A 352 27.73 30.54 -35.77
CA ILE A 352 26.42 30.71 -36.41
C ILE A 352 26.34 32.08 -37.08
N LYS A 353 26.65 33.12 -36.32
CA LYS A 353 26.62 34.48 -36.85
C LYS A 353 27.60 34.73 -38.00
N GLU A 354 28.81 34.21 -37.91
CA GLU A 354 29.78 34.40 -39.00
C GLU A 354 29.70 33.30 -40.05
N ARG A 355 28.64 32.50 -40.03
CA ARG A 355 28.52 31.39 -40.96
C ARG A 355 29.78 30.49 -41.02
N CYS A 356 30.20 29.99 -39.87
CA CYS A 356 31.31 29.02 -39.85
C CYS A 356 30.81 27.65 -39.40
N GLY A 357 31.16 26.61 -40.17
CA GLY A 357 30.74 25.26 -39.85
C GLY A 357 29.26 25.09 -40.08
N ASN A 358 28.79 23.84 -40.07
CA ASN A 358 27.36 23.56 -40.18
C ASN A 358 26.97 22.39 -39.28
N SER A 359 27.81 22.12 -38.29
CA SER A 359 27.62 21.01 -37.38
C SER A 359 28.53 21.26 -36.16
N ILE A 360 28.16 20.69 -35.02
CA ILE A 360 28.97 20.87 -33.81
C ILE A 360 29.07 19.58 -33.03
N LEU A 361 30.27 19.28 -32.54
CA LEU A 361 30.50 18.07 -31.80
C LEU A 361 30.12 18.29 -30.35
N ILE A 362 29.17 17.51 -29.84
CA ILE A 362 28.65 17.76 -28.51
C ILE A 362 29.32 16.86 -27.47
N LYS A 363 30.12 17.50 -26.60
CA LYS A 363 30.82 16.80 -25.53
C LYS A 363 30.27 17.25 -24.18
N LEU A 364 29.36 16.44 -23.64
CA LEU A 364 28.68 16.71 -22.37
C LEU A 364 29.60 17.39 -21.35
N ASN A 365 30.79 16.83 -21.19
CA ASN A 365 31.67 17.21 -20.12
C ASN A 365 32.44 18.49 -20.39
N GLN A 366 32.45 18.95 -21.62
CA GLN A 366 33.07 20.24 -21.90
C GLN A 366 32.17 21.35 -21.42
N ILE A 367 30.89 21.05 -21.22
CA ILE A 367 29.97 22.09 -20.78
C ILE A 367 29.61 21.87 -19.30
N GLY A 368 29.40 20.62 -18.91
CA GLY A 368 29.35 20.29 -17.50
C GLY A 368 28.02 19.93 -16.86
N THR A 369 26.92 20.16 -17.55
CA THR A 369 25.63 19.74 -17.04
C THR A 369 24.75 19.20 -18.15
N VAL A 370 23.76 18.40 -17.77
CA VAL A 370 22.77 17.88 -18.72
C VAL A 370 21.96 19.00 -19.35
N SER A 371 21.45 19.92 -18.53
CA SER A 371 20.58 20.95 -19.05
C SER A 371 21.33 21.93 -19.96
N GLU A 372 22.55 22.28 -19.58
CA GLU A 372 23.35 23.13 -20.46
C GLU A 372 23.59 22.47 -21.80
N THR A 373 23.74 21.15 -21.80
CA THR A 373 23.97 20.44 -23.05
C THR A 373 22.72 20.50 -23.92
N LEU A 374 21.56 20.40 -23.29
CA LEU A 374 20.34 20.45 -24.07
C LEU A 374 20.26 21.79 -24.73
N GLU A 375 20.61 22.84 -23.98
CA GLU A 375 20.57 24.18 -24.54
C GLU A 375 21.52 24.32 -25.72
N ALA A 376 22.71 23.75 -25.61
CA ALA A 376 23.70 23.85 -26.67
C ALA A 376 23.14 23.20 -27.92
N ILE A 377 22.56 22.01 -27.75
CA ILE A 377 21.99 21.30 -28.86
C ILE A 377 20.79 22.05 -29.46
N LYS A 378 19.99 22.68 -28.61
CA LYS A 378 18.85 23.46 -29.10
C LYS A 378 19.32 24.63 -29.94
N MET A 379 20.42 25.25 -29.52
CA MET A 379 20.99 26.36 -30.27
C MET A 379 21.44 25.89 -31.65
N ALA A 380 22.20 24.79 -31.69
CA ALA A 380 22.66 24.27 -32.97
C ALA A 380 21.46 23.94 -33.86
N HIS A 381 20.51 23.18 -33.35
CA HIS A 381 19.34 22.79 -34.15
C HIS A 381 18.54 23.98 -34.67
N LYS A 382 18.42 25.02 -33.85
CA LYS A 382 17.69 26.22 -34.27
C LYS A 382 18.39 26.90 -35.44
N ALA A 383 19.71 26.82 -35.49
CA ALA A 383 20.47 27.45 -36.54
C ALA A 383 20.72 26.55 -37.75
N GLY A 384 20.14 25.35 -37.73
CA GLY A 384 20.30 24.39 -38.82
C GLY A 384 21.65 23.66 -38.83
N TYR A 385 22.30 23.64 -37.67
CA TYR A 385 23.51 22.86 -37.49
C TYR A 385 23.12 21.49 -37.01
N THR A 386 23.89 20.46 -37.37
CA THR A 386 23.64 19.16 -36.79
C THR A 386 24.38 19.07 -35.48
N ALA A 387 23.92 18.20 -34.60
CA ALA A 387 24.62 17.99 -33.35
C ALA A 387 25.09 16.55 -33.31
N VAL A 388 26.41 16.33 -33.40
CA VAL A 388 26.93 15.00 -33.29
C VAL A 388 27.29 14.76 -31.83
N VAL A 389 26.49 13.96 -31.14
CA VAL A 389 26.82 13.63 -29.76
C VAL A 389 28.09 12.76 -29.67
N SER A 390 28.99 13.12 -28.73
CA SER A 390 30.35 12.57 -28.74
C SER A 390 30.86 11.93 -27.45
N HIS A 391 31.70 10.91 -27.61
CA HIS A 391 32.44 10.32 -26.51
C HIS A 391 33.71 11.14 -26.22
N ARG A 392 34.45 10.80 -25.16
CA ARG A 392 35.82 11.30 -25.01
C ARG A 392 36.76 10.12 -25.11
N SER A 393 38.05 10.39 -25.24
CA SER A 393 39.04 9.32 -25.27
C SER A 393 38.97 8.49 -23.97
N GLY A 394 38.79 9.17 -22.84
CA GLY A 394 38.60 8.48 -21.56
C GLY A 394 37.11 8.33 -21.25
N GLU A 395 36.59 7.12 -21.44
CA GLU A 395 35.17 6.87 -21.24
C GLU A 395 34.97 5.86 -20.12
N THR A 396 33.71 5.57 -19.82
CA THR A 396 33.33 4.55 -18.84
C THR A 396 32.21 3.67 -19.41
N GLU A 397 31.74 2.76 -18.57
CA GLU A 397 30.61 1.86 -18.82
C GLU A 397 29.32 2.64 -19.01
N ASP A 398 29.32 3.89 -18.57
CA ASP A 398 28.15 4.77 -18.65
C ASP A 398 27.63 4.84 -20.09
N THR A 399 26.32 4.94 -20.29
CA THR A 399 25.78 4.96 -21.66
C THR A 399 24.86 6.13 -21.91
N THR A 400 24.99 7.18 -21.08
CA THR A 400 24.16 8.38 -21.16
C THR A 400 24.09 9.01 -22.54
N ILE A 401 25.20 9.03 -23.27
CA ILE A 401 25.17 9.75 -24.55
C ILE A 401 24.30 9.04 -25.58
N ALA A 402 24.09 7.73 -25.41
CA ALA A 402 23.20 6.97 -26.27
C ALA A 402 21.81 7.56 -26.09
N ASP A 403 21.33 7.58 -24.85
CA ASP A 403 19.99 8.14 -24.59
C ASP A 403 19.89 9.59 -25.00
N LEU A 404 20.97 10.34 -24.79
CA LEU A 404 20.95 11.76 -25.10
C LEU A 404 20.81 11.97 -26.60
N ALA A 405 21.47 11.15 -27.39
CA ALA A 405 21.39 11.33 -28.83
C ALA A 405 19.97 11.05 -29.33
N VAL A 406 19.32 10.07 -28.73
CA VAL A 406 17.96 9.74 -29.16
C VAL A 406 16.99 10.78 -28.63
N ALA A 407 17.17 11.16 -27.37
CA ALA A 407 16.29 12.12 -26.72
C ALA A 407 16.11 13.37 -27.55
N LEU A 408 17.18 13.84 -28.15
CA LEU A 408 17.08 15.08 -28.92
C LEU A 408 17.11 14.81 -30.42
N ASN A 409 16.87 13.56 -30.81
CA ASN A 409 16.81 13.21 -32.21
C ASN A 409 17.98 13.82 -32.97
N THR A 410 19.20 13.69 -32.46
CA THR A 410 20.32 14.37 -33.11
C THR A 410 20.66 13.71 -34.44
N GLY A 411 20.37 12.42 -34.54
CA GLY A 411 20.56 11.69 -35.78
C GLY A 411 21.99 11.27 -36.09
N GLN A 412 22.93 11.62 -35.21
CA GLN A 412 24.33 11.23 -35.39
C GLN A 412 25.00 11.05 -34.06
N ILE A 413 25.92 10.10 -33.98
CA ILE A 413 26.68 9.92 -32.76
C ILE A 413 28.10 9.50 -33.13
N LYS A 414 29.07 9.96 -32.35
CA LYS A 414 30.46 9.55 -32.51
C LYS A 414 30.94 8.95 -31.21
N THR A 415 31.05 7.63 -31.17
CA THR A 415 31.38 7.00 -29.91
C THR A 415 32.27 5.78 -30.07
N GLY A 416 33.07 5.76 -31.14
CA GLY A 416 34.18 4.82 -31.23
C GLY A 416 34.01 3.66 -32.20
N ALA A 417 35.09 2.93 -32.46
CA ALA A 417 35.00 1.68 -33.18
C ALA A 417 34.12 0.73 -32.39
N PRO A 418 33.65 -0.34 -33.05
CA PRO A 418 32.83 -1.31 -32.31
C PRO A 418 33.71 -2.34 -31.61
N SER A 419 34.65 -1.85 -30.80
CA SER A 419 35.41 -2.71 -29.90
C SER A 419 35.83 -1.87 -28.67
N ARG A 420 36.04 -2.54 -27.54
CA ARG A 420 36.20 -1.89 -26.21
C ARG A 420 34.79 -1.52 -25.70
N SER A 421 34.38 -2.12 -24.59
CA SER A 421 32.98 -1.99 -24.17
C SER A 421 32.57 -0.60 -23.68
N GLU A 422 33.53 0.30 -23.44
CA GLU A 422 33.19 1.70 -23.16
C GLU A 422 32.71 2.38 -24.42
N ARG A 423 32.97 1.74 -25.57
CA ARG A 423 32.39 2.19 -26.83
C ARG A 423 31.16 1.32 -27.08
N VAL A 424 31.38 0.02 -27.16
CA VAL A 424 30.30 -0.89 -27.55
C VAL A 424 29.08 -0.75 -26.62
N ALA A 425 29.30 -0.41 -25.37
CA ALA A 425 28.19 -0.25 -24.43
C ALA A 425 27.15 0.77 -24.90
N LYS A 426 27.62 1.84 -25.56
CA LYS A 426 26.72 2.83 -26.12
C LYS A 426 25.91 2.21 -27.25
N TYR A 427 26.54 1.38 -28.07
CA TYR A 427 25.85 0.78 -29.20
C TYR A 427 24.86 -0.22 -28.68
N ASN A 428 25.23 -0.96 -27.64
CA ASN A 428 24.26 -1.85 -27.03
C ASN A 428 23.06 -1.10 -26.50
N GLN A 429 23.30 0.05 -25.88
CA GLN A 429 22.18 0.79 -25.32
C GLN A 429 21.25 1.23 -26.45
N LEU A 430 21.82 1.54 -27.61
CA LEU A 430 21.01 1.98 -28.74
C LEU A 430 20.20 0.81 -29.31
N LEU A 431 20.79 -0.39 -29.33
CA LEU A 431 19.99 -1.56 -29.64
C LEU A 431 18.76 -1.60 -28.76
N ARG A 432 18.96 -1.52 -27.45
CA ARG A 432 17.84 -1.69 -26.52
C ARG A 432 16.80 -0.62 -26.75
N ILE A 433 17.26 0.59 -27.04
CA ILE A 433 16.35 1.68 -27.22
C ILE A 433 15.54 1.49 -28.49
N GLU A 434 16.20 1.06 -29.55
CA GLU A 434 15.52 0.84 -30.81
C GLU A 434 14.47 -0.25 -30.61
N GLU A 435 14.83 -1.27 -29.86
CA GLU A 435 13.92 -2.35 -29.53
C GLU A 435 12.68 -1.80 -28.82
N GLU A 436 12.92 -0.86 -27.92
CA GLU A 436 11.89 -0.36 -27.05
C GLU A 436 10.96 0.60 -27.79
N LEU A 437 11.50 1.27 -28.79
CA LEU A 437 10.72 2.23 -29.56
C LEU A 437 9.75 1.52 -30.48
N GLY A 438 10.00 0.25 -30.77
CA GLY A 438 9.12 -0.51 -31.63
C GLY A 438 9.03 0.10 -33.02
N ASP A 439 7.83 0.23 -33.54
CA ASP A 439 7.69 0.76 -34.89
C ASP A 439 7.88 2.25 -34.92
N SER A 440 7.92 2.89 -33.76
CA SER A 440 8.10 4.35 -33.74
C SER A 440 9.52 4.75 -34.08
N ALA A 441 10.45 3.80 -33.94
CA ALA A 441 11.87 4.05 -34.22
C ALA A 441 12.12 4.46 -35.65
N VAL A 442 12.93 5.50 -35.80
CA VAL A 442 13.33 5.97 -37.12
C VAL A 442 14.84 5.94 -37.22
N TYR A 443 15.37 5.35 -38.28
CA TYR A 443 16.79 5.42 -38.57
C TYR A 443 16.93 6.22 -39.84
N PRO A 444 17.52 7.43 -39.75
CA PRO A 444 17.52 8.40 -40.84
C PRO A 444 18.51 8.13 -41.99
N GLY A 445 19.46 7.20 -41.81
CA GLY A 445 20.46 6.98 -42.84
C GLY A 445 21.02 8.27 -43.45
N PHE A 446 21.12 8.30 -44.78
CA PHE A 446 21.71 9.45 -45.46
C PHE A 446 20.90 10.74 -45.32
N THR A 447 19.61 10.61 -44.96
CA THR A 447 18.80 11.82 -44.77
C THR A 447 19.20 12.58 -43.50
N THR A 448 20.12 12.02 -42.74
CA THR A 448 20.47 12.61 -41.45
C THR A 448 21.26 13.92 -41.52
N PHE A 449 21.99 14.16 -42.61
CA PHE A 449 22.84 15.35 -42.68
C PHE A 449 22.09 16.64 -42.98
N ASN B 24 5.03 -15.03 -5.16
CA ASN B 24 4.44 -14.00 -6.01
C ASN B 24 5.45 -13.02 -6.61
N TYR B 25 5.98 -12.10 -5.80
CA TYR B 25 6.82 -11.01 -6.32
C TYR B 25 8.17 -11.46 -6.86
N LEU B 26 8.60 -12.64 -6.47
CA LEU B 26 9.82 -13.22 -6.99
C LEU B 26 9.50 -14.14 -8.16
N GLU B 27 8.23 -14.20 -8.54
CA GLU B 27 7.82 -15.10 -9.62
C GLU B 27 8.22 -14.55 -10.98
N ILE B 28 8.87 -15.39 -11.79
CA ILE B 28 9.26 -14.96 -13.12
C ILE B 28 8.03 -14.85 -14.01
N GLU B 29 7.85 -13.70 -14.65
CA GLU B 29 6.74 -13.51 -15.57
C GLU B 29 7.17 -13.76 -17.00
N LYS B 30 8.40 -13.38 -17.31
CA LYS B 30 8.84 -13.35 -18.69
C LYS B 30 10.38 -13.26 -18.77
N VAL B 31 10.96 -13.99 -19.71
CA VAL B 31 12.39 -13.89 -20.03
C VAL B 31 12.55 -13.50 -21.50
N ILE B 32 13.33 -12.44 -21.78
CA ILE B 32 13.66 -12.10 -23.16
C ILE B 32 15.16 -12.12 -23.40
N GLY B 33 15.56 -12.22 -24.66
CA GLY B 33 16.96 -12.18 -24.99
C GLY B 33 17.22 -11.16 -26.07
N ARG B 34 18.47 -10.77 -26.22
CA ARG B 34 18.82 -9.90 -27.32
C ARG B 34 20.25 -10.13 -27.74
N GLU B 35 20.53 -9.79 -28.98
CA GLU B 35 21.83 -9.98 -29.55
C GLU B 35 22.52 -8.65 -29.35
N ILE B 36 23.57 -8.63 -28.55
CA ILE B 36 24.30 -7.41 -28.32
C ILE B 36 25.70 -7.66 -28.87
N ILE B 37 26.56 -6.68 -28.73
CA ILE B 37 27.93 -6.81 -29.21
C ILE B 37 28.92 -6.87 -28.04
N ASP B 38 29.92 -7.73 -28.15
CA ASP B 38 30.86 -7.94 -27.06
C ASP B 38 32.07 -7.01 -27.25
N SER B 39 33.08 -7.15 -26.40
CA SER B 39 34.19 -6.19 -26.35
C SER B 39 35.08 -6.28 -27.58
N ARG B 40 34.91 -7.33 -28.37
CA ARG B 40 35.73 -7.50 -29.58
C ARG B 40 34.99 -7.18 -30.87
N GLY B 41 33.71 -6.80 -30.76
CA GLY B 41 32.91 -6.47 -31.94
C GLY B 41 32.15 -7.66 -32.50
N ASN B 42 31.97 -8.71 -31.70
CA ASN B 42 31.23 -9.91 -32.10
C ASN B 42 29.95 -10.06 -31.26
N PRO B 43 28.90 -10.65 -31.84
CA PRO B 43 27.62 -10.74 -31.13
C PRO B 43 27.76 -11.60 -29.90
N THR B 44 26.91 -11.35 -28.92
CA THR B 44 26.79 -12.26 -27.81
C THR B 44 25.36 -12.11 -27.30
N VAL B 45 25.00 -12.93 -26.31
CA VAL B 45 23.62 -12.96 -25.83
C VAL B 45 23.42 -12.15 -24.55
N GLU B 46 22.32 -11.42 -24.49
CA GLU B 46 21.89 -10.73 -23.29
C GLU B 46 20.49 -11.22 -22.96
N ALA B 47 20.22 -11.44 -21.69
CA ALA B 47 18.90 -11.84 -21.25
C ALA B 47 18.37 -10.81 -20.26
N GLU B 48 17.05 -10.64 -20.24
CA GLU B 48 16.43 -9.81 -19.26
C GLU B 48 15.33 -10.63 -18.62
N VAL B 49 15.35 -10.74 -17.30
CA VAL B 49 14.30 -11.45 -16.58
C VAL B 49 13.35 -10.46 -15.90
N TYR B 50 12.05 -10.64 -16.13
CA TYR B 50 11.04 -9.79 -15.51
C TYR B 50 10.27 -10.52 -14.45
N LEU B 51 10.20 -9.95 -13.25
CA LEU B 51 9.49 -10.62 -12.18
C LEU B 51 8.08 -10.06 -12.02
N ALA B 52 7.22 -10.81 -11.33
CA ALA B 52 5.83 -10.40 -11.16
C ALA B 52 5.82 -9.07 -10.48
N GLY B 53 6.76 -8.86 -9.56
CA GLY B 53 6.78 -7.64 -8.77
C GLY B 53 7.23 -6.41 -9.52
N GLY B 54 7.58 -6.57 -10.80
CA GLY B 54 8.01 -5.44 -11.60
C GLY B 54 9.53 -5.32 -11.71
N VAL B 55 10.26 -6.01 -10.83
CA VAL B 55 11.73 -5.95 -10.87
C VAL B 55 12.29 -6.67 -12.09
N THR B 56 13.40 -6.19 -12.65
CA THR B 56 14.07 -6.90 -13.75
C THR B 56 15.53 -7.18 -13.45
N GLY B 57 16.08 -8.15 -14.18
CA GLY B 57 17.48 -8.51 -14.01
C GLY B 57 18.07 -8.71 -15.37
N ARG B 58 19.32 -8.31 -15.54
CA ARG B 58 19.98 -8.42 -16.84
C ARG B 58 21.28 -9.18 -16.70
N GLY B 59 21.51 -10.12 -17.62
CA GLY B 59 22.73 -10.90 -17.60
C GLY B 59 23.26 -11.05 -19.01
N THR B 60 24.56 -11.30 -19.16
CA THR B 60 25.12 -11.45 -20.50
C THR B 60 26.11 -12.61 -20.53
N ALA B 61 26.34 -13.16 -21.71
CA ALA B 61 27.30 -14.27 -21.82
C ALA B 61 28.63 -13.78 -22.41
N PRO B 62 29.74 -14.02 -21.70
CA PRO B 62 31.01 -13.71 -22.34
C PRO B 62 31.34 -14.79 -23.38
N SER B 63 32.39 -14.58 -24.18
CA SER B 63 32.78 -15.53 -25.20
C SER B 63 34.29 -15.54 -25.35
N GLY B 64 34.92 -16.72 -25.40
CA GLY B 64 36.36 -16.82 -25.50
C GLY B 64 36.88 -17.34 -26.83
N GLY B 68 36.25 -25.93 -27.51
CA GLY B 68 36.64 -27.13 -26.78
C GLY B 68 35.67 -28.30 -26.92
N GLU B 69 35.88 -29.34 -26.11
CA GLU B 69 35.08 -30.57 -26.21
C GLU B 69 34.52 -31.03 -24.85
N PHE B 70 35.14 -30.55 -23.78
CA PHE B 70 34.70 -30.90 -22.43
C PHE B 70 33.97 -29.72 -21.76
N GLU B 71 33.70 -28.68 -22.53
CA GLU B 71 33.00 -27.52 -22.01
C GLU B 71 31.64 -27.32 -22.68
N ALA B 72 30.78 -26.56 -22.03
CA ALA B 72 29.49 -26.21 -22.60
C ALA B 72 29.72 -25.46 -23.90
N LEU B 73 28.81 -25.61 -24.85
CA LEU B 73 28.99 -25.05 -26.18
C LEU B 73 28.13 -23.82 -26.40
N GLU B 74 28.76 -22.71 -26.80
CA GLU B 74 27.99 -21.53 -27.17
C GLU B 74 27.37 -21.80 -28.52
N LEU B 75 26.17 -21.30 -28.72
CA LEU B 75 25.45 -21.50 -29.96
C LEU B 75 25.57 -20.28 -30.87
N ARG B 76 26.15 -20.49 -32.06
CA ARG B 76 26.21 -19.45 -33.08
C ARG B 76 25.33 -19.82 -34.27
N ASP B 77 25.00 -18.83 -35.08
CA ASP B 77 24.07 -19.01 -36.18
C ASP B 77 24.73 -19.67 -37.39
N GLY B 78 26.00 -19.37 -37.62
CA GLY B 78 26.72 -19.92 -38.75
C GLY B 78 26.37 -19.25 -40.07
N ASP B 79 25.58 -18.17 -40.02
CA ASP B 79 25.16 -17.47 -41.23
C ASP B 79 26.22 -16.49 -41.70
N LYS B 80 26.97 -16.88 -42.72
CA LYS B 80 28.06 -16.06 -43.23
C LYS B 80 27.60 -14.66 -43.67
N GLY B 81 26.31 -14.48 -43.91
CA GLY B 81 25.80 -13.18 -44.26
C GLY B 81 25.63 -12.22 -43.09
N ARG B 82 25.80 -12.74 -41.87
CA ARG B 82 25.62 -11.94 -40.67
C ARG B 82 26.76 -12.12 -39.69
N PHE B 83 27.52 -11.05 -39.47
CA PHE B 83 28.54 -11.09 -38.46
C PHE B 83 29.56 -12.18 -38.77
N GLY B 84 29.72 -12.46 -40.06
CA GLY B 84 30.61 -13.53 -40.49
C GLY B 84 30.28 -14.89 -39.88
N GLY B 85 29.00 -15.14 -39.68
CA GLY B 85 28.56 -16.41 -39.11
C GLY B 85 28.47 -16.46 -37.59
N LYS B 86 28.76 -15.34 -36.93
CA LYS B 86 28.81 -15.34 -35.47
C LYS B 86 27.59 -14.74 -34.78
N GLY B 87 26.50 -14.58 -35.51
CA GLY B 87 25.26 -14.13 -34.91
C GLY B 87 24.79 -15.12 -33.87
N VAL B 88 23.87 -14.68 -33.02
CA VAL B 88 23.37 -15.50 -31.93
C VAL B 88 21.86 -15.31 -31.85
N THR B 89 21.23 -14.98 -32.98
CA THR B 89 19.78 -14.89 -33.04
C THR B 89 19.06 -16.18 -32.66
N LYS B 90 19.71 -17.33 -32.89
CA LYS B 90 19.08 -18.60 -32.54
C LYS B 90 19.01 -18.77 -31.03
N ALA B 91 20.14 -18.51 -30.36
CA ALA B 91 20.17 -18.54 -28.91
C ALA B 91 19.13 -17.56 -28.36
N VAL B 92 19.04 -16.36 -28.94
CA VAL B 92 18.05 -15.37 -28.51
C VAL B 92 16.63 -15.90 -28.70
N GLN B 93 16.37 -16.56 -29.82
CA GLN B 93 15.03 -17.10 -29.97
C GLN B 93 14.76 -18.24 -29.00
N ASN B 94 15.80 -18.93 -28.54
CA ASN B 94 15.63 -19.97 -27.54
C ASN B 94 15.23 -19.37 -26.19
N ILE B 95 15.75 -18.18 -25.91
CA ILE B 95 15.35 -17.49 -24.69
C ILE B 95 13.92 -17.01 -24.84
N ASN B 96 13.65 -16.32 -25.93
CA ASN B 96 12.35 -15.66 -26.05
C ASN B 96 11.16 -16.60 -26.01
N THR B 97 11.38 -17.84 -26.42
CA THR B 97 10.30 -18.80 -26.55
C THR B 97 10.43 -19.94 -25.52
N GLU B 98 11.30 -20.89 -25.81
CA GLU B 98 11.39 -22.08 -25.00
C GLU B 98 11.74 -21.81 -23.54
N ILE B 99 12.84 -21.10 -23.31
CA ILE B 99 13.31 -20.83 -21.94
C ILE B 99 12.34 -19.97 -21.15
N SER B 100 11.77 -18.97 -21.80
CA SER B 100 10.80 -18.14 -21.10
C SER B 100 9.59 -18.96 -20.65
N GLU B 101 9.13 -19.88 -21.51
CA GLU B 101 7.93 -20.65 -21.19
C GLU B 101 8.21 -21.64 -20.08
N ILE B 102 9.40 -22.23 -20.10
CA ILE B 102 9.84 -23.13 -19.04
C ILE B 102 9.94 -22.47 -17.66
N LEU B 103 10.51 -21.28 -17.61
CA LEU B 103 10.82 -20.59 -16.36
C LEU B 103 9.69 -19.76 -15.79
N SER B 104 8.79 -19.28 -16.65
CA SER B 104 7.64 -18.51 -16.15
C SER B 104 6.95 -19.25 -15.02
N GLY B 105 6.70 -18.54 -13.94
CA GLY B 105 6.00 -19.11 -12.80
C GLY B 105 6.97 -19.54 -11.72
N MET B 106 8.21 -19.80 -12.10
CA MET B 106 9.22 -20.20 -11.13
C MET B 106 9.72 -19.05 -10.25
N ASP B 107 10.20 -19.42 -9.06
CA ASP B 107 10.72 -18.49 -8.06
C ASP B 107 12.15 -18.08 -8.45
N ALA B 108 12.36 -16.83 -8.85
CA ALA B 108 13.69 -16.42 -9.35
C ALA B 108 14.79 -16.54 -8.31
N SER B 109 14.45 -16.59 -7.03
CA SER B 109 15.49 -16.74 -6.01
C SER B 109 15.99 -18.18 -5.90
N ASP B 110 15.22 -19.11 -6.43
CA ASP B 110 15.65 -20.51 -6.44
C ASP B 110 16.48 -20.77 -7.69
N ILE B 111 17.72 -20.29 -7.69
CA ILE B 111 18.53 -20.33 -8.89
C ILE B 111 18.91 -21.76 -9.24
N TYR B 112 19.22 -22.58 -8.24
CA TYR B 112 19.49 -24.00 -8.50
C TYR B 112 18.33 -24.64 -9.30
N ALA B 113 17.10 -24.35 -8.92
CA ALA B 113 15.94 -24.88 -9.62
C ALA B 113 15.74 -24.30 -11.01
N VAL B 114 15.89 -22.99 -11.13
CA VAL B 114 15.87 -22.33 -12.42
C VAL B 114 16.89 -22.98 -13.38
N ASP B 115 18.12 -23.12 -12.92
CA ASP B 115 19.20 -23.73 -13.73
C ASP B 115 18.88 -25.17 -14.12
N ARG B 116 18.31 -25.92 -13.19
CA ARG B 116 18.01 -27.33 -13.44
C ARG B 116 16.89 -27.46 -14.50
N ALA B 117 15.94 -26.55 -14.45
CA ALA B 117 14.86 -26.55 -15.43
C ALA B 117 15.44 -26.32 -16.81
N MET B 118 16.42 -25.43 -16.92
CA MET B 118 17.04 -25.18 -18.22
C MET B 118 17.90 -26.36 -18.62
N ILE B 119 18.64 -26.92 -17.67
CA ILE B 119 19.53 -28.03 -17.97
C ILE B 119 18.71 -29.23 -18.43
N ASP B 120 17.63 -29.51 -17.71
CA ASP B 120 16.82 -30.68 -18.03
C ASP B 120 16.09 -30.52 -19.35
N ALA B 121 15.61 -29.32 -19.62
CA ALA B 121 14.81 -29.07 -20.82
C ALA B 121 15.69 -29.03 -22.06
N ASP B 122 16.97 -28.78 -21.86
CA ASP B 122 17.94 -28.73 -22.94
C ASP B 122 18.34 -30.16 -23.30
N GLY B 123 18.67 -30.95 -22.28
CA GLY B 123 18.86 -32.38 -22.43
C GLY B 123 20.13 -32.84 -23.10
N THR B 124 21.03 -31.91 -23.37
CA THR B 124 22.32 -32.29 -23.90
C THR B 124 23.36 -32.16 -22.80
N LYS B 125 24.56 -32.62 -23.08
CA LYS B 125 25.64 -32.59 -22.11
C LYS B 125 26.37 -31.27 -22.19
N ASP B 126 26.27 -30.60 -23.33
CA ASP B 126 27.03 -29.38 -23.57
C ASP B 126 26.15 -28.16 -23.78
N LYS B 127 24.90 -28.25 -23.33
CA LYS B 127 23.92 -27.17 -23.46
C LYS B 127 23.77 -26.72 -24.90
N SER B 128 23.90 -27.67 -25.81
CA SER B 128 23.89 -27.35 -27.23
C SER B 128 22.49 -27.17 -27.83
N LYS B 129 21.43 -27.51 -27.08
CA LYS B 129 20.10 -27.20 -27.60
C LYS B 129 19.78 -25.71 -27.48
N PHE B 130 19.89 -25.17 -26.27
CA PHE B 130 19.58 -23.75 -26.09
C PHE B 130 20.79 -22.88 -26.43
N GLY B 131 21.97 -23.37 -26.09
CA GLY B 131 23.19 -22.62 -26.29
C GLY B 131 23.68 -22.28 -24.91
N ALA B 132 24.92 -22.59 -24.61
CA ALA B 132 25.44 -22.34 -23.26
C ALA B 132 25.42 -20.84 -23.01
N ASN B 133 25.46 -20.05 -24.07
CA ASN B 133 25.36 -18.61 -23.96
C ASN B 133 23.96 -18.14 -23.60
N ALA B 134 22.94 -18.77 -24.17
CA ALA B 134 21.56 -18.48 -23.78
C ALA B 134 21.31 -18.87 -22.33
N VAL B 135 21.85 -20.02 -21.94
CA VAL B 135 21.56 -20.54 -20.62
C VAL B 135 22.23 -19.70 -19.55
N LEU B 136 23.52 -19.42 -19.72
CA LEU B 136 24.26 -18.58 -18.78
C LEU B 136 23.65 -17.20 -18.64
N ALA B 137 23.39 -16.53 -19.77
CA ALA B 137 22.74 -15.23 -19.74
C ALA B 137 21.48 -15.20 -18.89
N VAL B 138 20.59 -16.17 -19.08
CA VAL B 138 19.35 -16.25 -18.29
C VAL B 138 19.65 -16.52 -16.82
N SER B 139 20.62 -17.39 -16.56
CA SER B 139 20.94 -17.79 -15.20
C SER B 139 21.40 -16.56 -14.42
N ILE B 140 22.31 -15.79 -15.02
CA ILE B 140 22.78 -14.55 -14.42
C ILE B 140 21.66 -13.50 -14.25
N ALA B 141 20.81 -13.37 -15.26
CA ALA B 141 19.71 -12.41 -15.19
C ALA B 141 18.75 -12.73 -14.06
N CYS B 142 18.53 -14.03 -13.82
CA CYS B 142 17.66 -14.44 -12.73
C CYS B 142 18.23 -14.10 -11.40
N ALA B 143 19.52 -14.41 -11.22
CA ALA B 143 20.20 -14.10 -9.97
C ALA B 143 20.11 -12.62 -9.70
N LYS B 144 20.35 -11.82 -10.73
CA LYS B 144 20.34 -10.38 -10.56
C LYS B 144 18.93 -9.87 -10.28
N ALA B 145 17.93 -10.51 -10.87
CA ALA B 145 16.54 -10.12 -10.64
C ALA B 145 16.16 -10.44 -9.22
N ALA B 146 16.45 -11.68 -8.81
CA ALA B 146 16.18 -12.11 -7.44
C ALA B 146 16.88 -11.20 -6.42
N ALA B 147 18.15 -10.89 -6.64
CA ALA B 147 18.88 -10.04 -5.69
C ALA B 147 18.20 -8.68 -5.57
N ALA B 148 17.86 -8.13 -6.72
CA ALA B 148 17.16 -6.85 -6.75
C ALA B 148 15.81 -6.92 -6.04
N ALA B 149 15.05 -7.97 -6.29
CA ALA B 149 13.73 -8.09 -5.71
C ALA B 149 13.83 -8.21 -4.20
N LEU B 150 14.94 -8.72 -3.70
CA LEU B 150 15.12 -8.90 -2.26
C LEU B 150 15.78 -7.66 -1.63
N GLY B 151 16.27 -6.76 -2.47
CA GLY B 151 16.89 -5.55 -1.98
C GLY B 151 18.29 -5.75 -1.44
N VAL B 152 19.02 -6.71 -2.01
CA VAL B 152 20.38 -7.01 -1.59
C VAL B 152 21.31 -6.96 -2.80
N PRO B 153 22.60 -6.62 -2.59
CA PRO B 153 23.55 -6.65 -3.68
C PRO B 153 23.79 -8.09 -4.13
N LEU B 154 24.28 -8.27 -5.35
CA LEU B 154 24.39 -9.62 -5.88
C LEU B 154 25.30 -10.49 -5.02
N TYR B 155 26.44 -9.96 -4.58
CA TYR B 155 27.36 -10.81 -3.81
C TYR B 155 26.67 -11.34 -2.55
N ARG B 156 25.81 -10.54 -1.94
CA ARG B 156 25.08 -10.98 -0.74
C ARG B 156 24.04 -12.04 -1.09
N PHE B 157 23.39 -11.87 -2.23
CA PHE B 157 22.46 -12.89 -2.71
C PHE B 157 23.17 -14.23 -2.90
N LEU B 158 24.31 -14.18 -3.57
CA LEU B 158 25.10 -15.39 -3.86
C LEU B 158 25.77 -16.01 -2.64
N GLY B 159 26.36 -15.18 -1.78
CA GLY B 159 27.19 -15.69 -0.69
C GLY B 159 26.77 -15.28 0.71
N GLY B 160 25.69 -14.53 0.84
CA GLY B 160 25.16 -14.14 2.13
C GLY B 160 26.08 -13.27 2.95
N LEU B 161 25.77 -13.14 4.23
CA LEU B 161 26.59 -12.37 5.17
C LEU B 161 28.05 -12.82 5.16
N ASN B 162 28.27 -14.07 4.78
CA ASN B 162 29.62 -14.63 4.81
C ASN B 162 30.56 -14.09 3.72
N ALA B 163 29.99 -13.34 2.78
CA ALA B 163 30.76 -12.84 1.64
C ALA B 163 31.42 -11.51 1.98
N ASN B 164 32.73 -11.50 2.20
CA ASN B 164 33.44 -10.25 2.51
C ASN B 164 34.89 -10.17 2.07
N ARG B 165 35.37 -11.17 1.32
CA ARG B 165 36.74 -11.09 0.79
C ARG B 165 36.83 -10.47 -0.58
N LEU B 166 37.52 -9.33 -0.66
CA LEU B 166 37.84 -8.75 -1.95
C LEU B 166 38.96 -9.56 -2.58
N PRO B 167 38.93 -9.72 -3.90
CA PRO B 167 39.97 -10.54 -4.52
C PRO B 167 41.25 -9.77 -4.82
N VAL B 168 42.39 -10.46 -4.80
CA VAL B 168 43.64 -9.95 -5.36
C VAL B 168 43.61 -10.18 -6.86
N PRO B 169 43.69 -9.09 -7.65
CA PRO B 169 43.61 -9.22 -9.10
C PRO B 169 44.92 -9.67 -9.72
N MET B 170 44.85 -10.49 -10.76
CA MET B 170 46.02 -10.69 -11.60
C MET B 170 45.74 -10.01 -12.92
N MET B 171 46.48 -8.93 -13.19
CA MET B 171 46.20 -8.07 -14.31
C MET B 171 47.16 -8.32 -15.45
N ASN B 172 46.61 -8.71 -16.59
CA ASN B 172 47.40 -9.04 -17.76
C ASN B 172 47.82 -7.79 -18.54
N ILE B 173 48.95 -7.21 -18.16
CA ILE B 173 49.40 -5.97 -18.79
C ILE B 173 50.42 -6.16 -19.92
N LEU B 174 50.87 -7.39 -20.14
CA LEU B 174 51.84 -7.67 -21.19
C LEU B 174 51.57 -9.03 -21.81
N ASN B 175 51.34 -9.06 -23.12
CA ASN B 175 50.86 -10.27 -23.82
C ASN B 175 51.95 -10.92 -24.66
N GLY B 176 51.92 -12.24 -24.70
CA GLY B 176 52.77 -13.00 -25.61
C GLY B 176 51.96 -14.11 -26.24
N GLY B 177 52.64 -15.14 -26.73
CA GLY B 177 51.99 -16.33 -27.25
C GLY B 177 51.19 -16.12 -28.53
N ALA B 178 50.28 -17.06 -28.79
CA ALA B 178 49.41 -17.07 -29.96
C ALA B 178 49.47 -15.85 -30.90
N HIS B 179 48.55 -14.90 -30.69
CA HIS B 179 48.36 -13.83 -31.66
C HIS B 179 49.13 -12.54 -31.34
N ALA B 180 50.22 -12.66 -30.60
CA ALA B 180 51.03 -11.48 -30.27
C ALA B 180 52.04 -11.17 -31.37
N ALA B 181 52.33 -9.89 -31.54
CA ALA B 181 53.35 -9.48 -32.50
C ALA B 181 54.72 -9.46 -31.83
N ASN B 182 55.23 -10.63 -31.46
CA ASN B 182 56.52 -10.73 -30.77
C ASN B 182 57.06 -12.16 -30.66
N THR B 183 58.18 -12.29 -29.94
CA THR B 183 58.90 -13.56 -29.84
C THR B 183 58.69 -14.22 -28.47
N VAL B 184 57.74 -13.69 -27.71
CA VAL B 184 57.41 -14.22 -26.39
C VAL B 184 56.42 -15.38 -26.52
N ASP B 185 56.73 -16.49 -25.85
CA ASP B 185 55.89 -17.68 -25.92
C ASP B 185 54.79 -17.73 -24.85
N VAL B 186 55.12 -17.32 -23.62
CA VAL B 186 54.12 -17.25 -22.55
C VAL B 186 53.01 -16.28 -22.92
N GLN B 187 51.77 -16.67 -22.70
CA GLN B 187 50.61 -15.93 -23.22
C GLN B 187 50.27 -14.66 -22.41
N GLU B 188 50.20 -14.79 -21.09
CA GLU B 188 49.79 -13.67 -20.26
C GLU B 188 50.81 -13.44 -19.15
N PHE B 189 51.25 -12.19 -18.99
CA PHE B 189 52.14 -11.81 -17.91
C PHE B 189 51.40 -10.84 -17.03
N MET B 190 51.25 -11.20 -15.75
CA MET B 190 50.28 -10.51 -14.90
C MET B 190 50.93 -10.07 -13.62
N ILE B 191 50.53 -8.89 -13.16
CA ILE B 191 50.99 -8.40 -11.89
C ILE B 191 49.90 -8.65 -10.85
N MET B 192 50.31 -8.97 -9.61
CA MET B 192 49.35 -9.10 -8.51
C MET B 192 49.79 -8.18 -7.37
N PRO B 193 48.90 -7.26 -6.97
CA PRO B 193 49.22 -6.28 -5.93
C PRO B 193 49.07 -6.88 -4.53
N VAL B 194 50.00 -7.75 -4.16
CA VAL B 194 49.84 -8.49 -2.92
C VAL B 194 50.15 -7.68 -1.65
N GLY B 195 50.86 -6.57 -1.77
CA GLY B 195 51.21 -5.76 -0.61
C GLY B 195 50.16 -4.78 -0.11
N ALA B 196 49.22 -4.42 -0.99
CA ALA B 196 48.13 -3.51 -0.64
C ALA B 196 47.32 -3.97 0.56
N GLU B 197 46.61 -3.05 1.20
CA GLU B 197 45.81 -3.40 2.36
C GLU B 197 44.32 -3.20 2.09
N SER B 198 44.01 -2.72 0.89
CA SER B 198 42.62 -2.61 0.46
C SER B 198 42.61 -2.83 -1.04
N PHE B 199 41.49 -3.28 -1.58
CA PHE B 199 41.40 -3.43 -3.02
C PHE B 199 41.56 -2.06 -3.70
N ARG B 200 41.02 -1.03 -3.09
CA ARG B 200 41.10 0.31 -3.66
C ARG B 200 42.57 0.72 -3.88
N GLU B 201 43.40 0.46 -2.88
CA GLU B 201 44.83 0.74 -2.97
C GLU B 201 45.49 -0.16 -4.01
N ALA B 202 45.11 -1.43 -4.02
CA ALA B 202 45.67 -2.40 -4.96
C ALA B 202 45.44 -1.96 -6.40
N LEU B 203 44.21 -1.54 -6.68
CA LEU B 203 43.83 -1.14 -8.02
C LEU B 203 44.55 0.14 -8.44
N ARG B 204 44.66 1.11 -7.53
CA ARG B 204 45.46 2.32 -7.81
C ARG B 204 46.88 1.98 -8.18
N GLN B 205 47.51 1.16 -7.36
CA GLN B 205 48.90 0.76 -7.63
C GLN B 205 49.00 0.07 -8.99
N CYS B 206 48.08 -0.84 -9.29
CA CYS B 206 48.06 -1.49 -10.60
C CYS B 206 47.97 -0.51 -11.76
N THR B 207 47.13 0.51 -11.66
CA THR B 207 47.12 1.47 -12.76
C THR B 207 48.46 2.17 -12.87
N GLU B 208 49.04 2.51 -11.71
CA GLU B 208 50.31 3.23 -11.69
C GLU B 208 51.39 2.41 -12.38
N VAL B 209 51.42 1.11 -12.11
CA VAL B 209 52.38 0.24 -12.78
C VAL B 209 52.05 0.12 -14.28
N PHE B 210 50.76 0.19 -14.59
CA PHE B 210 50.31 0.11 -15.98
C PHE B 210 50.88 1.27 -16.79
N HIS B 211 50.65 2.48 -16.31
CA HIS B 211 51.14 3.68 -17.00
C HIS B 211 52.67 3.76 -17.05
N ALA B 212 53.34 3.29 -16.00
CA ALA B 212 54.80 3.25 -15.97
C ALA B 212 55.34 2.30 -17.04
N LEU B 213 54.69 1.16 -17.21
CA LEU B 213 55.05 0.25 -18.30
C LEU B 213 54.83 0.92 -19.66
N ALA B 214 53.70 1.60 -19.81
CA ALA B 214 53.39 2.25 -21.06
C ALA B 214 54.49 3.23 -21.45
N GLY B 215 54.90 4.03 -20.47
CA GLY B 215 55.98 5.00 -20.68
C GLY B 215 57.30 4.29 -20.93
N LEU B 216 57.53 3.18 -20.25
CA LEU B 216 58.77 2.44 -20.51
C LEU B 216 58.79 2.02 -21.98
N LEU B 217 57.72 1.35 -22.43
CA LEU B 217 57.62 0.92 -23.81
C LEU B 217 57.80 2.09 -24.77
N LYS B 218 57.20 3.23 -24.43
CA LYS B 218 57.29 4.38 -25.31
C LYS B 218 58.76 4.81 -25.42
N SER B 219 59.45 4.88 -24.29
CA SER B 219 60.86 5.27 -24.27
C SER B 219 61.72 4.37 -25.15
N LYS B 220 61.35 3.11 -25.24
CA LYS B 220 62.15 2.16 -26.02
C LYS B 220 61.60 2.02 -27.43
N GLY B 221 60.75 2.96 -27.82
CA GLY B 221 60.15 2.95 -29.15
C GLY B 221 59.19 1.81 -29.43
N LEU B 222 58.63 1.21 -28.39
CA LEU B 222 57.73 0.06 -28.56
C LEU B 222 56.25 0.47 -28.63
N ALA B 223 55.43 -0.46 -29.08
CA ALA B 223 54.00 -0.24 -29.30
C ALA B 223 53.19 -0.23 -28.00
N THR B 224 52.35 0.79 -27.81
CA THR B 224 51.50 0.89 -26.63
C THR B 224 49.99 0.91 -26.95
N SER B 225 49.62 0.44 -28.13
CA SER B 225 48.24 0.12 -28.39
C SER B 225 47.98 -1.22 -27.67
N VAL B 226 46.72 -1.62 -27.52
CA VAL B 226 46.42 -2.76 -26.65
C VAL B 226 45.72 -3.94 -27.33
N GLY B 227 45.85 -5.12 -26.73
CA GLY B 227 45.13 -6.30 -27.18
C GLY B 227 43.76 -6.45 -26.54
N ASP B 228 43.15 -7.61 -26.72
CA ASP B 228 41.79 -7.87 -26.26
C ASP B 228 41.53 -7.53 -24.79
N GLU B 229 42.52 -7.79 -23.94
CA GLU B 229 42.34 -7.69 -22.50
C GLU B 229 42.94 -6.41 -21.93
N GLY B 230 43.33 -5.49 -22.81
CA GLY B 230 43.78 -4.17 -22.40
C GLY B 230 45.25 -3.98 -22.10
N GLY B 231 46.06 -5.01 -22.35
CA GLY B 231 47.48 -4.95 -22.12
C GLY B 231 48.26 -4.67 -23.39
N PHE B 232 49.58 -4.54 -23.27
CA PHE B 232 50.40 -4.18 -24.42
C PHE B 232 50.99 -5.45 -24.98
N ALA B 233 51.25 -5.44 -26.28
CA ALA B 233 51.87 -6.57 -26.94
C ALA B 233 53.04 -6.06 -27.77
N PRO B 234 54.00 -5.40 -27.10
CA PRO B 234 55.14 -4.78 -27.74
C PRO B 234 56.01 -5.90 -28.27
N ASP B 235 56.87 -5.61 -29.25
CA ASP B 235 57.73 -6.63 -29.84
C ASP B 235 58.90 -6.92 -28.90
N LEU B 236 58.67 -7.82 -27.95
CA LEU B 236 59.72 -8.21 -27.01
C LEU B 236 60.32 -9.56 -27.41
N ALA B 237 61.52 -9.83 -26.91
CA ALA B 237 62.37 -10.90 -27.44
C ALA B 237 62.16 -12.25 -26.76
N SER B 238 61.81 -12.22 -25.48
CA SER B 238 61.68 -13.43 -24.69
C SER B 238 60.80 -13.25 -23.48
N ASP B 239 60.31 -14.37 -22.96
CA ASP B 239 59.57 -14.35 -21.71
C ASP B 239 60.36 -13.57 -20.67
N GLU B 240 61.66 -13.83 -20.62
CA GLU B 240 62.55 -13.16 -19.70
C GLU B 240 62.53 -11.64 -19.86
N GLU B 241 62.43 -11.16 -21.10
CA GLU B 241 62.45 -9.72 -21.33
C GLU B 241 61.11 -9.10 -20.91
N ALA B 242 60.02 -9.77 -21.27
CA ALA B 242 58.69 -9.37 -20.78
C ALA B 242 58.69 -9.24 -19.26
N ILE B 243 59.22 -10.23 -18.57
CA ILE B 243 59.25 -10.17 -17.12
C ILE B 243 60.00 -8.95 -16.60
N GLU B 244 61.16 -8.67 -17.20
CA GLU B 244 62.01 -7.59 -16.71
C GLU B 244 61.44 -6.23 -17.00
N TYR B 245 60.74 -6.09 -18.13
CA TYR B 245 59.99 -4.88 -18.41
C TYR B 245 58.92 -4.60 -17.35
N ILE B 246 58.18 -5.64 -16.99
CA ILE B 246 57.17 -5.51 -15.95
C ILE B 246 57.85 -5.13 -14.63
N LEU B 247 58.93 -5.82 -14.29
CA LEU B 247 59.61 -5.55 -13.02
C LEU B 247 60.19 -4.15 -12.99
N GLU B 248 60.69 -3.70 -14.14
CA GLU B 248 61.19 -2.35 -14.27
C GLU B 248 60.05 -1.37 -14.02
N ALA B 249 58.93 -1.64 -14.68
CA ALA B 249 57.72 -0.83 -14.52
C ALA B 249 57.29 -0.74 -13.05
N VAL B 250 57.30 -1.88 -12.37
CA VAL B 250 56.99 -1.90 -10.94
C VAL B 250 57.87 -0.90 -10.18
N LYS B 251 59.16 -0.90 -10.48
CA LYS B 251 60.10 -0.04 -9.78
C LYS B 251 59.87 1.42 -10.15
N LEU B 252 59.73 1.67 -11.45
CA LEU B 252 59.41 3.00 -11.93
C LEU B 252 58.18 3.57 -11.24
N ALA B 253 57.20 2.71 -10.99
CA ALA B 253 55.97 3.17 -10.33
C ALA B 253 56.22 3.51 -8.86
N GLY B 254 57.37 3.10 -8.34
CA GLY B 254 57.73 3.31 -6.95
C GLY B 254 57.45 2.14 -6.03
N TYR B 255 57.41 0.93 -6.59
CA TYR B 255 57.02 -0.27 -5.82
C TYR B 255 58.10 -1.35 -5.88
N GLU B 256 58.13 -2.23 -4.87
CA GLU B 256 59.14 -3.29 -4.83
C GLU B 256 58.57 -4.61 -5.32
N PRO B 257 59.26 -5.23 -6.29
CA PRO B 257 58.99 -6.64 -6.59
C PRO B 257 59.12 -7.48 -5.31
N GLY B 258 58.20 -8.41 -5.11
CA GLY B 258 58.15 -9.18 -3.87
C GLY B 258 57.24 -8.62 -2.78
N ARG B 259 57.55 -7.42 -2.29
CA ARG B 259 56.81 -6.85 -1.17
C ARG B 259 55.49 -6.24 -1.62
N ASP B 260 55.50 -5.60 -2.79
CA ASP B 260 54.33 -4.91 -3.31
C ASP B 260 53.66 -5.66 -4.45
N PHE B 261 54.48 -6.22 -5.34
CA PHE B 261 53.97 -6.89 -6.53
C PHE B 261 54.62 -8.25 -6.74
N VAL B 262 53.84 -9.25 -7.11
CA VAL B 262 54.42 -10.50 -7.58
C VAL B 262 53.78 -10.79 -8.92
N LEU B 263 54.20 -11.88 -9.55
CA LEU B 263 53.80 -12.10 -10.92
C LEU B 263 53.06 -13.40 -11.08
N ALA B 264 52.14 -13.43 -12.03
CA ALA B 264 51.45 -14.67 -12.40
C ALA B 264 51.60 -14.74 -13.89
N MET B 265 51.65 -15.95 -14.43
CA MET B 265 51.73 -16.09 -15.87
C MET B 265 50.69 -17.09 -16.34
N ASP B 266 50.27 -16.95 -17.59
CA ASP B 266 49.51 -18.00 -18.24
C ASP B 266 50.32 -18.57 -19.40
N ALA B 267 51.06 -19.63 -19.14
CA ALA B 267 51.87 -20.30 -20.16
C ALA B 267 51.02 -20.79 -21.33
N ALA B 268 49.78 -21.17 -21.04
CA ALA B 268 48.90 -21.74 -22.07
C ALA B 268 49.65 -22.81 -22.85
N SER B 269 50.26 -23.75 -22.13
CA SER B 269 51.24 -24.65 -22.72
C SER B 269 50.62 -25.81 -23.50
N SER B 270 49.30 -25.80 -23.61
CA SER B 270 48.61 -26.75 -24.49
C SER B 270 48.82 -26.38 -25.96
N GLU B 271 49.21 -25.12 -26.18
CA GLU B 271 49.50 -24.60 -27.52
C GLU B 271 50.96 -24.86 -27.90
N TRP B 272 51.61 -25.74 -27.14
CA TRP B 272 53.02 -26.06 -27.35
C TRP B 272 53.15 -27.54 -27.61
N LYS B 273 52.15 -28.12 -28.28
CA LYS B 273 52.15 -29.56 -28.51
C LYS B 273 53.48 -30.04 -29.10
N GLY B 274 53.87 -31.26 -28.73
CA GLY B 274 55.08 -31.85 -29.26
C GLY B 274 54.78 -33.01 -30.19
N GLU B 275 55.82 -33.76 -30.56
CA GLU B 275 55.69 -34.92 -31.41
C GLU B 275 54.90 -35.98 -30.69
N LYS B 276 55.35 -36.31 -29.48
CA LYS B 276 54.66 -37.25 -28.60
C LYS B 276 54.12 -36.53 -27.37
N LYS B 277 53.16 -37.15 -26.70
CA LYS B 277 52.67 -36.64 -25.42
C LYS B 277 53.77 -36.66 -24.35
N GLY B 278 54.03 -35.51 -23.74
CA GLY B 278 55.08 -35.42 -22.75
C GLY B 278 56.22 -34.57 -23.26
N GLU B 279 56.19 -34.34 -24.56
CA GLU B 279 57.18 -33.49 -25.21
C GLU B 279 56.54 -32.15 -25.58
N TYR B 280 57.31 -31.07 -25.45
CA TYR B 280 56.82 -29.74 -25.75
C TYR B 280 57.75 -28.98 -26.70
N ILE B 281 57.15 -28.19 -27.60
CA ILE B 281 57.90 -27.28 -28.46
C ILE B 281 57.27 -25.88 -28.51
N LEU B 282 57.92 -24.93 -27.80
CA LEU B 282 57.55 -23.53 -27.87
C LEU B 282 57.60 -23.07 -29.32
N PRO B 283 56.48 -22.55 -29.84
CA PRO B 283 56.37 -22.26 -31.27
C PRO B 283 57.24 -21.09 -31.76
N LYS B 284 57.60 -20.15 -30.88
CA LYS B 284 58.44 -19.03 -31.28
C LYS B 284 59.89 -19.32 -30.96
N CYS B 285 60.14 -19.61 -29.69
CA CYS B 285 61.45 -19.99 -29.20
C CYS B 285 61.96 -21.21 -29.97
N LYS B 286 61.06 -22.14 -30.26
CA LYS B 286 61.40 -23.42 -30.90
C LYS B 286 62.10 -24.39 -29.94
N ARG B 287 62.39 -23.92 -28.73
CA ARG B 287 62.94 -24.76 -27.65
C ARG B 287 62.15 -26.05 -27.42
N LYS B 288 62.85 -27.16 -27.20
CA LYS B 288 62.20 -28.44 -26.94
C LYS B 288 62.32 -28.82 -25.47
N PHE B 289 61.20 -29.19 -24.87
CA PHE B 289 61.17 -29.67 -23.49
C PHE B 289 60.46 -31.02 -23.42
N ALA B 290 60.94 -31.89 -22.54
CA ALA B 290 60.10 -32.97 -22.04
C ALA B 290 59.46 -32.41 -20.77
N SER B 291 58.30 -32.93 -20.40
CA SER B 291 57.55 -32.37 -19.28
C SER B 291 58.45 -32.05 -18.10
N GLU B 292 59.28 -33.02 -17.71
CA GLU B 292 60.14 -32.88 -16.55
C GLU B 292 61.10 -31.74 -16.70
N GLU B 293 61.49 -31.47 -17.95
CA GLU B 293 62.41 -30.38 -18.25
C GLU B 293 61.67 -29.05 -18.22
N LEU B 294 60.49 -29.03 -18.83
CA LEU B 294 59.65 -27.83 -18.80
C LEU B 294 59.41 -27.43 -17.36
N VAL B 295 58.93 -28.37 -16.57
CA VAL B 295 58.78 -28.15 -15.14
C VAL B 295 60.04 -27.50 -14.57
N ALA B 296 61.19 -28.14 -14.79
CA ALA B 296 62.45 -27.61 -14.27
C ALA B 296 62.70 -26.19 -14.79
N HIS B 297 62.25 -25.90 -16.01
CA HIS B 297 62.31 -24.54 -16.53
C HIS B 297 61.52 -23.55 -15.66
N TRP B 298 60.24 -23.88 -15.41
CA TRP B 298 59.40 -23.03 -14.56
C TRP B 298 60.12 -22.76 -13.25
N LYS B 299 60.80 -23.79 -12.73
CA LYS B 299 61.44 -23.71 -11.42
C LYS B 299 62.53 -22.65 -11.39
N SER B 300 63.34 -22.59 -12.45
CA SER B 300 64.39 -21.59 -12.53
C SER B 300 63.79 -20.19 -12.56
N LEU B 301 62.84 -19.97 -13.48
CA LEU B 301 62.13 -18.70 -13.57
C LEU B 301 61.61 -18.26 -12.22
N CYS B 302 61.07 -19.21 -11.47
CA CYS B 302 60.47 -18.92 -10.17
C CYS B 302 61.51 -18.68 -9.10
N GLU B 303 62.73 -19.15 -9.34
CA GLU B 303 63.85 -18.84 -8.43
C GLU B 303 64.45 -17.48 -8.80
N ARG B 304 64.53 -17.18 -10.09
CA ARG B 304 65.02 -15.88 -10.53
C ARG B 304 64.05 -14.73 -10.24
N TYR B 305 62.77 -14.92 -10.57
CA TYR B 305 61.81 -13.82 -10.47
C TYR B 305 60.70 -14.07 -9.45
N PRO B 306 60.01 -13.00 -9.03
CA PRO B 306 58.91 -13.13 -8.06
C PRO B 306 57.61 -13.61 -8.71
N ILE B 307 57.68 -14.75 -9.39
CA ILE B 307 56.52 -15.42 -9.97
C ILE B 307 55.88 -16.38 -8.94
N VAL B 308 54.60 -16.21 -8.66
CA VAL B 308 53.94 -17.03 -7.63
C VAL B 308 52.83 -17.94 -8.17
N SER B 309 52.58 -17.87 -9.47
CA SER B 309 51.46 -18.59 -10.01
C SER B 309 51.71 -18.81 -11.49
N ILE B 310 51.45 -20.03 -11.93
CA ILE B 310 51.63 -20.36 -13.33
C ILE B 310 50.41 -21.15 -13.73
N GLU B 311 49.74 -20.69 -14.78
CA GLU B 311 48.50 -21.29 -15.23
C GLU B 311 48.78 -22.12 -16.46
N ASP B 312 48.31 -23.36 -16.46
CA ASP B 312 48.53 -24.25 -17.59
C ASP B 312 50.02 -24.38 -17.90
N GLY B 313 50.81 -24.72 -16.89
CA GLY B 313 52.26 -24.84 -17.07
C GLY B 313 52.62 -26.09 -17.85
N LEU B 314 51.66 -26.99 -18.01
CA LEU B 314 51.79 -28.20 -18.80
C LEU B 314 50.51 -28.42 -19.59
N ASP B 315 50.53 -29.39 -20.49
CA ASP B 315 49.41 -29.61 -21.39
C ASP B 315 48.13 -30.08 -20.70
N GLU B 316 47.00 -29.79 -21.33
CA GLU B 316 45.67 -30.15 -20.83
C GLU B 316 45.37 -31.65 -20.76
N GLU B 317 46.34 -32.50 -21.10
CA GLU B 317 46.16 -33.95 -20.96
C GLU B 317 47.43 -34.64 -20.46
N ASP B 318 48.48 -33.85 -20.26
CA ASP B 318 49.71 -34.36 -19.66
C ASP B 318 49.53 -34.55 -18.14
N TRP B 319 48.64 -35.46 -17.75
CA TRP B 319 48.31 -35.66 -16.34
C TRP B 319 49.48 -36.14 -15.48
N GLU B 320 50.36 -36.95 -16.06
CA GLU B 320 51.50 -37.45 -15.30
C GLU B 320 52.46 -36.31 -15.00
N GLY B 321 52.63 -35.44 -15.98
CA GLY B 321 53.50 -34.29 -15.84
C GLY B 321 52.93 -33.32 -14.84
N TRP B 322 51.62 -33.12 -14.92
CA TRP B 322 50.93 -32.25 -13.98
C TRP B 322 51.19 -32.77 -12.58
N GLN B 323 50.96 -34.07 -12.40
CA GLN B 323 51.20 -34.70 -11.10
C GLN B 323 52.63 -34.49 -10.64
N TYR B 324 53.56 -34.61 -11.59
CA TYR B 324 54.96 -34.42 -11.29
C TYR B 324 55.27 -32.97 -10.93
N MET B 325 54.84 -32.05 -11.81
CA MET B 325 55.02 -30.62 -11.60
C MET B 325 54.47 -30.18 -10.25
N THR B 326 53.32 -30.74 -9.90
CA THR B 326 52.66 -30.41 -8.64
C THR B 326 53.47 -30.90 -7.45
N ARG B 327 54.16 -32.02 -7.64
CA ARG B 327 55.08 -32.50 -6.62
C ARG B 327 56.25 -31.54 -6.49
N GLU B 328 56.85 -31.21 -7.64
CA GLU B 328 58.02 -30.32 -7.69
C GLU B 328 57.77 -28.90 -7.19
N LEU B 329 56.62 -28.33 -7.55
CA LEU B 329 56.39 -26.90 -7.40
C LEU B 329 55.25 -26.53 -6.45
N GLY B 330 54.20 -27.33 -6.46
CA GLY B 330 52.98 -27.02 -5.75
C GLY B 330 53.16 -26.47 -4.34
N ASP B 331 54.33 -26.65 -3.78
CA ASP B 331 54.55 -26.24 -2.40
C ASP B 331 54.81 -24.75 -2.32
N LYS B 332 55.41 -24.22 -3.39
CA LYS B 332 55.85 -22.84 -3.38
C LYS B 332 55.09 -22.01 -4.41
N ILE B 333 54.69 -22.66 -5.50
CA ILE B 333 54.02 -21.95 -6.60
C ILE B 333 52.56 -22.37 -6.77
N GLN B 334 51.71 -21.41 -7.17
CA GLN B 334 50.32 -21.75 -7.48
C GLN B 334 50.25 -22.29 -8.90
N LEU B 335 49.58 -23.43 -9.06
CA LEU B 335 49.52 -24.07 -10.36
C LEU B 335 48.09 -24.12 -10.82
N VAL B 336 47.71 -23.21 -11.71
CA VAL B 336 46.32 -23.02 -12.07
C VAL B 336 45.99 -23.86 -13.29
N GLY B 337 44.98 -24.72 -13.15
CA GLY B 337 44.49 -25.45 -14.29
C GLY B 337 43.43 -24.60 -14.97
N ASP B 338 43.73 -24.16 -16.18
CA ASP B 338 42.75 -23.46 -17.02
C ASP B 338 42.19 -24.46 -18.05
N ASP B 339 42.98 -24.82 -19.05
CA ASP B 339 42.53 -25.82 -20.02
C ASP B 339 42.48 -27.20 -19.37
N LEU B 340 43.32 -27.41 -18.35
CA LEU B 340 43.31 -28.66 -17.62
C LEU B 340 41.93 -29.09 -17.15
N PHE B 341 41.11 -28.12 -16.74
CA PHE B 341 39.84 -28.41 -16.07
C PHE B 341 38.60 -27.93 -16.82
N VAL B 342 38.78 -26.97 -17.73
CA VAL B 342 37.67 -26.26 -18.37
C VAL B 342 36.43 -26.14 -17.48
N THR B 343 36.64 -25.59 -16.27
CA THR B 343 35.58 -25.40 -15.28
C THR B 343 34.66 -26.63 -15.19
N ASN B 344 35.22 -27.80 -15.51
CA ASN B 344 34.52 -29.08 -15.48
C ASN B 344 34.79 -29.86 -14.19
N THR B 345 33.75 -30.07 -13.39
CA THR B 345 33.93 -30.69 -12.07
C THR B 345 34.36 -32.17 -12.12
N GLU B 346 34.18 -32.80 -13.27
CA GLU B 346 34.67 -34.16 -13.44
C GLU B 346 36.17 -34.08 -13.61
N ARG B 347 36.63 -33.21 -14.51
CA ARG B 347 38.06 -33.06 -14.69
C ARG B 347 38.71 -32.53 -13.41
N LEU B 348 38.04 -31.60 -12.73
CA LEU B 348 38.58 -31.05 -11.49
C LEU B 348 38.78 -32.15 -10.47
N ASN B 349 37.74 -32.96 -10.31
CA ASN B 349 37.80 -34.07 -9.39
C ASN B 349 38.95 -35.02 -9.74
N LYS B 350 39.06 -35.38 -11.02
CA LYS B 350 40.18 -36.20 -11.47
C LYS B 350 41.51 -35.62 -11.03
N GLY B 351 41.69 -34.32 -11.28
CA GLY B 351 42.90 -33.63 -10.89
C GLY B 351 43.08 -33.71 -9.39
N ILE B 352 42.03 -33.37 -8.66
CA ILE B 352 42.07 -33.52 -7.21
C ILE B 352 42.51 -34.93 -6.81
N LYS B 353 41.89 -35.95 -7.40
CA LYS B 353 42.20 -37.33 -7.04
C LYS B 353 43.64 -37.71 -7.37
N GLU B 354 44.17 -37.12 -8.44
CA GLU B 354 45.52 -37.47 -8.88
C GLU B 354 46.56 -36.43 -8.50
N ARG B 355 46.21 -35.53 -7.60
CA ARG B 355 47.10 -34.46 -7.14
C ARG B 355 47.70 -33.63 -8.29
N CYS B 356 46.83 -33.14 -9.17
CA CYS B 356 47.24 -32.26 -10.25
C CYS B 356 46.73 -30.85 -10.00
N GLY B 357 47.64 -29.89 -10.07
CA GLY B 357 47.28 -28.52 -9.83
C GLY B 357 46.91 -28.30 -8.38
N ASN B 358 46.85 -27.04 -7.99
CA ASN B 358 46.33 -26.69 -6.68
C ASN B 358 45.41 -25.48 -6.80
N SER B 359 45.02 -25.15 -8.03
CA SER B 359 44.15 -24.01 -8.26
C SER B 359 43.42 -24.20 -9.59
N ILE B 360 42.22 -23.62 -9.69
CA ILE B 360 41.43 -23.73 -10.90
C ILE B 360 40.90 -22.38 -11.37
N LEU B 361 41.06 -22.10 -12.66
CA LEU B 361 40.51 -20.90 -13.26
C LEU B 361 39.04 -21.11 -13.60
N ILE B 362 38.18 -20.30 -12.99
CA ILE B 362 36.74 -20.47 -13.07
C ILE B 362 36.09 -19.57 -14.13
N LYS B 363 35.54 -20.20 -15.16
CA LYS B 363 34.91 -19.45 -16.23
C LYS B 363 33.45 -19.82 -16.33
N LEU B 364 32.62 -18.90 -15.85
CA LEU B 364 31.18 -19.06 -15.81
C LEU B 364 30.63 -19.74 -17.05
N ASN B 365 31.11 -19.31 -18.20
CA ASN B 365 30.51 -19.74 -19.45
C ASN B 365 31.05 -21.07 -19.96
N GLN B 366 32.11 -21.58 -19.36
CA GLN B 366 32.60 -22.91 -19.72
C GLN B 366 31.70 -23.98 -19.16
N ILE B 367 30.96 -23.64 -18.11
CA ILE B 367 30.04 -24.59 -17.50
C ILE B 367 28.59 -24.19 -17.77
N GLY B 368 28.30 -22.90 -17.80
CA GLY B 368 27.05 -22.44 -18.36
C GLY B 368 25.92 -22.08 -17.41
N THR B 369 26.07 -22.33 -16.12
CA THR B 369 25.09 -21.77 -15.20
C THR B 369 25.76 -21.19 -13.95
N VAL B 370 25.02 -20.37 -13.21
CA VAL B 370 25.52 -19.80 -11.99
C VAL B 370 25.70 -20.87 -10.92
N SER B 371 24.69 -21.72 -10.75
CA SER B 371 24.71 -22.71 -9.68
C SER B 371 25.76 -23.76 -9.90
N GLU B 372 25.99 -24.13 -11.15
CA GLU B 372 27.06 -25.07 -11.49
C GLU B 372 28.42 -24.49 -11.21
N THR B 373 28.54 -23.18 -11.37
CA THR B 373 29.80 -22.49 -11.07
C THR B 373 30.07 -22.45 -9.57
N LEU B 374 29.03 -22.27 -8.78
CA LEU B 374 29.16 -22.36 -7.33
C LEU B 374 29.64 -23.76 -6.96
N GLU B 375 29.07 -24.77 -7.59
CA GLU B 375 29.46 -26.13 -7.28
C GLU B 375 30.92 -26.41 -7.63
N ALA B 376 31.37 -25.84 -8.75
CA ALA B 376 32.75 -26.02 -9.15
C ALA B 376 33.64 -25.34 -8.12
N ILE B 377 33.31 -24.11 -7.76
CA ILE B 377 34.09 -23.41 -6.76
C ILE B 377 34.05 -24.13 -5.39
N LYS B 378 32.92 -24.75 -5.06
CA LYS B 378 32.83 -25.45 -3.78
C LYS B 378 33.65 -26.73 -3.81
N MET B 379 33.68 -27.39 -4.96
CA MET B 379 34.51 -28.56 -5.09
C MET B 379 35.98 -28.17 -4.91
N ALA B 380 36.40 -27.09 -5.56
CA ALA B 380 37.80 -26.67 -5.46
C ALA B 380 38.17 -26.33 -4.02
N HIS B 381 37.35 -25.51 -3.38
CA HIS B 381 37.64 -25.04 -2.02
C HIS B 381 37.75 -26.19 -1.00
N LYS B 382 36.82 -27.14 -1.08
CA LYS B 382 36.84 -28.32 -0.20
C LYS B 382 38.16 -29.09 -0.35
N ALA B 383 38.79 -29.00 -1.52
CA ALA B 383 40.03 -29.73 -1.77
C ALA B 383 41.30 -28.92 -1.47
N GLY B 384 41.15 -27.65 -1.11
CA GLY B 384 42.29 -26.81 -0.84
C GLY B 384 42.89 -26.17 -2.08
N TYR B 385 42.13 -26.22 -3.17
CA TYR B 385 42.51 -25.54 -4.40
C TYR B 385 41.96 -24.13 -4.28
N THR B 386 42.70 -23.16 -4.81
CA THR B 386 42.14 -21.83 -4.92
C THR B 386 41.30 -21.80 -6.19
N ALA B 387 40.37 -20.85 -6.25
CA ALA B 387 39.52 -20.67 -7.44
C ALA B 387 39.73 -19.26 -7.95
N VAL B 388 40.33 -19.13 -9.12
CA VAL B 388 40.52 -17.82 -9.73
C VAL B 388 39.36 -17.51 -10.67
N VAL B 389 38.51 -16.56 -10.29
CA VAL B 389 37.36 -16.21 -11.13
C VAL B 389 37.84 -15.39 -12.32
N SER B 390 37.41 -15.77 -13.51
CA SER B 390 38.07 -15.30 -14.73
C SER B 390 37.14 -14.70 -15.78
N HIS B 391 37.67 -13.73 -16.53
CA HIS B 391 36.99 -13.16 -17.68
C HIS B 391 37.22 -14.05 -18.90
N ARG B 392 36.61 -13.70 -20.03
CA ARG B 392 36.99 -14.29 -21.31
C ARG B 392 37.55 -13.16 -22.17
N SER B 393 38.17 -13.50 -23.29
CA SER B 393 38.71 -12.47 -24.20
C SER B 393 37.60 -11.57 -24.76
N GLY B 394 36.44 -12.17 -25.03
CA GLY B 394 35.24 -11.43 -25.38
C GLY B 394 34.37 -11.18 -24.15
N GLU B 395 34.37 -9.95 -23.67
CA GLU B 395 33.60 -9.61 -22.48
C GLU B 395 32.62 -8.51 -22.82
N THR B 396 31.80 -8.14 -21.84
CA THR B 396 30.85 -7.06 -22.01
C THR B 396 30.89 -6.17 -20.78
N GLU B 397 29.94 -5.23 -20.73
CA GLU B 397 29.73 -4.27 -19.65
C GLU B 397 29.38 -4.96 -18.34
N ASP B 398 28.97 -6.22 -18.45
CA ASP B 398 28.56 -7.05 -17.30
C ASP B 398 29.67 -7.13 -16.21
N THR B 399 29.28 -7.11 -14.94
CA THR B 399 30.26 -7.14 -13.86
C THR B 399 30.01 -8.28 -12.89
N THR B 400 29.31 -9.29 -13.37
CA THR B 400 28.95 -10.42 -12.55
C THR B 400 30.14 -11.09 -11.87
N ILE B 401 31.28 -11.17 -12.53
CA ILE B 401 32.37 -11.95 -11.92
C ILE B 401 32.96 -11.23 -10.71
N ALA B 402 32.86 -9.92 -10.69
CA ALA B 402 33.23 -9.15 -9.51
C ALA B 402 32.40 -9.67 -8.32
N ASP B 403 31.08 -9.62 -8.43
CA ASP B 403 30.24 -10.12 -7.35
C ASP B 403 30.48 -11.60 -7.02
N LEU B 404 30.75 -12.39 -8.05
CA LEU B 404 30.97 -13.82 -7.86
C LEU B 404 32.23 -14.05 -7.03
N ALA B 405 33.30 -13.39 -7.43
CA ALA B 405 34.55 -13.45 -6.66
C ALA B 405 34.34 -13.14 -5.16
N VAL B 406 33.62 -12.07 -4.85
CA VAL B 406 33.40 -11.70 -3.44
C VAL B 406 32.43 -12.69 -2.74
N ALA B 407 31.34 -13.02 -3.42
CA ALA B 407 30.32 -13.93 -2.88
C ALA B 407 30.89 -15.23 -2.34
N LEU B 408 31.88 -15.79 -3.02
CA LEU B 408 32.44 -17.05 -2.55
C LEU B 408 33.84 -16.90 -2.03
N ASN B 409 34.20 -15.66 -1.71
CA ASN B 409 35.44 -15.37 -1.01
C ASN B 409 36.65 -16.00 -1.68
N THR B 410 36.71 -15.95 -3.01
CA THR B 410 37.76 -16.69 -3.72
C THR B 410 39.15 -16.08 -3.54
N GLY B 411 39.20 -14.78 -3.27
CA GLY B 411 40.46 -14.14 -2.97
C GLY B 411 41.32 -13.81 -4.19
N GLN B 412 40.89 -14.25 -5.37
CA GLN B 412 41.62 -13.96 -6.59
C GLN B 412 40.68 -13.81 -7.75
N ILE B 413 41.03 -12.89 -8.64
CA ILE B 413 40.25 -12.65 -9.84
C ILE B 413 41.22 -12.37 -10.97
N LYS B 414 40.90 -12.89 -12.15
CA LYS B 414 41.65 -12.58 -13.36
C LYS B 414 40.71 -11.93 -14.36
N THR B 415 40.79 -10.62 -14.49
CA THR B 415 39.85 -9.91 -15.35
C THR B 415 40.48 -8.75 -16.11
N GLY B 416 41.77 -8.88 -16.43
CA GLY B 416 42.39 -7.99 -17.40
C GLY B 416 43.30 -6.88 -16.91
N ALA B 417 43.94 -6.20 -17.86
CA ALA B 417 44.67 -5.00 -17.56
C ALA B 417 43.69 -3.94 -17.12
N PRO B 418 44.19 -2.88 -16.47
CA PRO B 418 43.27 -1.82 -16.06
C PRO B 418 43.05 -0.82 -17.19
N SER B 419 42.62 -1.33 -18.35
CA SER B 419 42.20 -0.49 -19.47
C SER B 419 41.18 -1.29 -20.29
N ARG B 420 40.30 -0.58 -21.01
CA ARG B 420 39.11 -1.14 -21.65
C ARG B 420 38.04 -1.39 -20.57
N SER B 421 36.90 -0.72 -20.69
CA SER B 421 35.91 -0.81 -19.64
C SER B 421 35.26 -2.18 -19.46
N GLU B 422 35.42 -3.10 -20.40
CA GLU B 422 34.86 -4.43 -20.16
C GLU B 422 35.73 -5.15 -19.15
N ARG B 423 36.92 -4.62 -18.91
CA ARG B 423 37.80 -5.10 -17.84
C ARG B 423 37.61 -4.19 -16.64
N VAL B 424 37.78 -2.90 -16.85
CA VAL B 424 37.77 -1.95 -15.74
C VAL B 424 36.43 -1.86 -15.03
N ALA B 425 35.33 -2.15 -15.73
CA ALA B 425 34.03 -2.11 -15.07
C ALA B 425 33.96 -3.10 -13.93
N LYS B 426 34.58 -4.26 -14.10
CA LYS B 426 34.69 -5.23 -13.00
C LYS B 426 35.44 -4.65 -11.81
N TYR B 427 36.51 -3.90 -12.07
CA TYR B 427 37.31 -3.34 -11.01
C TYR B 427 36.48 -2.29 -10.31
N ASN B 428 35.75 -1.49 -11.09
CA ASN B 428 34.90 -0.47 -10.51
C ASN B 428 33.83 -1.08 -9.62
N GLN B 429 33.32 -2.24 -10.03
CA GLN B 429 32.31 -2.90 -9.23
C GLN B 429 32.92 -3.40 -7.93
N LEU B 430 34.16 -3.87 -7.98
CA LEU B 430 34.80 -4.33 -6.75
C LEU B 430 35.04 -3.16 -5.80
N LEU B 431 35.39 -2.00 -6.34
CA LEU B 431 35.42 -0.76 -5.57
C LEU B 431 34.11 -0.54 -4.83
N ARG B 432 32.99 -0.56 -5.55
CA ARG B 432 31.70 -0.25 -4.94
C ARG B 432 31.43 -1.27 -3.87
N ILE B 433 31.84 -2.50 -4.10
CA ILE B 433 31.57 -3.55 -3.12
C ILE B 433 32.37 -3.33 -1.85
N GLU B 434 33.64 -2.98 -2.00
CA GLU B 434 34.48 -2.71 -0.83
C GLU B 434 33.92 -1.57 0.00
N GLU B 435 33.48 -0.52 -0.66
CA GLU B 435 32.79 0.58 0.01
C GLU B 435 31.61 0.06 0.79
N GLU B 436 30.82 -0.79 0.15
CA GLU B 436 29.58 -1.26 0.73
C GLU B 436 29.78 -2.14 1.96
N LEU B 437 30.84 -2.95 1.95
CA LEU B 437 31.20 -3.81 3.08
C LEU B 437 31.73 -3.06 4.30
N GLY B 438 32.28 -1.87 4.10
CA GLY B 438 32.77 -1.07 5.20
C GLY B 438 33.94 -1.70 5.95
N ASP B 439 33.86 -1.72 7.27
CA ASP B 439 34.93 -2.34 8.07
C ASP B 439 35.00 -3.86 7.92
N SER B 440 33.94 -4.48 7.39
CA SER B 440 33.91 -5.94 7.28
C SER B 440 34.70 -6.44 6.08
N ALA B 441 35.00 -5.53 5.16
CA ALA B 441 35.79 -5.88 3.99
C ALA B 441 37.17 -6.38 4.37
N VAL B 442 37.59 -7.45 3.71
CA VAL B 442 38.91 -8.04 3.92
C VAL B 442 39.62 -8.14 2.59
N TYR B 443 40.83 -7.59 2.50
CA TYR B 443 41.68 -7.77 1.34
C TYR B 443 42.87 -8.59 1.78
N PRO B 444 42.96 -9.83 1.28
CA PRO B 444 43.90 -10.83 1.77
C PRO B 444 45.37 -10.62 1.34
N GLY B 445 45.63 -9.91 0.26
CA GLY B 445 46.99 -9.74 -0.23
C GLY B 445 47.75 -11.06 -0.36
N PHE B 446 49.01 -11.10 0.06
N PHE B 446 48.99 -11.06 0.11
CA PHE B 446 49.81 -12.29 -0.16
CA PHE B 446 49.91 -12.19 0.01
C PHE B 446 49.27 -13.53 0.55
C PHE B 446 49.41 -13.47 0.67
N THR B 447 48.46 -13.32 1.60
CA THR B 447 47.89 -14.46 2.31
C THR B 447 46.80 -15.17 1.50
N THR B 448 46.49 -14.66 0.32
CA THR B 448 45.37 -15.23 -0.44
C THR B 448 45.70 -16.57 -1.04
N PHE B 449 47.00 -16.84 -1.25
CA PHE B 449 47.41 -18.07 -1.90
C PHE B 449 47.23 -19.32 -1.04
N ASN C 24 15.05 1.96 6.02
CA ASN C 24 14.02 2.08 7.05
C ASN C 24 13.60 0.74 7.68
N TYR C 25 13.13 -0.22 6.88
CA TYR C 25 12.56 -1.48 7.39
C TYR C 25 13.54 -2.47 8.06
N LEU C 26 14.84 -2.31 7.81
CA LEU C 26 15.85 -3.11 8.46
C LEU C 26 16.47 -2.38 9.66
N GLU C 27 15.90 -1.24 10.02
CA GLU C 27 16.45 -0.42 11.09
C GLU C 27 16.04 -0.96 12.46
N ILE C 28 17.00 -1.09 13.36
CA ILE C 28 16.71 -1.57 14.70
C ILE C 28 16.02 -0.48 15.52
N GLU C 29 14.82 -0.78 16.02
CA GLU C 29 14.08 0.12 16.88
C GLU C 29 14.40 -0.11 18.36
N LYS C 30 14.63 -1.36 18.73
CA LYS C 30 14.64 -1.76 20.14
C LYS C 30 15.20 -3.18 20.26
N VAL C 31 15.96 -3.40 21.32
CA VAL C 31 16.50 -4.73 21.61
C VAL C 31 16.15 -5.01 23.05
N ILE C 32 15.56 -6.17 23.33
CA ILE C 32 15.21 -6.50 24.71
C ILE C 32 15.81 -7.83 25.07
N GLY C 33 16.05 -8.03 26.36
CA GLY C 33 16.63 -9.27 26.85
C GLY C 33 15.67 -9.90 27.83
N ARG C 34 15.78 -11.21 28.00
CA ARG C 34 15.01 -11.87 29.03
C ARG C 34 15.80 -13.05 29.60
N GLU C 35 15.41 -13.50 30.78
CA GLU C 35 16.09 -14.61 31.43
C GLU C 35 15.23 -15.85 31.24
N ILE C 36 15.71 -16.79 30.43
CA ILE C 36 14.99 -18.03 30.20
C ILE C 36 15.74 -19.21 30.82
N ILE C 37 15.23 -20.43 30.66
CA ILE C 37 15.86 -21.60 31.25
C ILE C 37 16.39 -22.52 30.15
N ASP C 38 17.59 -23.06 30.35
CA ASP C 38 18.17 -23.99 29.37
C ASP C 38 17.77 -25.45 29.61
N SER C 39 18.31 -26.36 28.81
CA SER C 39 17.89 -27.75 28.83
C SER C 39 18.29 -28.44 30.11
N ARG C 40 19.21 -27.83 30.84
CA ARG C 40 19.71 -28.44 32.06
C ARG C 40 19.01 -27.87 33.28
N GLY C 41 18.20 -26.84 33.08
CA GLY C 41 17.49 -26.23 34.19
C GLY C 41 18.20 -25.03 34.81
N ASN C 42 19.15 -24.44 34.08
CA ASN C 42 19.79 -23.19 34.50
C ASN C 42 19.42 -22.02 33.59
N PRO C 43 19.48 -20.80 34.12
CA PRO C 43 19.18 -19.57 33.38
C PRO C 43 20.15 -19.34 32.23
N THR C 44 19.64 -18.77 31.15
CA THR C 44 20.50 -18.26 30.11
C THR C 44 19.83 -17.04 29.51
N VAL C 45 20.48 -16.39 28.57
CA VAL C 45 19.98 -15.15 28.01
C VAL C 45 19.28 -15.36 26.70
N GLU C 46 18.11 -14.71 26.56
CA GLU C 46 17.40 -14.64 25.29
C GLU C 46 17.32 -13.18 24.88
N ALA C 47 17.50 -12.91 23.58
CA ALA C 47 17.34 -11.58 23.04
C ALA C 47 16.25 -11.57 22.00
N GLU C 48 15.53 -10.45 21.93
CA GLU C 48 14.56 -10.25 20.87
C GLU C 48 14.90 -8.90 20.26
N VAL C 49 15.12 -8.90 18.94
CA VAL C 49 15.41 -7.66 18.22
C VAL C 49 14.15 -7.24 17.46
N TYR C 50 13.78 -5.96 17.57
CA TYR C 50 12.62 -5.42 16.87
C TYR C 50 13.02 -4.41 15.80
N LEU C 51 12.52 -4.60 14.58
CA LEU C 51 12.87 -3.69 13.49
C LEU C 51 11.72 -2.74 13.16
N ALA C 52 12.06 -1.60 12.57
CA ALA C 52 11.07 -0.59 12.20
C ALA C 52 9.90 -1.17 11.42
N GLY C 53 10.18 -2.11 10.52
CA GLY C 53 9.15 -2.68 9.69
C GLY C 53 8.14 -3.55 10.41
N GLY C 54 8.34 -3.77 11.71
CA GLY C 54 7.43 -4.61 12.46
C GLY C 54 7.93 -6.04 12.68
N VAL C 55 9.07 -6.36 12.10
CA VAL C 55 9.66 -7.70 12.22
C VAL C 55 10.48 -7.86 13.50
N THR C 56 10.46 -9.04 14.10
CA THR C 56 11.38 -9.32 15.20
C THR C 56 12.22 -10.57 14.96
N GLY C 57 13.30 -10.68 15.71
CA GLY C 57 14.21 -11.82 15.64
C GLY C 57 14.48 -12.23 17.07
N ARG C 58 14.64 -13.52 17.30
CA ARG C 58 14.87 -14.04 18.63
C ARG C 58 16.10 -14.94 18.64
N GLY C 59 16.99 -14.70 19.58
CA GLY C 59 18.17 -15.52 19.73
C GLY C 59 18.47 -15.82 21.18
N THR C 60 19.21 -16.89 21.43
CA THR C 60 19.59 -17.25 22.79
C THR C 60 21.04 -17.68 22.84
N ALA C 61 21.63 -17.59 24.03
CA ALA C 61 22.97 -18.08 24.23
C ALA C 61 22.93 -19.43 24.97
N PRO C 62 23.61 -20.45 24.41
CA PRO C 62 23.79 -21.71 25.12
C PRO C 62 24.96 -21.55 26.07
N SER C 63 25.29 -22.59 26.84
CA SER C 63 26.43 -22.49 27.77
C SER C 63 26.95 -23.84 28.24
N GLY C 64 28.22 -23.86 28.66
CA GLY C 64 28.82 -25.06 29.21
C GLY C 64 29.32 -24.89 30.65
N GLY C 68 36.55 -20.48 31.48
CA GLY C 68 37.69 -20.51 30.58
C GLY C 68 38.56 -19.25 30.62
N GLU C 69 39.60 -19.22 29.79
CA GLU C 69 40.55 -18.10 29.76
C GLU C 69 40.92 -17.60 28.35
N PHE C 70 40.72 -18.44 27.34
CA PHE C 70 40.95 -18.02 25.97
C PHE C 70 39.63 -17.80 25.25
N GLU C 71 38.55 -17.77 26.02
CA GLU C 71 37.22 -17.63 25.44
C GLU C 71 36.45 -16.41 25.93
N ALA C 72 35.41 -16.05 25.19
CA ALA C 72 34.50 -15.00 25.61
C ALA C 72 33.83 -15.48 26.90
N LEU C 73 33.59 -14.55 27.82
CA LEU C 73 33.13 -14.93 29.15
C LEU C 73 31.69 -14.52 29.42
N GLU C 74 30.85 -15.50 29.73
CA GLU C 74 29.45 -15.21 30.00
C GLU C 74 29.33 -14.48 31.33
N LEU C 75 28.32 -13.62 31.42
CA LEU C 75 28.05 -12.87 32.63
C LEU C 75 26.95 -13.52 33.47
N ARG C 76 27.32 -14.17 34.57
CA ARG C 76 26.40 -14.63 35.60
C ARG C 76 26.29 -13.66 36.79
N ASP C 77 25.17 -13.69 37.50
CA ASP C 77 24.90 -12.72 38.56
C ASP C 77 25.70 -12.94 39.85
N GLY C 78 25.79 -14.19 40.29
CA GLY C 78 26.54 -14.54 41.49
C GLY C 78 25.73 -14.54 42.78
N ASP C 79 24.48 -14.10 42.70
CA ASP C 79 23.58 -14.10 43.86
C ASP C 79 23.11 -15.51 44.22
N LYS C 80 23.60 -16.03 45.34
CA LYS C 80 23.28 -17.40 45.77
C LYS C 80 21.81 -17.53 46.12
N GLY C 81 21.15 -16.40 46.35
CA GLY C 81 19.71 -16.37 46.61
C GLY C 81 18.90 -16.83 45.41
N ARG C 82 19.41 -16.60 44.20
CA ARG C 82 18.70 -16.93 42.97
C ARG C 82 19.42 -17.98 42.12
N PHE C 83 18.73 -19.08 41.83
CA PHE C 83 19.22 -20.07 40.87
C PHE C 83 20.56 -20.66 41.25
N GLY C 84 20.90 -20.54 42.54
CA GLY C 84 22.19 -21.01 43.01
C GLY C 84 23.33 -20.21 42.39
N GLY C 85 23.11 -18.91 42.19
CA GLY C 85 24.14 -18.00 41.69
C GLY C 85 24.29 -17.86 40.19
N LYS C 86 23.47 -18.59 39.43
CA LYS C 86 23.62 -18.65 37.97
C LYS C 86 22.63 -17.78 37.21
N GLY C 87 22.02 -16.82 37.90
CA GLY C 87 21.09 -15.90 37.27
C GLY C 87 21.80 -15.11 36.19
N VAL C 88 21.04 -14.52 35.29
CA VAL C 88 21.62 -13.74 34.20
C VAL C 88 20.89 -12.40 34.02
N THR C 89 20.36 -11.85 35.12
CA THR C 89 19.66 -10.56 35.08
C THR C 89 20.59 -9.37 34.79
N LYS C 90 21.89 -9.54 35.02
CA LYS C 90 22.82 -8.46 34.72
C LYS C 90 23.06 -8.40 33.22
N ALA C 91 23.24 -9.56 32.61
CA ALA C 91 23.42 -9.65 31.16
C ALA C 91 22.16 -9.11 30.50
N VAL C 92 21.01 -9.54 30.99
CA VAL C 92 19.73 -9.07 30.49
C VAL C 92 19.57 -7.55 30.60
N GLN C 93 20.02 -6.96 31.70
CA GLN C 93 19.95 -5.50 31.83
C GLN C 93 20.93 -4.80 30.90
N ASN C 94 22.05 -5.45 30.60
CA ASN C 94 22.99 -4.89 29.61
C ASN C 94 22.34 -4.77 28.24
N ILE C 95 21.44 -5.69 27.94
CA ILE C 95 20.75 -5.67 26.67
C ILE C 95 19.69 -4.56 26.69
N ASN C 96 18.87 -4.53 27.73
CA ASN C 96 17.76 -3.60 27.74
C ASN C 96 18.17 -2.14 27.73
N THR C 97 19.35 -1.87 28.25
CA THR C 97 19.78 -0.48 28.34
C THR C 97 20.90 -0.22 27.35
N GLU C 98 22.12 -0.55 27.74
CA GLU C 98 23.28 -0.17 26.94
C GLU C 98 23.27 -0.69 25.51
N ILE C 99 22.99 -1.98 25.33
CA ILE C 99 23.08 -2.58 24.00
C ILE C 99 21.94 -2.14 23.09
N SER C 100 20.75 -1.96 23.67
CA SER C 100 19.61 -1.51 22.89
C SER C 100 19.86 -0.09 22.39
N GLU C 101 20.37 0.76 23.29
CA GLU C 101 20.67 2.14 22.95
C GLU C 101 21.71 2.23 21.84
N ILE C 102 22.76 1.43 21.97
CA ILE C 102 23.84 1.38 20.98
C ILE C 102 23.40 0.94 19.58
N LEU C 103 22.58 -0.10 19.51
CA LEU C 103 22.18 -0.68 18.23
C LEU C 103 21.00 0.03 17.59
N SER C 104 20.22 0.75 18.38
CA SER C 104 19.06 1.41 17.81
C SER C 104 19.48 2.33 16.69
N GLY C 105 18.79 2.21 15.56
CA GLY C 105 19.09 3.05 14.41
C GLY C 105 19.95 2.34 13.39
N MET C 106 20.62 1.27 13.80
CA MET C 106 21.46 0.51 12.89
C MET C 106 20.69 -0.43 11.94
N ASP C 107 21.35 -0.83 10.87
CA ASP C 107 20.80 -1.71 9.86
C ASP C 107 21.07 -3.15 10.29
N ALA C 108 20.01 -3.91 10.59
CA ALA C 108 20.18 -5.25 11.16
C ALA C 108 20.84 -6.24 10.20
N SER C 109 20.81 -5.93 8.91
CA SER C 109 21.46 -6.78 7.92
C SER C 109 22.99 -6.62 7.93
N ASP C 110 23.48 -5.54 8.53
CA ASP C 110 24.92 -5.34 8.65
C ASP C 110 25.42 -5.91 9.98
N ILE C 111 25.41 -7.23 10.08
CA ILE C 111 25.74 -7.91 11.32
C ILE C 111 27.18 -7.70 11.77
N TYR C 112 28.09 -7.52 10.81
CA TYR C 112 29.46 -7.18 11.14
C TYR C 112 29.53 -5.84 11.89
N ALA C 113 28.78 -4.86 11.41
CA ALA C 113 28.73 -3.53 12.02
C ALA C 113 28.07 -3.61 13.40
N VAL C 114 26.96 -4.32 13.46
CA VAL C 114 26.27 -4.55 14.71
C VAL C 114 27.16 -5.24 15.74
N ASP C 115 27.81 -6.35 15.34
CA ASP C 115 28.70 -7.06 16.23
C ASP C 115 29.82 -6.16 16.73
N ARG C 116 30.33 -5.34 15.81
CA ARG C 116 31.46 -4.47 16.08
C ARG C 116 31.09 -3.41 17.10
N ALA C 117 29.91 -2.82 16.95
CA ALA C 117 29.39 -1.81 17.87
C ALA C 117 29.30 -2.38 19.29
N MET C 118 28.79 -3.60 19.37
CA MET C 118 28.71 -4.28 20.66
C MET C 118 30.10 -4.54 21.23
N ILE C 119 30.98 -5.11 20.43
CA ILE C 119 32.34 -5.41 20.87
C ILE C 119 33.08 -4.17 21.34
N ASP C 120 32.87 -3.06 20.64
CA ASP C 120 33.63 -1.84 20.94
C ASP C 120 33.06 -1.16 22.16
N ALA C 121 31.73 -1.15 22.30
CA ALA C 121 31.12 -0.58 23.49
C ALA C 121 31.49 -1.40 24.74
N ASP C 122 31.58 -2.71 24.60
CA ASP C 122 31.94 -3.57 25.71
C ASP C 122 33.34 -3.29 26.21
N GLY C 123 34.25 -2.99 25.29
CA GLY C 123 35.60 -2.58 25.63
C GLY C 123 36.60 -3.67 26.02
N THR C 124 36.12 -4.85 26.36
CA THR C 124 37.02 -5.90 26.83
C THR C 124 37.37 -6.85 25.70
N LYS C 125 38.40 -7.65 25.91
CA LYS C 125 38.90 -8.58 24.90
C LYS C 125 38.08 -9.87 24.87
N ASP C 126 37.25 -10.05 25.89
CA ASP C 126 36.53 -11.30 26.05
C ASP C 126 35.06 -11.07 26.39
N LYS C 127 34.56 -9.87 26.10
CA LYS C 127 33.15 -9.54 26.22
C LYS C 127 32.68 -9.67 27.65
N SER C 128 33.62 -9.50 28.59
CA SER C 128 33.31 -9.70 30.01
C SER C 128 32.42 -8.61 30.60
N LYS C 129 32.47 -7.40 30.05
CA LYS C 129 31.60 -6.33 30.55
C LYS C 129 30.11 -6.59 30.26
N PHE C 130 29.71 -6.57 29.00
CA PHE C 130 28.31 -6.89 28.67
C PHE C 130 27.99 -8.34 28.97
N GLY C 131 28.98 -9.22 28.85
CA GLY C 131 28.73 -10.65 28.99
C GLY C 131 28.60 -11.28 27.60
N ALA C 132 29.33 -12.36 27.36
CA ALA C 132 29.33 -12.99 26.05
C ALA C 132 27.99 -13.62 25.76
N ASN C 133 27.25 -13.95 26.82
CA ASN C 133 25.91 -14.49 26.66
C ASN C 133 24.94 -13.42 26.13
N ALA C 134 25.11 -12.19 26.63
CA ALA C 134 24.29 -11.07 26.17
C ALA C 134 24.58 -10.75 24.71
N VAL C 135 25.87 -10.62 24.41
CA VAL C 135 26.30 -10.20 23.11
C VAL C 135 25.92 -11.21 22.02
N LEU C 136 26.14 -12.50 22.28
CA LEU C 136 25.79 -13.52 21.31
C LEU C 136 24.30 -13.55 21.08
N ALA C 137 23.54 -13.44 22.17
CA ALA C 137 22.09 -13.53 22.06
C ALA C 137 21.55 -12.45 21.11
N VAL C 138 22.01 -11.23 21.27
CA VAL C 138 21.59 -10.13 20.40
C VAL C 138 22.06 -10.35 18.96
N SER C 139 23.30 -10.81 18.82
CA SER C 139 23.91 -11.03 17.52
C SER C 139 23.03 -12.01 16.72
N ILE C 140 22.73 -13.15 17.32
CA ILE C 140 21.84 -14.10 16.69
C ILE C 140 20.47 -13.45 16.44
N ALA C 141 19.95 -12.73 17.41
CA ALA C 141 18.62 -12.18 17.27
C ALA C 141 18.54 -11.24 16.07
N CYS C 142 19.63 -10.52 15.79
CA CYS C 142 19.64 -9.60 14.65
C CYS C 142 19.67 -10.32 13.33
N ALA C 143 20.47 -11.37 13.25
CA ALA C 143 20.59 -12.10 12.00
C ALA C 143 19.23 -12.65 11.68
N LYS C 144 18.55 -13.17 12.70
CA LYS C 144 17.22 -13.73 12.50
C LYS C 144 16.25 -12.65 12.11
N ALA C 145 16.36 -11.50 12.76
CA ALA C 145 15.52 -10.35 12.40
C ALA C 145 15.76 -9.90 10.96
N ALA C 146 17.03 -9.78 10.58
CA ALA C 146 17.37 -9.36 9.23
C ALA C 146 16.84 -10.36 8.23
N ALA C 147 17.06 -11.64 8.49
CA ALA C 147 16.64 -12.69 7.59
C ALA C 147 15.15 -12.59 7.36
N ALA C 148 14.42 -12.46 8.46
CA ALA C 148 12.96 -12.40 8.37
C ALA C 148 12.48 -11.16 7.63
N ALA C 149 13.14 -10.03 7.86
CA ALA C 149 12.81 -8.79 7.20
C ALA C 149 13.06 -8.88 5.69
N LEU C 150 14.08 -9.64 5.31
CA LEU C 150 14.40 -9.82 3.89
C LEU C 150 13.56 -10.93 3.27
N GLY C 151 12.91 -11.73 4.11
CA GLY C 151 12.02 -12.78 3.63
C GLY C 151 12.80 -13.99 3.16
N VAL C 152 13.95 -14.26 3.79
CA VAL C 152 14.76 -15.42 3.46
C VAL C 152 15.04 -16.26 4.70
N PRO C 153 15.28 -17.57 4.50
CA PRO C 153 15.69 -18.44 5.62
C PRO C 153 16.98 -17.91 6.20
N LEU C 154 17.24 -18.19 7.46
CA LEU C 154 18.48 -17.80 8.08
C LEU C 154 19.71 -18.32 7.32
N TYR C 155 19.68 -19.57 6.87
CA TYR C 155 20.86 -20.11 6.15
C TYR C 155 21.13 -19.38 4.85
N ARG C 156 20.08 -18.89 4.19
CA ARG C 156 20.27 -18.09 2.98
C ARG C 156 20.81 -16.70 3.33
N PHE C 157 20.37 -16.13 4.46
CA PHE C 157 20.87 -14.83 4.86
C PHE C 157 22.36 -14.93 5.18
N LEU C 158 22.73 -15.99 5.87
CA LEU C 158 24.13 -16.20 6.29
C LEU C 158 25.08 -16.63 5.18
N GLY C 159 24.66 -17.56 4.35
CA GLY C 159 25.55 -18.15 3.36
C GLY C 159 25.10 -17.94 1.91
N GLY C 160 23.91 -17.42 1.73
CA GLY C 160 23.42 -17.08 0.42
C GLY C 160 23.02 -18.30 -0.39
N LEU C 161 22.93 -18.11 -1.70
CA LEU C 161 22.56 -19.18 -2.62
C LEU C 161 23.57 -20.29 -2.51
N ASN C 162 24.75 -19.97 -2.00
CA ASN C 162 25.84 -20.94 -2.02
C ASN C 162 25.65 -22.00 -0.95
N ALA C 163 24.64 -21.79 -0.11
CA ALA C 163 24.41 -22.67 1.03
C ALA C 163 23.48 -23.84 0.67
N ASN C 164 24.04 -25.03 0.50
CA ASN C 164 23.21 -26.20 0.16
C ASN C 164 23.70 -27.53 0.70
N ARG C 165 24.70 -27.50 1.57
CA ARG C 165 25.26 -28.74 2.14
C ARG C 165 24.62 -29.04 3.46
N LEU C 166 23.85 -30.12 3.53
CA LEU C 166 23.37 -30.64 4.81
C LEU C 166 24.54 -31.31 5.53
N PRO C 167 24.69 -31.07 6.85
CA PRO C 167 25.86 -31.65 7.52
C PRO C 167 25.63 -33.10 7.88
N VAL C 168 26.72 -33.87 7.93
CA VAL C 168 26.67 -35.21 8.50
C VAL C 168 26.74 -35.06 10.00
N PRO C 169 25.74 -35.58 10.73
CA PRO C 169 25.76 -35.47 12.19
C PRO C 169 26.63 -36.53 12.83
N MET C 170 27.33 -36.14 13.89
CA MET C 170 27.93 -37.11 14.78
C MET C 170 27.15 -37.07 16.09
N MET C 171 26.40 -38.15 16.34
CA MET C 171 25.47 -38.21 17.45
C MET C 171 26.03 -39.01 18.62
N ASN C 172 26.08 -38.36 19.77
CA ASN C 172 26.69 -38.86 21.00
C ASN C 172 25.75 -39.77 21.78
N ILE C 173 25.63 -41.03 21.37
CA ILE C 173 24.62 -41.91 21.94
C ILE C 173 25.10 -42.75 23.11
N LEU C 174 26.38 -42.71 23.40
CA LEU C 174 26.94 -43.42 24.56
C LEU C 174 27.98 -42.53 25.24
N ASN C 175 27.90 -42.35 26.55
CA ASN C 175 28.74 -41.38 27.27
C ASN C 175 29.70 -42.00 28.27
N GLY C 176 30.90 -41.43 28.37
CA GLY C 176 31.84 -41.78 29.40
C GLY C 176 32.35 -40.49 30.02
N GLY C 177 33.55 -40.52 30.57
CA GLY C 177 34.20 -39.29 31.01
C GLY C 177 33.75 -38.75 32.35
N ALA C 178 34.13 -37.51 32.61
CA ALA C 178 34.03 -36.91 33.94
C ALA C 178 32.70 -37.16 34.66
N HIS C 179 31.60 -36.82 34.02
CA HIS C 179 30.33 -36.82 34.73
C HIS C 179 29.43 -37.97 34.33
N ALA C 180 30.05 -39.09 33.97
CA ALA C 180 29.33 -40.32 33.70
C ALA C 180 29.67 -41.39 34.73
N ALA C 181 28.61 -42.02 35.25
CA ALA C 181 28.74 -43.08 36.24
C ALA C 181 28.96 -44.42 35.55
N ASN C 182 30.19 -44.62 35.11
CA ASN C 182 30.62 -45.87 34.52
C ASN C 182 32.13 -45.84 34.44
N THR C 183 32.71 -46.91 33.93
CA THR C 183 34.17 -47.03 33.92
C THR C 183 34.79 -46.56 32.60
N VAL C 184 34.07 -45.73 31.87
CA VAL C 184 34.49 -45.34 30.54
C VAL C 184 35.14 -43.98 30.60
N ASP C 185 36.37 -43.88 30.13
CA ASP C 185 37.14 -42.64 30.25
C ASP C 185 36.88 -41.68 29.10
N VAL C 186 36.72 -42.23 27.91
CA VAL C 186 36.37 -41.41 26.76
C VAL C 186 34.99 -40.79 26.96
N GLN C 187 34.91 -39.51 26.66
CA GLN C 187 33.75 -38.70 27.02
C GLN C 187 32.51 -38.88 26.15
N GLU C 188 32.70 -38.87 24.83
CA GLU C 188 31.56 -38.97 23.92
C GLU C 188 31.85 -40.03 22.90
N PHE C 189 30.85 -40.87 22.62
CA PHE C 189 30.98 -41.89 21.60
C PHE C 189 29.91 -41.64 20.56
N MET C 190 30.30 -41.29 19.33
CA MET C 190 29.33 -40.80 18.37
C MET C 190 29.23 -41.67 17.12
N ILE C 191 28.02 -41.83 16.62
CA ILE C 191 27.79 -42.46 15.32
C ILE C 191 27.63 -41.40 14.24
N MET C 192 28.15 -41.69 13.04
CA MET C 192 28.01 -40.80 11.91
C MET C 192 27.45 -41.58 10.73
N PRO C 193 26.25 -41.20 10.26
CA PRO C 193 25.57 -41.91 9.17
C PRO C 193 26.12 -41.57 7.79
N VAL C 194 27.31 -42.06 7.48
CA VAL C 194 28.00 -41.67 6.27
C VAL C 194 27.45 -42.31 4.99
N GLY C 195 26.72 -43.41 5.15
CA GLY C 195 26.18 -44.11 3.99
C GLY C 195 24.91 -43.51 3.39
N ALA C 196 24.18 -42.74 4.19
CA ALA C 196 22.89 -42.18 3.78
C ALA C 196 22.99 -41.25 2.59
N GLU C 197 21.91 -41.11 1.84
CA GLU C 197 21.93 -40.27 0.65
C GLU C 197 21.16 -38.95 0.82
N SER C 198 20.48 -38.81 1.96
CA SER C 198 19.83 -37.56 2.31
C SER C 198 19.98 -37.39 3.81
N PHE C 199 19.92 -36.15 4.29
CA PHE C 199 19.89 -35.94 5.72
C PHE C 199 18.67 -36.66 6.33
N ARG C 200 17.54 -36.58 5.64
CA ARG C 200 16.33 -37.30 6.05
C ARG C 200 16.64 -38.76 6.35
N GLU C 201 17.24 -39.44 5.38
CA GLU C 201 17.59 -40.84 5.57
C GLU C 201 18.57 -40.98 6.72
N ALA C 202 19.60 -40.14 6.73
CA ALA C 202 20.61 -40.18 7.78
C ALA C 202 20.00 -40.05 9.18
N LEU C 203 19.13 -39.08 9.37
CA LEU C 203 18.56 -38.89 10.70
C LEU C 203 17.75 -40.13 11.11
N ARG C 204 17.00 -40.70 10.17
CA ARG C 204 16.19 -41.87 10.46
C ARG C 204 17.02 -43.05 10.93
N GLN C 205 18.07 -43.36 10.17
CA GLN C 205 18.98 -44.42 10.56
C GLN C 205 19.57 -44.15 11.95
N CYS C 206 20.02 -42.93 12.19
CA CYS C 206 20.47 -42.59 13.54
C CYS C 206 19.44 -42.96 14.64
N THR C 207 18.19 -42.55 14.47
CA THR C 207 17.19 -42.89 15.49
C THR C 207 17.14 -44.39 15.68
N GLU C 208 17.18 -45.12 14.57
CA GLU C 208 17.05 -46.59 14.58
C GLU C 208 18.20 -47.29 15.33
N VAL C 209 19.42 -46.85 15.09
CA VAL C 209 20.54 -47.31 15.88
C VAL C 209 20.37 -46.93 17.35
N PHE C 210 19.81 -45.76 17.60
CA PHE C 210 19.64 -45.26 18.97
C PHE C 210 18.73 -46.18 19.77
N HIS C 211 17.58 -46.54 19.18
CA HIS C 211 16.66 -47.43 19.88
C HIS C 211 17.21 -48.85 19.98
N ALA C 212 17.98 -49.28 19.00
CA ALA C 212 18.59 -50.60 19.05
C ALA C 212 19.54 -50.68 20.25
N LEU C 213 20.38 -49.66 20.43
CA LEU C 213 21.30 -49.65 21.55
C LEU C 213 20.52 -49.68 22.86
N ALA C 214 19.42 -48.93 22.92
CA ALA C 214 18.62 -48.93 24.13
C ALA C 214 18.10 -50.33 24.44
N GLY C 215 17.57 -50.99 23.42
CA GLY C 215 17.08 -52.35 23.58
C GLY C 215 18.19 -53.31 23.99
N LEU C 216 19.41 -53.00 23.58
CA LEU C 216 20.56 -53.82 23.94
C LEU C 216 20.93 -53.59 25.39
N LEU C 217 20.96 -52.34 25.80
CA LEU C 217 21.29 -52.01 27.17
C LEU C 217 20.24 -52.58 28.11
N LYS C 218 18.98 -52.54 27.67
CA LYS C 218 17.91 -53.05 28.51
C LYS C 218 18.05 -54.55 28.70
N SER C 219 18.38 -55.25 27.62
CA SER C 219 18.52 -56.71 27.66
C SER C 219 19.68 -57.14 28.57
N LYS C 220 20.64 -56.24 28.77
CA LYS C 220 21.80 -56.52 29.63
C LYS C 220 21.62 -55.93 31.04
N GLY C 221 20.41 -55.48 31.36
CA GLY C 221 20.14 -54.94 32.68
C GLY C 221 20.66 -53.54 32.94
N LEU C 222 21.04 -52.82 31.89
CA LEU C 222 21.68 -51.52 32.07
C LEU C 222 20.73 -50.33 31.94
N ALA C 223 21.11 -49.22 32.58
CA ALA C 223 20.30 -48.01 32.60
C ALA C 223 20.15 -47.38 31.21
N THR C 224 18.92 -46.99 30.89
CA THR C 224 18.64 -46.34 29.62
C THR C 224 18.11 -44.93 29.82
N SER C 225 18.25 -44.39 31.02
CA SER C 225 17.97 -42.97 31.20
C SER C 225 19.12 -42.22 30.51
N VAL C 226 18.97 -40.89 30.34
CA VAL C 226 19.90 -40.14 29.49
C VAL C 226 20.68 -39.02 30.20
N GLY C 227 21.82 -38.66 29.63
CA GLY C 227 22.60 -37.54 30.13
C GLY C 227 22.20 -36.23 29.47
N ASP C 228 22.98 -35.19 29.76
CA ASP C 228 22.73 -33.85 29.21
C ASP C 228 22.43 -33.81 27.71
N GLU C 229 23.09 -34.67 26.94
CA GLU C 229 23.05 -34.57 25.49
C GLU C 229 22.17 -35.64 24.83
N GLY C 230 21.35 -36.31 25.64
CA GLY C 230 20.39 -37.26 25.13
C GLY C 230 20.89 -38.67 24.98
N GLY C 231 22.17 -38.87 25.29
CA GLY C 231 22.82 -40.17 25.14
C GLY C 231 22.80 -40.99 26.42
N PHE C 232 23.08 -42.28 26.29
CA PHE C 232 23.05 -43.17 27.43
C PHE C 232 24.39 -43.19 28.14
N ALA C 233 24.37 -43.40 29.46
CA ALA C 233 25.59 -43.59 30.23
C ALA C 233 25.53 -44.90 31.02
N PRO C 234 25.40 -46.03 30.31
CA PRO C 234 25.23 -47.32 30.97
C PRO C 234 26.54 -47.72 31.63
N ASP C 235 26.47 -48.56 32.67
CA ASP C 235 27.67 -48.92 33.42
C ASP C 235 28.51 -49.94 32.68
N LEU C 236 29.31 -49.45 31.74
CA LEU C 236 30.15 -50.33 30.94
C LEU C 236 31.59 -50.30 31.44
N ALA C 237 32.35 -51.30 31.02
CA ALA C 237 33.68 -51.55 31.58
C ALA C 237 34.75 -50.61 31.07
N SER C 238 34.69 -50.30 29.77
CA SER C 238 35.76 -49.56 29.12
C SER C 238 35.35 -48.98 27.77
N ASP C 239 36.23 -48.13 27.24
CA ASP C 239 36.11 -47.60 25.89
C ASP C 239 35.80 -48.73 24.90
N GLU C 240 36.62 -49.78 24.92
CA GLU C 240 36.49 -50.87 23.96
C GLU C 240 35.11 -51.50 24.08
N GLU C 241 34.63 -51.67 25.30
CA GLU C 241 33.30 -52.25 25.45
C GLU C 241 32.23 -51.28 24.91
N ALA C 242 32.39 -50.00 25.22
CA ALA C 242 31.45 -48.97 24.73
C ALA C 242 31.34 -49.04 23.22
N ILE C 243 32.49 -49.06 22.55
CA ILE C 243 32.54 -49.18 21.10
C ILE C 243 31.84 -50.42 20.59
N GLU C 244 32.06 -51.55 21.25
CA GLU C 244 31.49 -52.81 20.77
C GLU C 244 30.00 -52.83 20.92
N TYR C 245 29.49 -52.20 21.98
CA TYR C 245 28.05 -52.06 22.16
C TYR C 245 27.41 -51.21 21.07
N ILE C 246 28.11 -50.15 20.66
CA ILE C 246 27.56 -49.25 19.64
C ILE C 246 27.59 -49.95 18.32
N LEU C 247 28.68 -50.63 18.04
CA LEU C 247 28.79 -51.41 16.82
C LEU C 247 27.73 -52.50 16.77
N GLU C 248 27.38 -53.03 17.93
CA GLU C 248 26.32 -54.01 18.03
C GLU C 248 24.97 -53.36 17.74
N ALA C 249 24.75 -52.19 18.32
CA ALA C 249 23.50 -51.46 18.05
C ALA C 249 23.35 -51.27 16.55
N VAL C 250 24.42 -50.81 15.91
CA VAL C 250 24.41 -50.56 14.48
C VAL C 250 23.97 -51.80 13.74
N LYS C 251 24.55 -52.93 14.13
CA LYS C 251 24.29 -54.21 13.48
C LYS C 251 22.85 -54.62 13.69
N LEU C 252 22.40 -54.54 14.92
CA LEU C 252 21.03 -54.84 15.29
C LEU C 252 20.06 -54.02 14.45
N ALA C 253 20.40 -52.75 14.23
CA ALA C 253 19.48 -51.83 13.57
C ALA C 253 19.39 -52.17 12.10
N GLY C 254 20.31 -53.00 11.61
CA GLY C 254 20.25 -53.46 10.24
C GLY C 254 21.32 -52.87 9.35
N TYR C 255 22.31 -52.22 9.95
CA TYR C 255 23.30 -51.48 9.18
C TYR C 255 24.69 -52.09 9.32
N GLU C 256 25.56 -51.78 8.37
CA GLU C 256 26.94 -52.27 8.36
C GLU C 256 27.89 -51.18 8.82
N PRO C 257 28.68 -51.46 9.87
CA PRO C 257 29.76 -50.54 10.22
C PRO C 257 30.67 -50.35 9.01
N GLY C 258 31.16 -49.14 8.80
CA GLY C 258 31.95 -48.84 7.62
C GLY C 258 31.10 -48.29 6.48
N ARG C 259 30.29 -49.14 5.87
CA ARG C 259 29.46 -48.69 4.77
C ARG C 259 28.41 -47.67 5.23
N ASP C 260 27.72 -47.96 6.32
CA ASP C 260 26.60 -47.15 6.78
C ASP C 260 26.96 -46.19 7.90
N PHE C 261 27.79 -46.66 8.83
CA PHE C 261 28.10 -45.90 10.04
C PHE C 261 29.56 -45.98 10.40
N VAL C 262 30.11 -44.87 10.82
CA VAL C 262 31.44 -44.88 11.37
C VAL C 262 31.32 -44.13 12.68
N LEU C 263 32.38 -44.14 13.46
CA LEU C 263 32.33 -43.59 14.79
C LEU C 263 33.22 -42.38 14.89
N ALA C 264 32.83 -41.47 15.75
CA ALA C 264 33.67 -40.35 16.09
C ALA C 264 33.77 -40.41 17.59
N MET C 265 34.85 -39.91 18.16
CA MET C 265 34.97 -39.91 19.60
C MET C 265 35.42 -38.55 20.08
N ASP C 266 34.96 -38.17 21.27
CA ASP C 266 35.60 -37.07 21.98
C ASP C 266 36.30 -37.67 23.20
N ALA C 267 37.62 -37.62 23.16
CA ALA C 267 38.42 -38.18 24.23
C ALA C 267 38.48 -37.18 25.39
N ALA C 268 38.34 -35.90 25.06
CA ALA C 268 38.47 -34.87 26.08
C ALA C 268 39.70 -35.16 26.93
N SER C 269 40.83 -35.42 26.27
CA SER C 269 42.02 -35.86 26.97
C SER C 269 42.68 -34.74 27.77
N SER C 270 42.10 -33.55 27.76
CA SER C 270 42.63 -32.49 28.61
C SER C 270 42.25 -32.77 30.07
N GLU C 271 41.33 -33.74 30.25
CA GLU C 271 40.89 -34.20 31.57
C GLU C 271 41.77 -35.33 32.10
N TRP C 272 42.75 -35.74 31.28
CA TRP C 272 43.59 -36.89 31.59
C TRP C 272 45.01 -36.47 32.00
N LYS C 273 45.17 -35.29 32.58
CA LYS C 273 46.50 -34.73 32.84
C LYS C 273 47.40 -35.62 33.72
N GLY C 274 48.63 -35.85 33.25
CA GLY C 274 49.59 -36.64 33.99
C GLY C 274 50.36 -35.80 35.01
N GLU C 275 51.44 -36.37 35.55
CA GLU C 275 52.23 -35.68 36.56
C GLU C 275 52.98 -34.52 35.93
N LYS C 276 53.46 -34.72 34.70
CA LYS C 276 54.05 -33.63 33.94
C LYS C 276 53.51 -33.57 32.52
N LYS C 277 53.66 -32.40 31.91
CA LYS C 277 53.22 -32.16 30.54
C LYS C 277 53.77 -33.23 29.58
N GLY C 278 52.91 -33.74 28.70
CA GLY C 278 53.33 -34.79 27.78
C GLY C 278 53.06 -36.18 28.34
N GLU C 279 52.49 -36.21 29.53
CA GLU C 279 52.07 -37.47 30.17
C GLU C 279 50.58 -37.48 30.47
N TYR C 280 49.96 -38.64 30.26
CA TYR C 280 48.53 -38.78 30.52
C TYR C 280 48.22 -39.93 31.46
N ILE C 281 47.23 -39.73 32.32
CA ILE C 281 46.67 -40.83 33.10
C ILE C 281 45.15 -40.78 33.01
N LEU C 282 44.56 -41.77 32.35
CA LEU C 282 43.11 -41.89 32.31
C LEU C 282 42.59 -42.01 33.74
N PRO C 283 41.73 -41.07 34.16
CA PRO C 283 41.28 -40.91 35.56
C PRO C 283 40.55 -42.11 36.16
N LYS C 284 39.90 -42.94 35.32
CA LYS C 284 39.21 -44.14 35.80
C LYS C 284 40.09 -45.39 35.64
N CYS C 285 40.32 -45.76 34.39
CA CYS C 285 41.32 -46.74 33.97
C CYS C 285 42.58 -46.71 34.82
N LYS C 286 43.10 -45.51 35.08
CA LYS C 286 44.41 -45.31 35.70
C LYS C 286 45.56 -45.69 34.76
N ARG C 287 45.22 -46.14 33.55
CA ARG C 287 46.22 -46.43 32.54
C ARG C 287 47.06 -45.18 32.26
N LYS C 288 48.37 -45.36 32.07
CA LYS C 288 49.29 -44.24 31.85
C LYS C 288 49.77 -44.17 30.40
N PHE C 289 50.11 -42.97 29.94
CA PHE C 289 50.61 -42.75 28.57
C PHE C 289 51.61 -41.62 28.43
N ALA C 290 52.54 -41.79 27.50
CA ALA C 290 53.28 -40.66 26.95
C ALA C 290 52.49 -40.22 25.73
N SER C 291 52.59 -38.94 25.38
CA SER C 291 51.89 -38.43 24.19
C SER C 291 52.01 -39.43 23.05
N GLU C 292 53.25 -39.73 22.68
N GLU C 292 53.25 -39.73 22.68
CA GLU C 292 53.50 -40.65 21.57
CA GLU C 292 53.51 -40.65 21.58
C GLU C 292 52.88 -42.02 21.79
C GLU C 292 52.86 -42.01 21.80
N GLU C 293 52.71 -42.39 23.06
CA GLU C 293 52.08 -43.67 23.39
C GLU C 293 50.57 -43.60 23.19
N LEU C 294 49.96 -42.55 23.74
CA LEU C 294 48.53 -42.32 23.57
C LEU C 294 48.15 -42.32 22.09
N VAL C 295 49.00 -41.71 21.26
CA VAL C 295 48.81 -41.68 19.82
C VAL C 295 48.78 -43.07 19.19
N ALA C 296 49.67 -43.95 19.62
CA ALA C 296 49.66 -45.32 19.12
C ALA C 296 48.37 -46.01 19.56
N HIS C 297 47.90 -45.65 20.75
CA HIS C 297 46.62 -46.18 21.24
C HIS C 297 45.45 -45.81 20.31
N TRP C 298 45.41 -44.54 19.88
CA TRP C 298 44.38 -44.11 18.94
C TRP C 298 44.56 -44.84 17.63
N LYS C 299 45.82 -45.02 17.23
CA LYS C 299 46.11 -45.67 15.96
C LYS C 299 45.54 -47.09 15.93
N SER C 300 45.72 -47.83 17.02
CA SER C 300 45.22 -49.20 17.06
C SER C 300 43.70 -49.21 17.07
N LEU C 301 43.10 -48.45 17.98
CA LEU C 301 41.64 -48.33 18.02
C LEU C 301 41.06 -48.08 16.64
N CYS C 302 41.75 -47.26 15.86
CA CYS C 302 41.29 -46.87 14.52
C CYS C 302 41.51 -47.95 13.46
N GLU C 303 42.51 -48.79 13.69
CA GLU C 303 42.75 -49.94 12.82
C GLU C 303 41.76 -51.03 13.16
N ARG C 304 41.50 -51.21 14.45
CA ARG C 304 40.58 -52.22 14.96
C ARG C 304 39.10 -51.87 14.67
N TYR C 305 38.73 -50.60 14.88
CA TYR C 305 37.35 -50.18 14.65
C TYR C 305 37.25 -49.07 13.61
N PRO C 306 36.03 -48.82 13.09
CA PRO C 306 35.83 -47.84 12.03
C PRO C 306 35.65 -46.43 12.60
N ILE C 307 36.69 -45.98 13.29
CA ILE C 307 36.69 -44.67 13.90
C ILE C 307 37.36 -43.69 12.94
N VAL C 308 36.65 -42.62 12.59
CA VAL C 308 37.16 -41.71 11.55
C VAL C 308 37.48 -40.31 12.08
N SER C 309 37.15 -40.07 13.33
CA SER C 309 37.36 -38.74 13.89
C SER C 309 37.58 -38.88 15.37
N ILE C 310 38.53 -38.12 15.88
CA ILE C 310 38.84 -38.11 17.30
C ILE C 310 39.09 -36.70 17.77
N GLU C 311 38.27 -36.25 18.72
CA GLU C 311 38.33 -34.87 19.22
C GLU C 311 39.19 -34.87 20.46
N ASP C 312 40.09 -33.90 20.53
CA ASP C 312 40.98 -33.75 21.69
C ASP C 312 41.68 -35.04 22.10
N GLY C 313 42.31 -35.71 21.14
CA GLY C 313 43.06 -36.92 21.41
C GLY C 313 44.28 -36.67 22.27
N LEU C 314 44.66 -35.41 22.42
CA LEU C 314 45.80 -35.01 23.25
C LEU C 314 45.46 -33.71 23.98
N ASP C 315 46.32 -33.30 24.92
CA ASP C 315 46.01 -32.16 25.80
C ASP C 315 45.92 -30.86 25.05
N GLU C 316 45.09 -29.96 25.57
CA GLU C 316 44.90 -28.62 25.04
C GLU C 316 46.16 -27.77 24.94
N GLU C 317 47.25 -28.21 25.58
CA GLU C 317 48.50 -27.46 25.52
C GLU C 317 49.69 -28.33 25.11
N ASP C 318 49.41 -29.58 24.76
CA ASP C 318 50.45 -30.49 24.31
C ASP C 318 50.70 -30.31 22.82
N TRP C 319 51.20 -29.15 22.45
CA TRP C 319 51.30 -28.80 21.03
C TRP C 319 52.26 -29.71 20.29
N GLU C 320 53.35 -30.08 20.94
CA GLU C 320 54.33 -30.90 20.27
C GLU C 320 53.70 -32.26 19.98
N GLY C 321 52.93 -32.76 20.94
CA GLY C 321 52.21 -34.00 20.78
C GLY C 321 51.18 -33.93 19.67
N TRP C 322 50.45 -32.82 19.59
CA TRP C 322 49.48 -32.63 18.52
C TRP C 322 50.21 -32.62 17.19
N GLN C 323 51.33 -31.90 17.16
CA GLN C 323 52.09 -31.85 15.93
C GLN C 323 52.41 -33.27 15.47
N TYR C 324 52.89 -34.07 16.41
CA TYR C 324 53.25 -35.45 16.12
C TYR C 324 52.05 -36.33 15.76
N MET C 325 50.98 -36.24 16.55
CA MET C 325 49.76 -36.98 16.25
C MET C 325 49.22 -36.71 14.84
N THR C 326 49.26 -35.44 14.44
CA THR C 326 48.74 -35.05 13.14
C THR C 326 49.59 -35.64 12.01
N ARG C 327 50.90 -35.65 12.22
CA ARG C 327 51.82 -36.37 11.34
C ARG C 327 51.42 -37.85 11.23
N GLU C 328 51.38 -38.53 12.37
CA GLU C 328 51.06 -39.96 12.42
C GLU C 328 49.67 -40.35 11.89
N LEU C 329 48.64 -39.61 12.30
CA LEU C 329 47.24 -39.97 12.03
C LEU C 329 46.51 -39.05 11.04
N GLY C 330 46.92 -37.79 10.99
CA GLY C 330 46.24 -36.76 10.20
C GLY C 330 45.77 -37.13 8.80
N ASP C 331 46.44 -38.06 8.16
CA ASP C 331 46.10 -38.38 6.78
C ASP C 331 44.93 -39.34 6.71
N LYS C 332 44.72 -40.09 7.79
CA LYS C 332 43.66 -41.10 7.79
C LYS C 332 42.50 -40.71 8.70
N ILE C 333 42.81 -39.92 9.72
CA ILE C 333 41.85 -39.64 10.77
C ILE C 333 41.59 -38.15 10.90
N GLN C 334 40.36 -37.80 11.27
CA GLN C 334 40.08 -36.41 11.56
C GLN C 334 40.39 -36.16 13.02
N LEU C 335 41.19 -35.13 13.26
CA LEU C 335 41.62 -34.82 14.62
C LEU C 335 41.08 -33.45 14.92
N VAL C 336 40.01 -33.42 15.70
CA VAL C 336 39.28 -32.20 15.94
C VAL C 336 39.78 -31.53 17.19
N GLY C 337 40.24 -30.29 17.08
CA GLY C 337 40.57 -29.51 18.26
C GLY C 337 39.34 -28.85 18.86
N ASP C 338 38.99 -29.24 20.08
CA ASP C 338 37.92 -28.57 20.83
C ASP C 338 38.56 -27.69 21.91
N ASP C 339 39.03 -28.30 22.99
CA ASP C 339 39.75 -27.57 24.03
C ASP C 339 41.06 -26.99 23.50
N LEU C 340 41.62 -27.63 22.48
CA LEU C 340 42.86 -27.12 21.87
C LEU C 340 42.68 -25.71 21.32
N PHE C 341 41.55 -25.47 20.65
CA PHE C 341 41.32 -24.19 19.96
C PHE C 341 40.35 -23.25 20.67
N VAL C 342 39.39 -23.81 21.41
CA VAL C 342 38.31 -23.03 22.03
C VAL C 342 37.72 -21.95 21.11
N THR C 343 37.48 -22.33 19.86
CA THR C 343 36.93 -21.40 18.88
C THR C 343 37.62 -20.03 18.99
N ASN C 344 38.95 -20.07 19.20
CA ASN C 344 39.75 -18.87 19.27
C ASN C 344 40.67 -18.82 18.06
N THR C 345 40.62 -17.73 17.30
CA THR C 345 41.33 -17.68 16.01
C THR C 345 42.84 -17.59 16.14
N GLU C 346 43.30 -17.00 17.23
CA GLU C 346 44.74 -16.94 17.53
C GLU C 346 45.23 -18.35 17.76
N ARG C 347 44.46 -19.10 18.54
CA ARG C 347 44.82 -20.49 18.82
C ARG C 347 44.68 -21.36 17.59
N LEU C 348 43.63 -21.14 16.80
CA LEU C 348 43.45 -21.91 15.57
C LEU C 348 44.58 -21.60 14.59
N ASN C 349 44.98 -20.34 14.54
CA ASN C 349 46.09 -19.99 13.67
C ASN C 349 47.39 -20.65 14.10
N LYS C 350 47.62 -20.73 15.41
CA LYS C 350 48.82 -21.37 15.93
C LYS C 350 48.77 -22.84 15.54
N GLY C 351 47.59 -23.43 15.63
CA GLY C 351 47.41 -24.80 15.21
C GLY C 351 47.82 -24.92 13.77
N ILE C 352 47.34 -24.01 12.94
CA ILE C 352 47.57 -24.10 11.49
C ILE C 352 49.04 -23.94 11.14
N LYS C 353 49.72 -22.99 11.79
CA LYS C 353 51.14 -22.78 11.55
C LYS C 353 51.97 -23.98 11.99
N GLU C 354 51.61 -24.57 13.12
CA GLU C 354 52.38 -25.70 13.64
C GLU C 354 51.83 -27.06 13.19
N ARG C 355 50.89 -27.06 12.25
CA ARG C 355 50.28 -28.29 11.71
C ARG C 355 49.70 -29.24 12.76
N CYS C 356 48.91 -28.70 13.68
CA CYS C 356 48.24 -29.49 14.72
C CYS C 356 46.75 -29.59 14.43
N GLY C 357 46.23 -30.81 14.44
CA GLY C 357 44.83 -31.03 14.13
C GLY C 357 44.52 -30.78 12.68
N ASN C 358 43.33 -31.21 12.24
CA ASN C 358 42.89 -30.90 10.89
C ASN C 358 41.41 -30.56 10.88
N SER C 359 40.89 -30.23 12.05
CA SER C 359 39.48 -29.90 12.20
C SER C 359 39.32 -29.08 13.45
N ILE C 360 38.26 -28.27 13.51
CA ILE C 360 37.99 -27.49 14.71
C ILE C 360 36.53 -27.57 15.12
N LEU C 361 36.28 -27.73 16.42
CA LEU C 361 34.92 -27.74 16.94
C LEU C 361 34.49 -26.29 17.12
N ILE C 362 33.42 -25.89 16.44
CA ILE C 362 33.00 -24.49 16.46
C ILE C 362 31.85 -24.28 17.42
N LYS C 363 32.13 -23.47 18.45
CA LYS C 363 31.14 -23.15 19.48
C LYS C 363 30.86 -21.66 19.47
N LEU C 364 29.71 -21.30 18.91
CA LEU C 364 29.25 -19.92 18.82
C LEU C 364 29.58 -19.10 20.08
N ASN C 365 29.23 -19.62 21.25
CA ASN C 365 29.29 -18.79 22.45
C ASN C 365 30.70 -18.60 22.98
N GLN C 366 31.64 -19.43 22.52
CA GLN C 366 33.00 -19.26 22.97
C GLN C 366 33.61 -18.02 22.34
N ILE C 367 33.10 -17.64 21.18
CA ILE C 367 33.65 -16.51 20.43
C ILE C 367 32.73 -15.31 20.61
N GLY C 368 31.43 -15.56 20.59
CA GLY C 368 30.46 -14.61 21.12
C GLY C 368 29.68 -13.75 20.16
N THR C 369 29.99 -13.83 18.87
CA THR C 369 29.19 -13.15 17.88
C THR C 369 29.09 -13.96 16.60
N VAL C 370 28.01 -13.76 15.87
CA VAL C 370 27.82 -14.40 14.58
C VAL C 370 28.96 -14.07 13.60
N SER C 371 29.27 -12.80 13.41
CA SER C 371 30.29 -12.45 12.43
C SER C 371 31.64 -13.05 12.77
N GLU C 372 32.05 -13.00 14.04
CA GLU C 372 33.34 -13.59 14.40
C GLU C 372 33.34 -15.10 14.19
N THR C 373 32.20 -15.73 14.40
CA THR C 373 32.09 -17.17 14.12
C THR C 373 32.30 -17.50 12.64
N LEU C 374 31.72 -16.69 11.76
CA LEU C 374 31.96 -16.84 10.33
C LEU C 374 33.44 -16.76 10.00
N GLU C 375 34.12 -15.79 10.62
CA GLU C 375 35.55 -15.59 10.35
C GLU C 375 36.35 -16.78 10.82
N ALA C 376 35.98 -17.34 11.96
CA ALA C 376 36.72 -18.46 12.49
C ALA C 376 36.55 -19.63 11.53
N ILE C 377 35.32 -19.86 11.08
CA ILE C 377 35.09 -20.94 10.13
C ILE C 377 35.82 -20.70 8.81
N LYS C 378 35.77 -19.48 8.32
CA LYS C 378 36.52 -19.12 7.12
C LYS C 378 38.02 -19.37 7.30
N MET C 379 38.56 -19.03 8.46
CA MET C 379 39.97 -19.28 8.70
C MET C 379 40.26 -20.77 8.60
N ALA C 380 39.39 -21.57 9.19
CA ALA C 380 39.52 -23.02 9.18
C ALA C 380 39.45 -23.57 7.77
N HIS C 381 38.43 -23.18 7.01
CA HIS C 381 38.28 -23.68 5.65
C HIS C 381 39.45 -23.30 4.75
N LYS C 382 39.93 -22.08 4.89
CA LYS C 382 41.07 -21.62 4.09
C LYS C 382 42.30 -22.49 4.33
N ALA C 383 42.43 -23.04 5.55
CA ALA C 383 43.59 -23.88 5.88
C ALA C 383 43.36 -25.38 5.69
N GLY C 384 42.20 -25.74 5.12
CA GLY C 384 41.89 -27.13 4.85
C GLY C 384 41.35 -27.91 6.03
N TYR C 385 41.18 -27.22 7.16
CA TYR C 385 40.56 -27.81 8.34
C TYR C 385 39.06 -27.92 8.06
N THR C 386 38.41 -28.95 8.59
CA THR C 386 36.95 -28.98 8.60
C THR C 386 36.47 -28.25 9.85
N ALA C 387 35.21 -27.80 9.82
CA ALA C 387 34.65 -27.10 10.96
C ALA C 387 33.39 -27.82 11.43
N VAL C 388 33.43 -28.37 12.64
CA VAL C 388 32.29 -29.09 13.17
C VAL C 388 31.49 -28.14 14.04
N VAL C 389 30.34 -27.71 13.53
CA VAL C 389 29.46 -26.82 14.29
C VAL C 389 28.89 -27.59 15.48
N SER C 390 28.95 -26.98 16.66
CA SER C 390 28.70 -27.74 17.87
C SER C 390 27.71 -27.12 18.86
N HIS C 391 27.02 -27.98 19.60
CA HIS C 391 26.12 -27.55 20.66
C HIS C 391 26.89 -27.35 21.96
N ARG C 392 26.21 -26.87 23.00
CA ARG C 392 26.79 -26.88 24.33
C ARG C 392 25.97 -27.82 25.21
N SER C 393 26.49 -28.20 26.37
CA SER C 393 25.74 -29.05 27.29
C SER C 393 24.44 -28.34 27.68
N GLY C 394 24.51 -27.02 27.80
CA GLY C 394 23.34 -26.23 28.14
C GLY C 394 22.74 -25.61 26.89
N GLU C 395 21.81 -26.32 26.27
CA GLU C 395 21.18 -25.85 25.04
C GLU C 395 19.76 -25.32 25.29
N THR C 396 19.15 -24.79 24.23
CA THR C 396 17.81 -24.27 24.31
C THR C 396 17.06 -24.72 23.07
N GLU C 397 15.81 -24.29 22.93
CA GLU C 397 14.98 -24.60 21.76
C GLU C 397 15.55 -23.95 20.50
N ASP C 398 16.42 -22.96 20.67
CA ASP C 398 17.06 -22.27 19.54
C ASP C 398 17.66 -23.26 18.54
N THR C 399 17.64 -22.93 17.25
CA THR C 399 18.18 -23.86 16.26
C THR C 399 19.18 -23.23 15.33
N THR C 400 19.74 -22.10 15.73
CA THR C 400 20.72 -21.38 14.94
C THR C 400 21.83 -22.25 14.36
N ILE C 401 22.39 -23.18 15.14
CA ILE C 401 23.52 -23.92 14.63
C ILE C 401 23.14 -24.81 13.42
N ALA C 402 21.88 -25.19 13.32
CA ALA C 402 21.42 -25.91 12.12
C ALA C 402 21.62 -25.04 10.89
N ASP C 403 21.11 -23.82 10.93
CA ASP C 403 21.29 -22.89 9.80
C ASP C 403 22.76 -22.55 9.56
N LEU C 404 23.51 -22.37 10.64
CA LEU C 404 24.90 -21.98 10.54
C LEU C 404 25.67 -23.04 9.77
N ALA C 405 25.39 -24.30 10.08
CA ALA C 405 26.06 -25.42 9.46
C ALA C 405 25.81 -25.49 7.97
N VAL C 406 24.55 -25.28 7.56
CA VAL C 406 24.23 -25.31 6.13
C VAL C 406 24.79 -24.06 5.46
N ALA C 407 24.68 -22.93 6.16
CA ALA C 407 25.11 -21.64 5.65
C ALA C 407 26.54 -21.63 5.16
N LEU C 408 27.42 -22.25 5.93
CA LEU C 408 28.84 -22.23 5.57
C LEU C 408 29.26 -23.60 5.05
N ASN C 409 28.27 -24.40 4.69
CA ASN C 409 28.54 -25.71 4.12
C ASN C 409 29.63 -26.45 4.92
N THR C 410 29.51 -26.50 6.25
CA THR C 410 30.56 -27.17 7.05
C THR C 410 30.60 -28.69 6.83
N GLY C 411 29.44 -29.29 6.55
CA GLY C 411 29.35 -30.70 6.22
C GLY C 411 29.30 -31.63 7.43
N GLN C 412 29.50 -31.05 8.62
CA GLN C 412 29.44 -31.78 9.88
C GLN C 412 28.84 -30.94 11.01
N ILE C 413 28.04 -31.60 11.85
CA ILE C 413 27.47 -30.92 13.00
C ILE C 413 27.52 -31.90 14.16
N LYS C 414 27.78 -31.39 15.36
CA LYS C 414 27.70 -32.20 16.57
C LYS C 414 26.70 -31.57 17.50
N THR C 415 25.56 -32.22 17.66
CA THR C 415 24.47 -31.58 18.38
C THR C 415 23.57 -32.56 19.15
N GLY C 416 24.15 -33.68 19.59
CA GLY C 416 23.47 -34.57 20.52
C GLY C 416 22.91 -35.88 19.97
N ALA C 417 22.49 -36.75 20.88
CA ALA C 417 21.74 -37.94 20.51
C ALA C 417 20.40 -37.50 19.96
N PRO C 418 19.71 -38.42 19.26
CA PRO C 418 18.39 -38.07 18.72
C PRO C 418 17.29 -38.18 19.75
N SER C 419 17.48 -37.52 20.91
CA SER C 419 16.50 -37.47 21.96
C SER C 419 16.77 -36.23 22.83
N ARG C 420 15.73 -35.71 23.47
CA ARG C 420 15.76 -34.41 24.13
C ARG C 420 15.65 -33.35 23.03
N SER C 421 14.64 -32.50 23.12
CA SER C 421 14.29 -31.63 22.00
C SER C 421 15.25 -30.47 21.79
N GLU C 422 16.10 -30.16 22.77
CA GLU C 422 17.11 -29.14 22.55
C GLU C 422 18.16 -29.73 21.63
N ARG C 423 18.17 -31.05 21.50
CA ARG C 423 19.01 -31.69 20.50
C ARG C 423 18.17 -31.91 19.24
N VAL C 424 17.05 -32.59 19.38
CA VAL C 424 16.28 -33.01 18.21
C VAL C 424 15.77 -31.82 17.39
N ALA C 425 15.50 -30.69 18.06
CA ALA C 425 15.04 -29.46 17.38
C ALA C 425 15.93 -29.05 16.22
N LYS C 426 17.24 -29.24 16.40
CA LYS C 426 18.20 -28.95 15.36
C LYS C 426 18.03 -29.91 14.19
N TYR C 427 17.91 -31.20 14.50
CA TYR C 427 17.73 -32.19 13.45
C TYR C 427 16.43 -31.91 12.71
N ASN C 428 15.41 -31.47 13.44
CA ASN C 428 14.15 -31.13 12.78
C ASN C 428 14.32 -29.94 11.83
N GLN C 429 15.07 -28.95 12.27
CA GLN C 429 15.34 -27.80 11.42
C GLN C 429 16.10 -28.19 10.18
N LEU C 430 17.05 -29.13 10.33
CA LEU C 430 17.80 -29.60 9.16
C LEU C 430 16.86 -30.28 8.17
N LEU C 431 15.87 -31.01 8.69
CA LEU C 431 14.85 -31.61 7.84
C LEU C 431 14.13 -30.54 7.02
N ARG C 432 13.73 -29.46 7.68
CA ARG C 432 12.97 -28.40 7.01
C ARG C 432 13.86 -27.74 5.99
N ILE C 433 15.12 -27.56 6.35
CA ILE C 433 16.09 -26.95 5.46
C ILE C 433 16.32 -27.79 4.22
N GLU C 434 16.55 -29.08 4.43
CA GLU C 434 16.74 -30.00 3.31
C GLU C 434 15.53 -29.97 2.39
N GLU C 435 14.35 -30.01 2.98
CA GLU C 435 13.12 -29.98 2.20
C GLU C 435 13.06 -28.69 1.35
N GLU C 436 13.41 -27.56 1.96
CA GLU C 436 13.36 -26.28 1.29
C GLU C 436 14.39 -26.18 0.15
N LEU C 437 15.50 -26.88 0.29
CA LEU C 437 16.51 -26.87 -0.73
C LEU C 437 16.09 -27.71 -1.92
N GLY C 438 15.13 -28.59 -1.73
CA GLY C 438 14.71 -29.43 -2.84
C GLY C 438 15.90 -30.15 -3.44
N ASP C 439 16.01 -30.13 -4.76
CA ASP C 439 17.07 -30.85 -5.45
C ASP C 439 18.44 -30.23 -5.31
N SER C 440 18.52 -29.02 -4.77
CA SER C 440 19.82 -28.39 -4.62
C SER C 440 20.54 -28.95 -3.40
N ALA C 441 19.80 -29.68 -2.57
CA ALA C 441 20.34 -30.20 -1.32
C ALA C 441 21.41 -31.25 -1.60
N VAL C 442 22.58 -31.06 -0.99
CA VAL C 442 23.68 -32.01 -1.02
C VAL C 442 23.89 -32.63 0.38
N TYR C 443 23.89 -33.96 0.46
CA TYR C 443 24.29 -34.64 1.68
C TYR C 443 25.57 -35.40 1.35
N PRO C 444 26.72 -34.95 1.89
CA PRO C 444 28.04 -35.41 1.45
C PRO C 444 28.44 -36.77 2.01
N GLY C 445 27.64 -37.33 2.91
CA GLY C 445 27.99 -38.62 3.46
C GLY C 445 29.48 -38.76 3.73
N PHE C 446 30.07 -39.85 3.27
CA PHE C 446 31.48 -40.09 3.60
C PHE C 446 32.46 -39.05 3.02
N THR C 447 32.07 -38.31 1.99
CA THR C 447 32.98 -37.35 1.37
C THR C 447 33.19 -36.10 2.22
N THR C 448 32.48 -35.99 3.34
CA THR C 448 32.53 -34.76 4.11
C THR C 448 33.88 -34.53 4.78
N PHE C 449 34.62 -35.62 4.99
CA PHE C 449 35.87 -35.51 5.72
C PHE C 449 37.00 -34.87 4.90
N ASN D 24 -8.76 -12.80 0.46
CA ASN D 24 -8.87 -12.69 1.92
C ASN D 24 -7.62 -13.22 2.61
N TYR D 25 -7.06 -12.42 3.51
CA TYR D 25 -5.78 -12.73 4.16
C TYR D 25 -5.80 -13.85 5.22
N LEU D 26 -6.98 -14.30 5.60
CA LEU D 26 -7.09 -15.39 6.58
C LEU D 26 -7.43 -16.69 5.87
N GLU D 27 -7.58 -16.58 4.56
CA GLU D 27 -7.93 -17.72 3.73
C GLU D 27 -6.75 -18.69 3.65
N ILE D 28 -7.01 -19.96 3.94
CA ILE D 28 -5.97 -20.97 3.81
C ILE D 28 -5.69 -21.26 2.34
N GLU D 29 -4.44 -21.09 1.93
CA GLU D 29 -4.01 -21.40 0.56
C GLU D 29 -3.53 -22.85 0.43
N LYS D 30 -2.81 -23.34 1.43
CA LYS D 30 -2.11 -24.60 1.30
C LYS D 30 -1.79 -25.10 2.70
N VAL D 31 -1.87 -26.42 2.88
CA VAL D 31 -1.46 -27.06 4.14
C VAL D 31 -0.47 -28.17 3.80
N ILE D 32 0.70 -28.15 4.43
CA ILE D 32 1.68 -29.21 4.24
C ILE D 32 2.00 -29.92 5.53
N GLY D 33 2.39 -31.18 5.41
CA GLY D 33 2.77 -31.98 6.55
C GLY D 33 4.21 -32.43 6.41
N ARG D 34 4.81 -32.82 7.51
CA ARG D 34 6.14 -33.36 7.46
C ARG D 34 6.41 -34.25 8.64
N GLU D 35 7.24 -35.25 8.40
CA GLU D 35 7.61 -36.22 9.41
C GLU D 35 8.81 -35.69 10.15
N ILE D 36 8.64 -35.37 11.43
CA ILE D 36 9.76 -34.87 12.21
C ILE D 36 10.03 -35.85 13.35
N ILE D 37 10.96 -35.50 14.23
CA ILE D 37 11.31 -36.37 15.33
C ILE D 37 10.97 -35.75 16.68
N ASP D 38 10.36 -36.55 17.57
CA ASP D 38 9.97 -36.05 18.88
C ASP D 38 11.08 -36.23 19.91
N SER D 39 10.76 -35.93 21.17
CA SER D 39 11.77 -35.80 22.20
C SER D 39 12.35 -37.14 22.64
N ARG D 40 11.75 -38.23 22.16
CA ARG D 40 12.20 -39.57 22.53
C ARG D 40 12.87 -40.25 21.36
N GLY D 41 12.93 -39.56 20.22
CA GLY D 41 13.62 -40.10 19.07
C GLY D 41 12.69 -40.86 18.16
N ASN D 42 11.39 -40.59 18.30
CA ASN D 42 10.39 -41.24 17.46
C ASN D 42 9.71 -40.22 16.57
N PRO D 43 9.30 -40.65 15.35
CA PRO D 43 8.63 -39.79 14.37
C PRO D 43 7.30 -39.23 14.85
N THR D 44 6.98 -38.00 14.44
CA THR D 44 5.65 -37.47 14.67
C THR D 44 5.31 -36.46 13.57
N VAL D 45 4.09 -35.94 13.58
CA VAL D 45 3.61 -35.11 12.48
C VAL D 45 3.76 -33.63 12.79
N GLU D 46 4.28 -32.90 11.81
CA GLU D 46 4.25 -31.45 11.86
C GLU D 46 3.45 -30.93 10.67
N ALA D 47 2.69 -29.85 10.89
CA ALA D 47 1.96 -29.24 9.80
C ALA D 47 2.31 -27.76 9.72
N GLU D 48 2.38 -27.25 8.50
CA GLU D 48 2.49 -25.82 8.26
C GLU D 48 1.27 -25.42 7.45
N VAL D 49 0.59 -24.37 7.92
CA VAL D 49 -0.57 -23.82 7.22
C VAL D 49 -0.17 -22.49 6.59
N TYR D 50 -0.48 -22.34 5.30
CA TYR D 50 -0.10 -21.11 4.59
C TYR D 50 -1.34 -20.31 4.26
N LEU D 51 -1.36 -19.06 4.67
CA LEU D 51 -2.52 -18.22 4.43
C LEU D 51 -2.29 -17.35 3.21
N ALA D 52 -3.39 -16.84 2.65
CA ALA D 52 -3.35 -16.09 1.40
C ALA D 52 -2.46 -14.89 1.54
N GLY D 53 -2.51 -14.25 2.71
CA GLY D 53 -1.73 -13.06 2.95
C GLY D 53 -0.25 -13.30 3.20
N GLY D 54 0.20 -14.55 3.06
CA GLY D 54 1.61 -14.88 3.18
C GLY D 54 2.07 -15.33 4.56
N VAL D 55 1.15 -15.34 5.53
CA VAL D 55 1.47 -15.77 6.87
C VAL D 55 1.40 -17.29 6.96
N THR D 56 2.23 -17.87 7.83
CA THR D 56 2.17 -19.31 8.09
C THR D 56 2.10 -19.67 9.57
N GLY D 57 1.62 -20.89 9.83
CA GLY D 57 1.52 -21.41 11.17
C GLY D 57 2.02 -22.84 11.19
N ARG D 58 2.65 -23.21 12.30
CA ARG D 58 3.26 -24.53 12.45
C ARG D 58 2.71 -25.18 13.71
N GLY D 59 2.31 -26.44 13.57
CA GLY D 59 1.78 -27.19 14.69
C GLY D 59 2.32 -28.60 14.63
N THR D 60 2.48 -29.24 15.79
CA THR D 60 2.97 -30.61 15.85
C THR D 60 2.13 -31.43 16.81
N ALA D 61 2.01 -32.72 16.53
CA ALA D 61 1.27 -33.64 17.40
C ALA D 61 2.24 -34.30 18.35
N PRO D 62 1.97 -34.22 19.66
CA PRO D 62 2.81 -34.97 20.58
C PRO D 62 2.30 -36.40 20.60
N SER D 63 2.96 -37.30 21.33
CA SER D 63 2.56 -38.69 21.35
C SER D 63 2.91 -39.38 22.68
N GLY D 64 1.99 -40.16 23.22
CA GLY D 64 2.20 -40.80 24.51
C GLY D 64 2.35 -42.31 24.48
N GLY D 68 -5.02 -46.49 22.77
CA GLY D 68 -6.18 -46.68 23.63
C GLY D 68 -7.47 -46.99 22.89
N GLU D 69 -8.54 -47.19 23.65
CA GLU D 69 -9.83 -47.55 23.07
C GLU D 69 -10.81 -46.37 23.00
N PHE D 70 -10.69 -45.43 23.93
CA PHE D 70 -11.62 -44.31 23.97
C PHE D 70 -11.04 -42.99 23.45
N GLU D 71 -9.77 -43.02 23.03
CA GLU D 71 -9.13 -41.82 22.53
C GLU D 71 -9.06 -41.82 21.00
N ALA D 72 -8.73 -40.68 20.43
CA ALA D 72 -8.48 -40.61 19.00
C ALA D 72 -7.18 -41.34 18.72
N LEU D 73 -7.15 -42.04 17.58
CA LEU D 73 -6.02 -42.90 17.25
C LEU D 73 -5.06 -42.25 16.26
N GLU D 74 -3.79 -42.14 16.65
CA GLU D 74 -2.76 -41.59 15.79
C GLU D 74 -2.41 -42.62 14.72
N LEU D 75 -2.16 -42.15 13.51
CA LEU D 75 -1.85 -43.04 12.39
C LEU D 75 -0.35 -43.27 12.21
N ARG D 76 0.09 -44.49 12.50
CA ARG D 76 1.46 -44.90 12.25
C ARG D 76 1.52 -45.77 10.99
N ASP D 77 2.69 -45.79 10.35
CA ASP D 77 2.84 -46.46 9.06
C ASP D 77 2.90 -47.98 9.20
N GLY D 78 3.55 -48.43 10.27
CA GLY D 78 3.73 -49.84 10.52
C GLY D 78 4.76 -50.51 9.61
N ASP D 79 5.45 -49.74 8.78
CA ASP D 79 6.53 -50.32 7.99
C ASP D 79 7.71 -50.62 8.91
N LYS D 80 7.96 -51.91 9.14
CA LYS D 80 8.99 -52.32 10.09
C LYS D 80 10.40 -51.94 9.62
N GLY D 81 10.53 -51.65 8.33
CA GLY D 81 11.80 -51.21 7.76
C GLY D 81 12.12 -49.73 7.97
N ARG D 82 11.20 -49.01 8.61
CA ARG D 82 11.41 -47.60 8.90
C ARG D 82 10.99 -47.25 10.33
N PHE D 83 11.93 -46.72 11.10
CA PHE D 83 11.65 -46.22 12.43
C PHE D 83 11.01 -47.28 13.29
N GLY D 84 11.30 -48.55 12.98
CA GLY D 84 10.75 -49.66 13.73
C GLY D 84 9.23 -49.69 13.64
N GLY D 85 8.70 -49.26 12.50
CA GLY D 85 7.26 -49.29 12.26
C GLY D 85 6.53 -48.03 12.70
N LYS D 86 7.28 -47.07 13.24
CA LYS D 86 6.66 -45.90 13.85
C LYS D 86 6.60 -44.65 12.94
N GLY D 87 6.83 -44.85 11.65
CA GLY D 87 6.81 -43.77 10.68
C GLY D 87 5.43 -43.14 10.61
N VAL D 88 5.37 -41.90 10.12
CA VAL D 88 4.08 -41.20 9.98
C VAL D 88 3.88 -40.60 8.60
N THR D 89 4.52 -41.19 7.59
CA THR D 89 4.39 -40.69 6.22
C THR D 89 2.95 -40.78 5.69
N LYS D 90 2.20 -41.79 6.13
CA LYS D 90 0.82 -41.93 5.69
C LYS D 90 0.00 -40.73 6.16
N ALA D 91 0.19 -40.36 7.42
CA ALA D 91 -0.51 -39.23 8.01
C ALA D 91 -0.10 -37.95 7.30
N VAL D 92 1.20 -37.86 7.00
CA VAL D 92 1.73 -36.70 6.33
C VAL D 92 1.10 -36.57 4.94
N GLN D 93 0.87 -37.70 4.27
CA GLN D 93 0.28 -37.64 2.94
C GLN D 93 -1.20 -37.29 3.03
N ASN D 94 -1.82 -37.67 4.15
CA ASN D 94 -3.19 -37.25 4.41
C ASN D 94 -3.28 -35.74 4.52
N ILE D 95 -2.34 -35.11 5.21
CA ILE D 95 -2.30 -33.65 5.23
C ILE D 95 -2.01 -33.07 3.85
N ASN D 96 -0.93 -33.53 3.22
CA ASN D 96 -0.50 -32.95 1.96
C ASN D 96 -1.55 -33.01 0.85
N THR D 97 -2.38 -34.04 0.85
CA THR D 97 -3.38 -34.12 -0.21
C THR D 97 -4.80 -33.80 0.26
N GLU D 98 -5.37 -34.70 1.05
CA GLU D 98 -6.78 -34.63 1.37
C GLU D 98 -7.13 -33.48 2.30
N ILE D 99 -6.38 -33.28 3.38
CA ILE D 99 -6.70 -32.21 4.32
C ILE D 99 -6.45 -30.88 3.66
N SER D 100 -5.36 -30.78 2.91
CA SER D 100 -5.04 -29.54 2.27
C SER D 100 -6.15 -29.16 1.28
N GLU D 101 -6.63 -30.15 0.53
CA GLU D 101 -7.67 -29.92 -0.47
C GLU D 101 -8.99 -29.49 0.15
N ILE D 102 -9.25 -30.00 1.35
CA ILE D 102 -10.47 -29.71 2.07
C ILE D 102 -10.46 -28.34 2.75
N LEU D 103 -9.29 -27.93 3.24
CA LEU D 103 -9.21 -26.69 4.01
C LEU D 103 -8.92 -25.47 3.13
N SER D 104 -8.42 -25.71 1.92
CA SER D 104 -8.09 -24.61 1.02
C SER D 104 -9.30 -23.72 0.82
N GLY D 105 -9.07 -22.41 0.93
CA GLY D 105 -10.13 -21.44 0.77
C GLY D 105 -10.91 -21.10 2.03
N MET D 106 -10.79 -21.93 3.08
CA MET D 106 -11.48 -21.66 4.34
C MET D 106 -10.79 -20.58 5.18
N ASP D 107 -11.57 -19.91 6.01
CA ASP D 107 -11.03 -18.89 6.90
C ASP D 107 -10.31 -19.56 8.06
N ALA D 108 -9.00 -19.32 8.17
CA ALA D 108 -8.21 -19.94 9.22
C ALA D 108 -8.61 -19.50 10.64
N SER D 109 -9.30 -18.36 10.77
CA SER D 109 -9.70 -17.92 12.11
C SER D 109 -10.91 -18.68 12.63
N ASP D 110 -11.59 -19.39 11.74
CA ASP D 110 -12.76 -20.15 12.15
C ASP D 110 -12.34 -21.58 12.47
N ILE D 111 -11.62 -21.74 13.57
CA ILE D 111 -11.06 -23.03 13.91
C ILE D 111 -12.11 -24.12 14.08
N TYR D 112 -13.28 -23.77 14.62
CA TYR D 112 -14.31 -24.77 14.82
C TYR D 112 -14.73 -25.38 13.49
N ALA D 113 -14.79 -24.55 12.45
CA ALA D 113 -15.21 -24.99 11.13
C ALA D 113 -14.10 -25.80 10.45
N VAL D 114 -12.88 -25.31 10.56
CA VAL D 114 -11.73 -26.06 10.07
C VAL D 114 -11.72 -27.47 10.69
N ASP D 115 -11.78 -27.54 12.02
CA ASP D 115 -11.78 -28.83 12.71
C ASP D 115 -12.95 -29.71 12.28
N ARG D 116 -14.10 -29.08 12.04
CA ARG D 116 -15.29 -29.80 11.65
C ARG D 116 -15.12 -30.39 10.26
N ALA D 117 -14.61 -29.60 9.34
CA ALA D 117 -14.32 -30.04 7.97
C ALA D 117 -13.41 -31.29 7.96
N MET D 118 -12.42 -31.28 8.83
CA MET D 118 -11.50 -32.40 8.96
C MET D 118 -12.19 -33.60 9.59
N ILE D 119 -12.97 -33.38 10.64
CA ILE D 119 -13.69 -34.46 11.29
C ILE D 119 -14.68 -35.14 10.33
N ASP D 120 -15.43 -34.34 9.59
CA ASP D 120 -16.41 -34.90 8.67
C ASP D 120 -15.76 -35.63 7.51
N ALA D 121 -14.67 -35.09 6.98
CA ALA D 121 -13.93 -35.74 5.90
C ALA D 121 -13.30 -37.05 6.35
N ASP D 122 -12.89 -37.09 7.60
CA ASP D 122 -12.28 -38.28 8.15
C ASP D 122 -13.30 -39.42 8.18
N GLY D 123 -14.49 -39.13 8.70
CA GLY D 123 -15.57 -40.08 8.66
C GLY D 123 -15.70 -40.93 9.92
N THR D 124 -14.60 -41.07 10.65
CA THR D 124 -14.57 -41.93 11.83
C THR D 124 -14.80 -41.19 13.13
N LYS D 125 -15.04 -41.95 14.18
CA LYS D 125 -15.30 -41.43 15.51
C LYS D 125 -14.00 -41.15 16.26
N ASP D 126 -12.90 -41.75 15.79
CA ASP D 126 -11.62 -41.60 16.47
C ASP D 126 -10.52 -41.03 15.56
N LYS D 127 -10.93 -40.40 14.47
CA LYS D 127 -10.00 -39.72 13.57
C LYS D 127 -8.99 -40.71 13.01
N SER D 128 -9.43 -41.96 12.87
CA SER D 128 -8.54 -43.06 12.50
C SER D 128 -8.17 -43.10 11.02
N LYS D 129 -8.91 -42.38 10.18
CA LYS D 129 -8.64 -42.40 8.75
C LYS D 129 -7.50 -41.45 8.35
N PHE D 130 -7.57 -40.22 8.85
CA PHE D 130 -6.52 -39.25 8.59
C PHE D 130 -5.40 -39.41 9.61
N GLY D 131 -5.78 -39.78 10.82
CA GLY D 131 -4.85 -39.91 11.93
C GLY D 131 -5.06 -38.76 12.88
N ALA D 132 -5.30 -39.07 14.16
CA ALA D 132 -5.48 -38.01 15.12
C ALA D 132 -4.26 -37.10 15.12
N ASN D 133 -3.10 -37.67 14.79
CA ASN D 133 -1.87 -36.89 14.75
C ASN D 133 -1.84 -35.88 13.62
N ALA D 134 -2.35 -36.25 12.45
CA ALA D 134 -2.37 -35.35 11.31
C ALA D 134 -3.38 -34.24 11.56
N VAL D 135 -4.52 -34.62 12.12
CA VAL D 135 -5.63 -33.70 12.32
C VAL D 135 -5.29 -32.65 13.36
N LEU D 136 -4.66 -33.08 14.46
CA LEU D 136 -4.30 -32.15 15.51
C LEU D 136 -3.20 -31.21 15.05
N ALA D 137 -2.24 -31.74 14.30
CA ALA D 137 -1.15 -30.92 13.79
C ALA D 137 -1.70 -29.78 12.95
N VAL D 138 -2.66 -30.10 12.08
CA VAL D 138 -3.24 -29.09 11.23
C VAL D 138 -4.00 -28.08 12.07
N SER D 139 -4.88 -28.60 12.92
CA SER D 139 -5.68 -27.77 13.82
C SER D 139 -4.82 -26.71 14.50
N ILE D 140 -3.72 -27.14 15.12
CA ILE D 140 -2.84 -26.24 15.85
C ILE D 140 -2.20 -25.23 14.92
N ALA D 141 -1.73 -25.72 13.78
CA ALA D 141 -1.11 -24.88 12.77
C ALA D 141 -2.04 -23.75 12.30
N CYS D 142 -3.33 -24.05 12.15
CA CYS D 142 -4.29 -23.03 11.73
C CYS D 142 -4.45 -22.00 12.81
N ALA D 143 -4.66 -22.45 14.04
CA ALA D 143 -4.83 -21.52 15.15
C ALA D 143 -3.61 -20.57 15.21
N LYS D 144 -2.41 -21.14 15.08
CA LYS D 144 -1.21 -20.33 15.11
C LYS D 144 -1.14 -19.40 13.90
N ALA D 145 -1.60 -19.86 12.75
CA ALA D 145 -1.55 -19.02 11.55
C ALA D 145 -2.53 -17.87 11.70
N ALA D 146 -3.77 -18.21 12.03
CA ALA D 146 -4.81 -17.20 12.34
C ALA D 146 -4.31 -16.13 13.31
N ALA D 147 -3.69 -16.52 14.42
CA ALA D 147 -3.24 -15.53 15.40
C ALA D 147 -2.21 -14.61 14.78
N ALA D 148 -1.26 -15.19 14.06
CA ALA D 148 -0.23 -14.40 13.40
C ALA D 148 -0.85 -13.41 12.42
N ALA D 149 -1.76 -13.91 11.59
CA ALA D 149 -2.45 -13.07 10.63
C ALA D 149 -3.19 -11.93 11.31
N LEU D 150 -3.68 -12.18 12.52
CA LEU D 150 -4.42 -11.15 13.25
C LEU D 150 -3.46 -10.24 14.01
N GLY D 151 -2.23 -10.68 14.15
CA GLY D 151 -1.22 -9.92 14.86
C GLY D 151 -1.41 -9.98 16.36
N VAL D 152 -1.82 -11.15 16.86
CA VAL D 152 -2.04 -11.37 18.29
C VAL D 152 -1.33 -12.64 18.78
N PRO D 153 -0.95 -12.67 20.06
CA PRO D 153 -0.32 -13.89 20.60
C PRO D 153 -1.35 -15.04 20.62
N LEU D 154 -0.90 -16.27 20.51
CA LEU D 154 -1.83 -17.40 20.41
C LEU D 154 -2.86 -17.45 21.54
N TYR D 155 -2.44 -17.09 22.76
CA TYR D 155 -3.34 -17.18 23.92
C TYR D 155 -4.43 -16.12 23.84
N ARG D 156 -4.11 -14.94 23.32
CA ARG D 156 -5.13 -13.93 23.06
C ARG D 156 -6.06 -14.40 21.94
N PHE D 157 -5.52 -15.10 20.96
CA PHE D 157 -6.38 -15.63 19.90
C PHE D 157 -7.39 -16.62 20.49
N LEU D 158 -6.90 -17.50 21.33
CA LEU D 158 -7.70 -18.59 21.87
C LEU D 158 -8.62 -18.13 22.96
N GLY D 159 -8.16 -17.20 23.79
CA GLY D 159 -8.87 -16.82 25.00
C GLY D 159 -9.24 -15.35 25.14
N GLY D 160 -8.83 -14.54 24.18
CA GLY D 160 -9.20 -13.13 24.16
C GLY D 160 -8.59 -12.34 25.30
N LEU D 161 -9.15 -11.14 25.53
CA LEU D 161 -8.65 -10.27 26.59
C LEU D 161 -8.76 -10.99 27.92
N ASN D 162 -9.69 -11.94 27.98
CA ASN D 162 -9.99 -12.66 29.21
C ASN D 162 -8.91 -13.62 29.65
N ALA D 163 -7.87 -13.79 28.85
CA ALA D 163 -6.83 -14.77 29.18
C ALA D 163 -5.69 -14.10 29.92
N ASN D 164 -5.55 -14.35 31.23
CA ASN D 164 -4.46 -13.73 31.97
C ASN D 164 -3.94 -14.49 33.18
N ARG D 165 -4.42 -15.72 33.37
CA ARG D 165 -3.96 -16.58 34.48
C ARG D 165 -2.78 -17.43 34.06
N LEU D 166 -1.59 -17.16 34.60
CA LEU D 166 -0.46 -18.08 34.47
C LEU D 166 -0.75 -19.37 35.24
N PRO D 167 -0.38 -20.53 34.71
CA PRO D 167 -0.74 -21.73 35.44
C PRO D 167 0.27 -22.07 36.54
N VAL D 168 -0.15 -22.83 37.54
CA VAL D 168 0.77 -23.37 38.54
C VAL D 168 1.31 -24.68 37.97
N PRO D 169 2.63 -24.81 37.87
CA PRO D 169 3.09 -26.05 37.25
C PRO D 169 3.19 -27.17 38.27
N MET D 170 2.80 -28.39 37.88
CA MET D 170 3.23 -29.57 38.62
C MET D 170 4.33 -30.28 37.83
N MET D 171 5.53 -30.26 38.39
CA MET D 171 6.74 -30.76 37.73
C MET D 171 7.18 -32.14 38.21
N ASN D 172 7.09 -33.13 37.32
CA ASN D 172 7.50 -34.52 37.60
C ASN D 172 9.02 -34.68 37.74
N ILE D 173 9.55 -34.38 38.94
CA ILE D 173 10.99 -34.48 39.18
C ILE D 173 11.48 -35.82 39.76
N LEU D 174 10.56 -36.75 40.05
CA LEU D 174 10.93 -38.06 40.57
C LEU D 174 10.01 -39.13 39.99
N ASN D 175 10.57 -40.09 39.27
CA ASN D 175 9.76 -41.09 38.55
C ASN D 175 9.73 -42.47 39.21
N GLY D 176 8.56 -43.10 39.17
CA GLY D 176 8.41 -44.47 39.63
C GLY D 176 7.56 -45.28 38.66
N GLY D 177 6.80 -46.22 39.18
CA GLY D 177 5.91 -47.00 38.35
C GLY D 177 6.65 -47.87 37.36
N ALA D 178 5.98 -48.24 36.27
CA ALA D 178 6.47 -49.25 35.33
C ALA D 178 7.94 -49.10 34.93
N HIS D 179 8.19 -48.31 33.89
CA HIS D 179 9.53 -48.18 33.34
C HIS D 179 10.45 -47.37 34.25
N ALA D 180 10.91 -47.98 35.32
CA ALA D 180 11.75 -47.28 36.30
C ALA D 180 12.60 -48.24 37.10
N ALA D 181 13.91 -48.00 37.10
CA ALA D 181 14.85 -48.86 37.80
C ALA D 181 14.80 -48.62 39.32
N ASN D 182 13.62 -48.80 39.90
CA ASN D 182 13.46 -48.68 41.34
C ASN D 182 12.31 -49.49 41.91
N THR D 183 11.95 -49.20 43.17
CA THR D 183 10.89 -49.95 43.86
C THR D 183 9.76 -49.02 44.25
N VAL D 184 9.54 -48.00 43.42
CA VAL D 184 8.47 -47.04 43.65
C VAL D 184 7.30 -47.41 42.73
N ASP D 185 6.10 -47.45 43.27
CA ASP D 185 4.94 -47.89 42.50
C ASP D 185 4.16 -46.73 41.90
N VAL D 186 4.12 -45.61 42.60
CA VAL D 186 3.55 -44.39 42.06
C VAL D 186 4.40 -43.94 40.88
N GLN D 187 3.76 -43.57 39.78
CA GLN D 187 4.46 -43.26 38.53
C GLN D 187 5.16 -41.88 38.50
N GLU D 188 4.44 -40.83 38.89
CA GLU D 188 5.04 -39.49 38.83
C GLU D 188 4.95 -38.82 40.20
N PHE D 189 6.04 -38.20 40.62
CA PHE D 189 6.03 -37.43 41.87
C PHE D 189 6.33 -35.99 41.51
N MET D 190 5.38 -35.10 41.76
CA MET D 190 5.48 -33.74 41.24
C MET D 190 5.47 -32.71 42.33
N ILE D 191 6.21 -31.63 42.11
CA ILE D 191 6.21 -30.48 43.02
C ILE D 191 5.40 -29.33 42.40
N MET D 192 4.78 -28.52 43.26
CA MET D 192 3.98 -27.38 42.83
C MET D 192 4.32 -26.15 43.66
N PRO D 193 4.83 -25.11 43.01
CA PRO D 193 5.21 -23.87 43.67
C PRO D 193 4.00 -23.01 43.96
N VAL D 194 3.26 -23.35 45.01
CA VAL D 194 2.03 -22.61 45.31
C VAL D 194 2.25 -21.26 46.02
N GLY D 195 3.42 -21.08 46.63
CA GLY D 195 3.66 -19.87 47.39
C GLY D 195 4.17 -18.68 46.60
N ALA D 196 4.59 -18.91 45.35
CA ALA D 196 5.17 -17.85 44.53
C ALA D 196 4.15 -16.78 44.16
N GLU D 197 4.61 -15.55 43.91
CA GLU D 197 3.72 -14.45 43.55
C GLU D 197 3.65 -14.18 42.05
N SER D 198 4.50 -14.87 41.30
CA SER D 198 4.52 -14.74 39.84
C SER D 198 4.96 -16.07 39.29
N PHE D 199 4.68 -16.32 38.02
CA PHE D 199 5.16 -17.56 37.42
C PHE D 199 6.70 -17.56 37.34
N ARG D 200 7.28 -16.39 37.15
CA ARG D 200 8.73 -16.27 37.09
C ARG D 200 9.39 -16.76 38.38
N GLU D 201 8.84 -16.33 39.52
CA GLU D 201 9.34 -16.75 40.82
C GLU D 201 9.17 -18.27 40.98
N ALA D 202 7.96 -18.75 40.68
CA ALA D 202 7.67 -20.17 40.75
C ALA D 202 8.70 -21.01 39.98
N LEU D 203 8.89 -20.68 38.71
CA LEU D 203 9.80 -21.45 37.87
C LEU D 203 11.20 -21.49 38.48
N ARG D 204 11.68 -20.34 38.93
CA ARG D 204 13.01 -20.27 39.52
C ARG D 204 13.12 -21.19 40.72
N GLN D 205 12.11 -21.13 41.59
CA GLN D 205 12.11 -21.95 42.79
C GLN D 205 12.13 -23.44 42.42
N CYS D 206 11.31 -23.81 41.45
CA CYS D 206 11.31 -25.18 40.95
C CYS D 206 12.69 -25.63 40.48
N THR D 207 13.37 -24.82 39.68
CA THR D 207 14.69 -25.23 39.19
C THR D 207 15.62 -25.46 40.39
N GLU D 208 15.54 -24.58 41.38
CA GLU D 208 16.35 -24.69 42.57
C GLU D 208 16.07 -25.99 43.35
N VAL D 209 14.79 -26.33 43.56
CA VAL D 209 14.45 -27.61 44.17
C VAL D 209 15.00 -28.76 43.33
N PHE D 210 14.93 -28.60 42.01
CA PHE D 210 15.38 -29.63 41.09
C PHE D 210 16.88 -29.89 41.28
N HIS D 211 17.67 -28.83 41.32
CA HIS D 211 19.10 -28.99 41.46
C HIS D 211 19.50 -29.48 42.86
N ALA D 212 18.74 -29.08 43.87
CA ALA D 212 18.96 -29.57 45.23
C ALA D 212 18.73 -31.08 45.29
N LEU D 213 17.65 -31.55 44.68
CA LEU D 213 17.39 -32.98 44.62
C LEU D 213 18.51 -33.71 43.89
N ALA D 214 19.01 -33.12 42.82
CA ALA D 214 20.10 -33.74 42.10
C ALA D 214 21.31 -33.87 43.01
N GLY D 215 21.62 -32.80 43.74
CA GLY D 215 22.75 -32.79 44.67
C GLY D 215 22.56 -33.82 45.76
N LEU D 216 21.41 -33.76 46.43
CA LEU D 216 21.04 -34.77 47.41
C LEU D 216 21.23 -36.17 46.85
N LEU D 217 20.60 -36.45 45.71
CA LEU D 217 20.74 -37.76 45.09
C LEU D 217 22.19 -38.18 44.86
N LYS D 218 23.03 -37.23 44.48
CA LYS D 218 24.43 -37.55 44.22
C LYS D 218 25.15 -37.95 45.51
N SER D 219 24.87 -37.23 46.59
CA SER D 219 25.52 -37.51 47.85
C SER D 219 25.23 -38.94 48.31
N LYS D 220 24.08 -39.46 47.89
CA LYS D 220 23.68 -40.82 48.25
C LYS D 220 24.11 -41.86 47.21
N GLY D 221 25.00 -41.47 46.30
CA GLY D 221 25.43 -42.35 45.22
C GLY D 221 24.32 -42.77 44.27
N LEU D 222 23.22 -42.02 44.25
CA LEU D 222 22.08 -42.37 43.42
C LEU D 222 22.14 -41.72 42.04
N ALA D 223 21.49 -42.36 41.07
CA ALA D 223 21.57 -41.96 39.67
C ALA D 223 20.89 -40.63 39.37
N THR D 224 21.60 -39.75 38.65
CA THR D 224 21.04 -38.45 38.28
C THR D 224 20.95 -38.21 36.78
N SER D 225 20.90 -39.28 36.00
CA SER D 225 20.50 -39.15 34.61
C SER D 225 18.98 -39.06 34.63
N VAL D 226 18.35 -38.64 33.53
CA VAL D 226 16.93 -38.36 33.56
C VAL D 226 16.10 -39.27 32.66
N GLY D 227 14.80 -39.34 32.93
CA GLY D 227 13.87 -40.06 32.10
C GLY D 227 13.21 -39.12 31.10
N ASP D 228 12.12 -39.58 30.50
CA ASP D 228 11.49 -38.90 29.38
C ASP D 228 11.04 -37.47 29.69
N GLU D 229 10.70 -37.21 30.94
CA GLU D 229 10.06 -35.94 31.28
C GLU D 229 10.99 -35.04 32.08
N GLY D 230 12.27 -35.39 32.09
CA GLY D 230 13.31 -34.55 32.67
C GLY D 230 13.57 -34.81 34.13
N GLY D 231 12.83 -35.75 34.70
CA GLY D 231 12.96 -36.08 36.10
C GLY D 231 13.90 -37.24 36.35
N PHE D 232 14.22 -37.49 37.62
CA PHE D 232 15.14 -38.58 37.97
C PHE D 232 14.39 -39.86 38.26
N ALA D 233 15.07 -40.99 38.05
CA ALA D 233 14.55 -42.29 38.44
C ALA D 233 15.58 -43.10 39.24
N PRO D 234 16.03 -42.55 40.39
CA PRO D 234 17.03 -43.24 41.22
C PRO D 234 16.47 -44.51 41.83
N ASP D 235 17.34 -45.33 42.43
CA ASP D 235 16.87 -46.57 43.02
C ASP D 235 16.46 -46.34 44.46
N LEU D 236 15.24 -45.83 44.65
CA LEU D 236 14.68 -45.69 45.99
C LEU D 236 13.68 -46.82 46.26
N ALA D 237 13.34 -47.00 47.53
CA ALA D 237 12.68 -48.23 47.98
C ALA D 237 11.17 -48.15 47.93
N SER D 238 10.63 -47.01 48.31
CA SER D 238 9.18 -46.86 48.43
C SER D 238 8.66 -45.49 48.03
N ASP D 239 7.35 -45.38 47.89
CA ASP D 239 6.75 -44.10 47.58
C ASP D 239 7.09 -43.08 48.65
N GLU D 240 7.09 -43.53 49.91
CA GLU D 240 7.36 -42.64 51.04
C GLU D 240 8.78 -42.09 50.97
N GLU D 241 9.70 -42.89 50.43
CA GLU D 241 11.07 -42.43 50.33
C GLU D 241 11.15 -41.29 49.32
N ALA D 242 10.67 -41.55 48.11
CA ALA D 242 10.59 -40.54 47.06
C ALA D 242 10.10 -39.23 47.63
N ILE D 243 8.96 -39.31 48.32
CA ILE D 243 8.34 -38.14 48.90
C ILE D 243 9.26 -37.41 49.86
N GLU D 244 10.00 -38.17 50.64
CA GLU D 244 10.85 -37.57 51.65
C GLU D 244 12.09 -36.96 51.02
N TYR D 245 12.63 -37.62 49.99
CA TYR D 245 13.74 -37.04 49.26
C TYR D 245 13.33 -35.68 48.68
N ILE D 246 12.15 -35.65 48.05
CA ILE D 246 11.64 -34.42 47.44
C ILE D 246 11.49 -33.36 48.53
N LEU D 247 10.86 -33.75 49.62
CA LEU D 247 10.69 -32.83 50.75
C LEU D 247 12.04 -32.38 51.28
N GLU D 248 13.00 -33.30 51.30
CA GLU D 248 14.37 -32.95 51.66
C GLU D 248 14.92 -31.93 50.67
N ALA D 249 14.72 -32.20 49.39
CA ALA D 249 15.21 -31.29 48.36
C ALA D 249 14.63 -29.89 48.59
N VAL D 250 13.31 -29.86 48.80
CA VAL D 250 12.63 -28.59 49.04
C VAL D 250 13.31 -27.81 50.14
N LYS D 251 13.64 -28.51 51.22
CA LYS D 251 14.25 -27.90 52.40
C LYS D 251 15.66 -27.42 52.13
N LEU D 252 16.46 -28.25 51.46
CA LEU D 252 17.81 -27.88 51.07
C LEU D 252 17.85 -26.63 50.19
N ALA D 253 16.86 -26.51 49.31
CA ALA D 253 16.79 -25.37 48.41
C ALA D 253 16.40 -24.11 49.17
N GLY D 254 15.85 -24.30 50.37
CA GLY D 254 15.54 -23.18 51.25
C GLY D 254 14.06 -22.90 51.36
N TYR D 255 13.24 -23.91 51.13
CA TYR D 255 11.80 -23.70 51.05
C TYR D 255 11.04 -24.57 52.05
N GLU D 256 9.84 -24.14 52.39
CA GLU D 256 9.01 -24.85 53.36
C GLU D 256 7.90 -25.61 52.66
N PRO D 257 7.77 -26.91 52.96
CA PRO D 257 6.57 -27.65 52.54
C PRO D 257 5.33 -27.00 53.16
N GLY D 258 4.21 -27.07 52.46
CA GLY D 258 3.04 -26.29 52.83
C GLY D 258 3.10 -24.89 52.24
N ARG D 259 3.84 -23.99 52.89
CA ARG D 259 3.92 -22.59 52.46
C ARG D 259 4.39 -22.42 51.00
N ASP D 260 5.59 -22.91 50.69
CA ASP D 260 6.19 -22.69 49.37
C ASP D 260 5.88 -23.80 48.37
N PHE D 261 6.00 -25.06 48.79
CA PHE D 261 5.79 -26.17 47.87
C PHE D 261 4.83 -27.21 48.42
N VAL D 262 3.99 -27.74 47.56
CA VAL D 262 3.17 -28.88 47.90
C VAL D 262 3.40 -29.92 46.84
N LEU D 263 2.76 -31.08 46.97
CA LEU D 263 3.08 -32.20 46.09
C LEU D 263 1.87 -32.68 45.34
N ALA D 264 2.11 -33.23 44.16
CA ALA D 264 1.05 -33.84 43.38
C ALA D 264 1.59 -35.18 42.91
N MET D 265 0.70 -36.12 42.60
CA MET D 265 1.16 -37.45 42.25
C MET D 265 0.31 -38.09 41.17
N ASP D 266 0.95 -38.80 40.26
CA ASP D 266 0.22 -39.59 39.29
C ASP D 266 0.40 -41.04 39.72
N ALA D 267 -0.58 -41.54 40.46
CA ALA D 267 -0.56 -42.92 40.93
C ALA D 267 -0.65 -43.87 39.76
N ALA D 268 -1.28 -43.44 38.67
CA ALA D 268 -1.49 -44.30 37.51
C ALA D 268 -1.97 -45.69 37.95
N SER D 269 -2.96 -45.73 38.83
CA SER D 269 -3.40 -46.99 39.42
C SER D 269 -4.04 -47.95 38.43
N SER D 270 -4.28 -47.51 37.20
CA SER D 270 -4.85 -48.38 36.18
C SER D 270 -3.87 -49.49 35.83
N GLU D 271 -2.62 -49.30 36.25
CA GLU D 271 -1.55 -50.25 35.99
C GLU D 271 -1.44 -51.28 37.12
N TRP D 272 -2.40 -51.23 38.03
CA TRP D 272 -2.39 -52.07 39.21
C TRP D 272 -3.55 -53.06 39.19
N LYS D 273 -4.05 -53.34 38.00
CA LYS D 273 -5.15 -54.27 37.82
C LYS D 273 -5.11 -55.40 38.85
N GLY D 274 -6.21 -55.58 39.57
CA GLY D 274 -6.30 -56.65 40.55
C GLY D 274 -6.86 -57.90 39.92
N GLU D 275 -7.25 -58.86 40.76
CA GLU D 275 -7.81 -60.12 40.30
C GLU D 275 -9.21 -59.90 39.73
N LYS D 276 -9.93 -58.95 40.32
CA LYS D 276 -11.27 -58.55 39.87
C LYS D 276 -11.46 -57.06 40.06
N LYS D 277 -12.42 -56.47 39.36
CA LYS D 277 -12.67 -55.04 39.48
C LYS D 277 -12.89 -54.65 40.93
N GLY D 278 -12.14 -53.66 41.42
CA GLY D 278 -12.24 -53.24 42.81
C GLY D 278 -11.05 -53.68 43.66
N GLU D 279 -10.20 -54.51 43.07
CA GLU D 279 -8.98 -54.96 43.74
C GLU D 279 -7.75 -54.40 43.03
N TYR D 280 -6.73 -54.11 43.83
CA TYR D 280 -5.48 -53.59 43.28
C TYR D 280 -4.28 -54.37 43.80
N ILE D 281 -3.30 -54.57 42.93
CA ILE D 281 -2.04 -55.19 43.30
C ILE D 281 -0.86 -54.39 42.74
N LEU D 282 -0.15 -53.71 43.62
CA LEU D 282 1.05 -52.97 43.26
C LEU D 282 2.14 -53.93 42.78
N PRO D 283 2.48 -53.88 41.49
CA PRO D 283 3.47 -54.81 40.92
C PRO D 283 4.82 -54.82 41.64
N LYS D 284 5.20 -53.73 42.30
CA LYS D 284 6.48 -53.70 43.01
C LYS D 284 6.35 -54.04 44.49
N CYS D 285 5.46 -53.34 45.19
CA CYS D 285 5.22 -53.61 46.60
C CYS D 285 4.56 -54.98 46.79
N LYS D 286 3.90 -55.45 45.73
CA LYS D 286 3.12 -56.68 45.78
C LYS D 286 1.99 -56.58 46.80
N ARG D 287 1.81 -55.39 47.35
CA ARG D 287 0.75 -55.14 48.33
C ARG D 287 -0.63 -55.22 47.68
N LYS D 288 -1.61 -55.74 48.42
CA LYS D 288 -2.96 -55.92 47.89
C LYS D 288 -3.91 -54.90 48.51
N PHE D 289 -4.87 -54.43 47.71
CA PHE D 289 -5.81 -53.40 48.14
C PHE D 289 -7.22 -53.64 47.64
N ALA D 290 -8.18 -53.42 48.52
CA ALA D 290 -9.56 -53.28 48.07
C ALA D 290 -9.72 -51.81 47.68
N SER D 291 -10.52 -51.57 46.66
CA SER D 291 -10.84 -50.23 46.22
C SER D 291 -10.87 -49.25 47.40
N GLU D 292 -11.64 -49.60 48.42
CA GLU D 292 -11.88 -48.71 49.55
C GLU D 292 -10.67 -48.59 50.49
N GLU D 293 -9.79 -49.59 50.43
CA GLU D 293 -8.59 -49.64 51.27
C GLU D 293 -7.53 -48.73 50.65
N LEU D 294 -7.44 -48.76 49.33
CA LEU D 294 -6.57 -47.86 48.58
C LEU D 294 -6.87 -46.41 48.97
N VAL D 295 -8.14 -46.04 48.89
CA VAL D 295 -8.55 -44.70 49.29
C VAL D 295 -8.04 -44.32 50.68
N ALA D 296 -8.11 -45.28 51.60
CA ALA D 296 -7.67 -45.05 52.97
C ALA D 296 -6.17 -44.80 52.97
N HIS D 297 -5.46 -45.49 52.08
CA HIS D 297 -4.03 -45.31 51.92
C HIS D 297 -3.70 -43.87 51.52
N TRP D 298 -4.29 -43.40 50.43
CA TRP D 298 -4.08 -42.03 49.97
C TRP D 298 -4.41 -41.09 51.11
N LYS D 299 -5.48 -41.43 51.82
CA LYS D 299 -6.00 -40.61 52.89
C LYS D 299 -4.91 -40.34 53.92
N SER D 300 -4.25 -41.42 54.35
CA SER D 300 -3.16 -41.31 55.32
C SER D 300 -2.00 -40.49 54.74
N LEU D 301 -1.49 -40.91 53.59
CA LEU D 301 -0.41 -40.20 52.91
C LEU D 301 -0.57 -38.69 52.98
N CYS D 302 -1.76 -38.21 52.61
CA CYS D 302 -2.03 -36.78 52.57
C CYS D 302 -2.05 -36.18 53.96
N GLU D 303 -2.39 -37.00 54.95
CA GLU D 303 -2.31 -36.56 56.33
C GLU D 303 -0.85 -36.47 56.72
N ARG D 304 -0.08 -37.51 56.38
CA ARG D 304 1.35 -37.55 56.65
C ARG D 304 2.16 -36.51 55.88
N TYR D 305 1.71 -36.16 54.67
CA TYR D 305 2.47 -35.27 53.77
C TYR D 305 1.63 -34.18 53.11
N PRO D 306 2.29 -33.12 52.61
CA PRO D 306 1.58 -32.04 51.92
C PRO D 306 1.29 -32.39 50.46
N ILE D 307 0.42 -33.37 50.27
CA ILE D 307 0.00 -33.81 48.96
C ILE D 307 -1.39 -33.26 48.68
N VAL D 308 -1.51 -32.38 47.67
CA VAL D 308 -2.75 -31.68 47.36
C VAL D 308 -3.51 -32.23 46.15
N SER D 309 -2.89 -33.16 45.43
CA SER D 309 -3.51 -33.65 44.20
C SER D 309 -3.06 -35.08 43.92
N ILE D 310 -4.00 -35.90 43.49
CA ILE D 310 -3.64 -37.25 43.12
C ILE D 310 -4.34 -37.60 41.81
N GLU D 311 -3.55 -38.02 40.83
CA GLU D 311 -4.05 -38.35 39.51
C GLU D 311 -4.24 -39.84 39.40
N ASP D 312 -5.44 -40.26 38.99
CA ASP D 312 -5.73 -41.67 38.77
C ASP D 312 -5.45 -42.53 40.00
N GLY D 313 -5.99 -42.13 41.14
CA GLY D 313 -5.78 -42.85 42.39
C GLY D 313 -6.53 -44.18 42.45
N LEU D 314 -7.42 -44.39 41.48
CA LEU D 314 -8.18 -45.62 41.34
C LEU D 314 -8.29 -45.98 39.86
N ASP D 315 -8.83 -47.15 39.56
CA ASP D 315 -8.81 -47.66 38.21
C ASP D 315 -9.66 -46.84 37.22
N GLU D 316 -9.30 -46.92 35.95
CA GLU D 316 -9.96 -46.19 34.88
C GLU D 316 -11.39 -46.68 34.61
N GLU D 317 -11.85 -47.68 35.36
CA GLU D 317 -13.22 -48.15 35.21
C GLU D 317 -13.90 -48.35 36.56
N ASP D 318 -13.14 -48.20 37.64
CA ASP D 318 -13.68 -48.37 38.97
C ASP D 318 -14.49 -47.15 39.43
N TRP D 319 -15.63 -46.92 38.78
CA TRP D 319 -16.45 -45.74 39.01
C TRP D 319 -17.07 -45.67 40.42
N GLU D 320 -17.51 -46.81 40.93
CA GLU D 320 -18.00 -46.88 42.28
C GLU D 320 -16.87 -46.50 43.21
N GLY D 321 -15.67 -46.98 42.86
CA GLY D 321 -14.49 -46.65 43.62
C GLY D 321 -14.29 -45.15 43.67
N TRP D 322 -14.16 -44.57 42.47
CA TRP D 322 -13.95 -43.13 42.33
C TRP D 322 -15.01 -42.34 43.06
N GLN D 323 -16.26 -42.65 42.76
CA GLN D 323 -17.40 -42.03 43.43
C GLN D 323 -17.17 -42.03 44.94
N TYR D 324 -16.76 -43.18 45.45
CA TYR D 324 -16.43 -43.29 46.85
C TYR D 324 -15.24 -42.39 47.22
N MET D 325 -14.11 -42.60 46.55
CA MET D 325 -12.90 -41.81 46.80
C MET D 325 -13.20 -40.32 46.77
N THR D 326 -14.00 -39.92 45.79
CA THR D 326 -14.41 -38.53 45.60
C THR D 326 -15.19 -38.01 46.80
N ARG D 327 -16.05 -38.87 47.36
CA ARG D 327 -16.75 -38.57 48.61
C ARG D 327 -15.75 -38.39 49.77
N GLU D 328 -14.86 -39.37 49.91
CA GLU D 328 -13.89 -39.38 51.00
C GLU D 328 -12.90 -38.22 50.99
N LEU D 329 -12.39 -37.89 49.80
CA LEU D 329 -11.25 -36.98 49.69
C LEU D 329 -11.55 -35.67 48.95
N GLY D 330 -12.51 -35.70 48.04
CA GLY D 330 -12.77 -34.56 47.16
C GLY D 330 -12.63 -33.18 47.78
N ASP D 331 -12.97 -33.06 49.06
CA ASP D 331 -13.12 -31.77 49.69
C ASP D 331 -11.77 -31.22 50.17
N LYS D 332 -10.81 -32.11 50.32
CA LYS D 332 -9.47 -31.74 50.77
C LYS D 332 -8.45 -31.85 49.63
N ILE D 333 -8.66 -32.82 48.76
CA ILE D 333 -7.66 -33.21 47.77
C ILE D 333 -8.16 -33.15 46.33
N GLN D 334 -7.31 -32.65 45.44
CA GLN D 334 -7.61 -32.69 44.02
C GLN D 334 -7.43 -34.11 43.50
N LEU D 335 -8.47 -34.64 42.87
CA LEU D 335 -8.44 -35.98 42.32
C LEU D 335 -8.61 -35.88 40.82
N VAL D 336 -7.52 -36.12 40.11
CA VAL D 336 -7.46 -35.85 38.69
C VAL D 336 -7.70 -37.13 37.91
N GLY D 337 -8.65 -37.09 36.99
CA GLY D 337 -8.83 -38.18 36.06
C GLY D 337 -7.96 -38.02 34.82
N ASP D 338 -7.01 -38.94 34.65
CA ASP D 338 -6.19 -39.02 33.44
C ASP D 338 -6.76 -40.17 32.58
N ASP D 339 -6.37 -41.39 32.89
CA ASP D 339 -6.91 -42.56 32.18
C ASP D 339 -8.42 -42.67 32.38
N LEU D 340 -8.93 -42.11 33.47
CA LEU D 340 -10.35 -42.17 33.74
C LEU D 340 -11.15 -41.52 32.62
N PHE D 341 -10.68 -40.37 32.14
CA PHE D 341 -11.44 -39.57 31.17
C PHE D 341 -10.87 -39.60 29.74
N VAL D 342 -9.58 -39.91 29.62
CA VAL D 342 -8.85 -39.80 28.36
C VAL D 342 -9.33 -38.64 27.47
N THR D 343 -9.50 -37.47 28.08
CA THR D 343 -9.92 -36.24 27.37
C THR D 343 -11.16 -36.45 26.50
N ASN D 344 -12.01 -37.40 26.91
CA ASN D 344 -13.25 -37.75 26.21
C ASN D 344 -14.42 -37.11 26.96
N THR D 345 -15.19 -36.25 26.30
CA THR D 345 -16.30 -35.55 26.96
C THR D 345 -17.45 -36.46 27.45
N GLU D 346 -17.75 -37.52 26.72
CA GLU D 346 -18.72 -38.51 27.19
C GLU D 346 -18.28 -39.07 28.52
N ARG D 347 -17.02 -39.48 28.61
CA ARG D 347 -16.48 -40.01 29.86
C ARG D 347 -16.39 -38.95 30.96
N LEU D 348 -16.13 -37.72 30.57
CA LEU D 348 -16.04 -36.63 31.54
C LEU D 348 -17.43 -36.34 32.09
N ASN D 349 -18.39 -36.29 31.19
CA ASN D 349 -19.78 -36.14 31.57
C ASN D 349 -20.21 -37.24 32.55
N LYS D 350 -19.93 -38.50 32.21
CA LYS D 350 -20.20 -39.61 33.13
C LYS D 350 -19.61 -39.39 34.52
N GLY D 351 -18.35 -38.95 34.56
CA GLY D 351 -17.71 -38.67 35.83
C GLY D 351 -18.46 -37.58 36.60
N ILE D 352 -18.88 -36.56 35.87
CA ILE D 352 -19.58 -35.43 36.46
C ILE D 352 -20.92 -35.86 37.03
N LYS D 353 -21.66 -36.61 36.22
CA LYS D 353 -22.97 -37.12 36.61
C LYS D 353 -22.89 -38.07 37.81
N GLU D 354 -21.85 -38.89 37.86
CA GLU D 354 -21.68 -39.81 38.97
C GLU D 354 -20.76 -39.27 40.05
N ARG D 355 -20.50 -37.97 40.01
CA ARG D 355 -19.61 -37.30 40.97
C ARG D 355 -18.27 -38.02 41.19
N CYS D 356 -17.56 -38.31 40.09
CA CYS D 356 -16.25 -38.94 40.16
C CYS D 356 -15.15 -37.95 39.79
N GLY D 357 -14.16 -37.81 40.67
CA GLY D 357 -13.07 -36.88 40.46
C GLY D 357 -13.52 -35.44 40.59
N ASN D 358 -12.57 -34.52 40.71
CA ASN D 358 -12.89 -33.09 40.69
C ASN D 358 -11.89 -32.32 39.81
N SER D 359 -11.26 -33.06 38.90
CA SER D 359 -10.28 -32.51 37.97
C SER D 359 -10.04 -33.45 36.79
N ILE D 360 -9.52 -32.91 35.69
CA ILE D 360 -9.25 -33.70 34.49
C ILE D 360 -7.93 -33.34 33.84
N LEU D 361 -7.17 -34.35 33.43
CA LEU D 361 -5.93 -34.12 32.71
C LEU D 361 -6.28 -33.95 31.23
N ILE D 362 -5.98 -32.78 30.70
CA ILE D 362 -6.32 -32.48 29.32
C ILE D 362 -5.18 -32.78 28.35
N LYS D 363 -5.40 -33.74 27.47
CA LYS D 363 -4.40 -34.05 26.45
C LYS D 363 -4.98 -33.79 25.06
N LEU D 364 -4.53 -32.69 24.46
CA LEU D 364 -4.91 -32.31 23.11
C LEU D 364 -5.01 -33.49 22.15
N ASN D 365 -3.98 -34.33 22.12
CA ASN D 365 -3.90 -35.35 21.08
C ASN D 365 -4.80 -36.53 21.36
N GLN D 366 -5.37 -36.57 22.55
CA GLN D 366 -6.35 -37.62 22.87
C GLN D 366 -7.70 -37.30 22.26
N ILE D 367 -8.03 -36.01 22.17
CA ILE D 367 -9.28 -35.60 21.53
C ILE D 367 -9.07 -35.27 20.04
N GLY D 368 -7.97 -34.60 19.72
CA GLY D 368 -7.50 -34.52 18.35
C GLY D 368 -7.67 -33.21 17.62
N THR D 369 -8.38 -32.26 18.21
CA THR D 369 -8.43 -30.93 17.64
C THR D 369 -8.39 -29.85 18.74
N VAL D 370 -8.12 -28.62 18.32
CA VAL D 370 -8.09 -27.50 19.25
C VAL D 370 -9.50 -27.20 19.80
N SER D 371 -10.49 -27.11 18.92
CA SER D 371 -11.82 -26.71 19.37
C SER D 371 -12.41 -27.78 20.28
N GLU D 372 -12.29 -29.03 19.89
CA GLU D 372 -12.79 -30.11 20.74
C GLU D 372 -12.13 -30.04 22.10
N THR D 373 -10.83 -29.71 22.14
CA THR D 373 -10.14 -29.52 23.43
C THR D 373 -10.78 -28.39 24.25
N LEU D 374 -11.04 -27.25 23.61
CA LEU D 374 -11.68 -26.13 24.30
C LEU D 374 -12.98 -26.57 24.94
N GLU D 375 -13.77 -27.32 24.18
CA GLU D 375 -15.05 -27.82 24.65
C GLU D 375 -14.88 -28.71 25.87
N ALA D 376 -13.80 -29.48 25.89
CA ALA D 376 -13.56 -30.37 27.02
C ALA D 376 -13.27 -29.54 28.26
N ILE D 377 -12.48 -28.49 28.09
CA ILE D 377 -12.14 -27.64 29.20
C ILE D 377 -13.36 -26.86 29.69
N LYS D 378 -14.15 -26.34 28.76
CA LYS D 378 -15.37 -25.62 29.11
C LYS D 378 -16.31 -26.51 29.92
N MET D 379 -16.45 -27.77 29.51
CA MET D 379 -17.27 -28.70 30.26
C MET D 379 -16.75 -28.92 31.68
N ALA D 380 -15.47 -29.19 31.80
CA ALA D 380 -14.86 -29.39 33.12
C ALA D 380 -15.08 -28.13 33.95
N HIS D 381 -14.74 -26.99 33.37
CA HIS D 381 -14.93 -25.73 34.08
C HIS D 381 -16.39 -25.53 34.52
N LYS D 382 -17.32 -25.79 33.61
CA LYS D 382 -18.75 -25.66 33.93
C LYS D 382 -19.10 -26.40 35.23
N ALA D 383 -18.57 -27.61 35.36
CA ALA D 383 -18.89 -28.52 36.47
C ALA D 383 -18.03 -28.32 37.71
N GLY D 384 -17.16 -27.33 37.69
CA GLY D 384 -16.30 -27.07 38.83
C GLY D 384 -15.12 -28.01 38.96
N TYR D 385 -14.84 -28.77 37.90
CA TYR D 385 -13.57 -29.48 37.84
C TYR D 385 -12.47 -28.50 37.45
N THR D 386 -11.24 -28.79 37.88
CA THR D 386 -10.10 -28.07 37.36
C THR D 386 -9.63 -28.80 36.12
N ALA D 387 -9.03 -28.07 35.20
CA ALA D 387 -8.49 -28.68 33.98
C ALA D 387 -6.98 -28.52 33.97
N VAL D 388 -6.28 -29.64 34.06
CA VAL D 388 -4.82 -29.63 34.05
C VAL D 388 -4.33 -29.92 32.64
N VAL D 389 -3.74 -28.91 32.03
CA VAL D 389 -3.26 -29.04 30.67
C VAL D 389 -1.94 -29.81 30.69
N SER D 390 -1.85 -30.86 29.88
CA SER D 390 -0.78 -31.85 30.03
C SER D 390 0.08 -32.08 28.77
N HIS D 391 1.35 -32.42 29.00
CA HIS D 391 2.22 -32.91 27.95
C HIS D 391 1.96 -34.40 27.68
N ARG D 392 2.71 -34.96 26.74
CA ARG D 392 2.76 -36.40 26.58
C ARG D 392 4.23 -36.76 26.74
N SER D 393 4.51 -38.05 26.94
CA SER D 393 5.91 -38.49 27.04
C SER D 393 6.69 -38.14 25.75
N GLY D 394 6.02 -38.18 24.61
CA GLY D 394 6.67 -37.81 23.37
C GLY D 394 6.36 -36.38 22.96
N GLU D 395 7.20 -35.43 23.40
CA GLU D 395 6.94 -34.03 23.12
C GLU D 395 7.85 -33.45 22.04
N THR D 396 7.65 -32.18 21.73
CA THR D 396 8.47 -31.47 20.77
C THR D 396 8.76 -30.03 21.25
N GLU D 397 9.50 -29.31 20.43
CA GLU D 397 9.79 -27.89 20.62
C GLU D 397 8.51 -27.07 20.67
N ASP D 398 7.40 -27.65 20.21
CA ASP D 398 6.12 -26.95 20.18
C ASP D 398 5.72 -26.52 21.61
N THR D 399 5.15 -25.33 21.74
CA THR D 399 4.79 -24.82 23.07
C THR D 399 3.33 -24.45 23.15
N THR D 400 2.53 -25.07 22.28
CA THR D 400 1.10 -24.78 22.20
C THR D 400 0.38 -24.91 23.54
N ILE D 401 0.70 -25.93 24.32
CA ILE D 401 -0.07 -26.14 25.54
C ILE D 401 0.20 -25.04 26.55
N ALA D 402 1.33 -24.34 26.42
CA ALA D 402 1.52 -23.21 27.32
C ALA D 402 0.42 -22.19 27.07
N ASP D 403 0.21 -21.83 25.80
CA ASP D 403 -0.75 -20.78 25.46
C ASP D 403 -2.17 -21.23 25.75
N LEU D 404 -2.39 -22.53 25.58
CA LEU D 404 -3.71 -23.11 25.80
C LEU D 404 -4.06 -22.92 27.26
N ALA D 405 -3.11 -23.21 28.13
CA ALA D 405 -3.33 -23.11 29.57
C ALA D 405 -3.69 -21.70 29.99
N VAL D 406 -3.04 -20.70 29.41
CA VAL D 406 -3.32 -19.33 29.76
C VAL D 406 -4.60 -18.86 29.09
N ALA D 407 -4.78 -19.26 27.84
CA ALA D 407 -5.95 -18.86 27.06
C ALA D 407 -7.25 -19.21 27.77
N LEU D 408 -7.26 -20.31 28.52
CA LEU D 408 -8.48 -20.70 29.20
C LEU D 408 -8.34 -20.61 30.72
N ASN D 409 -7.37 -19.82 31.16
CA ASN D 409 -7.15 -19.60 32.58
C ASN D 409 -7.32 -20.87 33.41
N THR D 410 -6.65 -21.94 33.00
CA THR D 410 -6.82 -23.22 33.68
C THR D 410 -6.13 -23.25 35.03
N GLY D 411 -5.14 -22.38 35.22
CA GLY D 411 -4.45 -22.26 36.49
C GLY D 411 -3.49 -23.40 36.81
N GLN D 412 -3.46 -24.44 35.97
CA GLN D 412 -2.59 -25.58 36.22
C GLN D 412 -2.04 -26.21 34.95
N ILE D 413 -0.77 -26.58 34.99
CA ILE D 413 -0.14 -27.22 33.85
C ILE D 413 0.78 -28.35 34.31
N LYS D 414 0.75 -29.46 33.58
CA LYS D 414 1.66 -30.58 33.83
C LYS D 414 2.53 -30.81 32.61
N THR D 415 3.77 -30.36 32.67
CA THR D 415 4.59 -30.39 31.47
C THR D 415 6.06 -30.73 31.74
N GLY D 416 6.32 -31.38 32.88
CA GLY D 416 7.63 -31.97 33.14
C GLY D 416 8.53 -31.33 34.19
N ALA D 417 9.62 -32.02 34.49
CA ALA D 417 10.74 -31.46 35.24
C ALA D 417 11.26 -30.26 34.49
N PRO D 418 12.00 -29.38 35.18
CA PRO D 418 12.62 -28.24 34.49
C PRO D 418 13.97 -28.60 33.84
N SER D 419 13.95 -29.64 33.01
CA SER D 419 15.11 -30.02 32.20
C SER D 419 14.56 -30.78 31.00
N ARG D 420 15.35 -30.87 29.93
CA ARG D 420 14.87 -31.27 28.60
C ARG D 420 14.01 -30.14 28.01
N SER D 421 14.46 -29.57 26.90
CA SER D 421 13.77 -28.41 26.34
C SER D 421 12.40 -28.67 25.73
N GLU D 422 12.06 -29.94 25.46
CA GLU D 422 10.68 -30.22 25.09
C GLU D 422 9.77 -29.92 26.27
N ARG D 423 10.34 -29.88 27.47
CA ARG D 423 9.60 -29.49 28.67
C ARG D 423 9.87 -28.01 28.92
N VAL D 424 11.14 -27.65 29.02
CA VAL D 424 11.49 -26.29 29.41
C VAL D 424 10.98 -25.22 28.43
N ALA D 425 10.84 -25.59 27.16
CA ALA D 425 10.29 -24.65 26.17
C ALA D 425 8.92 -24.11 26.57
N LYS D 426 8.12 -24.95 27.23
CA LYS D 426 6.82 -24.52 27.71
C LYS D 426 6.99 -23.50 28.83
N TYR D 427 7.92 -23.77 29.73
CA TYR D 427 8.13 -22.86 30.84
C TYR D 427 8.63 -21.53 30.30
N ASN D 428 9.46 -21.58 29.27
CA ASN D 428 10.01 -20.36 28.72
C ASN D 428 8.93 -19.53 28.05
N GLN D 429 7.98 -20.20 27.43
CA GLN D 429 6.91 -19.53 26.71
C GLN D 429 5.97 -18.88 27.72
N LEU D 430 5.81 -19.50 28.87
CA LEU D 430 5.00 -18.95 29.94
C LEU D 430 5.68 -17.72 30.56
N LEU D 431 7.00 -17.75 30.64
CA LEU D 431 7.73 -16.56 31.04
C LEU D 431 7.41 -15.42 30.09
N ARG D 432 7.42 -15.70 28.79
CA ARG D 432 7.19 -14.64 27.80
C ARG D 432 5.79 -14.12 27.92
N ILE D 433 4.83 -15.03 28.13
CA ILE D 433 3.43 -14.65 28.22
C ILE D 433 3.21 -13.74 29.42
N GLU D 434 3.74 -14.15 30.56
CA GLU D 434 3.65 -13.35 31.76
C GLU D 434 4.24 -11.95 31.53
N GLU D 435 5.43 -11.94 30.95
CA GLU D 435 6.06 -10.70 30.56
C GLU D 435 5.12 -9.83 29.69
N GLU D 436 4.48 -10.44 28.70
CA GLU D 436 3.67 -9.71 27.74
C GLU D 436 2.40 -9.15 28.40
N LEU D 437 1.93 -9.81 29.43
CA LEU D 437 0.72 -9.43 30.14
C LEU D 437 0.92 -8.25 31.10
N GLY D 438 2.16 -8.03 31.51
CA GLY D 438 2.44 -6.94 32.40
C GLY D 438 1.64 -7.07 33.68
N ASP D 439 1.08 -5.96 34.15
CA ASP D 439 0.35 -5.95 35.42
C ASP D 439 -0.96 -6.73 35.41
N SER D 440 -1.41 -7.16 34.24
CA SER D 440 -2.67 -7.90 34.15
C SER D 440 -2.49 -9.40 34.43
N ALA D 441 -1.24 -9.82 34.53
CA ALA D 441 -0.92 -11.22 34.77
C ALA D 441 -1.30 -11.61 36.18
N VAL D 442 -2.02 -12.71 36.29
CA VAL D 442 -2.39 -13.26 37.56
C VAL D 442 -1.74 -14.62 37.72
N TYR D 443 -0.97 -14.78 38.79
CA TYR D 443 -0.49 -16.11 39.18
C TYR D 443 -1.21 -16.52 40.44
N PRO D 444 -2.03 -17.55 40.34
CA PRO D 444 -2.95 -17.89 41.43
C PRO D 444 -2.29 -18.52 42.64
N GLY D 445 -1.23 -19.29 42.44
CA GLY D 445 -0.65 -20.07 43.52
C GLY D 445 -1.64 -21.04 44.14
N PHE D 446 -1.63 -21.12 45.47
CA PHE D 446 -2.46 -22.04 46.24
C PHE D 446 -3.95 -21.90 45.94
N THR D 447 -4.37 -20.72 45.50
CA THR D 447 -5.79 -20.47 45.24
C THR D 447 -6.30 -21.15 43.96
N THR D 448 -5.42 -21.84 43.27
CA THR D 448 -5.77 -22.38 41.95
C THR D 448 -6.65 -23.62 42.02
N PHE D 449 -6.61 -24.33 43.14
CA PHE D 449 -7.42 -25.53 43.28
C PHE D 449 -8.87 -25.20 43.61
N ASN E 24 -6.72 13.50 7.12
CA ASN E 24 -5.30 13.67 6.81
C ASN E 24 -5.04 13.89 5.32
N TYR E 25 -5.65 13.06 4.46
CA TYR E 25 -5.51 13.22 3.01
C TYR E 25 -6.32 14.42 2.48
N LEU E 26 -7.24 14.92 3.30
CA LEU E 26 -8.02 16.11 2.97
C LEU E 26 -7.42 17.36 3.59
N GLU E 27 -6.28 17.20 4.24
CA GLU E 27 -5.66 18.31 4.93
C GLU E 27 -5.00 19.26 3.93
N ILE E 28 -5.27 20.56 4.04
CA ILE E 28 -4.68 21.54 3.13
C ILE E 28 -3.21 21.77 3.42
N GLU E 29 -2.38 21.48 2.43
CA GLU E 29 -0.94 21.65 2.51
C GLU E 29 -0.55 23.08 2.17
N LYS E 30 -1.14 23.59 1.09
CA LYS E 30 -0.74 24.86 0.50
C LYS E 30 -1.84 25.37 -0.43
N VAL E 31 -1.98 26.70 -0.51
CA VAL E 31 -2.83 27.34 -1.51
C VAL E 31 -1.99 28.32 -2.34
N ILE E 32 -2.14 28.29 -3.66
CA ILE E 32 -1.48 29.31 -4.47
C ILE E 32 -2.47 30.05 -5.34
N GLY E 33 -2.10 31.26 -5.73
CA GLY E 33 -2.93 32.03 -6.63
C GLY E 33 -2.14 32.36 -7.88
N ARG E 34 -2.85 32.66 -8.94
CA ARG E 34 -2.20 33.22 -10.12
C ARG E 34 -3.11 34.24 -10.81
N GLU E 35 -2.51 35.11 -11.61
CA GLU E 35 -3.27 36.12 -12.34
C GLU E 35 -3.43 35.59 -13.76
N ILE E 36 -4.63 35.16 -14.09
CA ILE E 36 -4.91 34.68 -15.44
C ILE E 36 -5.77 35.72 -16.14
N ILE E 37 -6.27 35.36 -17.32
CA ILE E 37 -7.02 36.28 -18.16
C ILE E 37 -8.43 35.74 -18.38
N ASP E 38 -9.42 36.63 -18.29
CA ASP E 38 -10.81 36.22 -18.46
C ASP E 38 -11.26 36.35 -19.91
N SER E 39 -12.54 36.08 -20.16
CA SER E 39 -13.01 35.90 -21.53
C SER E 39 -13.08 37.22 -22.27
N ARG E 40 -12.99 38.32 -21.54
CA ARG E 40 -12.99 39.65 -22.15
C ARG E 40 -11.58 40.20 -22.34
N GLY E 41 -10.57 39.48 -21.83
CA GLY E 41 -9.19 39.91 -21.99
C GLY E 41 -8.69 40.71 -20.80
N ASN E 42 -9.41 40.62 -19.69
CA ASN E 42 -8.97 41.24 -18.44
C ASN E 42 -8.47 40.19 -17.46
N PRO E 43 -7.56 40.59 -16.57
CA PRO E 43 -6.98 39.66 -15.59
C PRO E 43 -8.04 39.26 -14.61
N THR E 44 -7.94 38.02 -14.12
CA THR E 44 -8.72 37.64 -12.96
C THR E 44 -7.90 36.65 -12.13
N VAL E 45 -8.47 36.22 -11.02
CA VAL E 45 -7.73 35.42 -10.06
C VAL E 45 -8.05 33.96 -10.23
N GLU E 46 -7.00 33.14 -10.24
CA GLU E 46 -7.16 31.69 -10.18
C GLU E 46 -6.45 31.19 -8.94
N ALA E 47 -7.04 30.18 -8.30
CA ALA E 47 -6.44 29.57 -7.13
C ALA E 47 -6.28 28.07 -7.30
N GLU E 48 -5.23 27.54 -6.69
CA GLU E 48 -5.00 26.12 -6.70
C GLU E 48 -4.76 25.68 -5.25
N VAL E 49 -5.48 24.66 -4.83
CA VAL E 49 -5.35 24.17 -3.47
C VAL E 49 -4.71 22.79 -3.52
N TYR E 50 -3.63 22.62 -2.76
CA TYR E 50 -2.89 21.36 -2.71
C TYR E 50 -3.17 20.63 -1.40
N LEU E 51 -3.64 19.39 -1.52
CA LEU E 51 -3.95 18.60 -0.34
C LEU E 51 -2.80 17.66 0.03
N ALA E 52 -2.83 17.20 1.28
CA ALA E 52 -1.79 16.30 1.80
C ALA E 52 -1.73 15.04 0.95
N GLY E 53 -2.88 14.57 0.53
CA GLY E 53 -2.97 13.38 -0.29
C GLY E 53 -2.29 13.51 -1.64
N GLY E 54 -1.98 14.73 -2.07
CA GLY E 54 -1.39 14.94 -3.38
C GLY E 54 -2.41 15.36 -4.44
N VAL E 55 -3.66 15.46 -4.04
CA VAL E 55 -4.73 15.96 -4.90
C VAL E 55 -4.71 17.48 -4.93
N THR E 56 -5.08 18.05 -6.07
CA THR E 56 -5.23 19.50 -6.14
C THR E 56 -6.61 19.89 -6.65
N GLY E 57 -7.02 21.12 -6.36
CA GLY E 57 -8.25 21.65 -6.91
C GLY E 57 -7.99 23.03 -7.46
N ARG E 58 -8.69 23.38 -8.53
CA ARG E 58 -8.47 24.67 -9.19
C ARG E 58 -9.77 25.44 -9.26
N GLY E 59 -9.69 26.74 -8.97
CA GLY E 59 -10.85 27.60 -8.99
C GLY E 59 -10.51 28.99 -9.47
N THR E 60 -11.46 29.64 -10.12
CA THR E 60 -11.28 31.00 -10.60
C THR E 60 -12.48 31.89 -10.24
N ALA E 61 -12.23 33.19 -10.25
CA ALA E 61 -13.27 34.18 -9.97
C ALA E 61 -13.77 34.81 -11.27
N PRO E 62 -15.09 34.73 -11.51
CA PRO E 62 -15.55 35.49 -12.68
C PRO E 62 -15.63 36.95 -12.28
N SER E 63 -16.00 37.86 -13.17
CA SER E 63 -16.16 39.25 -12.78
C SER E 63 -17.01 40.08 -13.75
N GLY E 64 -17.76 41.05 -13.23
CA GLY E 64 -18.57 41.91 -14.07
C GLY E 64 -18.37 43.40 -13.84
N GLY E 68 -19.44 48.13 -6.68
CA GLY E 68 -20.69 47.79 -6.00
C GLY E 68 -20.77 48.25 -4.55
N GLU E 69 -21.96 48.17 -3.96
CA GLU E 69 -22.14 48.62 -2.57
C GLU E 69 -22.71 47.56 -1.62
N PHE E 70 -23.57 46.69 -2.12
CA PHE E 70 -24.15 45.64 -1.28
C PHE E 70 -23.55 44.26 -1.60
N GLU E 71 -22.42 44.27 -2.29
CA GLU E 71 -21.82 43.03 -2.74
C GLU E 71 -20.36 43.00 -2.32
N ALA E 72 -19.80 41.80 -2.28
CA ALA E 72 -18.41 41.60 -1.97
C ALA E 72 -17.58 42.27 -3.05
N LEU E 73 -16.45 42.84 -2.67
CA LEU E 73 -15.72 43.68 -3.61
C LEU E 73 -14.44 43.02 -4.08
N GLU E 74 -14.30 42.88 -5.39
CA GLU E 74 -13.09 42.31 -5.94
C GLU E 74 -11.95 43.29 -5.76
N LEU E 75 -10.74 42.78 -5.59
CA LEU E 75 -9.58 43.62 -5.38
C LEU E 75 -8.79 43.78 -6.67
N ARG E 76 -8.66 45.02 -7.14
CA ARG E 76 -7.89 45.33 -8.33
C ARG E 76 -6.67 46.16 -7.96
N ASP E 77 -5.60 46.02 -8.75
CA ASP E 77 -4.32 46.65 -8.39
C ASP E 77 -4.31 48.16 -8.50
N GLY E 78 -4.88 48.69 -9.58
CA GLY E 78 -4.95 50.13 -9.77
C GLY E 78 -3.68 50.69 -10.36
N ASP E 79 -2.86 49.82 -10.92
CA ASP E 79 -1.61 50.23 -11.54
C ASP E 79 -1.82 50.48 -13.02
N LYS E 80 -1.92 51.75 -13.38
CA LYS E 80 -2.24 52.17 -14.74
C LYS E 80 -1.24 51.63 -15.76
N GLY E 81 -0.10 51.14 -15.28
CA GLY E 81 0.94 50.62 -16.15
C GLY E 81 0.77 49.17 -16.53
N ARG E 82 -0.16 48.48 -15.86
CA ARG E 82 -0.44 47.09 -16.14
C ARG E 82 -1.92 46.90 -16.38
N PHE E 83 -2.28 46.34 -17.53
CA PHE E 83 -3.66 45.92 -17.72
C PHE E 83 -4.66 47.06 -17.50
N GLY E 84 -4.25 48.29 -17.83
CA GLY E 84 -5.12 49.44 -17.63
C GLY E 84 -5.63 49.55 -16.20
N GLY E 85 -4.79 49.15 -15.24
CA GLY E 85 -5.12 49.27 -13.83
C GLY E 85 -5.93 48.11 -13.28
N LYS E 86 -6.11 47.08 -14.10
CA LYS E 86 -7.00 45.97 -13.78
C LYS E 86 -6.26 44.70 -13.30
N GLY E 87 -4.98 44.84 -12.98
CA GLY E 87 -4.18 43.71 -12.53
C GLY E 87 -4.72 43.16 -11.21
N VAL E 88 -4.42 41.90 -10.90
CA VAL E 88 -4.92 41.28 -9.67
C VAL E 88 -3.81 40.63 -8.89
N THR E 89 -2.60 41.15 -9.06
CA THR E 89 -1.43 40.67 -8.33
C THR E 89 -1.56 40.81 -6.82
N LYS E 90 -2.21 41.89 -6.36
CA LYS E 90 -2.42 42.10 -4.93
C LYS E 90 -3.27 40.99 -4.32
N ALA E 91 -4.38 40.68 -4.98
CA ALA E 91 -5.25 39.57 -4.58
C ALA E 91 -4.50 38.26 -4.56
N VAL E 92 -3.74 38.04 -5.65
CA VAL E 92 -2.90 36.85 -5.75
C VAL E 92 -1.90 36.74 -4.59
N GLN E 93 -1.26 37.84 -4.22
CA GLN E 93 -0.33 37.83 -3.09
C GLN E 93 -1.07 37.46 -1.80
N ASN E 94 -2.29 37.93 -1.65
CA ASN E 94 -3.08 37.61 -0.47
C ASN E 94 -3.30 36.12 -0.37
N ILE E 95 -3.50 35.47 -1.52
CA ILE E 95 -3.67 34.03 -1.50
C ILE E 95 -2.36 33.40 -1.12
N ASN E 96 -1.31 33.76 -1.85
CA ASN E 96 0.00 33.15 -1.63
C ASN E 96 0.55 33.27 -0.21
N THR E 97 0.28 34.38 0.45
CA THR E 97 0.74 34.56 1.83
C THR E 97 -0.40 34.35 2.83
N GLU E 98 -1.13 35.42 3.11
CA GLU E 98 -2.17 35.40 4.13
C GLU E 98 -3.09 34.19 4.09
N ILE E 99 -3.76 33.97 2.95
CA ILE E 99 -4.78 32.93 2.89
C ILE E 99 -4.20 31.51 3.00
N SER E 100 -3.12 31.23 2.27
CA SER E 100 -2.50 29.90 2.33
C SER E 100 -2.07 29.52 3.74
N GLU E 101 -1.61 30.49 4.53
CA GLU E 101 -1.17 30.23 5.88
C GLU E 101 -2.34 29.94 6.79
N ILE E 102 -3.40 30.71 6.63
CA ILE E 102 -4.61 30.53 7.42
C ILE E 102 -5.25 29.17 7.19
N LEU E 103 -5.24 28.71 5.95
CA LEU E 103 -5.94 27.48 5.61
C LEU E 103 -5.09 26.22 5.72
N SER E 104 -3.77 26.36 5.70
CA SER E 104 -2.91 25.19 5.83
C SER E 104 -3.22 24.45 7.11
N GLY E 105 -3.48 23.15 6.99
CA GLY E 105 -3.77 22.34 8.15
C GLY E 105 -5.23 21.99 8.23
N MET E 106 -6.07 22.74 7.52
CA MET E 106 -7.52 22.56 7.61
C MET E 106 -8.07 21.47 6.69
N ASP E 107 -9.23 20.92 7.08
CA ASP E 107 -9.91 19.86 6.33
C ASP E 107 -10.66 20.50 5.18
N ALA E 108 -10.23 20.21 3.95
CA ALA E 108 -10.78 20.89 2.78
C ALA E 108 -12.25 20.54 2.53
N SER E 109 -12.71 19.43 3.11
CA SER E 109 -14.10 19.03 2.94
C SER E 109 -15.01 19.88 3.80
N ASP E 110 -14.43 20.61 4.75
CA ASP E 110 -15.21 21.49 5.62
C ASP E 110 -15.23 22.91 5.06
N ILE E 111 -16.01 23.10 4.01
CA ILE E 111 -15.97 24.33 3.23
C ILE E 111 -16.49 25.52 4.01
N TYR E 112 -17.48 25.28 4.88
CA TYR E 112 -18.00 26.31 5.75
C TYR E 112 -16.92 26.84 6.68
N ALA E 113 -16.14 25.94 7.28
CA ALA E 113 -15.05 26.37 8.17
C ALA E 113 -13.93 27.08 7.40
N VAL E 114 -13.62 26.56 6.22
CA VAL E 114 -12.62 27.19 5.36
C VAL E 114 -13.06 28.61 5.00
N ASP E 115 -14.30 28.74 4.54
CA ASP E 115 -14.86 30.03 4.15
C ASP E 115 -14.82 30.96 5.35
N ARG E 116 -15.23 30.43 6.50
CA ARG E 116 -15.29 31.22 7.72
C ARG E 116 -13.91 31.69 8.11
N ALA E 117 -12.93 30.80 8.00
CA ALA E 117 -11.54 31.14 8.32
C ALA E 117 -11.09 32.34 7.50
N MET E 118 -11.45 32.33 6.23
CA MET E 118 -11.08 33.43 5.36
C MET E 118 -11.84 34.71 5.69
N ILE E 119 -13.14 34.58 5.94
CA ILE E 119 -13.97 35.75 6.16
C ILE E 119 -13.52 36.47 7.43
N ASP E 120 -13.19 35.70 8.45
CA ASP E 120 -12.75 36.28 9.71
C ASP E 120 -11.37 36.94 9.58
N ALA E 121 -10.45 36.25 8.90
CA ALA E 121 -9.12 36.77 8.69
C ALA E 121 -9.16 38.07 7.89
N ASP E 122 -10.09 38.14 6.95
CA ASP E 122 -10.30 39.33 6.15
C ASP E 122 -10.77 40.48 7.03
N GLY E 123 -11.68 40.16 7.94
CA GLY E 123 -12.15 41.15 8.90
C GLY E 123 -13.22 42.10 8.41
N THR E 124 -13.26 42.36 7.11
CA THR E 124 -14.24 43.31 6.58
C THR E 124 -15.57 42.65 6.21
N LYS E 125 -16.58 43.48 6.00
CA LYS E 125 -17.93 43.01 5.73
C LYS E 125 -18.11 42.66 4.26
N ASP E 126 -17.15 43.03 3.42
CA ASP E 126 -17.30 42.83 1.98
C ASP E 126 -16.06 42.22 1.34
N LYS E 127 -15.26 41.53 2.16
CA LYS E 127 -14.08 40.82 1.66
C LYS E 127 -13.10 41.75 0.93
N SER E 128 -13.13 43.03 1.30
CA SER E 128 -12.34 44.05 0.62
C SER E 128 -10.85 44.02 0.95
N LYS E 129 -10.46 43.42 2.06
CA LYS E 129 -9.05 43.38 2.41
C LYS E 129 -8.31 42.33 1.57
N PHE E 130 -8.83 41.11 1.53
CA PHE E 130 -8.26 40.07 0.70
C PHE E 130 -8.70 40.21 -0.76
N GLY E 131 -9.98 40.52 -0.96
CA GLY E 131 -10.55 40.61 -2.29
C GLY E 131 -11.53 39.49 -2.51
N ALA E 132 -12.78 39.84 -2.83
CA ALA E 132 -13.79 38.84 -3.10
C ALA E 132 -13.31 37.85 -4.16
N ASN E 133 -12.56 38.33 -5.14
CA ASN E 133 -12.00 37.46 -6.17
C ASN E 133 -11.01 36.42 -5.62
N ALA E 134 -10.15 36.84 -4.68
CA ALA E 134 -9.23 35.93 -4.01
C ALA E 134 -9.98 34.89 -3.19
N VAL E 135 -10.84 35.35 -2.31
CA VAL E 135 -11.60 34.47 -1.45
C VAL E 135 -12.42 33.46 -2.25
N LEU E 136 -13.13 33.93 -3.27
CA LEU E 136 -14.01 33.03 -4.02
C LEU E 136 -13.18 31.97 -4.71
N ALA E 137 -12.13 32.40 -5.40
CA ALA E 137 -11.25 31.47 -6.13
C ALA E 137 -10.75 30.36 -5.23
N VAL E 138 -10.41 30.71 -3.99
CA VAL E 138 -9.91 29.72 -3.05
C VAL E 138 -11.03 28.80 -2.54
N SER E 139 -12.17 29.38 -2.23
CA SER E 139 -13.34 28.63 -1.83
C SER E 139 -13.67 27.55 -2.87
N ILE E 140 -13.73 27.94 -4.14
CA ILE E 140 -14.03 27.02 -5.22
C ILE E 140 -12.93 25.97 -5.36
N ALA E 141 -11.68 26.43 -5.35
CA ALA E 141 -10.54 25.55 -5.46
C ALA E 141 -10.60 24.44 -4.40
N CYS E 142 -10.82 24.86 -3.16
CA CYS E 142 -10.96 23.92 -2.04
C CYS E 142 -12.06 22.89 -2.23
N ALA E 143 -13.22 23.36 -2.64
CA ALA E 143 -14.34 22.47 -2.87
C ALA E 143 -13.97 21.45 -3.92
N LYS E 144 -13.30 21.88 -4.98
CA LYS E 144 -12.90 20.95 -6.03
C LYS E 144 -11.82 19.97 -5.56
N ALA E 145 -10.93 20.43 -4.70
CA ALA E 145 -9.91 19.55 -4.15
C ALA E 145 -10.54 18.45 -3.31
N ALA E 146 -11.43 18.84 -2.42
CA ALA E 146 -12.12 17.91 -1.55
C ALA E 146 -12.91 16.90 -2.38
N ALA E 147 -13.63 17.38 -3.37
CA ALA E 147 -14.45 16.47 -4.16
C ALA E 147 -13.53 15.43 -4.77
N ALA E 148 -12.42 15.89 -5.33
CA ALA E 148 -11.47 14.99 -5.98
C ALA E 148 -10.81 14.03 -4.98
N ALA E 149 -10.47 14.53 -3.80
CA ALA E 149 -9.87 13.67 -2.78
C ALA E 149 -10.86 12.60 -2.36
N LEU E 150 -12.15 12.94 -2.33
CA LEU E 150 -13.18 11.96 -1.95
C LEU E 150 -13.63 11.08 -3.13
N GLY E 151 -13.16 11.39 -4.33
CA GLY E 151 -13.50 10.63 -5.52
C GLY E 151 -14.95 10.79 -5.99
N VAL E 152 -15.50 11.97 -5.81
CA VAL E 152 -16.86 12.27 -6.27
C VAL E 152 -16.89 13.54 -7.12
N PRO E 153 -17.81 13.59 -8.10
CA PRO E 153 -18.05 14.79 -8.93
C PRO E 153 -18.35 15.96 -8.02
N LEU E 154 -18.03 17.19 -8.42
CA LEU E 154 -18.26 18.34 -7.53
C LEU E 154 -19.74 18.50 -7.13
N TYR E 155 -20.66 18.12 -8.03
CA TYR E 155 -22.09 18.28 -7.71
C TYR E 155 -22.56 17.27 -6.67
N ARG E 156 -21.82 16.17 -6.50
CA ARG E 156 -22.16 15.22 -5.46
C ARG E 156 -21.53 15.70 -4.17
N PHE E 157 -20.33 16.26 -4.27
CA PHE E 157 -19.72 16.82 -3.09
C PHE E 157 -20.60 17.90 -2.52
N LEU E 158 -21.15 18.75 -3.39
CA LEU E 158 -21.94 19.91 -2.99
C LEU E 158 -23.38 19.61 -2.54
N GLY E 159 -24.03 18.64 -3.18
CA GLY E 159 -25.41 18.33 -2.86
C GLY E 159 -25.74 16.84 -2.78
N GLY E 160 -24.71 16.00 -2.71
CA GLY E 160 -24.95 14.60 -2.39
C GLY E 160 -25.78 13.86 -3.42
N LEU E 161 -26.29 12.70 -3.01
CA LEU E 161 -27.10 11.84 -3.86
C LEU E 161 -28.35 12.54 -4.32
N ASN E 162 -28.75 13.55 -3.57
CA ASN E 162 -29.98 14.28 -3.87
C ASN E 162 -29.88 15.22 -5.09
N ALA E 163 -28.66 15.45 -5.56
CA ALA E 163 -28.42 16.30 -6.73
C ALA E 163 -28.68 15.56 -8.04
N ASN E 164 -29.78 15.83 -8.70
CA ASN E 164 -30.03 15.17 -9.99
C ASN E 164 -30.87 15.96 -10.99
N ARG E 165 -31.10 17.24 -10.70
CA ARG E 165 -31.85 18.09 -11.63
C ARG E 165 -30.95 18.88 -12.58
N LEU E 166 -31.05 18.61 -13.87
CA LEU E 166 -30.41 19.44 -14.89
C LEU E 166 -31.19 20.74 -15.06
N PRO E 167 -30.49 21.87 -15.07
CA PRO E 167 -31.18 23.15 -15.21
C PRO E 167 -31.71 23.38 -16.61
N VAL E 168 -32.81 24.11 -16.72
CA VAL E 168 -33.20 24.71 -17.99
C VAL E 168 -32.38 25.99 -18.17
N PRO E 169 -31.64 26.08 -19.29
CA PRO E 169 -30.85 27.29 -19.52
C PRO E 169 -31.70 28.40 -20.10
N MET E 170 -31.43 29.65 -19.70
CA MET E 170 -31.93 30.78 -20.45
C MET E 170 -30.74 31.39 -21.21
N MET E 171 -30.77 31.26 -22.54
CA MET E 171 -29.63 31.64 -23.36
C MET E 171 -29.79 33.00 -24.05
N ASN E 172 -28.94 33.95 -23.65
CA ASN E 172 -28.93 35.34 -24.13
C ASN E 172 -28.45 35.50 -25.58
N ILE E 173 -29.29 35.11 -26.54
CA ILE E 173 -28.84 35.12 -27.94
C ILE E 173 -29.02 36.45 -28.66
N LEU E 174 -29.57 37.45 -27.99
CA LEU E 174 -29.77 38.74 -28.63
C LEU E 174 -29.63 39.86 -27.60
N ASN E 175 -28.71 40.79 -27.84
CA ASN E 175 -28.40 41.80 -26.83
C ASN E 175 -28.91 43.17 -27.16
N GLY E 176 -29.20 43.93 -26.11
CA GLY E 176 -29.52 45.33 -26.23
C GLY E 176 -28.86 46.02 -25.06
N GLY E 177 -29.46 47.12 -24.63
CA GLY E 177 -29.04 47.79 -23.41
C GLY E 177 -27.70 48.49 -23.51
N ALA E 178 -27.11 48.70 -22.34
CA ALA E 178 -25.89 49.48 -22.18
C ALA E 178 -24.99 49.53 -23.42
N HIS E 179 -24.12 48.54 -23.57
CA HIS E 179 -23.04 48.65 -24.56
C HIS E 179 -23.34 47.97 -25.88
N ALA E 180 -24.62 47.78 -26.17
CA ALA E 180 -25.02 47.24 -27.46
C ALA E 180 -25.29 48.37 -28.44
N ALA E 181 -24.74 48.25 -29.64
CA ALA E 181 -24.93 49.23 -30.69
C ALA E 181 -26.19 48.94 -31.49
N ASN E 182 -27.34 49.22 -30.87
CA ASN E 182 -28.62 49.09 -31.53
C ASN E 182 -29.63 49.92 -30.77
N THR E 183 -30.87 49.97 -31.25
CA THR E 183 -31.87 50.83 -30.62
C THR E 183 -32.70 50.05 -29.61
N VAL E 184 -32.15 48.97 -29.08
CA VAL E 184 -32.89 48.12 -28.17
C VAL E 184 -32.50 48.41 -26.70
N ASP E 185 -33.49 48.74 -25.87
CA ASP E 185 -33.24 49.14 -24.48
C ASP E 185 -33.11 47.97 -23.50
N VAL E 186 -33.91 46.91 -23.73
CA VAL E 186 -33.82 45.71 -22.91
C VAL E 186 -32.46 45.05 -23.08
N GLN E 187 -31.85 44.66 -21.97
CA GLN E 187 -30.47 44.21 -21.98
C GLN E 187 -30.25 42.83 -22.59
N GLU E 188 -30.98 41.83 -22.11
CA GLU E 188 -30.78 40.46 -22.61
C GLU E 188 -32.07 39.83 -23.15
N PHE E 189 -31.98 39.14 -24.26
CA PHE E 189 -33.15 38.42 -24.80
C PHE E 189 -32.82 36.93 -24.88
N MET E 190 -33.46 36.13 -24.02
CA MET E 190 -33.04 34.75 -23.84
C MET E 190 -34.11 33.75 -24.22
N ILE E 191 -33.68 32.65 -24.83
CA ILE E 191 -34.58 31.54 -25.12
C ILE E 191 -34.43 30.45 -24.09
N MET E 192 -35.54 29.81 -23.72
CA MET E 192 -35.54 28.68 -22.78
C MET E 192 -36.23 27.47 -23.40
N PRO E 193 -35.50 26.36 -23.56
CA PRO E 193 -35.99 25.12 -24.21
C PRO E 193 -36.86 24.26 -23.29
N VAL E 194 -38.07 24.73 -23.02
CA VAL E 194 -38.91 24.11 -22.01
C VAL E 194 -39.58 22.82 -22.45
N GLY E 195 -39.59 22.52 -23.74
CA GLY E 195 -40.28 21.33 -24.23
C GLY E 195 -39.43 20.08 -24.31
N ALA E 196 -38.11 20.27 -24.25
CA ALA E 196 -37.15 19.17 -24.37
C ALA E 196 -37.31 18.16 -23.23
N GLU E 197 -36.81 16.94 -23.44
CA GLU E 197 -36.94 15.88 -22.44
C GLU E 197 -35.61 15.46 -21.79
N SER E 198 -34.53 16.11 -22.19
CA SER E 198 -33.23 15.88 -21.58
C SER E 198 -32.47 17.16 -21.79
N PHE E 199 -31.44 17.39 -20.99
CA PHE E 199 -30.63 18.58 -21.19
C PHE E 199 -29.91 18.48 -22.51
N ARG E 200 -29.54 17.26 -22.89
CA ARG E 200 -28.87 17.03 -24.17
C ARG E 200 -29.70 17.57 -25.31
N GLU E 201 -30.93 17.10 -25.41
CA GLU E 201 -31.86 17.58 -26.42
C GLU E 201 -32.05 19.10 -26.33
N ALA E 202 -32.28 19.60 -25.12
CA ALA E 202 -32.44 21.04 -24.92
C ALA E 202 -31.28 21.82 -25.54
N LEU E 203 -30.05 21.38 -25.27
CA LEU E 203 -28.88 22.13 -25.75
C LEU E 203 -28.81 22.14 -27.25
N ARG E 204 -29.04 20.97 -27.86
CA ARG E 204 -29.06 20.88 -29.32
C ARG E 204 -30.04 21.89 -29.91
N GLN E 205 -31.27 21.87 -29.40
CA GLN E 205 -32.31 22.74 -29.91
C GLN E 205 -31.85 24.18 -29.86
N CYS E 206 -31.34 24.59 -28.71
CA CYS E 206 -30.84 25.96 -28.55
C CYS E 206 -29.79 26.32 -29.60
N THR E 207 -28.91 25.40 -29.95
CA THR E 207 -27.90 25.71 -30.97
C THR E 207 -28.57 25.92 -32.33
N GLU E 208 -29.61 25.14 -32.57
CA GLU E 208 -30.35 25.21 -33.84
C GLU E 208 -31.05 26.55 -33.97
N VAL E 209 -31.74 26.97 -32.92
CA VAL E 209 -32.35 28.29 -32.92
C VAL E 209 -31.28 29.37 -33.08
N PHE E 210 -30.17 29.21 -32.35
CA PHE E 210 -29.03 30.13 -32.45
C PHE E 210 -28.53 30.33 -33.89
N HIS E 211 -28.36 29.23 -34.61
CA HIS E 211 -27.85 29.31 -35.97
C HIS E 211 -28.92 29.86 -36.92
N ALA E 212 -30.18 29.54 -36.63
CA ALA E 212 -31.31 30.05 -37.41
C ALA E 212 -31.32 31.57 -37.34
N LEU E 213 -31.22 32.10 -36.14
CA LEU E 213 -31.19 33.54 -35.93
C LEU E 213 -30.03 34.16 -36.70
N ALA E 214 -28.88 33.49 -36.71
CA ALA E 214 -27.75 33.98 -37.48
C ALA E 214 -28.07 34.08 -38.97
N GLY E 215 -28.67 33.04 -39.53
CA GLY E 215 -29.06 33.06 -40.93
C GLY E 215 -30.04 34.20 -41.16
N LEU E 216 -31.05 34.27 -40.32
CA LEU E 216 -32.03 35.34 -40.37
C LEU E 216 -31.36 36.71 -40.36
N LEU E 217 -30.53 36.97 -39.37
CA LEU E 217 -29.86 38.26 -39.28
C LEU E 217 -29.06 38.52 -40.55
N LYS E 218 -28.32 37.51 -40.99
CA LYS E 218 -27.49 37.64 -42.17
C LYS E 218 -28.35 37.94 -43.39
N SER E 219 -29.50 37.27 -43.49
CA SER E 219 -30.38 37.44 -44.64
C SER E 219 -30.95 38.85 -44.75
N LYS E 220 -30.92 39.57 -43.63
CA LYS E 220 -31.38 40.96 -43.60
C LYS E 220 -30.20 41.93 -43.58
N GLY E 221 -29.02 41.45 -43.93
CA GLY E 221 -27.84 42.30 -43.99
C GLY E 221 -27.32 42.80 -42.64
N LEU E 222 -27.68 42.10 -41.57
CA LEU E 222 -27.34 42.52 -40.21
C LEU E 222 -26.12 41.78 -39.67
N ALA E 223 -25.46 42.39 -38.68
CA ALA E 223 -24.19 41.87 -38.14
C ALA E 223 -24.38 40.60 -37.33
N THR E 224 -23.59 39.58 -37.64
CA THR E 224 -23.64 38.35 -36.87
C THR E 224 -22.37 38.10 -36.05
N SER E 225 -21.68 39.18 -35.70
CA SER E 225 -20.60 39.10 -34.73
C SER E 225 -21.21 39.07 -33.33
N VAL E 226 -20.42 38.68 -32.33
CA VAL E 226 -21.01 38.43 -31.02
C VAL E 226 -20.51 39.36 -29.91
N GLY E 227 -21.31 39.52 -28.87
CA GLY E 227 -20.89 40.28 -27.71
C GLY E 227 -20.30 39.39 -26.63
N ASP E 228 -20.06 39.97 -25.46
CA ASP E 228 -19.39 39.27 -24.38
C ASP E 228 -19.98 37.92 -24.09
N GLU E 229 -21.29 37.77 -24.22
CA GLU E 229 -21.94 36.54 -23.80
C GLU E 229 -22.28 35.60 -24.95
N GLY E 230 -21.65 35.82 -26.10
CA GLY E 230 -21.83 34.96 -27.26
C GLY E 230 -23.04 35.23 -28.12
N GLY E 231 -23.87 36.18 -27.70
CA GLY E 231 -25.09 36.51 -28.41
C GLY E 231 -24.90 37.65 -29.40
N PHE E 232 -25.85 37.82 -30.30
CA PHE E 232 -25.75 38.84 -31.33
C PHE E 232 -26.26 40.17 -30.82
N ALA E 233 -25.85 41.25 -31.46
CA ALA E 233 -26.38 42.57 -31.14
C ALA E 233 -26.74 43.35 -32.40
N PRO E 234 -27.62 42.77 -33.25
CA PRO E 234 -27.96 43.39 -34.52
C PRO E 234 -28.65 44.74 -34.31
N ASP E 235 -28.53 45.65 -35.28
CA ASP E 235 -29.15 46.96 -35.17
C ASP E 235 -30.66 46.89 -35.40
N LEU E 236 -31.39 46.48 -34.37
CA LEU E 236 -32.83 46.37 -34.48
C LEU E 236 -33.54 47.58 -33.88
N ALA E 237 -34.82 47.71 -34.21
CA ALA E 237 -35.57 48.92 -33.93
C ALA E 237 -35.92 49.07 -32.46
N SER E 238 -36.34 47.98 -31.85
CA SER E 238 -36.89 48.02 -30.51
C SER E 238 -36.91 46.66 -29.84
N ASP E 239 -37.34 46.64 -28.58
CA ASP E 239 -37.50 45.40 -27.84
C ASP E 239 -38.48 44.47 -28.56
N GLU E 240 -39.58 45.05 -29.02
CA GLU E 240 -40.62 44.30 -29.71
C GLU E 240 -40.04 43.61 -30.94
N GLU E 241 -39.17 44.30 -31.66
CA GLU E 241 -38.64 43.73 -32.89
C GLU E 241 -37.66 42.60 -32.56
N ALA E 242 -36.81 42.83 -31.56
CA ALA E 242 -35.87 41.80 -31.14
C ALA E 242 -36.63 40.53 -30.79
N ILE E 243 -37.70 40.67 -30.01
CA ILE E 243 -38.52 39.54 -29.63
C ILE E 243 -38.98 38.82 -30.88
N GLU E 244 -39.45 39.58 -31.85
CA GLU E 244 -40.05 39.00 -33.04
C GLU E 244 -39.01 38.26 -33.86
N TYR E 245 -37.81 38.82 -33.92
CA TYR E 245 -36.71 38.15 -34.62
C TYR E 245 -36.40 36.79 -34.00
N ILE E 246 -36.25 36.77 -32.68
CA ILE E 246 -36.01 35.54 -31.95
C ILE E 246 -37.11 34.51 -32.23
N LEU E 247 -38.36 34.95 -32.11
CA LEU E 247 -39.48 34.05 -32.31
C LEU E 247 -39.45 33.47 -33.71
N GLU E 248 -39.01 34.28 -34.67
CA GLU E 248 -38.91 33.84 -36.05
C GLU E 248 -37.79 32.81 -36.20
N ALA E 249 -36.72 32.96 -35.43
CA ALA E 249 -35.61 32.00 -35.48
C ALA E 249 -36.03 30.66 -34.91
N VAL E 250 -36.78 30.70 -33.80
CA VAL E 250 -37.35 29.49 -33.24
C VAL E 250 -38.13 28.80 -34.34
N LYS E 251 -39.01 29.58 -34.96
CA LYS E 251 -39.85 29.10 -36.04
C LYS E 251 -39.03 28.45 -37.15
N LEU E 252 -37.98 29.13 -37.60
CA LEU E 252 -37.13 28.64 -38.68
C LEU E 252 -36.42 27.32 -38.34
N ALA E 253 -36.04 27.18 -37.08
CA ALA E 253 -35.33 25.99 -36.65
C ALA E 253 -36.28 24.80 -36.58
N GLY E 254 -37.57 25.08 -36.67
CA GLY E 254 -38.59 24.04 -36.69
C GLY E 254 -39.25 23.80 -35.35
N TYR E 255 -39.30 24.82 -34.50
CA TYR E 255 -39.89 24.66 -33.18
C TYR E 255 -41.06 25.62 -32.97
N GLU E 256 -41.93 25.28 -32.03
CA GLU E 256 -43.08 26.13 -31.74
C GLU E 256 -42.87 26.90 -30.44
N PRO E 257 -42.95 28.24 -30.52
CA PRO E 257 -43.01 29.05 -29.29
C PRO E 257 -44.10 28.51 -28.39
N GLY E 258 -43.91 28.64 -27.08
CA GLY E 258 -44.82 28.03 -26.12
C GLY E 258 -44.46 26.59 -25.80
N ARG E 259 -44.73 25.69 -26.75
CA ARG E 259 -44.51 24.26 -26.56
C ARG E 259 -43.02 23.86 -26.49
N ASP E 260 -42.21 24.35 -27.41
CA ASP E 260 -40.78 24.04 -27.41
C ASP E 260 -39.94 25.09 -26.70
N PHE E 261 -40.11 26.36 -27.05
CA PHE E 261 -39.32 27.43 -26.47
C PHE E 261 -40.19 28.52 -25.89
N VAL E 262 -39.75 29.10 -24.78
CA VAL E 262 -40.34 30.33 -24.29
C VAL E 262 -39.24 31.33 -24.05
N LEU E 263 -39.61 32.57 -23.75
CA LEU E 263 -38.61 33.60 -23.68
C LEU E 263 -38.40 34.10 -22.28
N ALA E 264 -37.19 34.55 -22.00
CA ALA E 264 -36.94 35.26 -20.77
C ALA E 264 -36.19 36.53 -21.11
N MET E 265 -36.35 37.55 -20.28
CA MET E 265 -35.72 38.83 -20.56
C MET E 265 -35.04 39.40 -19.34
N ASP E 266 -33.92 40.07 -19.56
CA ASP E 266 -33.35 40.92 -18.52
C ASP E 266 -33.53 42.36 -18.99
N ALA E 267 -34.36 43.12 -18.28
CA ALA E 267 -34.60 44.51 -18.64
C ALA E 267 -33.45 45.35 -18.15
N ALA E 268 -32.90 44.94 -17.01
CA ALA E 268 -31.89 45.74 -16.32
C ALA E 268 -32.35 47.18 -16.16
N SER E 269 -33.58 47.36 -15.68
CA SER E 269 -34.23 48.67 -15.67
C SER E 269 -33.64 49.62 -14.63
N SER E 270 -32.66 49.14 -13.87
CA SER E 270 -31.90 50.03 -13.00
C SER E 270 -31.08 50.98 -13.85
N GLU E 271 -31.01 50.68 -15.14
CA GLU E 271 -30.25 51.48 -16.09
C GLU E 271 -31.14 52.53 -16.75
N TRP E 272 -32.43 52.48 -16.42
CA TRP E 272 -33.43 53.33 -17.03
C TRP E 272 -33.95 54.42 -16.09
N LYS E 273 -33.13 54.85 -15.14
CA LYS E 273 -33.61 55.78 -14.11
C LYS E 273 -34.16 57.08 -14.69
N GLY E 274 -35.32 57.49 -14.17
CA GLY E 274 -35.93 58.75 -14.55
C GLY E 274 -35.48 59.88 -13.64
N GLU E 275 -36.28 60.94 -13.62
CA GLU E 275 -35.95 62.13 -12.84
C GLU E 275 -36.01 61.86 -11.33
N LYS E 276 -36.98 61.07 -10.89
CA LYS E 276 -37.05 60.69 -9.48
C LYS E 276 -37.52 59.24 -9.32
N LYS E 277 -37.41 58.73 -8.09
CA LYS E 277 -37.79 57.35 -7.81
C LYS E 277 -39.19 57.03 -8.32
N GLY E 278 -39.34 55.86 -8.93
CA GLY E 278 -40.63 55.46 -9.48
C GLY E 278 -40.86 55.92 -10.90
N GLU E 279 -39.94 56.73 -11.43
CA GLU E 279 -40.00 57.17 -12.82
C GLU E 279 -38.90 56.52 -13.65
N TYR E 280 -39.26 56.05 -14.84
CA TYR E 280 -38.31 55.39 -15.73
C TYR E 280 -38.20 56.05 -17.09
N ILE E 281 -36.97 56.29 -17.53
CA ILE E 281 -36.72 56.76 -18.89
C ILE E 281 -35.74 55.83 -19.62
N LEU E 282 -36.28 55.02 -20.54
CA LEU E 282 -35.44 54.22 -21.42
C LEU E 282 -34.47 55.11 -22.17
N PRO E 283 -33.16 54.88 -21.98
CA PRO E 283 -32.13 55.77 -22.50
C PRO E 283 -32.09 55.86 -24.03
N LYS E 284 -32.53 54.81 -24.72
CA LYS E 284 -32.43 54.76 -26.18
C LYS E 284 -33.70 55.26 -26.88
N CYS E 285 -34.81 54.56 -26.68
CA CYS E 285 -36.08 54.95 -27.28
C CYS E 285 -36.71 56.15 -26.54
N LYS E 286 -36.04 56.62 -25.51
CA LYS E 286 -36.46 57.81 -24.77
C LYS E 286 -37.89 57.76 -24.24
N ARG E 287 -38.47 56.57 -24.20
CA ARG E 287 -39.85 56.38 -23.73
C ARG E 287 -39.96 56.53 -22.21
N LYS E 288 -41.10 57.05 -21.78
CA LYS E 288 -41.31 57.46 -20.39
C LYS E 288 -42.31 56.53 -19.71
N PHE E 289 -41.92 55.98 -18.58
CA PHE E 289 -42.77 55.05 -17.84
C PHE E 289 -42.91 55.43 -16.37
N ALA E 290 -44.14 55.42 -15.89
CA ALA E 290 -44.37 55.49 -14.46
C ALA E 290 -44.23 54.06 -13.96
N SER E 291 -43.70 53.93 -12.76
CA SER E 291 -43.56 52.63 -12.14
C SER E 291 -44.70 51.66 -12.55
N GLU E 292 -45.95 52.05 -12.32
CA GLU E 292 -47.06 51.16 -12.59
C GLU E 292 -47.33 51.01 -14.09
N GLU E 293 -46.85 51.98 -14.86
CA GLU E 293 -47.00 51.94 -16.31
C GLU E 293 -46.03 50.93 -16.91
N LEU E 294 -44.80 50.93 -16.40
CA LEU E 294 -43.81 49.93 -16.78
C LEU E 294 -44.37 48.53 -16.55
N VAL E 295 -45.00 48.32 -15.40
CA VAL E 295 -45.58 47.03 -15.08
C VAL E 295 -46.65 46.66 -16.10
N ALA E 296 -47.49 47.63 -16.46
CA ALA E 296 -48.54 47.39 -17.44
C ALA E 296 -47.90 47.03 -18.76
N HIS E 297 -46.80 47.71 -19.06
CA HIS E 297 -46.02 47.41 -20.25
C HIS E 297 -45.55 45.96 -20.29
N TRP E 298 -44.99 45.50 -19.17
CA TRP E 298 -44.50 44.13 -19.10
C TRP E 298 -45.67 43.17 -19.25
N LYS E 299 -46.83 43.56 -18.71
CA LYS E 299 -48.00 42.68 -18.73
C LYS E 299 -48.48 42.48 -20.16
N SER E 300 -48.49 43.55 -20.94
CA SER E 300 -48.95 43.43 -22.32
C SER E 300 -47.93 42.61 -23.13
N LEU E 301 -46.64 42.89 -22.95
CA LEU E 301 -45.61 42.10 -23.63
C LEU E 301 -45.79 40.62 -23.38
N CYS E 302 -46.16 40.27 -22.14
CA CYS E 302 -46.31 38.86 -21.77
C CYS E 302 -47.60 38.25 -22.32
N GLU E 303 -48.64 39.07 -22.45
CA GLU E 303 -49.88 38.60 -23.07
C GLU E 303 -49.65 38.49 -24.57
N ARG E 304 -48.80 39.38 -25.08
CA ARG E 304 -48.53 39.47 -26.50
C ARG E 304 -47.55 38.40 -26.99
N TYR E 305 -46.58 38.06 -26.14
CA TYR E 305 -45.54 37.09 -26.49
C TYR E 305 -45.33 36.06 -25.36
N PRO E 306 -44.75 34.90 -25.71
CA PRO E 306 -44.48 33.83 -24.73
C PRO E 306 -43.27 34.10 -23.84
N ILE E 307 -43.38 35.14 -23.02
CA ILE E 307 -42.32 35.55 -22.11
C ILE E 307 -42.67 35.10 -20.69
N VAL E 308 -41.89 34.18 -20.14
CA VAL E 308 -42.24 33.63 -18.85
C VAL E 308 -41.43 34.17 -17.70
N SER E 309 -40.43 35.00 -18.00
CA SER E 309 -39.54 35.46 -16.95
C SER E 309 -38.95 36.80 -17.28
N ILE E 310 -38.93 37.67 -16.28
CA ILE E 310 -38.39 39.00 -16.48
C ILE E 310 -37.47 39.34 -15.34
N GLU E 311 -36.25 39.72 -15.68
CA GLU E 311 -35.26 40.05 -14.68
C GLU E 311 -35.15 41.57 -14.58
N ASP E 312 -35.13 42.06 -13.35
CA ASP E 312 -35.05 43.49 -13.08
C ASP E 312 -36.01 44.29 -13.94
N GLY E 313 -37.29 43.91 -13.89
CA GLY E 313 -38.36 44.65 -14.55
C GLY E 313 -38.58 46.03 -13.93
N LEU E 314 -38.05 46.22 -12.73
CA LEU E 314 -38.12 47.51 -12.05
C LEU E 314 -36.79 47.83 -11.36
N ASP E 315 -36.63 49.06 -10.89
CA ASP E 315 -35.36 49.52 -10.35
C ASP E 315 -34.91 48.80 -9.07
N GLU E 316 -33.60 48.73 -8.88
CA GLU E 316 -33.00 48.09 -7.71
C GLU E 316 -33.51 48.61 -6.36
N GLU E 317 -34.16 49.77 -6.35
CA GLU E 317 -34.58 50.39 -5.09
C GLU E 317 -36.04 50.83 -5.09
N ASP E 318 -36.75 50.49 -6.15
CA ASP E 318 -38.17 50.77 -6.23
C ASP E 318 -38.97 49.62 -5.63
N TRP E 319 -38.80 49.45 -4.32
CA TRP E 319 -39.40 48.32 -3.62
C TRP E 319 -40.92 48.33 -3.71
N GLU E 320 -41.54 49.50 -3.67
CA GLU E 320 -42.99 49.58 -3.77
C GLU E 320 -43.44 49.10 -5.14
N GLY E 321 -42.68 49.50 -6.17
CA GLY E 321 -42.93 49.07 -7.52
C GLY E 321 -42.85 47.56 -7.63
N TRP E 322 -41.73 46.99 -7.19
CA TRP E 322 -41.58 45.55 -7.15
C TRP E 322 -42.77 44.91 -6.46
N GLN E 323 -43.15 45.45 -5.31
CA GLN E 323 -44.28 44.94 -4.56
C GLN E 323 -45.54 44.92 -5.42
N TYR E 324 -45.82 46.04 -6.07
CA TYR E 324 -46.99 46.10 -6.93
C TYR E 324 -46.86 45.10 -8.09
N MET E 325 -45.71 45.14 -8.76
CA MET E 325 -45.44 44.28 -9.91
C MET E 325 -45.62 42.82 -9.57
N THR E 326 -45.12 42.45 -8.40
CA THR E 326 -45.20 41.07 -7.93
C THR E 326 -46.64 40.63 -7.72
N ARG E 327 -47.46 41.48 -7.12
CA ARG E 327 -48.90 41.22 -7.04
C ARG E 327 -49.52 41.10 -8.42
N GLU E 328 -49.18 42.04 -9.28
CA GLU E 328 -49.80 42.13 -10.61
C GLU E 328 -49.44 40.99 -11.56
N LEU E 329 -48.18 40.54 -11.50
CA LEU E 329 -47.67 39.58 -12.48
C LEU E 329 -47.12 38.31 -11.86
N GLY E 330 -46.70 38.40 -10.60
CA GLY E 330 -46.01 37.32 -9.92
C GLY E 330 -46.64 35.95 -10.07
N ASP E 331 -47.96 35.88 -10.16
CA ASP E 331 -48.64 34.60 -10.20
C ASP E 331 -48.46 33.90 -11.54
N LYS E 332 -48.09 34.66 -12.55
CA LYS E 332 -47.98 34.12 -13.89
C LYS E 332 -46.54 34.18 -14.42
N ILE E 333 -45.84 35.25 -14.06
CA ILE E 333 -44.51 35.55 -14.62
C ILE E 333 -43.40 35.44 -13.57
N GLN E 334 -42.31 34.77 -13.93
CA GLN E 334 -41.15 34.73 -13.04
C GLN E 334 -40.53 36.12 -13.00
N LEU E 335 -40.24 36.60 -11.80
CA LEU E 335 -39.73 37.94 -11.64
C LEU E 335 -38.41 37.87 -10.90
N VAL E 336 -37.32 37.95 -11.64
CA VAL E 336 -36.00 37.70 -11.10
C VAL E 336 -35.33 38.97 -10.62
N GLY E 337 -34.91 38.99 -9.37
CA GLY E 337 -34.13 40.10 -8.87
C GLY E 337 -32.68 39.82 -9.15
N ASP E 338 -32.05 40.70 -9.91
CA ASP E 338 -30.63 40.62 -10.15
C ASP E 338 -30.00 41.75 -9.34
N ASP E 339 -30.10 42.97 -9.86
CA ASP E 339 -29.64 44.15 -9.15
C ASP E 339 -30.47 44.40 -7.89
N LEU E 340 -31.70 43.92 -7.88
CA LEU E 340 -32.56 44.05 -6.70
C LEU E 340 -31.91 43.42 -5.48
N PHE E 341 -31.20 42.31 -5.70
CA PHE E 341 -30.73 41.48 -4.58
C PHE E 341 -29.21 41.41 -4.45
N VAL E 342 -28.50 41.64 -5.55
CA VAL E 342 -27.05 41.44 -5.63
C VAL E 342 -26.55 40.24 -4.81
N THR E 343 -27.26 39.12 -4.94
CA THR E 343 -26.91 37.88 -4.24
C THR E 343 -26.61 38.17 -2.77
N ASN E 344 -27.38 39.09 -2.20
CA ASN E 344 -27.20 39.50 -0.81
C ASN E 344 -28.39 39.06 0.04
N THR E 345 -28.14 38.16 0.99
CA THR E 345 -29.21 37.60 1.83
C THR E 345 -30.04 38.62 2.62
N GLU E 346 -29.43 39.73 3.02
CA GLU E 346 -30.19 40.75 3.71
C GLU E 346 -31.19 41.43 2.78
N ARG E 347 -30.78 41.67 1.55
CA ARG E 347 -31.70 42.25 0.57
C ARG E 347 -32.69 41.20 0.09
N LEU E 348 -32.23 39.96 -0.02
CA LEU E 348 -33.13 38.88 -0.38
C LEU E 348 -34.21 38.70 0.68
N ASN E 349 -33.79 38.70 1.93
CA ASN E 349 -34.73 38.59 3.04
C ASN E 349 -35.74 39.74 3.02
N LYS E 350 -35.25 40.94 2.74
CA LYS E 350 -36.13 42.10 2.61
C LYS E 350 -37.22 41.92 1.53
N GLY E 351 -36.84 41.40 0.37
CA GLY E 351 -37.80 41.14 -0.68
C GLY E 351 -38.75 40.02 -0.32
N ILE E 352 -38.26 39.04 0.43
CA ILE E 352 -39.11 37.95 0.85
C ILE E 352 -40.21 38.48 1.77
N LYS E 353 -39.81 39.24 2.79
CA LYS E 353 -40.74 39.87 3.72
C LYS E 353 -41.75 40.76 3.00
N GLU E 354 -41.25 41.64 2.14
CA GLU E 354 -42.09 42.61 1.44
C GLU E 354 -42.72 42.05 0.16
N ARG E 355 -42.60 40.75 -0.06
CA ARG E 355 -43.20 40.09 -1.23
C ARG E 355 -42.79 40.73 -2.56
N CYS E 356 -41.49 40.92 -2.72
CA CYS E 356 -40.92 41.49 -3.94
C CYS E 356 -40.16 40.43 -4.72
N GLY E 357 -40.54 40.24 -5.99
CA GLY E 357 -39.94 39.21 -6.81
C GLY E 357 -40.36 37.82 -6.36
N ASN E 358 -40.02 36.81 -7.16
CA ASN E 358 -40.24 35.42 -6.79
C ASN E 358 -39.10 34.52 -7.29
N SER E 359 -37.95 35.14 -7.49
CA SER E 359 -36.77 34.47 -8.04
C SER E 359 -35.57 35.37 -7.88
N ILE E 360 -34.39 34.77 -7.75
CA ILE E 360 -33.18 35.53 -7.58
C ILE E 360 -32.04 35.02 -8.45
N LEU E 361 -31.31 35.94 -9.05
CA LEU E 361 -30.17 35.60 -9.87
C LEU E 361 -28.97 35.45 -8.96
N ILE E 362 -28.39 34.26 -8.96
CA ILE E 362 -27.32 33.96 -8.03
C ILE E 362 -25.97 34.10 -8.72
N LYS E 363 -25.19 35.05 -8.22
CA LYS E 363 -23.85 35.24 -8.70
C LYS E 363 -22.84 34.96 -7.59
N LEU E 364 -22.12 33.86 -7.74
CA LEU E 364 -21.15 33.41 -6.74
C LEU E 364 -20.25 34.52 -6.25
N ASN E 365 -19.76 35.32 -7.20
CA ASN E 365 -18.75 36.30 -6.87
C ASN E 365 -19.29 37.54 -6.20
N GLN E 366 -20.62 37.72 -6.27
CA GLN E 366 -21.23 38.84 -5.57
C GLN E 366 -21.21 38.61 -4.06
N ILE E 367 -21.26 37.36 -3.64
CA ILE E 367 -21.28 37.04 -2.22
C ILE E 367 -19.89 36.63 -1.75
N GLY E 368 -19.18 35.81 -2.53
CA GLY E 368 -17.77 35.62 -2.27
C GLY E 368 -17.28 34.26 -1.82
N THR E 369 -18.15 33.41 -1.29
CA THR E 369 -17.72 32.05 -0.99
C THR E 369 -18.73 31.03 -1.44
N VAL E 370 -18.28 29.78 -1.51
CA VAL E 370 -19.18 28.70 -1.87
C VAL E 370 -20.29 28.51 -0.82
N SER E 371 -19.90 28.42 0.45
CA SER E 371 -20.87 28.14 1.50
C SER E 371 -21.91 29.25 1.55
N GLU E 372 -21.44 30.50 1.57
CA GLU E 372 -22.40 31.61 1.61
C GLU E 372 -23.40 31.54 0.47
N THR E 373 -22.95 31.04 -0.68
CA THR E 373 -23.83 30.93 -1.84
C THR E 373 -24.88 29.85 -1.61
N LEU E 374 -24.45 28.72 -1.05
CA LEU E 374 -25.39 27.65 -0.72
C LEU E 374 -26.48 28.21 0.19
N GLU E 375 -26.06 29.06 1.13
CA GLU E 375 -27.02 29.68 2.05
C GLU E 375 -28.00 30.58 1.32
N ALA E 376 -27.50 31.35 0.37
CA ALA E 376 -28.37 32.23 -0.40
C ALA E 376 -29.44 31.39 -1.07
N ILE E 377 -29.03 30.32 -1.74
CA ILE E 377 -29.96 29.50 -2.49
C ILE E 377 -30.96 28.82 -1.56
N LYS E 378 -30.50 28.38 -0.40
CA LYS E 378 -31.38 27.73 0.58
C LYS E 378 -32.45 28.70 1.08
N MET E 379 -32.03 29.93 1.38
CA MET E 379 -32.96 30.94 1.84
C MET E 379 -34.00 31.16 0.76
N ALA E 380 -33.53 31.22 -0.48
CA ALA E 380 -34.41 31.47 -1.60
C ALA E 380 -35.42 30.34 -1.71
N HIS E 381 -34.92 29.10 -1.77
CA HIS E 381 -35.80 27.94 -1.92
C HIS E 381 -36.83 27.87 -0.79
N LYS E 382 -36.36 28.07 0.44
CA LYS E 382 -37.24 28.03 1.61
C LYS E 382 -38.42 28.97 1.38
N ALA E 383 -38.13 30.15 0.83
CA ALA E 383 -39.16 31.17 0.61
C ALA E 383 -39.94 30.98 -0.68
N GLY E 384 -39.75 29.85 -1.35
CA GLY E 384 -40.48 29.58 -2.58
C GLY E 384 -40.02 30.38 -3.80
N TYR E 385 -38.85 30.97 -3.71
CA TYR E 385 -38.24 31.60 -4.86
C TYR E 385 -37.46 30.57 -5.66
N THR E 386 -37.32 30.79 -6.96
CA THR E 386 -36.38 30.02 -7.74
C THR E 386 -35.02 30.67 -7.64
N ALA E 387 -33.98 29.90 -7.93
CA ALA E 387 -32.63 30.41 -7.93
C ALA E 387 -32.03 30.20 -9.30
N VAL E 388 -31.80 31.28 -10.03
CA VAL E 388 -31.16 31.15 -11.34
C VAL E 388 -29.66 31.39 -11.19
N VAL E 389 -28.88 30.32 -11.31
CA VAL E 389 -27.45 30.42 -11.13
C VAL E 389 -26.85 31.11 -12.36
N SER E 390 -25.97 32.08 -12.14
CA SER E 390 -25.56 32.96 -13.23
C SER E 390 -24.05 33.11 -13.48
N HIS E 391 -23.72 33.27 -14.76
CA HIS E 391 -22.39 33.65 -15.18
C HIS E 391 -22.19 35.14 -14.96
N ARG E 392 -20.97 35.60 -15.21
CA ARG E 392 -20.71 37.04 -15.27
C ARG E 392 -20.25 37.35 -16.69
N SER E 393 -20.17 38.62 -17.02
CA SER E 393 -19.74 38.99 -18.36
C SER E 393 -18.28 38.58 -18.57
N GLY E 394 -17.47 38.73 -17.54
CA GLY E 394 -16.09 38.29 -17.62
C GLY E 394 -15.99 36.92 -16.99
N GLU E 395 -15.99 35.88 -17.83
CA GLU E 395 -15.95 34.51 -17.34
C GLU E 395 -14.60 33.87 -17.66
N THR E 396 -14.49 32.58 -17.33
CA THR E 396 -13.32 31.80 -17.65
C THR E 396 -13.76 30.39 -18.03
N GLU E 397 -12.79 29.53 -18.30
CA GLU E 397 -13.01 28.15 -18.69
C GLU E 397 -13.55 27.34 -17.52
N ASP E 398 -13.70 27.99 -16.36
CA ASP E 398 -14.18 27.33 -15.13
C ASP E 398 -15.64 26.89 -15.30
N THR E 399 -16.02 25.73 -14.76
CA THR E 399 -17.40 25.28 -14.98
C THR E 399 -18.15 25.08 -13.69
N THR E 400 -17.65 25.70 -12.63
CA THR E 400 -18.24 25.57 -11.29
C THR E 400 -19.75 25.78 -11.26
N ILE E 401 -20.25 26.83 -11.90
CA ILE E 401 -21.68 27.14 -11.78
C ILE E 401 -22.57 26.03 -12.36
N ALA E 402 -22.04 25.22 -13.28
CA ALA E 402 -22.79 24.10 -13.82
C ALA E 402 -23.07 23.07 -12.74
N ASP E 403 -22.04 22.75 -11.96
CA ASP E 403 -22.17 21.76 -10.88
C ASP E 403 -23.01 22.33 -9.76
N LEU E 404 -22.88 23.63 -9.55
CA LEU E 404 -23.61 24.28 -8.46
C LEU E 404 -25.09 24.27 -8.77
N ALA E 405 -25.44 24.48 -10.03
CA ALA E 405 -26.84 24.43 -10.44
C ALA E 405 -27.46 23.08 -10.15
N VAL E 406 -26.74 22.00 -10.48
CA VAL E 406 -27.26 20.65 -10.32
C VAL E 406 -27.19 20.26 -8.84
N ALA E 407 -26.10 20.62 -8.19
CA ALA E 407 -25.91 20.32 -6.77
C ALA E 407 -27.13 20.70 -5.95
N LEU E 408 -27.61 21.92 -6.13
CA LEU E 408 -28.73 22.42 -5.33
C LEU E 408 -30.02 22.38 -6.09
N ASN E 409 -30.05 21.59 -7.15
CA ASN E 409 -31.26 21.36 -7.91
C ASN E 409 -32.00 22.66 -8.28
N THR E 410 -31.32 23.65 -8.84
CA THR E 410 -32.00 24.91 -9.07
C THR E 410 -32.99 24.85 -10.24
N GLY E 411 -32.68 24.06 -11.25
CA GLY E 411 -33.57 23.90 -12.38
C GLY E 411 -33.50 25.01 -13.42
N GLN E 412 -32.69 26.03 -13.13
CA GLN E 412 -32.45 27.11 -14.10
C GLN E 412 -31.02 27.59 -14.02
N ILE E 413 -30.46 27.93 -15.15
CA ILE E 413 -29.11 28.49 -15.20
C ILE E 413 -29.10 29.57 -16.28
N LYS E 414 -28.40 30.66 -16.04
CA LYS E 414 -28.18 31.67 -17.06
C LYS E 414 -26.69 31.77 -17.30
N THR E 415 -26.23 31.23 -18.42
CA THR E 415 -24.79 31.18 -18.68
C THR E 415 -24.44 31.44 -20.14
N GLY E 416 -25.21 32.30 -20.80
CA GLY E 416 -24.83 32.81 -22.11
C GLY E 416 -25.43 32.09 -23.33
N ALA E 417 -25.14 32.62 -24.51
CA ALA E 417 -25.56 31.98 -25.75
C ALA E 417 -24.72 30.72 -25.95
N PRO E 418 -25.11 29.85 -26.89
CA PRO E 418 -24.27 28.66 -27.15
C PRO E 418 -23.07 28.95 -28.05
N SER E 419 -22.32 30.01 -27.76
CA SER E 419 -21.05 30.25 -28.44
C SER E 419 -20.10 31.00 -27.51
N ARG E 420 -18.80 30.87 -27.77
CA ARG E 420 -17.74 31.32 -26.87
C ARG E 420 -17.60 30.26 -25.81
N SER E 421 -16.41 29.67 -25.71
CA SER E 421 -16.24 28.51 -24.82
C SER E 421 -16.33 28.82 -23.33
N GLU E 422 -16.28 30.09 -22.93
CA GLU E 422 -16.51 30.40 -21.51
C GLU E 422 -17.98 30.24 -21.18
N ARG E 423 -18.83 30.21 -22.21
CA ARG E 423 -20.24 29.84 -22.03
C ARG E 423 -20.41 28.36 -22.35
N VAL E 424 -19.99 27.94 -23.54
CA VAL E 424 -20.24 26.56 -23.94
C VAL E 424 -19.61 25.52 -22.99
N ALA E 425 -18.50 25.88 -22.34
CA ALA E 425 -17.85 24.94 -21.42
C ALA E 425 -18.81 24.51 -20.30
N LYS E 426 -19.68 25.43 -19.88
CA LYS E 426 -20.70 25.12 -18.88
C LYS E 426 -21.71 24.11 -19.41
N TYR E 427 -22.17 24.33 -20.64
CA TYR E 427 -23.14 23.43 -21.25
C TYR E 427 -22.54 22.05 -21.46
N ASN E 428 -21.29 22.01 -21.88
CA ASN E 428 -20.60 20.73 -22.02
C ASN E 428 -20.48 19.98 -20.70
N GLN E 429 -20.30 20.71 -19.62
CA GLN E 429 -20.25 20.08 -18.31
C GLN E 429 -21.61 19.52 -17.91
N LEU E 430 -22.67 20.29 -18.15
CA LEU E 430 -24.01 19.79 -17.85
C LEU E 430 -24.27 18.53 -18.68
N LEU E 431 -23.76 18.51 -19.89
CA LEU E 431 -23.78 17.28 -20.68
C LEU E 431 -23.16 16.09 -19.94
N ARG E 432 -21.93 16.26 -19.42
CA ARG E 432 -21.22 15.16 -18.76
C ARG E 432 -21.90 14.82 -17.45
N ILE E 433 -22.50 15.82 -16.83
CA ILE E 433 -23.19 15.58 -15.57
C ILE E 433 -24.45 14.77 -15.83
N GLU E 434 -25.14 15.08 -16.92
CA GLU E 434 -26.38 14.35 -17.24
C GLU E 434 -26.05 12.93 -17.65
N GLU E 435 -24.97 12.78 -18.41
CA GLU E 435 -24.51 11.46 -18.82
C GLU E 435 -24.20 10.67 -17.57
N GLU E 436 -23.40 11.27 -16.69
CA GLU E 436 -23.01 10.64 -15.44
C GLU E 436 -24.21 10.18 -14.61
N LEU E 437 -25.27 10.98 -14.56
CA LEU E 437 -26.41 10.69 -13.71
C LEU E 437 -27.25 9.50 -14.19
N GLY E 438 -27.01 9.05 -15.41
CA GLY E 438 -27.77 7.94 -15.96
C GLY E 438 -29.26 8.20 -15.90
N ASP E 439 -30.02 7.21 -15.47
CA ASP E 439 -31.47 7.38 -15.43
C ASP E 439 -31.95 8.32 -14.33
N SER E 440 -31.10 8.61 -13.35
CA SER E 440 -31.56 9.44 -12.25
C SER E 440 -31.65 10.92 -12.64
N ALA E 441 -31.20 11.25 -13.85
CA ALA E 441 -31.21 12.64 -14.31
C ALA E 441 -32.62 13.12 -14.56
N VAL E 442 -32.93 14.31 -14.04
CA VAL E 442 -34.23 14.92 -14.27
C VAL E 442 -34.05 16.27 -14.96
N TYR E 443 -34.77 16.44 -16.07
CA TYR E 443 -34.82 17.72 -16.77
C TYR E 443 -36.23 18.27 -16.66
N PRO E 444 -36.40 19.30 -15.83
CA PRO E 444 -37.75 19.75 -15.45
C PRO E 444 -38.56 20.44 -16.55
N GLY E 445 -37.92 20.93 -17.61
CA GLY E 445 -38.65 21.63 -18.66
C GLY E 445 -39.58 22.73 -18.13
N PHE E 446 -40.83 22.74 -18.59
CA PHE E 446 -41.72 23.82 -18.19
C PHE E 446 -42.05 23.80 -16.69
N THR E 447 -41.92 22.64 -16.06
CA THR E 447 -42.25 22.51 -14.63
C THR E 447 -41.25 23.22 -13.73
N THR E 448 -40.15 23.68 -14.31
CA THR E 448 -39.07 24.22 -13.49
C THR E 448 -39.44 25.54 -12.81
N PHE E 449 -40.48 26.19 -13.32
CA PHE E 449 -40.83 27.51 -12.83
C PHE E 449 -41.60 27.50 -11.52
N ASN F 24 0.57 -2.81 -15.97
CA ASN F 24 -0.64 -2.59 -15.17
C ASN F 24 -1.29 -1.22 -15.36
N TYR F 25 -0.76 -0.19 -14.70
CA TYR F 25 -1.48 1.08 -14.52
C TYR F 25 -1.52 2.04 -15.71
N LEU F 26 -0.71 1.79 -16.73
CA LEU F 26 -0.75 2.57 -17.95
C LEU F 26 -1.62 1.87 -19.00
N GLU F 27 -2.19 0.73 -18.62
CA GLU F 27 -2.98 -0.05 -19.55
C GLU F 27 -4.34 0.59 -19.74
N ILE F 28 -4.72 0.80 -21.00
CA ILE F 28 -6.01 1.36 -21.33
C ILE F 28 -7.12 0.35 -21.02
N GLU F 29 -8.12 0.81 -20.29
CA GLU F 29 -9.17 -0.09 -19.83
C GLU F 29 -10.41 0.12 -20.67
N LYS F 30 -10.67 1.37 -21.00
CA LYS F 30 -11.88 1.77 -21.69
C LYS F 30 -11.68 3.13 -22.35
N VAL F 31 -12.26 3.31 -23.54
CA VAL F 31 -12.31 4.63 -24.17
C VAL F 31 -13.76 4.97 -24.46
N ILE F 32 -14.19 6.18 -24.11
CA ILE F 32 -15.53 6.62 -24.48
C ILE F 32 -15.55 7.96 -25.20
N GLY F 33 -16.56 8.14 -26.03
CA GLY F 33 -16.74 9.38 -26.76
C GLY F 33 -17.99 10.10 -26.32
N ARG F 34 -18.01 11.42 -26.49
CA ARG F 34 -19.24 12.16 -26.29
C ARG F 34 -19.35 13.27 -27.31
N GLU F 35 -20.58 13.72 -27.53
CA GLU F 35 -20.82 14.80 -28.44
C GLU F 35 -20.93 16.05 -27.59
N ILE F 36 -20.01 16.99 -27.81
CA ILE F 36 -20.03 18.25 -27.07
C ILE F 36 -20.16 19.37 -28.10
N ILE F 37 -20.19 20.61 -27.62
CA ILE F 37 -20.40 21.76 -28.47
C ILE F 37 -19.13 22.63 -28.47
N ASP F 38 -18.76 23.13 -29.65
CA ASP F 38 -17.53 23.89 -29.81
C ASP F 38 -17.80 25.37 -29.64
N SER F 39 -16.78 26.20 -29.86
CA SER F 39 -16.89 27.62 -29.52
C SER F 39 -17.83 28.38 -30.45
N ARG F 40 -18.26 27.74 -31.54
CA ARG F 40 -19.12 28.39 -32.52
C ARG F 40 -20.55 27.91 -32.38
N GLY F 41 -20.76 26.92 -31.51
CA GLY F 41 -22.10 26.39 -31.29
C GLY F 41 -22.41 25.16 -32.11
N ASN F 42 -21.37 24.53 -32.64
CA ASN F 42 -21.51 23.30 -33.41
C ASN F 42 -20.91 22.09 -32.68
N PRO F 43 -21.42 20.89 -32.97
CA PRO F 43 -20.93 19.73 -32.23
C PRO F 43 -19.48 19.41 -32.56
N THR F 44 -18.78 18.80 -31.62
CA THR F 44 -17.51 18.17 -31.96
C THR F 44 -17.33 16.99 -31.02
N VAL F 45 -16.25 16.25 -31.24
CA VAL F 45 -16.01 14.99 -30.54
C VAL F 45 -15.11 15.17 -29.33
N GLU F 46 -15.51 14.55 -28.23
CA GLU F 46 -14.69 14.50 -27.04
C GLU F 46 -14.46 13.04 -26.68
N ALA F 47 -13.23 12.69 -26.33
CA ALA F 47 -12.95 11.33 -25.90
C ALA F 47 -12.48 11.34 -24.46
N GLU F 48 -12.76 10.27 -23.75
CA GLU F 48 -12.20 10.09 -22.42
C GLU F 48 -11.54 8.72 -22.35
N VAL F 49 -10.25 8.70 -22.04
CA VAL F 49 -9.52 7.45 -21.87
C VAL F 49 -9.38 7.12 -20.38
N TYR F 50 -9.70 5.89 -20.01
CA TYR F 50 -9.63 5.43 -18.62
C TYR F 50 -8.54 4.38 -18.51
N LEU F 51 -7.61 4.57 -17.57
CA LEU F 51 -6.53 3.61 -17.43
C LEU F 51 -6.79 2.67 -16.26
N ALA F 52 -6.18 1.51 -16.32
CA ALA F 52 -6.27 0.52 -15.26
C ALA F 52 -5.94 1.12 -13.89
N GLY F 53 -5.08 2.12 -13.87
CA GLY F 53 -4.69 2.77 -12.64
C GLY F 53 -5.76 3.64 -12.00
N GLY F 54 -6.84 3.90 -12.73
CA GLY F 54 -7.89 4.80 -12.25
C GLY F 54 -7.76 6.22 -12.79
N VAL F 55 -6.68 6.47 -13.52
CA VAL F 55 -6.46 7.78 -14.12
C VAL F 55 -7.28 7.91 -15.38
N THR F 56 -7.69 9.14 -15.72
CA THR F 56 -8.33 9.36 -17.01
C THR F 56 -7.69 10.54 -17.73
N GLY F 57 -7.86 10.58 -19.05
CA GLY F 57 -7.42 11.72 -19.84
C GLY F 57 -8.57 12.11 -20.72
N ARG F 58 -8.66 13.40 -21.04
CA ARG F 58 -9.75 13.89 -21.89
C ARG F 58 -9.20 14.70 -23.03
N GLY F 59 -9.68 14.44 -24.24
CA GLY F 59 -9.23 15.18 -25.40
C GLY F 59 -10.39 15.53 -26.31
N THR F 60 -10.25 16.62 -27.06
CA THR F 60 -11.29 17.01 -28.01
C THR F 60 -10.72 17.32 -29.38
N ALA F 61 -11.59 17.29 -30.38
CA ALA F 61 -11.20 17.65 -31.73
C ALA F 61 -11.68 19.07 -32.06
N PRO F 62 -10.77 19.91 -32.55
CA PRO F 62 -11.25 21.21 -33.02
C PRO F 62 -11.76 21.01 -34.44
N SER F 63 -12.27 22.07 -35.05
CA SER F 63 -12.84 21.93 -36.36
C SER F 63 -12.81 23.26 -37.09
N GLY F 64 -12.46 23.22 -38.38
CA GLY F 64 -12.41 24.42 -39.21
C GLY F 64 -13.61 24.56 -40.12
N GLY F 68 -11.18 19.79 -46.78
CA GLY F 68 -10.11 19.76 -47.77
C GLY F 68 -9.89 18.39 -48.40
N GLU F 69 -9.04 18.32 -49.41
CA GLU F 69 -8.80 17.08 -50.14
C GLU F 69 -7.52 16.36 -49.71
N PHE F 70 -6.60 17.09 -49.11
CA PHE F 70 -5.31 16.52 -48.71
C PHE F 70 -5.19 16.36 -47.20
N GLU F 71 -6.32 16.30 -46.51
CA GLU F 71 -6.27 16.20 -45.07
C GLU F 71 -7.23 15.14 -44.56
N ALA F 72 -6.98 14.68 -43.35
CA ALA F 72 -7.88 13.76 -42.67
C ALA F 72 -9.26 14.39 -42.66
N LEU F 73 -10.29 13.57 -42.89
CA LEU F 73 -11.65 14.07 -42.94
C LEU F 73 -12.39 13.80 -41.64
N GLU F 74 -12.96 14.84 -41.05
CA GLU F 74 -13.82 14.63 -39.87
C GLU F 74 -15.12 14.01 -40.33
N LEU F 75 -15.72 13.21 -39.47
CA LEU F 75 -16.92 12.49 -39.83
C LEU F 75 -18.12 13.16 -39.19
N ARG F 76 -19.05 13.62 -40.02
CA ARG F 76 -20.29 14.24 -39.54
C ARG F 76 -21.48 13.34 -39.85
N ASP F 77 -22.56 13.52 -39.12
CA ASP F 77 -23.72 12.65 -39.24
C ASP F 77 -24.47 12.89 -40.54
N GLY F 78 -24.70 14.16 -40.87
CA GLY F 78 -25.46 14.51 -42.06
C GLY F 78 -26.96 14.34 -41.93
N ASP F 79 -27.44 14.25 -40.68
CA ASP F 79 -28.87 14.16 -40.38
C ASP F 79 -29.40 15.59 -40.18
N LYS F 80 -30.08 16.11 -41.20
CA LYS F 80 -30.49 17.52 -41.20
C LYS F 80 -31.42 17.88 -40.03
N GLY F 81 -32.00 16.86 -39.40
CA GLY F 81 -32.86 17.06 -38.24
C GLY F 81 -32.13 17.19 -36.91
N ARG F 82 -30.81 17.11 -36.97
CA ARG F 82 -29.96 17.33 -35.80
C ARG F 82 -28.82 18.27 -36.15
N PHE F 83 -28.68 19.36 -35.40
CA PHE F 83 -27.55 20.27 -35.60
C PHE F 83 -27.34 20.68 -37.05
N GLY F 84 -28.41 20.78 -37.82
CA GLY F 84 -28.28 21.10 -39.22
C GLY F 84 -27.34 20.16 -39.95
N GLY F 85 -27.33 18.89 -39.56
CA GLY F 85 -26.51 17.87 -40.21
C GLY F 85 -25.10 17.72 -39.67
N LYS F 86 -24.77 18.48 -38.63
CA LYS F 86 -23.41 18.50 -38.09
C LYS F 86 -23.19 17.66 -36.84
N GLY F 87 -24.12 16.77 -36.53
CA GLY F 87 -23.95 15.88 -35.39
C GLY F 87 -22.69 15.06 -35.57
N VAL F 88 -22.20 14.46 -34.49
CA VAL F 88 -20.99 13.65 -34.56
C VAL F 88 -21.20 12.36 -33.83
N THR F 89 -22.45 11.90 -33.77
CA THR F 89 -22.78 10.67 -33.04
C THR F 89 -22.15 9.40 -33.64
N LYS F 90 -21.93 9.42 -34.97
CA LYS F 90 -21.31 8.28 -35.64
C LYS F 90 -19.87 8.14 -35.19
N ALA F 91 -19.17 9.27 -35.15
CA ALA F 91 -17.79 9.31 -34.69
C ALA F 91 -17.72 8.88 -33.24
N VAL F 92 -18.67 9.35 -32.43
CA VAL F 92 -18.73 8.94 -31.03
C VAL F 92 -18.92 7.44 -30.86
N GLN F 93 -19.67 6.82 -31.78
CA GLN F 93 -19.87 5.37 -31.70
C GLN F 93 -18.63 4.60 -32.10
N ASN F 94 -17.91 5.09 -33.10
CA ASN F 94 -16.63 4.50 -33.45
C ASN F 94 -15.69 4.48 -32.25
N ILE F 95 -15.70 5.54 -31.46
CA ILE F 95 -14.89 5.55 -30.25
C ILE F 95 -15.40 4.52 -29.25
N ASN F 96 -16.67 4.64 -28.89
CA ASN F 96 -17.29 3.76 -27.90
C ASN F 96 -17.23 2.26 -28.23
N THR F 97 -17.34 1.91 -29.51
CA THR F 97 -17.25 0.50 -29.89
C THR F 97 -15.88 0.08 -30.47
N GLU F 98 -15.66 0.35 -31.74
CA GLU F 98 -14.48 -0.18 -32.42
C GLU F 98 -13.17 0.30 -31.79
N ILE F 99 -13.04 1.60 -31.59
CA ILE F 99 -11.79 2.17 -31.07
C ILE F 99 -11.48 1.72 -29.65
N SER F 100 -12.47 1.80 -28.76
CA SER F 100 -12.23 1.34 -27.40
C SER F 100 -11.77 -0.11 -27.33
N GLU F 101 -12.26 -0.95 -28.24
CA GLU F 101 -11.93 -2.36 -28.22
C GLU F 101 -10.54 -2.63 -28.79
N ILE F 102 -10.16 -1.87 -29.80
CA ILE F 102 -8.82 -1.96 -30.37
C ILE F 102 -7.77 -1.59 -29.35
N LEU F 103 -8.03 -0.51 -28.61
CA LEU F 103 -7.00 0.06 -27.75
C LEU F 103 -6.94 -0.55 -26.35
N SER F 104 -8.02 -1.15 -25.88
CA SER F 104 -8.00 -1.73 -24.55
C SER F 104 -6.86 -2.73 -24.37
N GLY F 105 -6.18 -2.62 -23.23
CA GLY F 105 -5.03 -3.47 -22.95
C GLY F 105 -3.72 -2.83 -23.39
N MET F 106 -3.78 -1.88 -24.33
CA MET F 106 -2.57 -1.19 -24.76
C MET F 106 -2.02 -0.22 -23.72
N ASP F 107 -0.76 0.15 -23.89
CA ASP F 107 -0.05 1.03 -22.96
C ASP F 107 -0.21 2.48 -23.41
N ALA F 108 -0.94 3.26 -22.62
CA ALA F 108 -1.30 4.63 -23.01
C ALA F 108 -0.08 5.50 -23.29
N SER F 109 1.08 5.14 -22.75
CA SER F 109 2.27 5.96 -22.98
C SER F 109 2.92 5.69 -24.33
N ASP F 110 2.64 4.55 -24.93
CA ASP F 110 3.12 4.28 -26.28
C ASP F 110 2.14 4.90 -27.28
N ILE F 111 2.20 6.22 -27.45
CA ILE F 111 1.19 6.91 -28.26
C ILE F 111 1.36 6.63 -29.74
N TYR F 112 2.59 6.39 -30.17
CA TYR F 112 2.82 5.98 -31.56
C TYR F 112 2.07 4.67 -31.88
N ALA F 113 2.13 3.70 -30.97
CA ALA F 113 1.47 2.42 -31.18
C ALA F 113 -0.06 2.56 -31.05
N VAL F 114 -0.49 3.35 -30.10
CA VAL F 114 -1.90 3.69 -30.00
C VAL F 114 -2.41 4.29 -31.32
N ASP F 115 -1.73 5.32 -31.81
CA ASP F 115 -2.13 6.01 -33.03
C ASP F 115 -2.10 5.06 -34.23
N ARG F 116 -1.06 4.25 -34.31
CA ARG F 116 -0.89 3.28 -35.39
C ARG F 116 -2.04 2.29 -35.39
N ALA F 117 -2.44 1.84 -34.21
CA ALA F 117 -3.51 0.85 -34.09
C ALA F 117 -4.83 1.43 -34.55
N MET F 118 -5.04 2.71 -34.27
CA MET F 118 -6.27 3.35 -34.73
C MET F 118 -6.20 3.51 -36.23
N ILE F 119 -5.05 3.95 -36.72
CA ILE F 119 -4.88 4.21 -38.15
C ILE F 119 -5.04 2.95 -39.01
N ASP F 120 -4.45 1.86 -38.55
CA ASP F 120 -4.50 0.61 -39.29
C ASP F 120 -5.89 0.02 -39.28
N ALA F 121 -6.60 0.18 -38.17
CA ALA F 121 -7.96 -0.33 -38.07
C ALA F 121 -8.93 0.49 -38.93
N ASP F 122 -8.64 1.78 -39.08
CA ASP F 122 -9.43 2.66 -39.94
C ASP F 122 -9.32 2.26 -41.41
N GLY F 123 -8.17 1.74 -41.81
CA GLY F 123 -7.95 1.29 -43.17
C GLY F 123 -7.74 2.38 -44.21
N THR F 124 -8.38 3.54 -44.04
CA THR F 124 -8.30 4.58 -45.06
C THR F 124 -7.07 5.45 -44.93
N LYS F 125 -6.84 6.30 -45.91
CA LYS F 125 -5.65 7.13 -45.92
C LYS F 125 -5.92 8.45 -45.23
N ASP F 126 -7.21 8.74 -45.05
CA ASP F 126 -7.60 10.03 -44.50
C ASP F 126 -8.46 9.92 -43.24
N LYS F 127 -8.42 8.75 -42.60
CA LYS F 127 -9.19 8.50 -41.38
C LYS F 127 -10.68 8.73 -41.57
N SER F 128 -11.15 8.53 -42.80
CA SER F 128 -12.53 8.80 -43.16
C SER F 128 -13.50 7.80 -42.55
N LYS F 129 -13.05 6.56 -42.33
CA LYS F 129 -13.91 5.55 -41.74
C LYS F 129 -14.26 5.82 -40.26
N PHE F 130 -13.24 5.99 -39.41
CA PHE F 130 -13.50 6.28 -38.00
C PHE F 130 -13.84 7.74 -37.87
N GLY F 131 -13.16 8.56 -38.65
CA GLY F 131 -13.37 9.99 -38.61
C GLY F 131 -12.17 10.62 -37.94
N ALA F 132 -11.53 11.56 -38.61
CA ALA F 132 -10.34 12.19 -38.08
C ALA F 132 -10.65 12.81 -36.73
N ASN F 133 -11.91 13.16 -36.51
CA ASN F 133 -12.28 13.76 -35.23
C ASN F 133 -12.36 12.76 -34.07
N ALA F 134 -12.78 11.53 -34.37
CA ALA F 134 -12.74 10.48 -33.37
C ALA F 134 -11.29 10.15 -33.04
N VAL F 135 -10.54 9.78 -34.07
CA VAL F 135 -9.15 9.43 -33.93
C VAL F 135 -8.35 10.46 -33.17
N LEU F 136 -8.46 11.74 -33.55
CA LEU F 136 -7.68 12.78 -32.89
C LEU F 136 -8.03 12.92 -31.43
N ALA F 137 -9.33 13.02 -31.13
CA ALA F 137 -9.78 13.14 -29.74
C ALA F 137 -9.25 12.01 -28.84
N VAL F 138 -9.29 10.78 -29.35
CA VAL F 138 -8.75 9.66 -28.58
C VAL F 138 -7.23 9.80 -28.40
N SER F 139 -6.55 10.17 -29.47
CA SER F 139 -5.09 10.30 -29.45
C SER F 139 -4.67 11.30 -28.37
N ILE F 140 -5.29 12.46 -28.37
CA ILE F 140 -5.07 13.46 -27.34
C ILE F 140 -5.42 12.91 -25.97
N ALA F 141 -6.59 12.32 -25.84
CA ALA F 141 -7.00 11.77 -24.57
C ALA F 141 -5.99 10.78 -23.97
N CYS F 142 -5.40 9.90 -24.79
CA CYS F 142 -4.41 8.93 -24.28
C CYS F 142 -3.16 9.63 -23.78
N ALA F 143 -2.72 10.61 -24.54
CA ALA F 143 -1.55 11.38 -24.19
C ALA F 143 -1.79 12.07 -22.84
N LYS F 144 -2.99 12.62 -22.66
CA LYS F 144 -3.29 13.23 -21.39
C LYS F 144 -3.37 12.21 -20.26
N ALA F 145 -3.95 11.05 -20.53
CA ALA F 145 -4.04 10.01 -19.52
C ALA F 145 -2.65 9.52 -19.08
N ALA F 146 -1.81 9.20 -20.05
CA ALA F 146 -0.44 8.76 -19.78
C ALA F 146 0.38 9.77 -18.97
N ALA F 147 0.31 11.04 -19.36
CA ALA F 147 1.01 12.10 -18.62
C ALA F 147 0.51 12.10 -17.18
N ALA F 148 -0.81 12.09 -17.04
CA ALA F 148 -1.43 12.03 -15.74
C ALA F 148 -0.93 10.84 -14.93
N ALA F 149 -0.99 9.65 -15.51
CA ALA F 149 -0.52 8.44 -14.85
C ALA F 149 0.94 8.50 -14.44
N LEU F 150 1.77 9.09 -15.30
CA LEU F 150 3.19 9.24 -14.98
C LEU F 150 3.47 10.42 -14.04
N GLY F 151 2.45 11.23 -13.75
CA GLY F 151 2.63 12.34 -12.83
C GLY F 151 3.44 13.48 -13.40
N VAL F 152 3.32 13.72 -14.71
CA VAL F 152 4.02 14.83 -15.35
C VAL F 152 3.05 15.62 -16.21
N PRO F 153 3.33 16.93 -16.39
CA PRO F 153 2.47 17.74 -17.25
C PRO F 153 2.61 17.31 -18.71
N LEU F 154 1.61 17.62 -19.53
CA LEU F 154 1.59 17.09 -20.89
C LEU F 154 2.83 17.48 -21.69
N TYR F 155 3.29 18.72 -21.55
CA TYR F 155 4.41 19.18 -22.35
C TYR F 155 5.68 18.44 -21.95
N ARG F 156 5.73 17.88 -20.74
CA ARG F 156 6.87 17.05 -20.36
C ARG F 156 6.72 15.63 -20.88
N PHE F 157 5.50 15.11 -20.89
CA PHE F 157 5.24 13.82 -21.51
C PHE F 157 5.64 13.82 -22.99
N LEU F 158 5.28 14.90 -23.67
CA LEU F 158 5.47 15.02 -25.11
C LEU F 158 6.89 15.36 -25.49
N GLY F 159 7.50 16.28 -24.76
CA GLY F 159 8.82 16.82 -25.10
C GLY F 159 9.92 16.60 -24.09
N GLY F 160 9.57 16.04 -22.92
CA GLY F 160 10.55 15.77 -21.88
C GLY F 160 11.27 16.99 -21.30
N LEU F 161 12.35 16.73 -20.59
CA LEU F 161 13.16 17.77 -19.98
C LEU F 161 13.50 18.88 -20.95
N ASN F 162 13.64 18.53 -22.22
CA ASN F 162 14.05 19.46 -23.27
C ASN F 162 13.01 20.51 -23.65
N ALA F 163 11.82 20.42 -23.06
CA ALA F 163 10.73 21.33 -23.41
C ALA F 163 10.77 22.58 -22.53
N ASN F 164 11.19 23.72 -23.07
CA ASN F 164 11.23 24.91 -22.21
C ASN F 164 11.06 26.25 -22.89
N ARG F 165 10.78 26.23 -24.20
CA ARG F 165 10.49 27.45 -24.95
C ARG F 165 9.02 27.84 -24.91
N LEU F 166 8.68 28.96 -24.29
CA LEU F 166 7.35 29.52 -24.45
C LEU F 166 7.22 30.10 -25.86
N PRO F 167 6.05 29.97 -26.49
CA PRO F 167 5.91 30.43 -27.86
C PRO F 167 5.54 31.90 -27.91
N VAL F 168 6.05 32.59 -28.92
CA VAL F 168 5.62 33.94 -29.23
C VAL F 168 4.25 33.84 -29.91
N PRO F 169 3.23 34.48 -29.33
CA PRO F 169 1.92 34.35 -29.95
C PRO F 169 1.71 35.32 -31.12
N MET F 170 0.95 34.90 -32.13
CA MET F 170 0.44 35.87 -33.09
C MET F 170 -1.07 35.94 -32.94
N MET F 171 -1.53 37.10 -32.47
CA MET F 171 -2.91 37.27 -32.08
C MET F 171 -3.66 38.04 -33.13
N ASN F 172 -4.71 37.40 -33.66
CA ASN F 172 -5.54 37.90 -34.74
C ASN F 172 -6.60 38.83 -34.17
N ILE F 173 -6.24 40.09 -33.95
CA ILE F 173 -7.15 41.04 -33.33
C ILE F 173 -7.98 41.87 -34.33
N LEU F 174 -7.70 41.71 -35.62
CA LEU F 174 -8.44 42.44 -36.65
C LEU F 174 -8.70 41.51 -37.84
N ASN F 175 -9.96 41.31 -38.18
CA ASN F 175 -10.33 40.34 -39.20
C ASN F 175 -10.60 41.02 -40.52
N GLY F 176 -10.38 40.29 -41.60
CA GLY F 176 -10.81 40.73 -42.92
C GLY F 176 -11.23 39.49 -43.71
N GLY F 177 -11.06 39.54 -45.02
CA GLY F 177 -11.29 38.37 -45.85
C GLY F 177 -12.74 37.99 -45.94
N ALA F 178 -12.99 36.76 -46.40
CA ALA F 178 -14.33 36.29 -46.73
C ALA F 178 -15.45 36.79 -45.81
N HIS F 179 -15.54 36.21 -44.63
CA HIS F 179 -16.71 36.43 -43.78
C HIS F 179 -16.58 37.62 -42.83
N ALA F 180 -15.96 38.69 -43.32
CA ALA F 180 -15.90 39.95 -42.58
C ALA F 180 -16.74 41.00 -43.30
N ALA F 181 -17.49 41.78 -42.54
CA ALA F 181 -18.35 42.80 -43.14
C ALA F 181 -17.56 44.08 -43.40
N ASN F 182 -16.45 43.94 -44.11
CA ASN F 182 -15.66 45.10 -44.53
C ASN F 182 -15.06 44.90 -45.92
N THR F 183 -14.17 45.82 -46.30
CA THR F 183 -13.60 45.79 -47.64
C THR F 183 -12.15 45.30 -47.59
N VAL F 184 -11.84 44.51 -46.58
CA VAL F 184 -10.50 44.02 -46.37
C VAL F 184 -10.35 42.63 -46.95
N ASP F 185 -9.30 42.40 -47.73
CA ASP F 185 -9.13 41.12 -48.42
C ASP F 185 -8.27 40.15 -47.61
N VAL F 186 -7.22 40.66 -46.98
CA VAL F 186 -6.41 39.86 -46.08
C VAL F 186 -7.30 39.36 -44.94
N GLN F 187 -7.19 38.07 -44.64
CA GLN F 187 -8.09 37.39 -43.71
C GLN F 187 -7.84 37.67 -42.22
N GLU F 188 -6.59 37.61 -41.79
CA GLU F 188 -6.23 37.82 -40.39
C GLU F 188 -5.06 38.80 -40.24
N PHE F 189 -5.18 39.71 -39.28
CA PHE F 189 -4.16 40.73 -39.00
C PHE F 189 -3.66 40.60 -37.55
N MET F 190 -2.41 40.21 -37.37
CA MET F 190 -1.98 39.68 -36.09
C MET F 190 -0.82 40.42 -35.50
N ILE F 191 -0.87 40.61 -34.19
CA ILE F 191 0.22 41.25 -33.47
C ILE F 191 1.10 40.20 -32.79
N MET F 192 2.41 40.42 -32.80
CA MET F 192 3.35 39.50 -32.17
C MET F 192 4.26 40.28 -31.23
N PRO F 193 4.17 39.97 -29.93
CA PRO F 193 4.90 40.68 -28.86
C PRO F 193 6.36 40.22 -28.76
N VAL F 194 7.20 40.69 -29.67
CA VAL F 194 8.55 40.17 -29.79
C VAL F 194 9.54 40.84 -28.82
N GLY F 195 9.11 41.89 -28.16
CA GLY F 195 10.01 42.63 -27.29
C GLY F 195 9.98 42.14 -25.85
N ALA F 196 8.99 41.30 -25.54
CA ALA F 196 8.76 40.88 -24.16
C ALA F 196 9.81 39.86 -23.73
N GLU F 197 10.07 39.78 -22.44
CA GLU F 197 11.08 38.89 -21.93
C GLU F 197 10.47 37.70 -21.23
N SER F 198 9.14 37.66 -21.20
CA SER F 198 8.45 36.53 -20.65
C SER F 198 7.12 36.40 -21.34
N PHE F 199 6.56 35.19 -21.36
CA PHE F 199 5.25 35.04 -21.95
C PHE F 199 4.22 35.85 -21.15
N ARG F 200 4.34 35.82 -19.84
CA ARG F 200 3.49 36.64 -18.98
C ARG F 200 3.40 38.08 -19.47
N GLU F 201 4.55 38.73 -19.59
CA GLU F 201 4.62 40.11 -20.05
C GLU F 201 4.03 40.24 -21.44
N ALA F 202 4.41 39.33 -22.34
CA ALA F 202 3.88 39.34 -23.71
C ALA F 202 2.35 39.34 -23.78
N LEU F 203 1.71 38.47 -23.00
CA LEU F 203 0.24 38.37 -22.98
C LEU F 203 -0.40 39.64 -22.46
N ARG F 204 0.15 40.19 -21.37
CA ARG F 204 -0.33 41.43 -20.77
C ARG F 204 -0.35 42.53 -21.81
N GLN F 205 0.81 42.74 -22.43
CA GLN F 205 0.94 43.69 -23.53
C GLN F 205 -0.12 43.49 -24.62
N CYS F 206 -0.27 42.25 -25.10
CA CYS F 206 -1.31 41.98 -26.11
C CYS F 206 -2.71 42.40 -25.64
N THR F 207 -3.08 42.09 -24.41
CA THR F 207 -4.41 42.51 -23.96
C THR F 207 -4.51 44.03 -24.03
N GLU F 208 -3.44 44.70 -23.59
CA GLU F 208 -3.36 46.16 -23.61
C GLU F 208 -3.52 46.78 -25.01
N VAL F 209 -2.86 46.21 -26.00
CA VAL F 209 -3.09 46.63 -27.40
C VAL F 209 -4.51 46.27 -27.84
N PHE F 210 -5.01 45.14 -27.36
CA PHE F 210 -6.35 44.70 -27.73
C PHE F 210 -7.37 45.71 -27.26
N HIS F 211 -7.29 46.07 -25.97
CA HIS F 211 -8.20 47.06 -25.41
C HIS F 211 -8.01 48.46 -26.01
N ALA F 212 -6.78 48.81 -26.35
CA ALA F 212 -6.51 50.07 -27.01
C ALA F 212 -7.23 50.13 -28.35
N LEU F 213 -7.15 49.04 -29.11
CA LEU F 213 -7.74 48.97 -30.43
C LEU F 213 -9.24 49.13 -30.31
N ALA F 214 -9.83 48.45 -29.35
CA ALA F 214 -11.26 48.57 -29.08
C ALA F 214 -11.67 50.03 -28.86
N GLY F 215 -10.97 50.72 -27.95
CA GLY F 215 -11.25 52.12 -27.68
C GLY F 215 -11.22 52.94 -28.95
N LEU F 216 -10.08 52.92 -29.64
CA LEU F 216 -9.94 53.54 -30.96
C LEU F 216 -11.13 53.23 -31.88
N LEU F 217 -11.44 51.95 -32.08
CA LEU F 217 -12.57 51.57 -32.94
C LEU F 217 -13.87 52.21 -32.48
N LYS F 218 -14.09 52.22 -31.16
CA LYS F 218 -15.28 52.84 -30.60
C LYS F 218 -15.27 54.35 -30.89
N SER F 219 -14.12 54.98 -30.65
CA SER F 219 -13.97 56.41 -30.88
C SER F 219 -14.38 56.80 -32.30
N LYS F 220 -14.24 55.87 -33.24
CA LYS F 220 -14.56 56.14 -34.64
C LYS F 220 -15.94 55.63 -35.02
N GLY F 221 -16.77 55.35 -34.03
CA GLY F 221 -18.09 54.80 -34.29
C GLY F 221 -18.08 53.47 -35.03
N LEU F 222 -17.04 52.66 -34.79
CA LEU F 222 -16.93 51.36 -35.43
C LEU F 222 -17.31 50.23 -34.46
N ALA F 223 -17.67 49.07 -35.03
CA ALA F 223 -18.17 47.94 -34.26
C ALA F 223 -17.08 47.25 -33.42
N THR F 224 -17.40 46.91 -32.17
CA THR F 224 -16.45 46.18 -31.31
C THR F 224 -16.94 44.81 -30.83
N SER F 225 -17.99 44.27 -31.42
CA SER F 225 -18.27 42.87 -31.20
C SER F 225 -17.16 42.12 -31.91
N VAL F 226 -17.09 40.81 -31.71
CA VAL F 226 -15.95 40.02 -32.15
C VAL F 226 -16.37 38.86 -33.05
N GLY F 227 -15.43 38.38 -33.87
CA GLY F 227 -15.64 37.19 -34.68
C GLY F 227 -15.19 35.94 -33.94
N ASP F 228 -15.25 34.79 -34.63
CA ASP F 228 -14.90 33.49 -34.07
C ASP F 228 -13.63 33.46 -33.21
N GLU F 229 -12.57 34.12 -33.64
CA GLU F 229 -11.27 34.02 -32.98
C GLU F 229 -11.06 35.16 -31.97
N GLY F 230 -12.12 35.90 -31.69
CA GLY F 230 -12.12 36.87 -30.61
C GLY F 230 -11.62 38.26 -30.97
N GLY F 231 -11.41 38.48 -32.27
CA GLY F 231 -10.92 39.75 -32.77
C GLY F 231 -12.05 40.58 -33.34
N PHE F 232 -11.77 41.84 -33.70
CA PHE F 232 -12.81 42.74 -34.20
C PHE F 232 -12.90 42.67 -35.71
N ALA F 233 -14.09 42.92 -36.26
CA ALA F 233 -14.27 42.92 -37.72
C ALA F 233 -14.98 44.17 -38.21
N PRO F 234 -14.46 45.35 -37.82
CA PRO F 234 -15.09 46.63 -38.11
C PRO F 234 -14.97 46.92 -39.59
N ASP F 235 -15.90 47.71 -40.12
CA ASP F 235 -15.84 48.04 -41.54
C ASP F 235 -14.70 49.00 -41.82
N LEU F 236 -13.56 48.46 -42.25
CA LEU F 236 -12.45 49.27 -42.70
C LEU F 236 -12.29 49.14 -44.22
N ALA F 237 -11.63 50.12 -44.81
CA ALA F 237 -11.60 50.27 -46.26
C ALA F 237 -10.57 49.36 -46.92
N SER F 238 -9.36 49.34 -46.35
CA SER F 238 -8.21 48.70 -46.99
C SER F 238 -7.37 47.86 -46.04
N ASP F 239 -6.51 47.01 -46.60
CA ASP F 239 -5.55 46.26 -45.81
C ASP F 239 -4.63 47.25 -45.10
N GLU F 240 -4.39 48.40 -45.75
CA GLU F 240 -3.51 49.42 -45.17
C GLU F 240 -4.16 50.06 -43.97
N GLU F 241 -5.48 50.21 -44.01
CA GLU F 241 -6.18 50.86 -42.90
C GLU F 241 -6.13 49.96 -41.67
N ALA F 242 -6.47 48.70 -41.89
CA ALA F 242 -6.34 47.66 -40.85
C ALA F 242 -4.98 47.76 -40.15
N ILE F 243 -3.93 47.73 -40.94
CA ILE F 243 -2.58 47.75 -40.40
C ILE F 243 -2.40 49.01 -39.58
N GLU F 244 -2.89 50.11 -40.12
CA GLU F 244 -2.63 51.39 -39.50
C GLU F 244 -3.38 51.56 -38.19
N TYR F 245 -4.60 51.02 -38.13
CA TYR F 245 -5.34 51.01 -36.86
C TYR F 245 -4.63 50.16 -35.81
N ILE F 246 -4.21 48.96 -36.20
CA ILE F 246 -3.47 48.09 -35.29
C ILE F 246 -2.24 48.83 -34.80
N LEU F 247 -1.52 49.45 -35.72
CA LEU F 247 -0.28 50.16 -35.38
C LEU F 247 -0.51 51.34 -34.43
N GLU F 248 -1.69 51.96 -34.52
CA GLU F 248 -2.09 53.02 -33.61
C GLU F 248 -2.42 52.44 -32.24
N ALA F 249 -3.17 51.34 -32.25
CA ALA F 249 -3.46 50.60 -31.02
C ALA F 249 -2.17 50.39 -30.24
N VAL F 250 -1.13 49.90 -30.93
CA VAL F 250 0.17 49.64 -30.31
C VAL F 250 0.74 50.89 -29.65
N LYS F 251 0.64 52.03 -30.32
CA LYS F 251 1.15 53.28 -29.80
C LYS F 251 0.30 53.77 -28.65
N LEU F 252 -1.01 53.74 -28.83
CA LEU F 252 -1.96 54.09 -27.77
C LEU F 252 -1.72 53.28 -26.51
N ALA F 253 -1.35 52.01 -26.68
CA ALA F 253 -1.10 51.13 -25.54
C ALA F 253 0.22 51.52 -24.88
N GLY F 254 1.02 52.31 -25.58
CA GLY F 254 2.29 52.78 -25.05
C GLY F 254 3.46 51.96 -25.55
N TYR F 255 3.32 51.38 -26.75
CA TYR F 255 4.36 50.47 -27.26
C TYR F 255 4.87 50.90 -28.63
N GLU F 256 6.15 50.59 -28.90
CA GLU F 256 6.76 50.93 -30.17
C GLU F 256 6.63 49.77 -31.14
N PRO F 257 6.11 50.04 -32.34
CA PRO F 257 6.20 49.07 -33.44
C PRO F 257 7.66 48.74 -33.72
N GLY F 258 7.93 47.59 -34.30
CA GLY F 258 9.30 47.09 -34.45
C GLY F 258 9.87 46.50 -33.17
N ARG F 259 10.27 47.37 -32.25
CA ARG F 259 10.88 46.96 -30.98
C ARG F 259 9.95 46.05 -30.16
N ASP F 260 8.77 46.56 -29.81
CA ASP F 260 7.83 45.85 -28.96
C ASP F 260 6.90 44.90 -29.72
N PHE F 261 6.31 45.38 -30.81
CA PHE F 261 5.37 44.56 -31.57
C PHE F 261 5.71 44.56 -33.04
N VAL F 262 5.45 43.43 -33.70
CA VAL F 262 5.51 43.37 -35.16
C VAL F 262 4.23 42.70 -35.64
N LEU F 263 4.06 42.57 -36.95
CA LEU F 263 2.78 42.07 -37.44
C LEU F 263 2.92 40.78 -38.21
N ALA F 264 1.89 39.97 -38.18
CA ALA F 264 1.82 38.80 -39.04
C ALA F 264 0.49 38.92 -39.73
N MET F 265 0.38 38.33 -40.91
CA MET F 265 -0.88 38.36 -41.62
C MET F 265 -1.18 37.00 -42.20
N ASP F 266 -2.46 36.64 -42.21
CA ASP F 266 -2.91 35.51 -43.04
C ASP F 266 -3.65 36.07 -44.23
N ALA F 267 -3.09 35.86 -45.42
CA ALA F 267 -3.71 36.34 -46.63
C ALA F 267 -4.77 35.36 -47.12
N ALA F 268 -4.58 34.09 -46.81
CA ALA F 268 -5.40 33.03 -47.43
C ALA F 268 -5.64 33.38 -48.90
N SER F 269 -4.57 33.62 -49.64
CA SER F 269 -4.68 34.02 -51.04
C SER F 269 -5.25 32.91 -51.92
N SER F 270 -5.52 31.75 -51.32
CA SER F 270 -6.18 30.67 -52.05
C SER F 270 -7.64 31.03 -52.31
N GLU F 271 -8.11 32.06 -51.64
CA GLU F 271 -9.49 32.55 -51.79
C GLU F 271 -9.53 33.62 -52.86
N TRP F 272 -8.37 33.91 -53.43
CA TRP F 272 -8.25 34.96 -54.42
C TRP F 272 -8.03 34.36 -55.80
N LYS F 273 -8.38 33.09 -55.93
CA LYS F 273 -8.31 32.41 -57.22
C LYS F 273 -8.63 33.40 -58.34
N GLY F 274 -7.66 33.64 -59.20
CA GLY F 274 -7.83 34.57 -60.30
C GLY F 274 -8.42 33.93 -61.54
N GLU F 275 -7.64 33.94 -62.62
CA GLU F 275 -8.07 33.44 -63.92
C GLU F 275 -7.38 32.11 -64.23
N LYS F 276 -6.08 32.09 -63.99
CA LYS F 276 -5.24 30.91 -64.22
C LYS F 276 -4.28 30.79 -63.05
N LYS F 277 -3.57 29.66 -62.97
CA LYS F 277 -2.51 29.54 -61.97
C LYS F 277 -1.55 30.68 -62.24
N GLY F 278 -1.25 31.47 -61.22
CA GLY F 278 -0.36 32.62 -61.36
C GLY F 278 -1.12 33.92 -61.46
N GLU F 279 -2.43 33.82 -61.55
CA GLU F 279 -3.28 35.01 -61.62
C GLU F 279 -4.21 35.07 -60.42
N TYR F 280 -4.35 36.27 -59.84
CA TYR F 280 -5.18 36.46 -58.65
C TYR F 280 -6.11 37.67 -58.76
N ILE F 281 -7.28 37.56 -58.14
CA ILE F 281 -8.20 38.69 -57.98
C ILE F 281 -8.68 38.79 -56.54
N LEU F 282 -8.26 39.84 -55.84
CA LEU F 282 -8.80 40.17 -54.54
C LEU F 282 -10.29 40.44 -54.70
N PRO F 283 -11.13 39.57 -54.14
CA PRO F 283 -12.60 39.66 -54.26
C PRO F 283 -13.17 41.05 -53.92
N LYS F 284 -12.74 41.66 -52.82
CA LYS F 284 -13.27 42.94 -52.39
C LYS F 284 -12.65 44.13 -53.12
N CYS F 285 -11.34 44.05 -53.30
CA CYS F 285 -10.58 45.11 -53.95
C CYS F 285 -10.76 45.03 -55.47
N LYS F 286 -11.24 43.87 -55.94
CA LYS F 286 -11.37 43.58 -57.37
C LYS F 286 -10.06 43.80 -58.13
N ARG F 287 -8.98 43.98 -57.38
CA ARG F 287 -7.65 44.23 -57.91
C ARG F 287 -7.06 42.94 -58.50
N LYS F 288 -6.14 43.10 -59.45
CA LYS F 288 -5.54 41.96 -60.14
C LYS F 288 -4.02 41.93 -60.02
N PHE F 289 -3.50 40.71 -59.85
CA PHE F 289 -2.07 40.49 -59.76
C PHE F 289 -1.66 39.20 -60.48
N ALA F 290 -0.57 39.25 -61.23
CA ALA F 290 0.14 38.02 -61.54
C ALA F 290 0.86 37.71 -60.25
N SER F 291 1.09 36.44 -59.97
CA SER F 291 1.71 36.06 -58.72
C SER F 291 3.00 36.85 -58.44
N GLU F 292 3.72 37.20 -59.50
CA GLU F 292 4.96 37.95 -59.33
C GLU F 292 4.71 39.38 -58.88
N GLU F 293 3.53 39.90 -59.17
CA GLU F 293 3.13 41.25 -58.75
C GLU F 293 2.60 41.22 -57.32
N LEU F 294 1.93 40.13 -56.98
CA LEU F 294 1.42 39.91 -55.63
C LEU F 294 2.59 39.89 -54.66
N VAL F 295 3.63 39.15 -55.03
CA VAL F 295 4.88 39.16 -54.31
C VAL F 295 5.45 40.58 -54.17
N ALA F 296 5.36 41.36 -55.24
CA ALA F 296 5.82 42.75 -55.21
C ALA F 296 4.99 43.56 -54.22
N HIS F 297 3.72 43.19 -54.15
CA HIS F 297 2.78 43.81 -53.23
C HIS F 297 3.23 43.60 -51.79
N TRP F 298 3.31 42.33 -51.38
CA TRP F 298 3.80 41.97 -50.05
C TRP F 298 5.10 42.71 -49.74
N LYS F 299 6.01 42.70 -50.71
CA LYS F 299 7.34 43.29 -50.52
C LYS F 299 7.27 44.76 -50.13
N SER F 300 6.46 45.54 -50.84
CA SER F 300 6.28 46.94 -50.49
C SER F 300 5.68 47.06 -49.09
N LEU F 301 4.58 46.32 -48.87
CA LEU F 301 3.94 46.29 -47.56
C LEU F 301 4.95 46.02 -46.46
N CYS F 302 5.85 45.09 -46.72
CA CYS F 302 6.83 44.71 -45.72
C CYS F 302 7.91 45.78 -45.53
N GLU F 303 8.12 46.62 -46.54
CA GLU F 303 9.08 47.71 -46.42
C GLU F 303 8.42 48.88 -45.73
N ARG F 304 7.12 49.01 -45.98
CA ARG F 304 6.29 50.10 -45.48
C ARG F 304 5.90 49.90 -44.00
N TYR F 305 5.74 48.64 -43.58
CA TYR F 305 5.29 48.30 -42.23
C TYR F 305 6.14 47.22 -41.58
N PRO F 306 6.05 47.08 -40.25
CA PRO F 306 6.76 46.03 -39.49
C PRO F 306 6.08 44.66 -39.57
N ILE F 307 5.78 44.22 -40.79
CA ILE F 307 5.25 42.89 -41.00
C ILE F 307 6.39 41.89 -41.16
N VAL F 308 6.43 40.88 -40.29
CA VAL F 308 7.52 39.91 -40.32
C VAL F 308 7.11 38.53 -40.78
N SER F 309 5.83 38.35 -41.07
CA SER F 309 5.33 37.02 -41.38
C SER F 309 4.07 37.11 -42.21
N ILE F 310 3.97 36.27 -43.24
CA ILE F 310 2.78 36.23 -44.08
C ILE F 310 2.41 34.80 -44.35
N GLU F 311 1.18 34.43 -44.00
CA GLU F 311 0.69 33.07 -44.19
C GLU F 311 -0.10 33.00 -45.50
N ASP F 312 0.20 32.01 -46.32
CA ASP F 312 -0.51 31.79 -47.58
C ASP F 312 -0.59 33.04 -48.47
N GLY F 313 0.56 33.66 -48.72
CA GLY F 313 0.65 34.84 -49.55
C GLY F 313 0.44 34.55 -51.03
N LEU F 314 0.60 33.29 -51.40
CA LEU F 314 0.29 32.82 -52.75
C LEU F 314 -0.59 31.60 -52.64
N ASP F 315 -1.14 31.17 -53.77
CA ASP F 315 -2.12 30.10 -53.80
C ASP F 315 -1.54 28.77 -53.32
N GLU F 316 -2.42 27.91 -52.82
CA GLU F 316 -2.06 26.57 -52.38
C GLU F 316 -1.53 25.63 -53.48
N GLU F 317 -1.39 26.15 -54.69
CA GLU F 317 -0.90 25.32 -55.80
C GLU F 317 0.03 26.06 -56.74
N ASP F 318 0.19 27.36 -56.48
CA ASP F 318 1.11 28.20 -57.21
C ASP F 318 2.55 27.92 -56.77
N TRP F 319 2.98 26.67 -56.89
CA TRP F 319 4.30 26.25 -56.44
C TRP F 319 5.41 27.09 -57.05
N GLU F 320 5.34 27.31 -58.36
CA GLU F 320 6.34 28.16 -59.01
C GLU F 320 6.35 29.51 -58.32
N GLY F 321 5.16 30.00 -58.00
CA GLY F 321 5.03 31.29 -57.35
C GLY F 321 5.70 31.32 -55.99
N TRP F 322 5.41 30.30 -55.18
CA TRP F 322 6.03 30.18 -53.86
C TRP F 322 7.53 30.13 -53.99
N GLN F 323 8.00 29.29 -54.90
CA GLN F 323 9.41 29.13 -55.14
C GLN F 323 10.04 30.50 -55.34
N TYR F 324 9.36 31.33 -56.13
CA TYR F 324 9.82 32.68 -56.43
C TYR F 324 9.68 33.62 -55.23
N MET F 325 8.51 33.59 -54.59
CA MET F 325 8.24 34.43 -53.43
C MET F 325 9.28 34.20 -52.35
N THR F 326 9.66 32.93 -52.18
CA THR F 326 10.60 32.55 -51.14
C THR F 326 11.99 33.02 -51.50
N ARG F 327 12.30 33.04 -52.80
CA ARG F 327 13.57 33.61 -53.24
C ARG F 327 13.60 35.11 -52.95
N GLU F 328 12.53 35.80 -53.31
CA GLU F 328 12.45 37.25 -53.15
C GLU F 328 12.40 37.71 -51.69
N LEU F 329 11.55 37.03 -50.90
CA LEU F 329 11.22 37.47 -49.56
C LEU F 329 11.81 36.57 -48.47
N GLY F 330 11.91 35.27 -48.78
CA GLY F 330 12.36 34.26 -47.84
C GLY F 330 13.37 34.68 -46.79
N ASP F 331 14.32 35.53 -47.16
CA ASP F 331 15.42 35.88 -46.27
C ASP F 331 15.04 36.91 -45.21
N LYS F 332 14.00 37.69 -45.49
CA LYS F 332 13.60 38.77 -44.59
C LYS F 332 12.27 38.46 -43.91
N ILE F 333 11.40 37.74 -44.62
CA ILE F 333 10.03 37.54 -44.18
C ILE F 333 9.67 36.08 -43.95
N GLN F 334 8.99 35.79 -42.85
CA GLN F 334 8.51 34.43 -42.62
C GLN F 334 7.35 34.16 -43.55
N LEU F 335 7.40 33.03 -44.24
CA LEU F 335 6.39 32.68 -45.22
C LEU F 335 5.73 31.40 -44.80
N VAL F 336 4.55 31.53 -44.19
CA VAL F 336 3.89 30.39 -43.60
C VAL F 336 2.96 29.71 -44.60
N GLY F 337 3.17 28.43 -44.82
CA GLY F 337 2.24 27.67 -45.64
C GLY F 337 1.15 27.11 -44.75
N ASP F 338 -0.08 27.56 -44.97
CA ASP F 338 -1.24 26.99 -44.28
C ASP F 338 -1.94 26.04 -45.26
N ASP F 339 -2.76 26.59 -46.15
CA ASP F 339 -3.45 25.77 -47.15
C ASP F 339 -2.43 25.10 -48.07
N LEU F 340 -1.28 25.76 -48.29
CA LEU F 340 -0.20 25.15 -49.06
C LEU F 340 0.17 23.72 -48.64
N PHE F 341 0.23 23.47 -47.33
CA PHE F 341 0.73 22.19 -46.80
C PHE F 341 -0.33 21.32 -46.12
N VAL F 342 -1.42 21.94 -45.68
CA VAL F 342 -2.47 21.29 -44.88
C VAL F 342 -1.95 20.28 -43.88
N THR F 343 -0.85 20.64 -43.20
CA THR F 343 -0.23 19.79 -42.19
C THR F 343 0.04 18.39 -42.74
N ASN F 344 0.27 18.34 -44.05
CA ASN F 344 0.53 17.09 -44.74
C ASN F 344 2.03 16.92 -45.01
N THR F 345 2.62 15.82 -44.53
CA THR F 345 4.07 15.63 -44.67
C THR F 345 4.57 15.51 -46.10
N GLU F 346 3.77 14.91 -46.97
CA GLU F 346 4.16 14.78 -48.37
C GLU F 346 4.22 16.16 -49.03
N ARG F 347 3.22 16.98 -48.77
CA ARG F 347 3.23 18.34 -49.28
C ARG F 347 4.35 19.16 -48.65
N LEU F 348 4.53 19.06 -47.34
CA LEU F 348 5.63 19.76 -46.66
C LEU F 348 6.95 19.37 -47.31
N ASN F 349 7.09 18.08 -47.56
CA ASN F 349 8.29 17.55 -48.18
C ASN F 349 8.50 18.12 -49.57
N LYS F 350 7.40 18.25 -50.32
CA LYS F 350 7.47 18.83 -51.66
C LYS F 350 7.99 20.26 -51.56
N GLY F 351 7.38 21.03 -50.68
CA GLY F 351 7.79 22.41 -50.51
C GLY F 351 9.24 22.51 -50.11
N ILE F 352 9.66 21.66 -49.17
CA ILE F 352 11.06 21.69 -48.73
C ILE F 352 11.98 21.45 -49.93
N LYS F 353 11.70 20.38 -50.68
CA LYS F 353 12.49 20.02 -51.85
C LYS F 353 12.49 21.11 -52.93
N GLU F 354 11.41 21.85 -53.03
CA GLU F 354 11.33 22.89 -54.04
C GLU F 354 11.56 24.27 -53.44
N ARG F 355 12.10 24.31 -52.23
CA ARG F 355 12.34 25.57 -51.54
C ARG F 355 11.14 26.53 -51.60
N CYS F 356 9.98 26.03 -51.19
CA CYS F 356 8.77 26.86 -51.07
C CYS F 356 8.44 27.10 -49.59
N GLY F 357 8.31 28.37 -49.21
CA GLY F 357 8.01 28.74 -47.83
C GLY F 357 9.16 28.47 -46.88
N ASN F 358 9.07 28.99 -45.67
CA ASN F 358 10.06 28.68 -44.65
C ASN F 358 9.39 28.39 -43.29
N SER F 359 8.11 28.06 -43.35
CA SER F 359 7.34 27.84 -42.14
C SER F 359 6.03 27.12 -42.46
N ILE F 360 5.53 26.36 -41.50
CA ILE F 360 4.29 25.61 -41.70
C ILE F 360 3.38 25.80 -40.50
N LEU F 361 2.11 26.05 -40.76
CA LEU F 361 1.12 26.19 -39.71
C LEU F 361 0.66 24.79 -39.36
N ILE F 362 0.85 24.38 -38.11
CA ILE F 362 0.50 23.04 -37.70
C ILE F 362 -0.88 22.97 -37.08
N LYS F 363 -1.77 22.28 -37.76
CA LYS F 363 -3.11 22.04 -37.25
C LYS F 363 -3.31 20.55 -36.96
N LEU F 364 -3.26 20.20 -35.68
CA LEU F 364 -3.44 18.81 -35.22
C LEU F 364 -4.47 18.01 -36.01
N ASN F 365 -5.65 18.60 -36.19
CA ASN F 365 -6.79 17.84 -36.71
C ASN F 365 -6.75 17.62 -38.21
N GLN F 366 -5.89 18.37 -38.91
CA GLN F 366 -5.70 18.13 -40.34
C GLN F 366 -5.01 16.80 -40.60
N ILE F 367 -4.19 16.37 -39.66
CA ILE F 367 -3.46 15.12 -39.81
C ILE F 367 -4.09 14.01 -38.94
N GLY F 368 -4.49 14.36 -37.73
CA GLY F 368 -5.44 13.51 -37.02
C GLY F 368 -4.93 12.67 -35.87
N THR F 369 -3.62 12.65 -35.64
CA THR F 369 -3.11 12.05 -34.42
C THR F 369 -2.04 12.92 -33.79
N VAL F 370 -1.78 12.69 -32.51
CA VAL F 370 -0.67 13.32 -31.84
C VAL F 370 0.69 12.91 -32.44
N SER F 371 0.93 11.61 -32.58
CA SER F 371 2.22 11.17 -33.05
C SER F 371 2.51 11.69 -34.46
N GLU F 372 1.52 11.68 -35.33
CA GLU F 372 1.74 12.15 -36.69
C GLU F 372 2.04 13.64 -36.72
N THR F 373 1.47 14.37 -35.76
CA THR F 373 1.72 15.80 -35.70
C THR F 373 3.15 16.07 -35.27
N LEU F 374 3.68 15.28 -34.33
CA LEU F 374 5.09 15.42 -33.95
C LEU F 374 5.99 15.21 -35.14
N GLU F 375 5.68 14.21 -35.97
CA GLU F 375 6.51 13.93 -37.13
C GLU F 375 6.49 15.10 -38.11
N ALA F 376 5.36 15.79 -38.16
CA ALA F 376 5.23 16.92 -39.07
C ALA F 376 6.19 17.97 -38.57
N ILE F 377 6.07 18.30 -37.29
CA ILE F 377 6.95 19.31 -36.71
C ILE F 377 8.44 18.93 -36.80
N LYS F 378 8.75 17.66 -36.55
CA LYS F 378 10.14 17.19 -36.70
C LYS F 378 10.61 17.35 -38.14
N MET F 379 9.75 17.04 -39.10
CA MET F 379 10.12 17.27 -40.50
C MET F 379 10.36 18.76 -40.79
N ALA F 380 9.48 19.64 -40.32
CA ALA F 380 9.68 21.08 -40.49
C ALA F 380 11.02 21.47 -39.89
N HIS F 381 11.19 21.17 -38.61
CA HIS F 381 12.40 21.59 -37.90
C HIS F 381 13.68 21.08 -38.58
N LYS F 382 13.67 19.82 -39.00
CA LYS F 382 14.85 19.25 -39.64
C LYS F 382 15.21 20.04 -40.89
N ALA F 383 14.22 20.64 -41.53
CA ALA F 383 14.43 21.39 -42.77
C ALA F 383 14.66 22.88 -42.51
N GLY F 384 14.70 23.29 -41.25
CA GLY F 384 14.83 24.69 -40.91
C GLY F 384 13.60 25.55 -41.16
N TYR F 385 12.42 24.93 -41.24
CA TYR F 385 11.18 25.67 -41.23
C TYR F 385 10.79 25.94 -39.78
N THR F 386 10.13 27.05 -39.51
CA THR F 386 9.50 27.20 -38.21
C THR F 386 8.15 26.50 -38.30
N ALA F 387 7.61 26.08 -37.15
CA ALA F 387 6.33 25.39 -37.11
C ALA F 387 5.41 26.16 -36.20
N VAL F 388 4.39 26.78 -36.77
CA VAL F 388 3.42 27.55 -35.98
C VAL F 388 2.24 26.67 -35.55
N VAL F 389 2.15 26.40 -34.27
CA VAL F 389 1.07 25.57 -33.76
C VAL F 389 -0.22 26.39 -33.78
N SER F 390 -1.29 25.81 -34.33
CA SER F 390 -2.45 26.61 -34.67
C SER F 390 -3.79 26.09 -34.12
N HIS F 391 -4.70 27.00 -33.84
CA HIS F 391 -6.06 26.64 -33.48
C HIS F 391 -6.88 26.42 -34.75
N ARG F 392 -8.16 26.06 -34.61
CA ARG F 392 -9.10 26.15 -35.73
C ARG F 392 -10.17 27.18 -35.35
N SER F 393 -10.97 27.61 -36.33
CA SER F 393 -12.06 28.54 -36.05
C SER F 393 -13.00 27.96 -34.98
N GLY F 394 -13.26 26.65 -35.08
CA GLY F 394 -14.09 25.96 -34.09
C GLY F 394 -13.23 25.30 -33.03
N GLU F 395 -13.06 25.97 -31.89
CA GLU F 395 -12.25 25.46 -30.79
C GLU F 395 -13.07 25.05 -29.57
N THR F 396 -12.39 24.49 -28.57
CA THR F 396 -13.01 24.19 -27.28
C THR F 396 -12.15 24.70 -26.12
N GLU F 397 -12.54 24.32 -24.90
CA GLU F 397 -11.87 24.63 -23.64
C GLU F 397 -10.53 23.89 -23.55
N ASP F 398 -10.35 22.91 -24.42
CA ASP F 398 -9.13 22.12 -24.48
C ASP F 398 -7.88 23.00 -24.70
N THR F 399 -6.76 22.64 -24.08
CA THR F 399 -5.56 23.46 -24.19
C THR F 399 -4.36 22.69 -24.70
N THR F 400 -4.63 21.57 -25.34
CA THR F 400 -3.60 20.71 -25.86
C THR F 400 -2.54 21.43 -26.66
N ILE F 401 -2.91 22.36 -27.53
CA ILE F 401 -1.89 23.01 -28.37
C ILE F 401 -0.96 23.93 -27.60
N ALA F 402 -1.37 24.41 -26.43
CA ALA F 402 -0.45 25.15 -25.58
C ALA F 402 0.71 24.23 -25.21
N ASP F 403 0.38 23.03 -24.74
CA ASP F 403 1.44 22.09 -24.34
C ASP F 403 2.25 21.63 -25.54
N LEU F 404 1.55 21.36 -26.64
CA LEU F 404 2.22 20.92 -27.86
C LEU F 404 3.28 21.93 -28.30
N ALA F 405 2.95 23.22 -28.25
CA ALA F 405 3.90 24.25 -28.69
C ALA F 405 5.12 24.29 -27.80
N VAL F 406 4.95 24.09 -26.51
CA VAL F 406 6.09 24.12 -25.61
C VAL F 406 6.92 22.84 -25.70
N ALA F 407 6.22 21.71 -25.91
CA ALA F 407 6.86 20.41 -25.82
C ALA F 407 7.90 20.31 -26.90
N LEU F 408 7.61 20.94 -28.04
CA LEU F 408 8.50 20.79 -29.19
C LEU F 408 9.20 22.09 -29.47
N ASN F 409 9.14 23.00 -28.50
CA ASN F 409 9.90 24.23 -28.59
C ASN F 409 9.68 24.90 -29.92
N THR F 410 8.43 25.06 -30.35
CA THR F 410 8.20 25.58 -31.69
C THR F 410 8.43 27.08 -31.69
N GLY F 411 8.17 27.72 -30.57
CA GLY F 411 8.51 29.13 -30.42
C GLY F 411 7.46 30.09 -30.95
N GLN F 412 6.42 29.55 -31.58
CA GLN F 412 5.35 30.37 -32.16
C GLN F 412 4.02 29.64 -32.05
N ILE F 413 2.97 30.41 -31.77
CA ILE F 413 1.64 29.82 -31.66
C ILE F 413 0.62 30.76 -32.28
N LYS F 414 -0.36 30.18 -32.99
CA LYS F 414 -1.48 30.96 -33.50
C LYS F 414 -2.78 30.44 -32.92
N THR F 415 -3.25 31.13 -31.90
CA THR F 415 -4.44 30.67 -31.21
C THR F 415 -5.42 31.78 -30.81
N GLY F 416 -5.36 32.91 -31.50
CA GLY F 416 -6.47 33.84 -31.43
C GLY F 416 -6.25 35.17 -30.74
N ALA F 417 -7.27 36.02 -30.83
CA ALA F 417 -7.29 37.24 -30.06
C ALA F 417 -7.37 36.85 -28.59
N PRO F 418 -6.93 37.77 -27.70
CA PRO F 418 -7.05 37.57 -26.25
C PRO F 418 -8.46 37.80 -25.69
N SER F 419 -9.47 37.23 -26.35
CA SER F 419 -10.84 37.28 -25.86
C SER F 419 -11.50 36.00 -26.37
N ARG F 420 -12.58 35.57 -25.72
CA ARG F 420 -13.19 34.26 -25.95
C ARG F 420 -12.31 33.20 -25.32
N SER F 421 -12.85 32.44 -24.36
CA SER F 421 -12.02 31.55 -23.53
C SER F 421 -11.52 30.28 -24.24
N GLU F 422 -12.09 29.96 -25.39
CA GLU F 422 -11.53 28.87 -26.17
C GLU F 422 -10.19 29.35 -26.73
N ARG F 423 -9.98 30.67 -26.75
CA ARG F 423 -8.70 31.19 -27.20
C ARG F 423 -7.89 31.49 -25.96
N VAL F 424 -8.49 32.21 -25.00
CA VAL F 424 -7.76 32.65 -23.83
C VAL F 424 -7.30 31.48 -22.95
N ALA F 425 -8.07 30.39 -22.96
CA ALA F 425 -7.71 29.21 -22.18
C ALA F 425 -6.32 28.69 -22.54
N LYS F 426 -5.93 28.79 -23.80
CA LYS F 426 -4.58 28.42 -24.20
C LYS F 426 -3.52 29.35 -23.61
N TYR F 427 -3.78 30.65 -23.65
CA TYR F 427 -2.85 31.62 -23.09
C TYR F 427 -2.67 31.39 -21.60
N ASN F 428 -3.77 31.05 -20.94
CA ASN F 428 -3.75 30.74 -19.52
C ASN F 428 -2.92 29.51 -19.23
N GLN F 429 -3.05 28.49 -20.06
CA GLN F 429 -2.26 27.28 -19.86
C GLN F 429 -0.78 27.59 -20.03
N LEU F 430 -0.45 28.41 -21.01
CA LEU F 430 0.91 28.86 -21.23
C LEU F 430 1.45 29.60 -20.01
N LEU F 431 0.62 30.44 -19.40
CA LEU F 431 0.99 31.08 -18.14
C LEU F 431 1.37 30.05 -17.08
N ARG F 432 0.60 28.96 -16.99
CA ARG F 432 0.86 27.95 -15.97
C ARG F 432 2.13 27.21 -16.30
N ILE F 433 2.31 26.93 -17.58
CA ILE F 433 3.49 26.23 -18.01
C ILE F 433 4.74 27.04 -17.70
N GLU F 434 4.69 28.34 -17.97
CA GLU F 434 5.84 29.24 -17.72
C GLU F 434 6.20 29.30 -16.23
N GLU F 435 5.17 29.41 -15.39
CA GLU F 435 5.33 29.35 -13.95
C GLU F 435 6.03 28.06 -13.49
N GLU F 436 5.55 26.93 -13.99
CA GLU F 436 6.10 25.63 -13.62
C GLU F 436 7.57 25.45 -14.03
N LEU F 437 7.95 26.06 -15.14
CA LEU F 437 9.30 25.92 -15.65
C LEU F 437 10.28 26.71 -14.81
N GLY F 438 9.78 27.71 -14.09
CA GLY F 438 10.64 28.54 -13.28
C GLY F 438 11.72 29.18 -14.12
N ASP F 439 12.96 29.16 -13.61
CA ASP F 439 14.06 29.83 -14.31
C ASP F 439 14.46 29.15 -15.60
N SER F 440 13.92 27.96 -15.87
CA SER F 440 14.32 27.26 -17.09
C SER F 440 13.52 27.78 -18.28
N ALA F 441 12.46 28.51 -17.99
CA ALA F 441 11.60 29.09 -19.01
C ALA F 441 12.39 30.00 -19.91
N VAL F 442 12.18 29.83 -21.21
CA VAL F 442 12.79 30.69 -22.22
C VAL F 442 11.69 31.31 -23.07
N TYR F 443 11.69 32.63 -23.18
CA TYR F 443 10.80 33.30 -24.11
C TYR F 443 11.66 33.95 -25.18
N PRO F 444 11.63 33.41 -26.41
CA PRO F 444 12.55 33.73 -27.50
C PRO F 444 12.36 35.10 -28.15
N GLY F 445 11.22 35.75 -27.91
CA GLY F 445 10.94 37.02 -28.56
C GLY F 445 11.38 37.08 -30.01
N PHE F 446 12.17 38.09 -30.35
CA PHE F 446 12.47 38.34 -31.75
C PHE F 446 13.36 37.29 -32.39
N THR F 447 14.03 36.48 -31.57
CA THR F 447 14.94 35.45 -32.08
C THR F 447 14.20 34.19 -32.50
N THR F 448 12.87 34.21 -32.38
CA THR F 448 12.13 32.99 -32.60
C THR F 448 12.04 32.68 -34.09
N PHE F 449 12.14 33.70 -34.92
CA PHE F 449 12.01 33.50 -36.37
C PHE F 449 13.25 32.87 -36.99
N ASN G 24 2.00 2.81 15.14
CA ASN G 24 1.21 1.60 15.34
C ASN G 24 -0.30 1.85 15.24
N TYR G 25 -0.99 0.98 14.50
CA TYR G 25 -2.39 1.16 14.20
C TYR G 25 -3.33 1.00 15.39
N LEU G 26 -2.79 0.56 16.54
CA LEU G 26 -3.61 0.35 17.72
C LEU G 26 -3.40 1.45 18.76
N GLU G 27 -2.56 2.41 18.43
CA GLU G 27 -2.32 3.54 19.31
C GLU G 27 -3.55 4.42 19.40
N ILE G 28 -3.97 4.70 20.62
CA ILE G 28 -5.01 5.69 20.84
C ILE G 28 -4.47 7.07 20.45
N GLU G 29 -5.15 7.72 19.51
CA GLU G 29 -4.79 9.07 19.09
C GLU G 29 -5.49 10.11 19.95
N LYS G 30 -6.73 9.82 20.31
CA LYS G 30 -7.61 10.82 20.90
C LYS G 30 -8.86 10.15 21.47
N VAL G 31 -9.37 10.69 22.58
CA VAL G 31 -10.61 10.24 23.16
C VAL G 31 -11.53 11.43 23.37
N ILE G 32 -12.77 11.30 22.91
CA ILE G 32 -13.76 12.35 23.14
C ILE G 32 -14.98 11.80 23.85
N GLY G 33 -15.66 12.67 24.59
CA GLY G 33 -16.90 12.28 25.23
C GLY G 33 -18.02 13.17 24.72
N ARG G 34 -19.24 12.66 24.78
CA ARG G 34 -20.38 13.53 24.52
C ARG G 34 -21.53 13.18 25.47
N GLU G 35 -22.39 14.15 25.70
CA GLU G 35 -23.57 13.93 26.54
C GLU G 35 -24.72 13.46 25.64
N ILE G 36 -25.15 12.22 25.82
CA ILE G 36 -26.30 11.75 25.07
C ILE G 36 -27.43 11.46 26.05
N ILE G 37 -28.52 10.89 25.55
CA ILE G 37 -29.71 10.63 26.35
C ILE G 37 -30.01 9.13 26.40
N ASP G 38 -30.44 8.64 27.57
CA ASP G 38 -30.73 7.21 27.72
C ASP G 38 -32.21 6.88 27.46
N SER G 39 -32.61 5.65 27.79
CA SER G 39 -33.88 5.16 27.31
C SER G 39 -35.02 5.74 28.13
N ARG G 40 -34.67 6.45 29.19
CA ARG G 40 -35.65 7.00 30.09
C ARG G 40 -35.67 8.52 30.03
N GLY G 41 -34.94 9.09 29.08
CA GLY G 41 -34.95 10.53 28.90
C GLY G 41 -33.95 11.27 29.75
N ASN G 42 -32.94 10.57 30.24
CA ASN G 42 -31.90 11.17 31.08
C ASN G 42 -30.50 11.14 30.46
N PRO G 43 -29.69 12.16 30.74
CA PRO G 43 -28.37 12.21 30.11
C PRO G 43 -27.52 11.04 30.57
N THR G 44 -26.55 10.68 29.74
CA THR G 44 -25.52 9.72 30.10
C THR G 44 -24.30 10.02 29.24
N VAL G 45 -23.19 9.35 29.53
CA VAL G 45 -21.93 9.64 28.87
C VAL G 45 -21.69 8.67 27.74
N GLU G 46 -21.28 9.20 26.60
CA GLU G 46 -20.85 8.39 25.47
C GLU G 46 -19.41 8.78 25.16
N ALA G 47 -18.58 7.79 24.85
CA ALA G 47 -17.19 8.05 24.52
C ALA G 47 -16.86 7.51 23.15
N GLU G 48 -15.93 8.19 22.49
CA GLU G 48 -15.42 7.73 21.22
C GLU G 48 -13.90 7.72 21.26
N VAL G 49 -13.31 6.56 20.97
CA VAL G 49 -11.88 6.41 20.95
C VAL G 49 -11.43 6.35 19.49
N TYR G 50 -10.42 7.15 19.15
CA TYR G 50 -9.84 7.20 17.81
C TYR G 50 -8.43 6.67 17.81
N LEU G 51 -8.13 5.81 16.86
CA LEU G 51 -6.83 5.17 16.84
C LEU G 51 -5.95 5.74 15.72
N ALA G 52 -4.65 5.50 15.80
CA ALA G 52 -3.72 6.05 14.81
C ALA G 52 -4.08 5.59 13.40
N GLY G 53 -4.73 4.43 13.28
CA GLY G 53 -5.05 3.89 11.98
C GLY G 53 -6.34 4.38 11.32
N GLY G 54 -7.12 5.19 12.03
CA GLY G 54 -8.37 5.71 11.48
C GLY G 54 -9.61 4.98 11.97
N VAL G 55 -9.41 3.93 12.75
CA VAL G 55 -10.52 3.19 13.35
C VAL G 55 -10.99 3.93 14.60
N THR G 56 -12.30 3.92 14.83
CA THR G 56 -12.83 4.43 16.08
C THR G 56 -13.68 3.38 16.77
N GLY G 57 -13.93 3.60 18.05
CA GLY G 57 -14.80 2.73 18.82
C GLY G 57 -15.66 3.60 19.68
N ARG G 58 -16.87 3.14 19.97
CA ARG G 58 -17.85 3.94 20.70
C ARG G 58 -18.42 3.14 21.84
N GLY G 59 -18.45 3.75 23.02
CA GLY G 59 -19.05 3.11 24.18
C GLY G 59 -19.86 4.08 25.01
N THR G 60 -20.84 3.56 25.76
CA THR G 60 -21.70 4.40 26.59
C THR G 60 -21.93 3.78 27.95
N ALA G 61 -22.19 4.62 28.94
CA ALA G 61 -22.47 4.16 30.30
C ALA G 61 -23.97 4.09 30.58
N PRO G 62 -24.47 2.89 30.94
CA PRO G 62 -25.87 2.81 31.38
C PRO G 62 -25.99 3.42 32.78
N SER G 63 -27.19 3.46 33.34
CA SER G 63 -27.42 4.07 34.65
C SER G 63 -28.59 3.43 35.39
N GLY G 64 -28.55 3.49 36.72
CA GLY G 64 -29.58 2.87 37.55
C GLY G 64 -30.58 3.84 38.12
N GLY G 68 -25.61 3.94 45.61
CA GLY G 68 -25.04 2.92 46.48
C GLY G 68 -23.70 3.29 47.11
N GLU G 69 -23.25 2.48 48.07
CA GLU G 69 -22.04 2.77 48.83
C GLU G 69 -20.85 1.87 48.46
N PHE G 70 -21.13 0.71 47.89
CA PHE G 70 -20.06 -0.24 47.56
C PHE G 70 -19.83 -0.37 46.06
N GLU G 71 -20.14 0.69 45.31
CA GLU G 71 -20.04 0.63 43.86
C GLU G 71 -19.44 1.91 43.33
N ALA G 72 -18.94 1.86 42.10
CA ALA G 72 -18.33 3.03 41.48
C ALA G 72 -19.39 4.11 41.31
N LEU G 73 -19.00 5.36 41.44
CA LEU G 73 -19.98 6.44 41.38
C LEU G 73 -19.97 7.16 40.04
N GLU G 74 -21.14 7.23 39.43
CA GLU G 74 -21.30 8.04 38.23
C GLU G 74 -21.26 9.52 38.64
N LEU G 75 -20.70 10.36 37.77
CA LEU G 75 -20.60 11.77 38.06
C LEU G 75 -21.70 12.54 37.35
N ARG G 76 -22.67 13.04 38.13
CA ARG G 76 -23.72 13.89 37.59
C ARG G 76 -23.38 15.35 37.91
N ASP G 77 -23.94 16.27 37.13
CA ASP G 77 -23.56 17.67 37.20
C ASP G 77 -24.15 18.42 38.39
N GLY G 78 -25.41 18.11 38.70
CA GLY G 78 -26.08 18.77 39.82
C GLY G 78 -26.50 20.19 39.52
N ASP G 79 -26.47 20.56 38.25
CA ASP G 79 -27.05 21.82 37.83
C ASP G 79 -28.55 21.64 37.63
N LYS G 80 -29.35 22.15 38.57
CA LYS G 80 -30.79 21.94 38.55
C LYS G 80 -31.48 22.67 37.40
N GLY G 81 -30.71 23.49 36.68
CA GLY G 81 -31.21 24.19 35.51
C GLY G 81 -31.04 23.41 34.21
N ARG G 82 -30.31 22.31 34.29
CA ARG G 82 -30.17 21.43 33.15
C ARG G 82 -30.57 20.03 33.56
N PHE G 83 -31.50 19.44 32.83
CA PHE G 83 -31.76 18.01 32.96
C PHE G 83 -32.10 17.63 34.39
N GLY G 84 -32.82 18.51 35.08
CA GLY G 84 -33.17 18.27 36.46
C GLY G 84 -31.97 17.90 37.31
N GLY G 85 -30.80 18.48 36.97
CA GLY G 85 -29.57 18.25 37.71
C GLY G 85 -28.79 16.98 37.34
N LYS G 86 -29.28 16.27 36.33
CA LYS G 86 -28.73 14.97 35.94
C LYS G 86 -27.85 15.02 34.68
N GLY G 87 -27.45 16.21 34.25
CA GLY G 87 -26.54 16.35 33.12
C GLY G 87 -25.18 15.77 33.46
N VAL G 88 -24.41 15.41 32.44
CA VAL G 88 -23.13 14.75 32.66
C VAL G 88 -22.01 15.45 31.91
N THR G 89 -22.07 16.77 31.84
CA THR G 89 -21.03 17.53 31.13
C THR G 89 -19.67 17.43 31.81
N LYS G 90 -19.66 17.38 33.14
CA LYS G 90 -18.38 17.32 33.86
C LYS G 90 -17.63 16.03 33.52
N ALA G 91 -18.35 14.91 33.51
CA ALA G 91 -17.77 13.62 33.15
C ALA G 91 -17.21 13.68 31.73
N VAL G 92 -18.02 14.24 30.84
CA VAL G 92 -17.61 14.45 29.46
C VAL G 92 -16.31 15.28 29.34
N GLN G 93 -16.23 16.39 30.06
CA GLN G 93 -15.00 17.18 30.07
C GLN G 93 -13.84 16.37 30.61
N ASN G 94 -14.11 15.51 31.58
CA ASN G 94 -13.09 14.63 32.11
C ASN G 94 -12.54 13.71 31.03
N ILE G 95 -13.41 13.26 30.14
CA ILE G 95 -12.97 12.45 29.01
C ILE G 95 -12.18 13.29 28.02
N ASN G 96 -12.75 14.42 27.62
CA ASN G 96 -12.13 15.22 26.58
C ASN G 96 -10.75 15.71 26.97
N THR G 97 -10.51 15.89 28.26
CA THR G 97 -9.26 16.48 28.67
C THR G 97 -8.33 15.48 29.38
N GLU G 98 -8.58 15.25 30.66
CA GLU G 98 -7.71 14.41 31.47
C GLU G 98 -7.54 13.02 30.90
N ILE G 99 -8.66 12.34 30.64
CA ILE G 99 -8.61 10.95 30.21
C ILE G 99 -7.95 10.82 28.84
N SER G 100 -8.28 11.71 27.92
CA SER G 100 -7.69 11.64 26.59
C SER G 100 -6.16 11.80 26.62
N GLU G 101 -5.68 12.73 27.45
CA GLU G 101 -4.24 12.95 27.57
C GLU G 101 -3.53 11.75 28.19
N ILE G 102 -4.15 11.18 29.20
CA ILE G 102 -3.61 9.99 29.85
C ILE G 102 -3.48 8.82 28.89
N LEU G 103 -4.50 8.62 28.05
CA LEU G 103 -4.59 7.43 27.21
C LEU G 103 -3.94 7.58 25.85
N SER G 104 -3.57 8.79 25.46
CA SER G 104 -3.00 8.98 24.14
C SER G 104 -1.65 8.30 24.06
N GLY G 105 -1.44 7.52 23.01
CA GLY G 105 -0.21 6.79 22.84
C GLY G 105 -0.27 5.34 23.29
N MET G 106 -1.29 4.99 24.07
CA MET G 106 -1.41 3.63 24.58
C MET G 106 -2.04 2.67 23.56
N ASP G 107 -1.71 1.40 23.71
CA ASP G 107 -2.22 0.31 22.87
C ASP G 107 -3.65 -0.07 23.28
N ALA G 108 -4.61 0.20 22.40
CA ALA G 108 -6.03 -0.03 22.69
C ALA G 108 -6.36 -1.51 22.97
N SER G 109 -5.52 -2.41 22.48
CA SER G 109 -5.82 -3.82 22.67
C SER G 109 -5.45 -4.25 24.10
N ASP G 110 -4.68 -3.39 24.78
CA ASP G 110 -4.31 -3.63 26.17
C ASP G 110 -5.29 -2.95 27.11
N ILE G 111 -6.52 -3.47 27.13
CA ILE G 111 -7.58 -2.88 27.89
C ILE G 111 -7.29 -2.86 29.40
N TYR G 112 -6.65 -3.91 29.90
CA TYR G 112 -6.24 -3.94 31.29
C TYR G 112 -5.34 -2.75 31.64
N ALA G 113 -4.40 -2.44 30.77
CA ALA G 113 -3.50 -1.32 31.02
C ALA G 113 -4.23 0.01 30.87
N VAL G 114 -5.06 0.11 29.85
CA VAL G 114 -5.89 1.28 29.64
C VAL G 114 -6.76 1.56 30.88
N ASP G 115 -7.42 0.52 31.40
CA ASP G 115 -8.26 0.66 32.60
C ASP G 115 -7.44 1.10 33.80
N ARG G 116 -6.30 0.44 34.00
CA ARG G 116 -5.42 0.77 35.12
C ARG G 116 -5.01 2.24 35.09
N ALA G 117 -4.73 2.76 33.90
CA ALA G 117 -4.27 4.14 33.77
C ALA G 117 -5.35 5.10 34.22
N MET G 118 -6.58 4.87 33.75
CA MET G 118 -7.73 5.68 34.15
C MET G 118 -7.94 5.58 35.66
N ILE G 119 -7.95 4.35 36.16
CA ILE G 119 -8.17 4.11 37.58
C ILE G 119 -7.13 4.81 38.44
N ASP G 120 -5.86 4.64 38.10
CA ASP G 120 -4.78 5.26 38.88
C ASP G 120 -4.85 6.78 38.79
N ALA G 121 -5.14 7.30 37.61
CA ALA G 121 -5.24 8.75 37.45
C ALA G 121 -6.45 9.30 38.18
N ASP G 122 -7.52 8.52 38.23
CA ASP G 122 -8.71 8.88 38.99
C ASP G 122 -8.37 8.96 40.48
N GLY G 123 -7.58 8.00 40.94
CA GLY G 123 -7.02 8.04 42.29
C GLY G 123 -7.94 7.62 43.41
N THR G 124 -9.25 7.63 43.16
CA THR G 124 -10.20 7.24 44.19
C THR G 124 -10.61 5.79 44.04
N LYS G 125 -11.20 5.22 45.09
CA LYS G 125 -11.54 3.81 45.08
C LYS G 125 -12.83 3.52 44.33
N ASP G 126 -13.59 4.56 44.03
CA ASP G 126 -14.92 4.42 43.45
C ASP G 126 -15.07 5.22 42.15
N LYS G 127 -13.95 5.54 41.51
CA LYS G 127 -13.95 6.28 40.25
C LYS G 127 -14.78 7.56 40.35
N SER G 128 -14.86 8.11 41.56
CA SER G 128 -15.71 9.25 41.84
C SER G 128 -15.16 10.56 41.28
N LYS G 129 -13.85 10.62 41.04
CA LYS G 129 -13.22 11.84 40.55
C LYS G 129 -13.51 12.07 39.06
N PHE G 130 -13.18 11.08 38.23
CA PHE G 130 -13.46 11.14 36.81
C PHE G 130 -14.93 10.87 36.53
N GLY G 131 -15.51 9.95 37.29
CA GLY G 131 -16.87 9.50 37.06
C GLY G 131 -16.84 8.09 36.50
N ALA G 132 -17.56 7.17 37.13
CA ALA G 132 -17.56 5.79 36.67
C ALA G 132 -18.28 5.69 35.33
N ASN G 133 -19.07 6.69 35.02
CA ASN G 133 -19.73 6.76 33.72
C ASN G 133 -18.73 7.14 32.63
N ALA G 134 -17.84 8.09 32.93
CA ALA G 134 -16.79 8.46 32.01
C ALA G 134 -15.79 7.32 31.81
N VAL G 135 -15.38 6.69 32.91
CA VAL G 135 -14.42 5.61 32.85
C VAL G 135 -14.97 4.42 32.08
N LEU G 136 -16.19 4.02 32.41
CA LEU G 136 -16.77 2.87 31.75
C LEU G 136 -16.92 3.10 30.26
N ALA G 137 -17.33 4.30 29.90
CA ALA G 137 -17.61 4.58 28.49
C ALA G 137 -16.34 4.52 27.66
N VAL G 138 -15.25 5.04 28.21
CA VAL G 138 -13.98 5.00 27.49
C VAL G 138 -13.50 3.58 27.40
N SER G 139 -13.63 2.86 28.51
CA SER G 139 -13.18 1.49 28.59
C SER G 139 -13.84 0.66 27.49
N ILE G 140 -15.15 0.83 27.33
CA ILE G 140 -15.89 0.08 26.32
C ILE G 140 -15.48 0.48 24.92
N ALA G 141 -15.32 1.79 24.72
CA ALA G 141 -15.00 2.33 23.41
C ALA G 141 -13.63 1.83 22.94
N CYS G 142 -12.71 1.67 23.88
CA CYS G 142 -11.38 1.15 23.53
C CYS G 142 -11.47 -0.29 23.10
N ALA G 143 -12.22 -1.08 23.85
CA ALA G 143 -12.38 -2.48 23.50
C ALA G 143 -12.92 -2.53 22.10
N LYS G 144 -13.98 -1.79 21.84
CA LYS G 144 -14.58 -1.76 20.51
C LYS G 144 -13.59 -1.26 19.46
N ALA G 145 -12.82 -0.25 19.81
CA ALA G 145 -11.80 0.29 18.91
C ALA G 145 -10.79 -0.78 18.55
N ALA G 146 -10.26 -1.44 19.57
CA ALA G 146 -9.29 -2.51 19.40
C ALA G 146 -9.84 -3.67 18.59
N ALA G 147 -11.07 -4.09 18.90
CA ALA G 147 -11.69 -5.18 18.15
C ALA G 147 -11.79 -4.80 16.68
N ALA G 148 -12.27 -3.59 16.43
CA ALA G 148 -12.38 -3.12 15.05
C ALA G 148 -11.02 -3.09 14.38
N ALA G 149 -10.04 -2.50 15.06
CA ALA G 149 -8.71 -2.41 14.49
C ALA G 149 -8.14 -3.77 14.13
N LEU G 150 -8.47 -4.79 14.92
CA LEU G 150 -7.96 -6.13 14.72
C LEU G 150 -8.78 -6.91 13.71
N GLY G 151 -9.96 -6.41 13.39
CA GLY G 151 -10.81 -7.07 12.41
C GLY G 151 -11.52 -8.28 12.98
N VAL G 152 -11.91 -8.18 14.25
CA VAL G 152 -12.65 -9.25 14.91
C VAL G 152 -13.84 -8.69 15.69
N PRO G 153 -14.91 -9.48 15.78
CA PRO G 153 -16.07 -9.05 16.57
C PRO G 153 -15.67 -8.84 18.02
N LEU G 154 -16.41 -8.03 18.74
CA LEU G 154 -16.08 -7.68 20.12
C LEU G 154 -16.02 -8.90 21.03
N TYR G 155 -16.88 -9.88 20.80
CA TYR G 155 -16.89 -11.05 21.68
C TYR G 155 -15.67 -11.94 21.40
N ARG G 156 -15.21 -11.98 20.16
CA ARG G 156 -13.96 -12.67 19.85
C ARG G 156 -12.76 -11.94 20.44
N PHE G 157 -12.80 -10.61 20.42
CA PHE G 157 -11.75 -9.82 21.06
C PHE G 157 -11.72 -10.15 22.54
N LEU G 158 -12.89 -10.15 23.17
CA LEU G 158 -13.00 -10.37 24.60
C LEU G 158 -12.77 -11.82 25.04
N GLY G 159 -13.28 -12.78 24.26
CA GLY G 159 -13.27 -14.15 24.73
C GLY G 159 -12.49 -15.09 23.84
N GLY G 160 -11.97 -14.57 22.73
CA GLY G 160 -11.19 -15.37 21.82
C GLY G 160 -12.02 -16.48 21.20
N LEU G 161 -11.35 -17.42 20.55
CA LEU G 161 -11.99 -18.56 19.94
C LEU G 161 -12.94 -19.26 20.90
N ASN G 162 -12.59 -19.22 22.19
CA ASN G 162 -13.30 -20.00 23.19
C ASN G 162 -14.72 -19.51 23.43
N ALA G 163 -15.01 -18.30 22.96
CA ALA G 163 -16.33 -17.68 23.20
C ALA G 163 -17.39 -18.19 22.21
N ASN G 164 -18.29 -19.07 22.65
CA ASN G 164 -19.33 -19.56 21.75
C ASN G 164 -20.69 -19.92 22.36
N ARG G 165 -20.92 -19.57 23.63
CA ARG G 165 -22.20 -19.85 24.27
C ARG G 165 -23.15 -18.66 24.19
N LEU G 166 -24.26 -18.83 23.47
CA LEU G 166 -25.34 -17.84 23.54
C LEU G 166 -25.98 -17.92 24.91
N PRO G 167 -26.33 -16.77 25.50
CA PRO G 167 -26.94 -16.83 26.83
C PRO G 167 -28.43 -17.17 26.75
N VAL G 168 -28.93 -17.83 27.77
CA VAL G 168 -30.36 -17.98 27.93
C VAL G 168 -30.84 -16.67 28.55
N PRO G 169 -31.83 -16.02 27.90
CA PRO G 169 -32.29 -14.75 28.45
C PRO G 169 -33.38 -14.96 29.49
N MET G 170 -33.33 -14.17 30.57
CA MET G 170 -34.46 -14.04 31.45
C MET G 170 -35.12 -12.70 31.15
N MET G 171 -36.35 -12.75 30.65
CA MET G 171 -37.01 -11.54 30.19
C MET G 171 -38.08 -11.06 31.16
N ASN G 172 -37.90 -9.85 31.66
CA ASN G 172 -38.78 -9.24 32.65
C ASN G 172 -40.12 -8.76 32.08
N ILE G 173 -41.02 -9.69 31.74
CA ILE G 173 -42.26 -9.32 31.04
C ILE G 173 -43.40 -8.81 31.92
N LEU G 174 -43.31 -9.02 33.24
CA LEU G 174 -44.34 -8.54 34.15
C LEU G 174 -43.73 -7.92 35.42
N ASN G 175 -44.01 -6.64 35.67
CA ASN G 175 -43.34 -5.89 36.74
C ASN G 175 -44.16 -5.75 38.01
N GLY G 176 -43.47 -5.66 39.13
CA GLY G 176 -44.09 -5.29 40.38
C GLY G 176 -43.11 -4.42 41.14
N GLY G 177 -43.12 -4.55 42.46
CA GLY G 177 -42.17 -3.84 43.28
C GLY G 177 -42.27 -2.33 43.20
N ALA G 178 -41.17 -1.68 43.58
CA ALA G 178 -41.13 -0.27 43.93
C ALA G 178 -41.97 0.67 43.06
N HIS G 179 -41.70 0.69 41.76
CA HIS G 179 -42.30 1.70 40.91
C HIS G 179 -43.41 1.17 40.01
N ALA G 180 -44.02 0.06 40.41
CA ALA G 180 -45.15 -0.47 39.65
C ALA G 180 -46.48 -0.09 40.32
N ALA G 181 -47.42 0.39 39.52
CA ALA G 181 -48.74 0.77 40.02
C ALA G 181 -49.66 -0.45 40.18
N ASN G 182 -49.24 -1.37 41.03
CA ASN G 182 -50.03 -2.56 41.32
C ASN G 182 -49.73 -3.06 42.72
N THR G 183 -50.37 -4.16 43.10
CA THR G 183 -50.30 -4.64 44.47
C THR G 183 -49.18 -5.67 44.64
N VAL G 184 -48.31 -5.75 43.66
CA VAL G 184 -47.32 -6.82 43.62
C VAL G 184 -46.01 -6.33 44.17
N ASP G 185 -45.45 -7.06 45.13
CA ASP G 185 -44.22 -6.66 45.80
C ASP G 185 -42.93 -7.11 45.09
N VAL G 186 -42.93 -8.33 44.58
CA VAL G 186 -41.79 -8.82 43.83
C VAL G 186 -41.57 -7.95 42.60
N GLN G 187 -40.33 -7.48 42.46
CA GLN G 187 -39.97 -6.45 41.49
C GLN G 187 -40.01 -6.92 40.04
N GLU G 188 -39.41 -8.08 39.77
CA GLU G 188 -39.34 -8.57 38.39
C GLU G 188 -39.83 -10.02 38.26
N PHE G 189 -40.64 -10.26 37.23
CA PHE G 189 -41.12 -11.59 36.87
C PHE G 189 -40.63 -11.91 35.46
N MET G 190 -39.74 -12.89 35.33
CA MET G 190 -39.04 -13.15 34.07
C MET G 190 -39.29 -14.56 33.54
N ILE G 191 -39.51 -14.68 32.23
CA ILE G 191 -39.58 -15.98 31.58
C ILE G 191 -38.19 -16.37 31.04
N MET G 192 -37.89 -17.66 31.03
CA MET G 192 -36.63 -18.17 30.51
C MET G 192 -36.86 -19.33 29.57
N PRO G 193 -36.51 -19.16 28.29
CA PRO G 193 -36.80 -20.16 27.26
C PRO G 193 -35.74 -21.26 27.26
N VAL G 194 -35.82 -22.17 28.23
CA VAL G 194 -34.81 -23.19 28.43
C VAL G 194 -34.97 -24.38 27.49
N GLY G 195 -36.12 -24.46 26.82
CA GLY G 195 -36.38 -25.55 25.91
C GLY G 195 -35.79 -25.37 24.52
N ALA G 196 -35.69 -24.12 24.06
CA ALA G 196 -35.22 -23.83 22.70
C ALA G 196 -33.85 -24.40 22.43
N GLU G 197 -33.53 -24.58 21.14
CA GLU G 197 -32.27 -25.19 20.76
C GLU G 197 -31.36 -24.22 20.00
N SER G 198 -31.80 -22.98 19.89
CA SER G 198 -30.98 -21.90 19.34
C SER G 198 -31.42 -20.63 20.02
N PHE G 199 -30.56 -19.63 20.08
CA PHE G 199 -31.03 -18.39 20.66
C PHE G 199 -32.15 -17.82 19.79
N ARG G 200 -32.05 -18.08 18.49
CA ARG G 200 -33.02 -17.53 17.55
C ARG G 200 -34.40 -18.11 17.85
N GLU G 201 -34.45 -19.41 18.14
CA GLU G 201 -35.70 -20.01 18.53
C GLU G 201 -36.12 -19.38 19.85
N ALA G 202 -35.20 -19.37 20.80
CA ALA G 202 -35.48 -18.85 22.14
C ALA G 202 -36.11 -17.45 22.09
N LEU G 203 -35.52 -16.58 21.30
CA LEU G 203 -35.98 -15.19 21.21
C LEU G 203 -37.40 -15.11 20.66
N ARG G 204 -37.66 -15.84 19.58
CA ARG G 204 -38.98 -15.86 18.99
C ARG G 204 -40.04 -16.32 19.99
N GLN G 205 -39.76 -17.45 20.63
CA GLN G 205 -40.69 -17.98 21.61
C GLN G 205 -41.01 -16.91 22.62
N CYS G 206 -39.98 -16.22 23.11
CA CYS G 206 -40.20 -15.16 24.10
C CYS G 206 -41.15 -14.09 23.58
N THR G 207 -40.99 -13.68 22.32
CA THR G 207 -41.88 -12.65 21.78
C THR G 207 -43.32 -13.15 21.76
N GLU G 208 -43.48 -14.43 21.47
CA GLU G 208 -44.82 -15.01 21.37
C GLU G 208 -45.48 -15.03 22.75
N VAL G 209 -44.72 -15.43 23.77
CA VAL G 209 -45.24 -15.39 25.14
C VAL G 209 -45.55 -13.96 25.57
N PHE G 210 -44.74 -13.03 25.11
CA PHE G 210 -44.91 -11.62 25.42
C PHE G 210 -46.24 -11.13 24.83
N HIS G 211 -46.50 -11.46 23.57
CA HIS G 211 -47.72 -10.99 22.92
C HIS G 211 -48.94 -11.73 23.47
N ALA G 212 -48.75 -12.98 23.84
CA ALA G 212 -49.79 -13.71 24.54
C ALA G 212 -50.19 -13.01 25.85
N LEU G 213 -49.21 -12.56 26.63
CA LEU G 213 -49.50 -11.89 27.90
C LEU G 213 -50.22 -10.55 27.70
N ALA G 214 -49.94 -9.89 26.58
CA ALA G 214 -50.59 -8.64 26.27
C ALA G 214 -52.04 -8.89 25.90
N GLY G 215 -52.26 -9.92 25.08
CA GLY G 215 -53.61 -10.33 24.73
C GLY G 215 -54.41 -10.64 25.99
N LEU G 216 -53.80 -11.41 26.88
CA LEU G 216 -54.48 -11.79 28.10
C LEU G 216 -54.84 -10.56 28.90
N LEU G 217 -53.85 -9.72 29.18
CA LEU G 217 -54.08 -8.53 29.96
C LEU G 217 -55.18 -7.66 29.33
N LYS G 218 -55.12 -7.51 28.00
CA LYS G 218 -56.13 -6.75 27.29
C LYS G 218 -57.53 -7.31 27.55
N SER G 219 -57.65 -8.64 27.54
CA SER G 219 -58.95 -9.28 27.68
C SER G 219 -59.52 -9.08 29.07
N LYS G 220 -58.65 -8.83 30.05
CA LYS G 220 -59.08 -8.58 31.42
C LYS G 220 -59.14 -7.08 31.71
N GLY G 221 -59.07 -6.29 30.65
CA GLY G 221 -59.10 -4.84 30.77
C GLY G 221 -57.94 -4.24 31.55
N LEU G 222 -56.81 -4.94 31.55
CA LEU G 222 -55.64 -4.47 32.25
C LEU G 222 -54.70 -3.70 31.31
N ALA G 223 -53.90 -2.80 31.88
CA ALA G 223 -53.02 -1.94 31.09
C ALA G 223 -51.91 -2.71 30.38
N THR G 224 -51.69 -2.35 29.12
CA THR G 224 -50.60 -2.95 28.33
C THR G 224 -49.55 -1.93 27.92
N SER G 225 -49.57 -0.75 28.51
CA SER G 225 -48.46 0.18 28.34
C SER G 225 -47.28 -0.40 29.12
N VAL G 226 -46.06 0.04 28.83
CA VAL G 226 -44.89 -0.62 29.37
C VAL G 226 -44.07 0.27 30.30
N GLY G 227 -43.25 -0.37 31.13
CA GLY G 227 -42.37 0.35 32.04
C GLY G 227 -40.98 0.37 31.45
N ASP G 228 -40.03 0.90 32.22
CA ASP G 228 -38.65 1.09 31.79
C ASP G 228 -38.01 -0.05 30.99
N GLU G 229 -38.31 -1.29 31.38
CA GLU G 229 -37.63 -2.46 30.84
C GLU G 229 -38.46 -3.20 29.79
N GLY G 230 -39.54 -2.58 29.33
CA GLY G 230 -40.30 -3.13 28.22
C GLY G 230 -41.44 -4.03 28.65
N GLY G 231 -41.52 -4.29 29.96
CA GLY G 231 -42.55 -5.17 30.48
C GLY G 231 -43.81 -4.46 30.93
N PHE G 232 -44.82 -5.26 31.29
CA PHE G 232 -46.10 -4.72 31.72
C PHE G 232 -46.13 -4.59 33.25
N ALA G 233 -46.90 -3.64 33.74
CA ALA G 233 -47.13 -3.53 35.18
C ALA G 233 -48.62 -3.43 35.46
N PRO G 234 -49.38 -4.48 35.09
CA PRO G 234 -50.84 -4.43 35.22
C PRO G 234 -51.23 -4.50 36.70
N ASP G 235 -52.42 -4.02 37.02
CA ASP G 235 -52.90 -4.04 38.41
C ASP G 235 -53.39 -5.43 38.83
N LEU G 236 -52.46 -6.25 39.30
CA LEU G 236 -52.79 -7.57 39.81
C LEU G 236 -52.66 -7.56 41.32
N ALA G 237 -53.18 -8.60 41.94
CA ALA G 237 -53.40 -8.63 43.38
C ALA G 237 -52.17 -9.02 44.17
N SER G 238 -51.37 -9.92 43.61
CA SER G 238 -50.30 -10.54 44.36
C SER G 238 -49.24 -11.16 43.46
N ASP G 239 -48.09 -11.44 44.04
CA ASP G 239 -47.05 -12.16 43.31
C ASP G 239 -47.66 -13.39 42.67
N GLU G 240 -48.49 -14.10 43.43
CA GLU G 240 -49.01 -15.38 42.97
C GLU G 240 -49.86 -15.22 41.72
N GLU G 241 -50.74 -14.21 41.72
CA GLU G 241 -51.58 -14.00 40.56
C GLU G 241 -50.71 -13.65 39.35
N ALA G 242 -49.74 -12.77 39.57
CA ALA G 242 -48.76 -12.44 38.53
C ALA G 242 -48.15 -13.72 37.94
N ILE G 243 -47.68 -14.60 38.82
CA ILE G 243 -47.11 -15.85 38.35
C ILE G 243 -48.09 -16.62 37.49
N GLU G 244 -49.33 -16.72 37.96
CA GLU G 244 -50.36 -17.45 37.24
C GLU G 244 -50.62 -16.83 35.87
N TYR G 245 -50.63 -15.50 35.81
CA TYR G 245 -50.80 -14.79 34.55
C TYR G 245 -49.71 -15.18 33.55
N ILE G 246 -48.47 -15.15 33.99
CA ILE G 246 -47.37 -15.45 33.09
C ILE G 246 -47.50 -16.88 32.58
N LEU G 247 -47.78 -17.82 33.48
CA LEU G 247 -47.91 -19.22 33.07
C LEU G 247 -49.06 -19.40 32.07
N GLU G 248 -50.11 -18.62 32.27
CA GLU G 248 -51.23 -18.61 31.34
C GLU G 248 -50.74 -18.22 29.95
N ALA G 249 -50.08 -17.07 29.90
CA ALA G 249 -49.45 -16.56 28.69
C ALA G 249 -48.61 -17.62 27.98
N VAL G 250 -47.78 -18.32 28.75
CA VAL G 250 -46.92 -19.37 28.21
C VAL G 250 -47.74 -20.45 27.55
N LYS G 251 -48.79 -20.90 28.23
CA LYS G 251 -49.66 -21.93 27.68
C LYS G 251 -50.42 -21.39 26.47
N LEU G 252 -50.95 -20.18 26.60
CA LEU G 252 -51.64 -19.49 25.51
C LEU G 252 -50.80 -19.39 24.24
N ALA G 253 -49.49 -19.20 24.41
CA ALA G 253 -48.59 -19.04 23.28
C ALA G 253 -48.29 -20.41 22.67
N GLY G 254 -48.64 -21.46 23.38
CA GLY G 254 -48.52 -22.81 22.85
C GLY G 254 -47.40 -23.63 23.42
N TYR G 255 -46.86 -23.20 24.56
CA TYR G 255 -45.70 -23.86 25.16
C TYR G 255 -45.98 -24.40 26.55
N GLU G 256 -45.12 -25.31 27.01
CA GLU G 256 -45.35 -25.97 28.28
C GLU G 256 -44.40 -25.44 29.34
N PRO G 257 -44.95 -24.95 30.45
CA PRO G 257 -44.12 -24.62 31.61
C PRO G 257 -43.28 -25.82 32.00
N GLY G 258 -42.03 -25.62 32.38
CA GLY G 258 -41.12 -26.72 32.64
C GLY G 258 -40.29 -27.12 31.44
N ARG G 259 -40.94 -27.65 30.42
CA ARG G 259 -40.27 -28.14 29.22
C ARG G 259 -39.75 -26.98 28.35
N ASP G 260 -40.62 -26.02 28.06
CA ASP G 260 -40.28 -24.90 27.19
C ASP G 260 -39.81 -23.68 27.96
N PHE G 261 -40.55 -23.31 29.00
CA PHE G 261 -40.20 -22.13 29.78
C PHE G 261 -40.18 -22.42 31.25
N VAL G 262 -39.29 -21.76 31.97
CA VAL G 262 -39.31 -21.80 33.41
C VAL G 262 -39.20 -20.36 33.83
N LEU G 263 -39.33 -20.06 35.11
CA LEU G 263 -39.37 -18.67 35.53
C LEU G 263 -38.23 -18.25 36.42
N ALA G 264 -37.85 -16.98 36.31
CA ALA G 264 -36.89 -16.37 37.24
C ALA G 264 -37.53 -15.14 37.88
N MET G 265 -37.14 -14.80 39.09
CA MET G 265 -37.70 -13.67 39.81
C MET G 265 -36.62 -12.82 40.41
N ASP G 266 -36.89 -11.51 40.49
CA ASP G 266 -36.07 -10.63 41.29
C ASP G 266 -36.99 -10.13 42.38
N ALA G 267 -36.80 -10.60 43.60
CA ALA G 267 -37.59 -10.13 44.71
C ALA G 267 -37.17 -8.72 45.13
N ALA G 268 -35.89 -8.40 44.93
CA ALA G 268 -35.34 -7.15 45.45
C ALA G 268 -35.78 -6.97 46.90
N SER G 269 -35.54 -7.98 47.73
CA SER G 269 -36.03 -7.95 49.10
C SER G 269 -35.25 -6.99 50.00
N SER G 270 -34.26 -6.31 49.44
CA SER G 270 -33.55 -5.29 50.20
C SER G 270 -34.46 -4.07 50.30
N GLU G 271 -35.56 -4.11 49.54
CA GLU G 271 -36.60 -3.09 49.58
C GLU G 271 -37.65 -3.40 50.64
N TRP G 272 -37.52 -4.57 51.29
CA TRP G 272 -38.54 -5.02 52.23
C TRP G 272 -38.05 -4.95 53.66
N LYS G 273 -37.30 -3.90 53.99
CA LYS G 273 -36.63 -3.86 55.30
C LYS G 273 -37.63 -3.78 56.45
N GLY G 274 -37.39 -4.57 57.49
CA GLY G 274 -38.26 -4.60 58.66
C GLY G 274 -37.73 -3.78 59.82
N GLU G 275 -38.33 -3.98 61.00
CA GLU G 275 -37.99 -3.18 62.18
C GLU G 275 -36.53 -3.36 62.53
N LYS G 276 -36.09 -4.61 62.47
CA LYS G 276 -34.68 -4.93 62.74
C LYS G 276 -34.11 -5.84 61.65
N LYS G 277 -32.88 -6.29 61.85
CA LYS G 277 -32.24 -7.20 60.92
C LYS G 277 -32.88 -8.60 60.95
N GLY G 278 -32.98 -9.24 59.78
CA GLY G 278 -33.56 -10.56 59.70
C GLY G 278 -35.09 -10.54 59.69
N GLU G 279 -35.66 -9.33 59.72
CA GLU G 279 -37.10 -9.18 59.57
C GLU G 279 -37.47 -8.41 58.29
N TYR G 280 -38.45 -8.92 57.57
CA TYR G 280 -38.90 -8.26 56.36
C TYR G 280 -40.37 -7.90 56.46
N ILE G 281 -40.72 -6.75 55.90
CA ILE G 281 -42.11 -6.39 55.71
C ILE G 281 -42.27 -6.04 54.24
N LEU G 282 -43.14 -6.77 53.54
CA LEU G 282 -43.41 -6.43 52.16
C LEU G 282 -44.15 -5.09 52.14
N PRO G 283 -43.68 -4.14 51.34
CA PRO G 283 -44.20 -2.76 51.33
C PRO G 283 -45.67 -2.60 50.89
N LYS G 284 -46.11 -3.38 49.92
CA LYS G 284 -47.49 -3.27 49.43
C LYS G 284 -48.50 -4.05 50.26
N CYS G 285 -48.32 -5.36 50.36
CA CYS G 285 -49.28 -6.23 51.04
C CYS G 285 -49.04 -6.29 52.55
N LYS G 286 -47.97 -5.66 53.01
CA LYS G 286 -47.64 -5.57 54.43
C LYS G 286 -47.31 -6.89 55.15
N ARG G 287 -47.33 -8.02 54.42
CA ARG G 287 -46.97 -9.30 55.02
C ARG G 287 -45.59 -9.23 55.70
N LYS G 288 -45.43 -9.94 56.81
CA LYS G 288 -44.19 -9.90 57.57
C LYS G 288 -43.51 -11.26 57.61
N PHE G 289 -42.18 -11.26 57.48
CA PHE G 289 -41.40 -12.48 57.49
C PHE G 289 -40.15 -12.38 58.37
N ALA G 290 -39.76 -13.50 58.95
CA ALA G 290 -38.43 -13.66 59.49
C ALA G 290 -37.62 -14.28 58.37
N SER G 291 -36.31 -14.13 58.41
CA SER G 291 -35.47 -14.67 57.35
C SER G 291 -35.88 -16.10 56.96
N GLU G 292 -35.94 -17.00 57.93
CA GLU G 292 -36.18 -18.42 57.63
C GLU G 292 -37.59 -18.68 57.13
N GLU G 293 -38.50 -17.76 57.44
CA GLU G 293 -39.88 -17.87 56.97
C GLU G 293 -39.97 -17.48 55.50
N LEU G 294 -39.33 -16.38 55.14
CA LEU G 294 -39.28 -15.96 53.74
C LEU G 294 -38.67 -17.08 52.89
N VAL G 295 -37.57 -17.66 53.35
CA VAL G 295 -37.00 -18.84 52.71
C VAL G 295 -38.08 -19.90 52.47
N ALA G 296 -38.76 -20.33 53.54
CA ALA G 296 -39.82 -21.32 53.40
C ALA G 296 -40.85 -20.90 52.34
N HIS G 297 -41.15 -19.60 52.30
CA HIS G 297 -42.04 -19.03 51.29
C HIS G 297 -41.52 -19.25 49.87
N TRP G 298 -40.24 -18.95 49.64
CA TRP G 298 -39.67 -19.16 48.31
C TRP G 298 -39.75 -20.64 47.99
N LYS G 299 -39.44 -21.47 48.98
CA LYS G 299 -39.36 -22.90 48.77
C LYS G 299 -40.69 -23.48 48.31
N SER G 300 -41.77 -22.97 48.86
CA SER G 300 -43.09 -23.50 48.50
C SER G 300 -43.49 -22.97 47.12
N LEU G 301 -43.22 -21.70 46.87
CA LEU G 301 -43.40 -21.12 45.55
C LEU G 301 -42.65 -21.92 44.50
N CYS G 302 -41.44 -22.38 44.84
CA CYS G 302 -40.64 -23.11 43.88
C CYS G 302 -41.09 -24.56 43.72
N GLU G 303 -41.76 -25.07 44.75
CA GLU G 303 -42.32 -26.43 44.70
C GLU G 303 -43.62 -26.41 43.91
N ARG G 304 -44.31 -25.28 43.96
CA ARG G 304 -45.61 -25.12 43.35
C ARG G 304 -45.50 -24.68 41.89
N TYR G 305 -44.50 -23.86 41.59
CA TYR G 305 -44.32 -23.34 40.24
C TYR G 305 -42.92 -23.65 39.68
N PRO G 306 -42.77 -23.66 38.35
CA PRO G 306 -41.48 -23.92 37.68
C PRO G 306 -40.51 -22.73 37.75
N ILE G 307 -40.22 -22.29 38.97
CA ILE G 307 -39.31 -21.17 39.20
C ILE G 307 -37.93 -21.74 39.45
N VAL G 308 -36.93 -21.31 38.70
CA VAL G 308 -35.60 -21.89 38.85
C VAL G 308 -34.54 -20.93 39.38
N SER G 309 -34.91 -19.67 39.59
CA SER G 309 -33.93 -18.67 39.96
C SER G 309 -34.59 -17.57 40.76
N ILE G 310 -34.00 -17.19 41.88
CA ILE G 310 -34.52 -16.06 42.64
C ILE G 310 -33.42 -15.07 42.93
N GLU G 311 -33.66 -13.80 42.65
CA GLU G 311 -32.62 -12.81 42.81
C GLU G 311 -32.92 -11.96 44.04
N ASP G 312 -31.90 -11.74 44.87
CA ASP G 312 -32.06 -10.97 46.10
C ASP G 312 -33.29 -11.41 46.91
N GLY G 313 -33.42 -12.71 47.12
CA GLY G 313 -34.51 -13.24 47.91
C GLY G 313 -34.41 -12.87 49.37
N LEU G 314 -33.25 -12.34 49.78
CA LEU G 314 -33.04 -11.86 51.15
C LEU G 314 -32.20 -10.59 51.11
N ASP G 315 -32.17 -9.88 52.23
CA ASP G 315 -31.54 -8.56 52.28
C ASP G 315 -30.08 -8.56 51.85
N GLU G 316 -29.63 -7.39 51.40
CA GLU G 316 -28.25 -7.16 50.99
C GLU G 316 -27.26 -7.27 52.14
N GLU G 317 -27.75 -7.43 53.37
CA GLU G 317 -26.84 -7.55 54.51
C GLU G 317 -27.22 -8.67 55.47
N ASP G 318 -28.23 -9.45 55.10
CA ASP G 318 -28.65 -10.55 55.94
C ASP G 318 -27.84 -11.77 55.54
N TRP G 319 -26.57 -11.77 55.93
CA TRP G 319 -25.65 -12.80 55.48
C TRP G 319 -25.97 -14.15 56.09
N GLU G 320 -26.39 -14.15 57.36
CA GLU G 320 -26.78 -15.39 57.98
C GLU G 320 -28.03 -15.96 57.27
N GLY G 321 -28.91 -15.05 56.86
CA GLY G 321 -30.08 -15.44 56.10
C GLY G 321 -29.69 -16.11 54.79
N TRP G 322 -28.82 -15.46 54.03
CA TRP G 322 -28.37 -15.99 52.74
C TRP G 322 -27.71 -17.35 52.93
N GLN G 323 -26.87 -17.45 53.95
CA GLN G 323 -26.18 -18.70 54.26
C GLN G 323 -27.19 -19.83 54.46
N TYR G 324 -28.25 -19.51 55.20
CA TYR G 324 -29.30 -20.47 55.47
C TYR G 324 -30.07 -20.82 54.19
N MET G 325 -30.51 -19.78 53.49
CA MET G 325 -31.26 -19.96 52.26
C MET G 325 -30.47 -20.75 51.22
N THR G 326 -29.16 -20.58 51.21
CA THR G 326 -28.32 -21.27 50.23
C THR G 326 -28.20 -22.75 50.58
N ARG G 327 -28.10 -23.05 51.88
CA ARG G 327 -28.21 -24.45 52.33
C ARG G 327 -29.53 -25.10 51.88
N GLU G 328 -30.64 -24.41 52.11
CA GLU G 328 -31.97 -24.95 51.85
C GLU G 328 -32.31 -25.10 50.36
N LEU G 329 -32.05 -24.06 49.59
CA LEU G 329 -32.54 -24.00 48.22
C LEU G 329 -31.42 -24.12 47.17
N GLY G 330 -30.20 -23.79 47.58
CA GLY G 330 -29.07 -23.71 46.66
C GLY G 330 -28.90 -24.88 45.70
N ASP G 331 -29.29 -26.06 46.13
CA ASP G 331 -29.12 -27.27 45.33
C ASP G 331 -30.10 -27.33 44.17
N LYS G 332 -31.32 -26.87 44.41
CA LYS G 332 -32.37 -26.95 43.40
C LYS G 332 -32.57 -25.62 42.65
N ILE G 333 -32.31 -24.52 43.34
CA ILE G 333 -32.70 -23.20 42.82
C ILE G 333 -31.47 -22.31 42.67
N GLN G 334 -31.41 -21.55 41.57
CA GLN G 334 -30.37 -20.54 41.44
C GLN G 334 -30.69 -19.30 42.29
N LEU G 335 -29.73 -18.89 43.11
CA LEU G 335 -29.93 -17.76 44.02
C LEU G 335 -29.00 -16.63 43.64
N VAL G 336 -29.55 -15.59 43.00
CA VAL G 336 -28.74 -14.53 42.41
C VAL G 336 -28.56 -13.34 43.36
N GLY G 337 -27.31 -12.99 43.67
CA GLY G 337 -27.02 -11.78 44.40
C GLY G 337 -26.92 -10.55 43.49
N ASP G 338 -27.82 -9.60 43.66
CA ASP G 338 -27.73 -8.33 42.94
C ASP G 338 -27.23 -7.28 43.90
N ASP G 339 -28.11 -6.79 44.78
CA ASP G 339 -27.71 -5.83 45.82
C ASP G 339 -26.77 -6.45 46.84
N LEU G 340 -26.86 -7.76 47.02
CA LEU G 340 -25.93 -8.49 47.88
C LEU G 340 -24.48 -8.24 47.49
N PHE G 341 -24.20 -8.24 46.19
CA PHE G 341 -22.81 -8.19 45.70
C PHE G 341 -22.46 -6.86 45.02
N VAL G 342 -23.44 -6.21 44.42
CA VAL G 342 -23.21 -4.97 43.66
C VAL G 342 -21.97 -5.03 42.77
N THR G 343 -21.80 -6.16 42.09
CA THR G 343 -20.65 -6.37 41.19
C THR G 343 -19.33 -5.97 41.87
N ASN G 344 -19.26 -6.20 43.19
CA ASN G 344 -18.07 -5.88 43.96
C ASN G 344 -17.37 -7.17 44.39
N THR G 345 -16.16 -7.41 43.86
CA THR G 345 -15.48 -8.68 44.10
C THR G 345 -15.13 -8.97 45.56
N GLU G 346 -15.02 -7.93 46.37
CA GLU G 346 -14.83 -8.10 47.80
C GLU G 346 -16.09 -8.69 48.45
N ARG G 347 -17.25 -8.15 48.09
CA ARG G 347 -18.51 -8.65 48.62
C ARG G 347 -18.77 -10.02 48.05
N LEU G 348 -18.40 -10.20 46.79
CA LEU G 348 -18.55 -11.50 46.14
C LEU G 348 -17.71 -12.56 46.82
N ASN G 349 -16.50 -12.20 47.21
CA ASN G 349 -15.61 -13.15 47.85
C ASN G 349 -16.14 -13.54 49.23
N LYS G 350 -16.55 -12.55 50.01
CA LYS G 350 -17.23 -12.79 51.28
C LYS G 350 -18.37 -13.78 51.08
N GLY G 351 -19.18 -13.54 50.05
CA GLY G 351 -20.27 -14.44 49.73
C GLY G 351 -19.75 -15.84 49.49
N ILE G 352 -18.74 -15.96 48.64
CA ILE G 352 -18.17 -17.26 48.33
C ILE G 352 -17.66 -17.97 49.58
N LYS G 353 -16.91 -17.23 50.40
CA LYS G 353 -16.36 -17.81 51.62
C LYS G 353 -17.46 -18.26 52.58
N GLU G 354 -18.50 -17.45 52.74
CA GLU G 354 -19.58 -17.80 53.66
C GLU G 354 -20.65 -18.69 53.05
N ARG G 355 -20.49 -19.03 51.78
CA ARG G 355 -21.48 -19.85 51.07
C ARG G 355 -22.84 -19.18 50.97
N CYS G 356 -22.86 -17.92 50.52
CA CYS G 356 -24.08 -17.18 50.28
C CYS G 356 -24.30 -16.97 48.78
N GLY G 357 -25.47 -17.35 48.29
CA GLY G 357 -25.77 -17.26 46.87
C GLY G 357 -25.05 -18.34 46.08
N ASN G 358 -25.39 -18.47 44.80
CA ASN G 358 -24.61 -19.31 43.90
C ASN G 358 -24.57 -18.69 42.51
N SER G 359 -24.86 -17.40 42.45
CA SER G 359 -24.96 -16.68 41.20
C SER G 359 -24.80 -15.19 41.48
N ILE G 360 -24.36 -14.44 40.48
CA ILE G 360 -24.20 -13.00 40.67
C ILE G 360 -24.65 -12.24 39.44
N LEU G 361 -25.38 -11.17 39.68
CA LEU G 361 -25.82 -10.29 38.60
C LEU G 361 -24.69 -9.31 38.33
N ILE G 362 -24.17 -9.37 37.12
CA ILE G 362 -23.05 -8.53 36.73
C ILE G 362 -23.48 -7.23 36.08
N LYS G 363 -23.20 -6.13 36.75
CA LYS G 363 -23.50 -4.83 36.19
C LYS G 363 -22.20 -4.09 35.92
N LEU G 364 -21.83 -4.01 34.64
CA LEU G 364 -20.65 -3.26 34.18
C LEU G 364 -20.43 -1.93 34.90
N ASN G 365 -21.46 -1.09 34.92
CA ASN G 365 -21.26 0.27 35.43
C ASN G 365 -21.09 0.32 36.94
N GLN G 366 -21.46 -0.76 37.62
CA GLN G 366 -21.29 -0.82 39.07
C GLN G 366 -19.83 -0.94 39.44
N ILE G 367 -19.05 -1.58 38.58
CA ILE G 367 -17.63 -1.77 38.86
C ILE G 367 -16.79 -0.73 38.08
N GLY G 368 -17.15 -0.50 36.82
CA GLY G 368 -16.64 0.66 36.12
C GLY G 368 -15.68 0.48 34.95
N THR G 369 -15.14 -0.71 34.77
CA THR G 369 -14.28 -0.94 33.60
C THR G 369 -14.56 -2.31 33.03
N VAL G 370 -14.14 -2.51 31.79
CA VAL G 370 -14.22 -3.81 31.15
C VAL G 370 -13.37 -4.87 31.83
N SER G 371 -12.10 -4.56 32.06
CA SER G 371 -11.21 -5.56 32.62
C SER G 371 -11.64 -5.95 34.03
N GLU G 372 -12.09 -4.99 34.83
CA GLU G 372 -12.53 -5.31 36.18
C GLU G 372 -13.75 -6.20 36.14
N THR G 373 -14.61 -5.99 35.14
CA THR G 373 -15.78 -6.85 35.00
C THR G 373 -15.42 -8.29 34.63
N LEU G 374 -14.38 -8.47 33.81
CA LEU G 374 -13.90 -9.80 33.51
C LEU G 374 -13.42 -10.47 34.78
N GLU G 375 -12.72 -9.71 35.60
CA GLU G 375 -12.17 -10.24 36.85
C GLU G 375 -13.29 -10.69 37.76
N ALA G 376 -14.35 -9.88 37.83
CA ALA G 376 -15.51 -10.23 38.63
C ALA G 376 -16.10 -11.53 38.14
N ILE G 377 -16.37 -11.60 36.84
CA ILE G 377 -16.93 -12.83 36.27
C ILE G 377 -15.99 -14.00 36.44
N LYS G 378 -14.68 -13.75 36.39
CA LYS G 378 -13.75 -14.87 36.54
C LYS G 378 -13.79 -15.37 37.98
N MET G 379 -13.89 -14.44 38.92
CA MET G 379 -14.01 -14.83 40.32
C MET G 379 -15.23 -15.72 40.50
N ALA G 380 -16.33 -15.35 39.88
CA ALA G 380 -17.57 -16.07 40.07
C ALA G 380 -17.48 -17.46 39.47
N HIS G 381 -17.03 -17.55 38.23
CA HIS G 381 -16.94 -18.84 37.56
C HIS G 381 -16.01 -19.78 38.33
N LYS G 382 -14.91 -19.25 38.87
CA LYS G 382 -13.95 -20.05 39.63
C LYS G 382 -14.57 -20.65 40.89
N ALA G 383 -15.51 -19.93 41.48
CA ALA G 383 -16.20 -20.41 42.68
C ALA G 383 -17.41 -21.28 42.33
N GLY G 384 -17.68 -21.46 41.04
CA GLY G 384 -18.85 -22.24 40.64
C GLY G 384 -20.16 -21.47 40.69
N TYR G 385 -20.08 -20.15 40.78
CA TYR G 385 -21.27 -19.32 40.63
C TYR G 385 -21.55 -19.10 39.14
N THR G 386 -22.82 -18.95 38.79
CA THR G 386 -23.17 -18.47 37.46
C THR G 386 -23.05 -16.96 37.48
N ALA G 387 -22.94 -16.36 36.31
CA ALA G 387 -22.88 -14.91 36.23
C ALA G 387 -23.88 -14.44 35.20
N VAL G 388 -24.87 -13.67 35.66
CA VAL G 388 -25.89 -13.14 34.78
C VAL G 388 -25.52 -11.70 34.41
N VAL G 389 -25.15 -11.53 33.15
CA VAL G 389 -24.84 -10.20 32.66
C VAL G 389 -26.13 -9.39 32.54
N SER G 390 -26.10 -8.19 33.12
CA SER G 390 -27.35 -7.44 33.32
C SER G 390 -27.34 -6.05 32.69
N HIS G 391 -28.52 -5.64 32.24
CA HIS G 391 -28.75 -4.26 31.85
C HIS G 391 -28.97 -3.38 33.08
N ARG G 392 -29.08 -2.07 32.88
CA ARG G 392 -29.59 -1.17 33.91
C ARG G 392 -30.94 -0.64 33.43
N SER G 393 -31.63 0.12 34.28
CA SER G 393 -32.92 0.69 33.89
C SER G 393 -32.70 1.81 32.89
N GLY G 394 -31.62 2.58 33.08
CA GLY G 394 -31.21 3.58 32.10
C GLY G 394 -30.22 3.01 31.09
N GLU G 395 -30.76 2.52 29.97
CA GLU G 395 -29.95 1.89 28.94
C GLU G 395 -29.87 2.73 27.67
N THR G 396 -29.05 2.28 26.72
CA THR G 396 -28.90 2.93 25.43
C THR G 396 -28.96 1.89 24.30
N GLU G 397 -28.75 2.36 23.08
CA GLU G 397 -28.65 1.52 21.87
C GLU G 397 -27.40 0.61 21.88
N ASP G 398 -26.44 0.92 22.74
CA ASP G 398 -25.24 0.10 22.98
C ASP G 398 -25.59 -1.38 23.17
N THR G 399 -24.73 -2.28 22.72
CA THR G 399 -25.04 -3.71 22.80
C THR G 399 -23.93 -4.49 23.44
N THR G 400 -23.03 -3.78 24.10
CA THR G 400 -21.86 -4.37 24.72
C THR G 400 -22.15 -5.60 25.58
N ILE G 401 -23.22 -5.58 26.36
CA ILE G 401 -23.45 -6.68 27.31
C ILE G 401 -23.78 -7.98 26.59
N ALA G 402 -24.29 -7.88 25.37
CA ALA G 402 -24.51 -9.05 24.54
C ALA G 402 -23.15 -9.70 24.23
N ASP G 403 -22.20 -8.91 23.75
CA ASP G 403 -20.88 -9.46 23.39
C ASP G 403 -20.17 -10.04 24.62
N LEU G 404 -20.35 -9.36 25.73
CA LEU G 404 -19.77 -9.80 26.99
C LEU G 404 -20.35 -11.15 27.42
N ALA G 405 -21.66 -11.30 27.31
CA ALA G 405 -22.30 -12.53 27.74
C ALA G 405 -21.72 -13.71 26.97
N VAL G 406 -21.50 -13.53 25.68
CA VAL G 406 -20.93 -14.59 24.85
C VAL G 406 -19.43 -14.72 25.07
N ALA G 407 -18.73 -13.60 25.13
CA ALA G 407 -17.28 -13.60 25.33
C ALA G 407 -16.85 -14.47 26.49
N LEU G 408 -17.59 -14.41 27.59
CA LEU G 408 -17.21 -15.20 28.77
C LEU G 408 -18.10 -16.42 28.96
N ASN G 409 -18.86 -16.78 27.92
CA ASN G 409 -19.71 -17.95 27.94
C ASN G 409 -20.53 -18.02 29.21
N THR G 410 -21.22 -16.93 29.56
CA THR G 410 -21.83 -16.88 30.89
C THR G 410 -23.14 -17.67 30.90
N GLY G 411 -23.71 -17.88 29.72
CA GLY G 411 -24.89 -18.72 29.59
C GLY G 411 -26.20 -18.10 30.03
N GLN G 412 -26.15 -16.92 30.63
CA GLN G 412 -27.38 -16.24 31.00
C GLN G 412 -27.25 -14.75 30.83
N ILE G 413 -28.35 -14.09 30.48
CA ILE G 413 -28.35 -12.64 30.37
C ILE G 413 -29.70 -12.12 30.84
N LYS G 414 -29.67 -10.93 31.44
CA LYS G 414 -30.90 -10.25 31.84
C LYS G 414 -30.91 -8.84 31.27
N THR G 415 -31.67 -8.64 30.20
CA THR G 415 -31.62 -7.35 29.51
C THR G 415 -33.00 -6.91 29.04
N GLY G 416 -34.03 -7.25 29.81
CA GLY G 416 -35.37 -6.73 29.60
C GLY G 416 -36.37 -7.58 28.81
N ALA G 417 -37.59 -7.06 28.66
CA ALA G 417 -38.63 -7.68 27.85
C ALA G 417 -38.33 -7.47 26.36
N PRO G 418 -38.97 -8.27 25.50
CA PRO G 418 -38.69 -8.12 24.07
C PRO G 418 -39.39 -6.90 23.46
N SER G 419 -39.26 -5.73 24.11
CA SER G 419 -39.83 -4.49 23.59
C SER G 419 -39.03 -3.32 24.13
N ARG G 420 -39.06 -2.22 23.40
CA ARG G 420 -38.15 -1.09 23.64
C ARG G 420 -36.79 -1.51 23.10
N SER G 421 -36.25 -0.74 22.16
CA SER G 421 -35.05 -1.17 21.44
C SER G 421 -33.75 -1.10 22.26
N GLU G 422 -33.72 -0.35 23.35
CA GLU G 422 -32.54 -0.42 24.19
C GLU G 422 -32.49 -1.79 24.85
N ARG G 423 -33.59 -2.52 24.79
CA ARG G 423 -33.59 -3.92 25.24
C ARG G 423 -33.39 -4.81 24.02
N VAL G 424 -34.28 -4.67 23.06
CA VAL G 424 -34.27 -5.57 21.90
C VAL G 424 -32.96 -5.52 21.11
N ALA G 425 -32.27 -4.39 21.13
CA ALA G 425 -31.04 -4.25 20.38
C ALA G 425 -30.02 -5.31 20.82
N LYS G 426 -30.04 -5.62 22.12
CA LYS G 426 -29.15 -6.63 22.68
C LYS G 426 -29.55 -7.98 22.09
N TYR G 427 -30.85 -8.24 22.06
CA TYR G 427 -31.35 -9.49 21.49
C TYR G 427 -30.94 -9.58 20.04
N ASN G 428 -31.15 -8.51 19.29
CA ASN G 428 -30.80 -8.49 17.87
C ASN G 428 -29.33 -8.78 17.69
N GLN G 429 -28.51 -8.21 18.56
CA GLN G 429 -27.10 -8.44 18.46
C GLN G 429 -26.77 -9.91 18.70
N LEU G 430 -27.47 -10.54 19.64
CA LEU G 430 -27.19 -11.94 19.91
C LEU G 430 -27.57 -12.78 18.71
N LEU G 431 -28.55 -12.30 17.95
CA LEU G 431 -28.91 -13.00 16.71
C LEU G 431 -27.72 -12.95 15.76
N ARG G 432 -27.15 -11.77 15.57
CA ARG G 432 -25.99 -11.62 14.69
C ARG G 432 -24.80 -12.46 15.14
N ILE G 433 -24.59 -12.53 16.46
CA ILE G 433 -23.49 -13.33 17.00
C ILE G 433 -23.68 -14.82 16.73
N GLU G 434 -24.90 -15.31 17.01
CA GLU G 434 -25.20 -16.70 16.75
C GLU G 434 -25.03 -17.03 15.27
N GLU G 435 -25.56 -16.14 14.43
CA GLU G 435 -25.37 -16.24 12.99
C GLU G 435 -23.90 -16.37 12.61
N GLU G 436 -23.07 -15.48 13.16
CA GLU G 436 -21.65 -15.43 12.87
C GLU G 436 -20.97 -16.71 13.32
N LEU G 437 -21.33 -17.20 14.50
CA LEU G 437 -20.72 -18.41 15.08
C LEU G 437 -20.95 -19.64 14.23
N GLY G 438 -22.04 -19.65 13.46
CA GLY G 438 -22.33 -20.76 12.58
C GLY G 438 -22.53 -22.01 13.40
N ASP G 439 -21.96 -23.11 12.95
CA ASP G 439 -22.16 -24.39 13.65
C ASP G 439 -21.49 -24.47 15.00
N SER G 440 -20.65 -23.50 15.32
CA SER G 440 -19.95 -23.55 16.60
C SER G 440 -20.78 -22.99 17.75
N ALA G 441 -21.92 -22.36 17.41
CA ALA G 441 -22.82 -21.75 18.39
C ALA G 441 -23.42 -22.79 19.30
N VAL G 442 -23.34 -22.51 20.61
CA VAL G 442 -23.95 -23.35 21.61
C VAL G 442 -25.00 -22.56 22.38
N TYR G 443 -26.25 -23.02 22.35
CA TYR G 443 -27.29 -22.52 23.23
C TYR G 443 -27.52 -23.56 24.32
N PRO G 444 -27.12 -23.24 25.55
CA PRO G 444 -27.10 -24.24 26.63
C PRO G 444 -28.47 -24.66 27.15
N GLY G 445 -29.54 -23.95 26.79
CA GLY G 445 -30.86 -24.29 27.30
C GLY G 445 -30.89 -24.57 28.81
N PHE G 446 -31.52 -25.66 29.20
CA PHE G 446 -31.68 -25.92 30.63
C PHE G 446 -30.36 -26.23 31.35
N THR G 447 -29.33 -26.58 30.58
CA THR G 447 -28.07 -26.97 31.17
C THR G 447 -27.30 -25.76 31.69
N THR G 448 -27.88 -24.59 31.50
CA THR G 448 -27.14 -23.36 31.74
C THR G 448 -26.90 -23.10 33.21
N PHE G 449 -27.78 -23.62 34.06
CA PHE G 449 -27.69 -23.36 35.49
C PHE G 449 -26.60 -24.19 36.17
N ASN H 24 -14.55 0.16 -8.14
CA ASN H 24 -14.16 -1.20 -7.78
C ASN H 24 -14.36 -1.48 -6.29
N TYR H 25 -14.03 -0.50 -5.45
CA TYR H 25 -14.17 -0.65 -4.00
C TYR H 25 -15.56 -0.21 -3.54
N LEU H 26 -16.36 0.27 -4.48
CA LEU H 26 -17.75 0.62 -4.22
C LEU H 26 -18.66 -0.44 -4.83
N GLU H 27 -18.04 -1.45 -5.42
CA GLU H 27 -18.81 -2.50 -6.06
C GLU H 27 -19.43 -3.43 -5.03
N ILE H 28 -20.71 -3.69 -5.16
CA ILE H 28 -21.38 -4.60 -4.25
C ILE H 28 -20.86 -6.01 -4.49
N GLU H 29 -20.43 -6.68 -3.43
CA GLU H 29 -19.97 -8.05 -3.54
C GLU H 29 -21.11 -8.99 -3.17
N LYS H 30 -21.85 -8.64 -2.13
CA LYS H 30 -22.88 -9.52 -1.58
C LYS H 30 -23.87 -8.73 -0.74
N VAL H 31 -25.13 -9.14 -0.75
CA VAL H 31 -26.13 -8.56 0.14
C VAL H 31 -26.78 -9.68 0.94
N ILE H 32 -26.84 -9.54 2.26
CA ILE H 32 -27.54 -10.51 3.08
C ILE H 32 -28.66 -9.90 3.88
N GLY H 33 -29.62 -10.73 4.25
CA GLY H 33 -30.71 -10.31 5.10
C GLY H 33 -30.75 -11.10 6.38
N ARG H 34 -31.34 -10.50 7.41
CA ARG H 34 -31.67 -11.24 8.62
C ARG H 34 -32.99 -10.75 9.21
N GLU H 35 -33.67 -11.66 9.89
CA GLU H 35 -34.92 -11.36 10.56
C GLU H 35 -34.56 -10.89 11.96
N ILE H 36 -34.78 -9.63 12.25
CA ILE H 36 -34.50 -9.11 13.58
C ILE H 36 -35.80 -8.75 14.28
N ILE H 37 -35.70 -8.11 15.45
CA ILE H 37 -36.88 -7.75 16.23
C ILE H 37 -36.96 -6.24 16.42
N ASP H 38 -38.16 -5.70 16.23
CA ASP H 38 -38.38 -4.27 16.30
C ASP H 38 -38.83 -3.86 17.69
N SER H 39 -39.10 -2.57 17.89
CA SER H 39 -39.29 -2.04 19.25
C SER H 39 -40.59 -2.48 19.92
N ARG H 40 -41.49 -3.09 19.14
CA ARG H 40 -42.76 -3.56 19.68
C ARG H 40 -42.74 -5.05 19.93
N GLY H 41 -41.62 -5.68 19.57
CA GLY H 41 -41.46 -7.12 19.77
C GLY H 41 -41.91 -7.93 18.58
N ASN H 42 -41.91 -7.32 17.40
CA ASN H 42 -42.26 -8.01 16.17
C ASN H 42 -41.08 -8.08 15.20
N PRO H 43 -41.03 -9.16 14.41
CA PRO H 43 -39.96 -9.37 13.44
C PRO H 43 -39.91 -8.22 12.45
N THR H 44 -38.72 -7.92 11.94
CA THR H 44 -38.59 -6.99 10.84
C THR H 44 -37.33 -7.34 10.05
N VAL H 45 -37.15 -6.74 8.88
CA VAL H 45 -36.03 -7.06 8.03
C VAL H 45 -34.82 -6.17 8.26
N GLU H 46 -33.64 -6.78 8.31
CA GLU H 46 -32.39 -6.05 8.37
C GLU H 46 -31.48 -6.49 7.22
N ALA H 47 -30.90 -5.52 6.50
CA ALA H 47 -29.99 -5.85 5.41
C ALA H 47 -28.56 -5.47 5.75
N GLU H 48 -27.62 -6.25 5.22
CA GLU H 48 -26.22 -5.94 5.35
C GLU H 48 -25.61 -6.02 3.96
N VAL H 49 -24.99 -4.93 3.53
CA VAL H 49 -24.35 -4.87 2.22
C VAL H 49 -22.83 -4.89 2.34
N TYR H 50 -22.19 -5.72 1.54
CA TYR H 50 -20.73 -5.87 1.58
C TYR H 50 -20.13 -5.37 0.30
N LEU H 51 -19.12 -4.50 0.42
CA LEU H 51 -18.48 -3.94 -0.76
C LEU H 51 -17.13 -4.62 -1.02
N ALA H 52 -16.69 -4.62 -2.28
CA ALA H 52 -15.48 -5.31 -2.67
C ALA H 52 -14.31 -4.79 -1.84
N GLY H 53 -14.40 -3.53 -1.43
CA GLY H 53 -13.33 -2.91 -0.66
C GLY H 53 -13.25 -3.31 0.80
N GLY H 54 -14.19 -4.12 1.27
CA GLY H 54 -14.15 -4.61 2.64
C GLY H 54 -15.12 -3.93 3.58
N VAL H 55 -15.73 -2.84 3.09
CA VAL H 55 -16.66 -2.06 3.89
C VAL H 55 -18.07 -2.67 3.87
N THR H 56 -18.80 -2.55 4.98
CA THR H 56 -20.19 -2.98 5.02
C THR H 56 -21.14 -1.87 5.48
N GLY H 57 -22.41 -2.04 5.15
CA GLY H 57 -23.44 -1.11 5.57
C GLY H 57 -24.65 -1.90 6.01
N ARG H 58 -25.38 -1.38 6.99
CA ARG H 58 -26.50 -2.09 7.56
C ARG H 58 -27.75 -1.20 7.53
N GLY H 59 -28.87 -1.78 7.10
CA GLY H 59 -30.12 -1.05 7.09
C GLY H 59 -31.24 -1.89 7.67
N THR H 60 -32.30 -1.23 8.15
CA THR H 60 -33.49 -1.93 8.64
C THR H 60 -34.79 -1.28 8.17
N ALA H 61 -35.82 -2.09 7.99
CA ALA H 61 -37.16 -1.60 7.65
C ALA H 61 -38.04 -1.44 8.89
N PRO H 62 -38.50 -0.20 9.16
CA PRO H 62 -39.43 0.01 10.27
C PRO H 62 -40.81 -0.48 9.85
N SER H 63 -41.78 -0.49 10.76
CA SER H 63 -43.09 -1.03 10.45
C SER H 63 -44.20 -0.35 11.25
N GLY H 64 -45.33 -0.10 10.59
CA GLY H 64 -46.48 0.49 11.26
C GLY H 64 -47.80 -0.22 10.93
N GLY H 68 -52.00 -0.67 4.09
CA GLY H 68 -52.59 0.38 3.27
C GLY H 68 -52.84 -0.07 1.84
N GLU H 69 -53.38 0.84 1.02
CA GLU H 69 -53.70 0.50 -0.37
C GLU H 69 -52.85 1.24 -1.40
N PHE H 70 -52.45 2.47 -1.09
CA PHE H 70 -51.69 3.27 -2.03
C PHE H 70 -50.20 3.31 -1.68
N GLU H 71 -49.77 2.41 -0.81
CA GLU H 71 -48.38 2.40 -0.37
C GLU H 71 -47.69 1.10 -0.76
N ALA H 72 -46.38 1.07 -0.57
CA ALA H 72 -45.62 -0.14 -0.83
C ALA H 72 -45.95 -1.16 0.25
N LEU H 73 -46.09 -2.42 -0.13
CA LEU H 73 -46.51 -3.45 0.81
C LEU H 73 -45.38 -4.31 1.36
N GLU H 74 -45.25 -4.33 2.68
CA GLU H 74 -44.27 -5.17 3.33
C GLU H 74 -44.70 -6.63 3.23
N LEU H 75 -43.72 -7.51 3.13
CA LEU H 75 -43.99 -8.93 2.97
C LEU H 75 -43.81 -9.67 4.28
N ARG H 76 -44.92 -10.17 4.82
CA ARG H 76 -44.90 -11.02 6.02
C ARG H 76 -45.16 -12.46 5.62
N ASP H 77 -44.60 -13.39 6.40
CA ASP H 77 -44.64 -14.81 6.08
C ASP H 77 -46.06 -15.40 6.19
N GLY H 78 -46.84 -14.88 7.12
CA GLY H 78 -48.20 -15.35 7.32
C GLY H 78 -48.29 -16.74 7.92
N ASP H 79 -47.16 -17.24 8.41
CA ASP H 79 -47.10 -18.53 9.10
C ASP H 79 -47.51 -18.35 10.56
N LYS H 80 -48.60 -18.98 10.96
CA LYS H 80 -49.18 -18.70 12.28
C LYS H 80 -48.45 -19.37 13.44
N GLY H 81 -47.61 -20.36 13.13
CA GLY H 81 -46.75 -20.98 14.12
C GLY H 81 -45.49 -20.19 14.47
N ARG H 82 -45.20 -19.14 13.70
CA ARG H 82 -44.04 -18.28 13.98
C ARG H 82 -44.44 -16.82 14.18
N PHE H 83 -44.09 -16.26 15.32
CA PHE H 83 -44.33 -14.84 15.57
C PHE H 83 -45.78 -14.48 15.29
N GLY H 84 -46.67 -15.45 15.35
CA GLY H 84 -48.08 -15.19 15.10
C GLY H 84 -48.33 -14.69 13.69
N GLY H 85 -47.51 -15.13 12.75
CA GLY H 85 -47.72 -14.80 11.35
C GLY H 85 -46.93 -13.60 10.87
N LYS H 86 -46.28 -12.91 11.80
CA LYS H 86 -45.55 -11.68 11.47
C LYS H 86 -44.08 -11.93 11.15
N GLY H 87 -43.72 -13.18 10.83
CA GLY H 87 -42.35 -13.50 10.46
C GLY H 87 -41.94 -12.83 9.17
N VAL H 88 -40.64 -12.72 8.91
CA VAL H 88 -40.20 -12.10 7.66
C VAL H 88 -39.09 -12.88 6.96
N THR H 89 -39.12 -14.20 7.05
CA THR H 89 -38.09 -15.02 6.41
C THR H 89 -38.21 -14.99 4.88
N LYS H 90 -39.43 -14.81 4.39
CA LYS H 90 -39.64 -14.68 2.95
C LYS H 90 -38.81 -13.53 2.40
N ALA H 91 -39.03 -12.35 2.98
CA ALA H 91 -38.30 -11.16 2.59
C ALA H 91 -36.81 -11.39 2.74
N VAL H 92 -36.42 -12.01 3.83
CA VAL H 92 -35.00 -12.23 4.06
C VAL H 92 -34.45 -13.11 2.95
N GLN H 93 -35.28 -14.03 2.48
CA GLN H 93 -34.85 -14.94 1.43
C GLN H 93 -34.72 -14.21 0.10
N ASN H 94 -35.59 -13.23 -0.12
CA ASN H 94 -35.51 -12.44 -1.34
C ASN H 94 -34.22 -11.63 -1.37
N ILE H 95 -33.78 -11.15 -0.21
CA ILE H 95 -32.53 -10.41 -0.15
C ILE H 95 -31.38 -11.38 -0.42
N ASN H 96 -31.39 -12.49 0.29
CA ASN H 96 -30.31 -13.45 0.23
C ASN H 96 -30.08 -14.05 -1.14
N THR H 97 -31.12 -14.14 -1.93
CA THR H 97 -30.98 -14.76 -3.23
C THR H 97 -31.07 -13.75 -4.37
N GLU H 98 -32.28 -13.28 -4.64
CA GLU H 98 -32.56 -12.51 -5.84
C GLU H 98 -31.96 -11.11 -5.77
N ILE H 99 -32.26 -10.37 -4.71
CA ILE H 99 -31.69 -9.04 -4.60
C ILE H 99 -30.17 -9.09 -4.59
N SER H 100 -29.59 -10.00 -3.83
CA SER H 100 -28.13 -10.07 -3.79
C SER H 100 -27.54 -10.35 -5.17
N GLU H 101 -28.19 -11.21 -5.95
CA GLU H 101 -27.69 -11.55 -7.27
C GLU H 101 -27.87 -10.40 -8.26
N ILE H 102 -28.96 -9.67 -8.12
CA ILE H 102 -29.21 -8.49 -8.95
C ILE H 102 -28.21 -7.35 -8.72
N LEU H 103 -27.83 -7.11 -7.47
CA LEU H 103 -27.04 -5.93 -7.14
C LEU H 103 -25.56 -6.19 -7.14
N SER H 104 -25.16 -7.46 -7.08
CA SER H 104 -23.73 -7.77 -7.17
C SER H 104 -23.10 -7.15 -8.40
N GLY H 105 -21.92 -6.58 -8.21
CA GLY H 105 -21.21 -5.90 -9.29
C GLY H 105 -21.53 -4.43 -9.40
N MET H 106 -22.69 -4.03 -8.90
CA MET H 106 -23.13 -2.65 -9.02
C MET H 106 -22.37 -1.69 -8.11
N ASP H 107 -22.28 -0.44 -8.55
CA ASP H 107 -21.62 0.61 -7.79
C ASP H 107 -22.59 1.10 -6.70
N ALA H 108 -22.20 0.91 -5.44
CA ALA H 108 -23.09 1.20 -4.32
C ALA H 108 -23.44 2.67 -4.12
N SER H 109 -22.62 3.57 -4.65
CA SER H 109 -22.90 5.00 -4.47
C SER H 109 -23.96 5.50 -5.44
N ASP H 110 -24.31 4.68 -6.41
CA ASP H 110 -25.35 5.04 -7.37
C ASP H 110 -26.65 4.42 -6.86
N ILE H 111 -27.17 4.99 -5.78
CA ILE H 111 -28.35 4.48 -5.12
C ILE H 111 -29.58 4.43 -6.02
N TYR H 112 -29.74 5.44 -6.87
CA TYR H 112 -30.85 5.48 -7.81
C TYR H 112 -30.85 4.25 -8.68
N ALA H 113 -29.67 3.86 -9.15
CA ALA H 113 -29.54 2.69 -10.02
C ALA H 113 -29.75 1.38 -9.25
N VAL H 114 -29.22 1.33 -8.04
CA VAL H 114 -29.46 0.19 -7.16
C VAL H 114 -30.95 0.02 -6.86
N ASP H 115 -31.62 1.13 -6.54
CA ASP H 115 -33.05 1.13 -6.26
C ASP H 115 -33.87 0.73 -7.47
N ARG H 116 -33.43 1.16 -8.65
CA ARG H 116 -34.14 0.90 -9.89
C ARG H 116 -34.02 -0.57 -10.27
N ALA H 117 -32.84 -1.13 -10.03
CA ALA H 117 -32.62 -2.55 -10.26
C ALA H 117 -33.61 -3.37 -9.46
N MET H 118 -33.79 -3.01 -8.19
CA MET H 118 -34.67 -3.78 -7.31
C MET H 118 -36.11 -3.57 -7.70
N ILE H 119 -36.46 -2.32 -8.00
CA ILE H 119 -37.81 -2.03 -8.43
C ILE H 119 -38.18 -2.80 -9.71
N ASP H 120 -37.32 -2.73 -10.72
CA ASP H 120 -37.61 -3.40 -11.98
C ASP H 120 -37.69 -4.91 -11.81
N ALA H 121 -36.77 -5.48 -11.06
CA ALA H 121 -36.73 -6.92 -10.82
C ALA H 121 -37.97 -7.43 -10.10
N ASP H 122 -38.41 -6.66 -9.10
CA ASP H 122 -39.65 -6.96 -8.41
C ASP H 122 -40.82 -7.05 -9.41
N GLY H 123 -40.98 -6.00 -10.22
CA GLY H 123 -41.96 -6.00 -11.28
C GLY H 123 -43.33 -5.49 -10.90
N THR H 124 -43.54 -5.25 -9.61
CA THR H 124 -44.85 -4.86 -9.12
C THR H 124 -44.89 -3.37 -8.76
N LYS H 125 -46.08 -2.82 -8.75
CA LYS H 125 -46.24 -1.39 -8.56
C LYS H 125 -46.00 -0.99 -7.11
N ASP H 126 -45.93 -1.97 -6.22
CA ASP H 126 -45.91 -1.70 -4.79
C ASP H 126 -44.90 -2.59 -4.06
N LYS H 127 -43.98 -3.17 -4.82
CA LYS H 127 -42.91 -3.95 -4.24
C LYS H 127 -43.48 -5.12 -3.47
N SER H 128 -44.58 -5.67 -3.97
CA SER H 128 -45.29 -6.74 -3.27
C SER H 128 -44.62 -8.09 -3.48
N LYS H 129 -43.68 -8.16 -4.42
CA LYS H 129 -42.97 -9.40 -4.71
C LYS H 129 -41.76 -9.62 -3.78
N PHE H 130 -40.81 -8.68 -3.82
CA PHE H 130 -39.68 -8.78 -2.90
C PHE H 130 -40.09 -8.37 -1.50
N GLY H 131 -41.06 -7.46 -1.40
CA GLY H 131 -41.43 -6.94 -0.11
C GLY H 131 -40.80 -5.57 0.07
N ALA H 132 -41.65 -4.58 0.34
CA ALA H 132 -41.20 -3.22 0.57
C ALA H 132 -40.23 -3.14 1.75
N ASN H 133 -40.29 -4.13 2.62
CA ASN H 133 -39.37 -4.19 3.75
C ASN H 133 -38.00 -4.75 3.36
N ALA H 134 -37.98 -5.75 2.49
CA ALA H 134 -36.73 -6.28 1.98
C ALA H 134 -36.02 -5.19 1.16
N VAL H 135 -36.76 -4.61 0.22
CA VAL H 135 -36.22 -3.60 -0.69
C VAL H 135 -35.66 -2.37 0.04
N LEU H 136 -36.36 -1.89 1.05
CA LEU H 136 -35.94 -0.67 1.75
C LEU H 136 -34.71 -0.92 2.59
N ALA H 137 -34.72 -2.01 3.36
CA ALA H 137 -33.57 -2.35 4.19
C ALA H 137 -32.29 -2.37 3.35
N VAL H 138 -32.39 -2.88 2.13
CA VAL H 138 -31.23 -2.96 1.24
C VAL H 138 -30.83 -1.58 0.71
N SER H 139 -31.82 -0.80 0.30
CA SER H 139 -31.58 0.57 -0.16
C SER H 139 -30.73 1.27 0.89
N ILE H 140 -31.21 1.25 2.12
CA ILE H 140 -30.55 1.94 3.22
C ILE H 140 -29.18 1.35 3.46
N ALA H 141 -29.10 0.02 3.48
CA ALA H 141 -27.83 -0.64 3.70
C ALA H 141 -26.80 -0.14 2.67
N CYS H 142 -27.22 -0.10 1.41
CA CYS H 142 -26.36 0.37 0.32
C CYS H 142 -25.84 1.77 0.54
N ALA H 143 -26.75 2.66 0.91
CA ALA H 143 -26.42 4.07 1.09
C ALA H 143 -25.42 4.23 2.22
N LYS H 144 -25.61 3.46 3.28
CA LYS H 144 -24.69 3.48 4.41
C LYS H 144 -23.35 2.88 4.04
N ALA H 145 -23.35 1.84 3.23
CA ALA H 145 -22.11 1.25 2.75
C ALA H 145 -21.32 2.25 1.92
N ALA H 146 -21.98 2.84 0.94
CA ALA H 146 -21.35 3.84 0.09
C ALA H 146 -20.79 4.99 0.92
N ALA H 147 -21.60 5.54 1.81
CA ALA H 147 -21.16 6.64 2.67
C ALA H 147 -19.84 6.28 3.37
N ALA H 148 -19.82 5.10 3.98
CA ALA H 148 -18.63 4.61 4.66
C ALA H 148 -17.45 4.32 3.74
N ALA H 149 -17.69 3.77 2.56
CA ALA H 149 -16.62 3.58 1.59
C ALA H 149 -16.05 4.92 1.17
N LEU H 150 -16.89 5.94 1.13
CA LEU H 150 -16.45 7.27 0.72
C LEU H 150 -15.86 8.03 1.90
N GLY H 151 -15.99 7.46 3.09
CA GLY H 151 -15.49 8.11 4.28
C GLY H 151 -16.21 9.41 4.61
N VAL H 152 -17.53 9.41 4.42
CA VAL H 152 -18.35 10.58 4.76
C VAL H 152 -19.55 10.14 5.58
N PRO H 153 -20.09 11.05 6.42
CA PRO H 153 -21.31 10.79 7.18
C PRO H 153 -22.48 10.55 6.23
N LEU H 154 -23.47 9.79 6.66
CA LEU H 154 -24.60 9.47 5.77
C LEU H 154 -25.28 10.75 5.27
N TYR H 155 -25.51 11.72 6.14
CA TYR H 155 -26.16 12.95 5.71
C TYR H 155 -25.34 13.69 4.64
N ARG H 156 -24.02 13.63 4.73
CA ARG H 156 -23.19 14.21 3.66
C ARG H 156 -23.25 13.39 2.38
N PHE H 157 -23.33 12.07 2.50
CA PHE H 157 -23.52 11.26 1.30
C PHE H 157 -24.83 11.64 0.64
N LEU H 158 -25.90 11.68 1.43
CA LEU H 158 -27.22 11.95 0.91
C LEU H 158 -27.46 13.39 0.42
N GLY H 159 -26.94 14.38 1.15
CA GLY H 159 -27.25 15.77 0.89
C GLY H 159 -26.08 16.69 0.59
N GLY H 160 -24.87 16.18 0.73
CA GLY H 160 -23.65 16.92 0.40
C GLY H 160 -23.31 18.06 1.37
N LEU H 161 -22.44 18.95 0.93
CA LEU H 161 -22.09 20.11 1.72
C LEU H 161 -23.32 20.94 2.05
N ASN H 162 -24.36 20.77 1.24
CA ASN H 162 -25.59 21.54 1.42
C ASN H 162 -26.44 21.14 2.61
N ALA H 163 -26.09 20.04 3.25
CA ALA H 163 -26.88 19.52 4.36
C ALA H 163 -26.37 20.09 5.67
N ASN H 164 -27.11 21.02 6.27
CA ASN H 164 -26.69 21.59 7.57
C ASN H 164 -27.84 22.05 8.48
N ARG H 165 -29.07 21.77 8.10
CA ARG H 165 -30.22 22.10 8.94
C ARG H 165 -30.57 20.98 9.91
N LEU H 166 -30.39 21.22 11.21
CA LEU H 166 -30.93 20.31 12.22
C LEU H 166 -32.44 20.48 12.28
N PRO H 167 -33.18 19.37 12.46
CA PRO H 167 -34.64 19.50 12.43
C PRO H 167 -35.21 19.93 13.77
N VAL H 168 -36.30 20.71 13.75
CA VAL H 168 -37.12 20.91 14.95
C VAL H 168 -37.95 19.65 15.13
N PRO H 169 -37.81 18.98 16.28
CA PRO H 169 -38.55 17.73 16.53
C PRO H 169 -39.94 18.02 17.04
N MET H 170 -40.92 17.25 16.58
CA MET H 170 -42.20 17.20 17.26
C MET H 170 -42.33 15.89 18.03
N MET H 171 -42.28 16.01 19.36
CA MET H 171 -42.24 14.85 20.25
C MET H 171 -43.60 14.46 20.80
N ASN H 172 -44.04 13.25 20.48
CA ASN H 172 -45.33 12.71 20.90
C ASN H 172 -45.33 12.26 22.35
N ILE H 173 -45.48 13.22 23.27
CA ILE H 173 -45.38 12.88 24.71
C ILE H 173 -46.69 12.50 25.39
N LEU H 174 -47.82 12.69 24.72
CA LEU H 174 -49.11 12.33 25.29
C LEU H 174 -49.99 11.69 24.22
N ASN H 175 -50.47 10.49 24.49
CA ASN H 175 -51.17 9.69 23.48
C ASN H 175 -52.68 9.69 23.66
N GLY H 176 -53.39 9.48 22.57
CA GLY H 176 -54.83 9.37 22.58
C GLY H 176 -55.27 8.48 21.44
N GLY H 177 -56.50 8.64 20.99
CA GLY H 177 -56.99 7.92 19.83
C GLY H 177 -57.20 6.43 20.04
N ALA H 178 -57.22 5.69 18.93
CA ALA H 178 -57.66 4.29 18.90
C ALA H 178 -57.18 3.37 20.03
N HIS H 179 -55.87 3.17 20.15
CA HIS H 179 -55.36 2.14 21.05
C HIS H 179 -55.07 2.58 22.47
N ALA H 180 -55.39 3.82 22.81
CA ALA H 180 -55.20 4.31 24.17
C ALA H 180 -56.49 4.19 24.98
N ALA H 181 -56.36 3.79 26.25
CA ALA H 181 -57.52 3.64 27.12
C ALA H 181 -57.84 4.93 27.87
N ASN H 182 -58.15 5.97 27.12
CA ASN H 182 -58.66 7.23 27.68
C ASN H 182 -59.81 7.75 26.81
N THR H 183 -60.22 9.00 27.03
CA THR H 183 -61.33 9.57 26.27
C THR H 183 -60.89 10.63 25.28
N VAL H 184 -59.58 10.71 25.06
CA VAL H 184 -59.00 11.64 24.12
C VAL H 184 -59.05 11.05 22.71
N ASP H 185 -59.58 11.82 21.76
CA ASP H 185 -59.76 11.32 20.39
C ASP H 185 -58.53 11.55 19.50
N VAL H 186 -57.91 12.72 19.62
CA VAL H 186 -56.67 13.01 18.88
C VAL H 186 -55.55 12.04 19.25
N GLN H 187 -54.88 11.50 18.23
CA GLN H 187 -53.98 10.37 18.39
C GLN H 187 -52.61 10.71 18.99
N GLU H 188 -52.05 11.87 18.62
CA GLU H 188 -50.75 12.27 19.11
C GLU H 188 -50.77 13.75 19.49
N PHE H 189 -50.26 14.05 20.68
CA PHE H 189 -50.08 15.42 21.11
C PHE H 189 -48.59 15.63 21.24
N MET H 190 -48.03 16.58 20.49
CA MET H 190 -46.59 16.74 20.41
C MET H 190 -46.13 18.15 20.81
N ILE H 191 -44.97 18.22 21.46
CA ILE H 191 -44.32 19.49 21.74
C ILE H 191 -43.18 19.75 20.74
N MET H 192 -43.00 21.02 20.35
CA MET H 192 -41.93 21.43 19.45
C MET H 192 -41.12 22.55 20.10
N PRO H 193 -39.82 22.33 20.37
CA PRO H 193 -39.01 23.36 21.04
C PRO H 193 -38.51 24.42 20.06
N VAL H 194 -39.41 25.31 19.67
CA VAL H 194 -39.11 26.27 18.60
C VAL H 194 -38.24 27.44 19.05
N GLY H 195 -38.16 27.67 20.36
CA GLY H 195 -37.41 28.79 20.90
C GLY H 195 -35.93 28.52 21.06
N ALA H 196 -35.55 27.24 21.05
CA ALA H 196 -34.15 26.86 21.22
C ALA H 196 -33.28 27.29 20.03
N GLU H 197 -32.01 27.53 20.30
CA GLU H 197 -31.10 28.03 19.27
C GLU H 197 -30.16 26.96 18.75
N SER H 198 -30.24 25.77 19.34
CA SER H 198 -29.47 24.61 18.88
C SER H 198 -30.29 23.35 19.14
N PHE H 199 -29.98 22.27 18.42
CA PHE H 199 -30.70 21.02 18.64
C PHE H 199 -30.42 20.45 20.02
N ARG H 200 -29.19 20.63 20.48
CA ARG H 200 -28.80 20.17 21.81
C ARG H 200 -29.67 20.79 22.90
N GLU H 201 -29.95 22.08 22.78
CA GLU H 201 -30.79 22.78 23.72
C GLU H 201 -32.23 22.30 23.56
N ALA H 202 -32.71 22.28 22.32
CA ALA H 202 -34.05 21.79 22.02
C ALA H 202 -34.34 20.47 22.70
N LEU H 203 -33.48 19.48 22.47
CA LEU H 203 -33.63 18.15 23.04
C LEU H 203 -33.66 18.18 24.57
N ARG H 204 -32.72 18.90 25.18
CA ARG H 204 -32.68 19.01 26.64
C ARG H 204 -33.99 19.55 27.19
N GLN H 205 -34.44 20.66 26.61
CA GLN H 205 -35.73 21.21 27.01
C GLN H 205 -36.80 20.14 26.88
N CYS H 206 -36.86 19.48 25.74
CA CYS H 206 -37.88 18.45 25.54
C CYS H 206 -37.88 17.40 26.66
N THR H 207 -36.71 16.93 27.08
CA THR H 207 -36.66 15.93 28.14
C THR H 207 -37.18 16.50 29.44
N GLU H 208 -36.89 17.78 29.67
CA GLU H 208 -37.33 18.44 30.89
C GLU H 208 -38.86 18.53 30.93
N VAL H 209 -39.46 18.99 29.84
CA VAL H 209 -40.92 19.05 29.75
C VAL H 209 -41.54 17.66 29.90
N PHE H 210 -40.86 16.65 29.37
CA PHE H 210 -41.31 15.27 29.43
C PHE H 210 -41.35 14.77 30.88
N HIS H 211 -40.31 15.07 31.64
CA HIS H 211 -40.22 14.59 33.00
C HIS H 211 -41.21 15.34 33.90
N ALA H 212 -41.37 16.64 33.63
CA ALA H 212 -42.37 17.45 34.33
C ALA H 212 -43.77 16.90 34.13
N LEU H 213 -44.08 16.53 32.89
CA LEU H 213 -45.37 15.91 32.60
C LEU H 213 -45.51 14.64 33.41
N ALA H 214 -44.42 13.88 33.51
CA ALA H 214 -44.43 12.66 34.29
C ALA H 214 -44.78 12.96 35.75
N GLY H 215 -44.08 13.93 36.33
CA GLY H 215 -44.31 14.32 37.71
C GLY H 215 -45.72 14.87 37.91
N LEU H 216 -46.15 15.72 37.00
CA LEU H 216 -47.52 16.20 37.02
C LEU H 216 -48.49 15.03 37.02
N LEU H 217 -48.44 14.22 35.97
CA LEU H 217 -49.34 13.09 35.86
C LEU H 217 -49.36 12.25 37.12
N LYS H 218 -48.17 11.99 37.66
CA LYS H 218 -48.07 11.11 38.82
C LYS H 218 -48.89 11.65 39.96
N SER H 219 -48.81 12.96 40.17
CA SER H 219 -49.49 13.59 41.30
C SER H 219 -50.99 13.45 41.18
N LYS H 220 -51.50 13.53 39.95
CA LYS H 220 -52.92 13.34 39.72
C LYS H 220 -53.30 11.85 39.76
N GLY H 221 -52.39 11.02 40.26
CA GLY H 221 -52.61 9.60 40.41
C GLY H 221 -52.65 8.82 39.10
N LEU H 222 -52.23 9.47 38.02
CA LEU H 222 -52.36 8.91 36.68
C LEU H 222 -51.15 8.07 36.26
N ALA H 223 -51.35 7.23 35.24
CA ALA H 223 -50.31 6.28 34.80
C ALA H 223 -49.14 6.93 34.06
N THR H 224 -47.93 6.54 34.42
CA THR H 224 -46.74 7.03 33.74
C THR H 224 -45.94 5.92 33.04
N SER H 225 -46.59 4.81 32.74
CA SER H 225 -46.00 3.88 31.78
C SER H 225 -46.21 4.50 30.40
N VAL H 226 -45.59 3.90 29.39
CA VAL H 226 -45.53 4.53 28.08
C VAL H 226 -46.07 3.66 26.95
N GLY H 227 -46.46 4.30 25.87
CA GLY H 227 -46.93 3.60 24.69
C GLY H 227 -45.74 3.28 23.79
N ASP H 228 -46.06 2.89 22.57
CA ASP H 228 -45.04 2.45 21.63
C ASP H 228 -44.03 3.53 21.31
N GLU H 229 -44.49 4.77 21.30
CA GLU H 229 -43.61 5.85 20.88
C GLU H 229 -43.02 6.61 22.06
N GLY H 230 -43.12 6.02 23.25
CA GLY H 230 -42.44 6.53 24.42
C GLY H 230 -43.20 7.61 25.17
N GLY H 231 -44.42 7.88 24.73
CA GLY H 231 -45.28 8.86 25.38
C GLY H 231 -46.19 8.26 26.43
N PHE H 232 -46.83 9.12 27.21
CA PHE H 232 -47.75 8.64 28.23
C PHE H 232 -49.15 8.53 27.65
N ALA H 233 -49.89 7.52 28.09
CA ALA H 233 -51.29 7.36 27.70
C ALA H 233 -52.22 7.35 28.91
N PRO H 234 -52.15 8.41 29.73
CA PRO H 234 -52.93 8.45 30.97
C PRO H 234 -54.41 8.55 30.64
N ASP H 235 -55.27 8.25 31.60
CA ASP H 235 -56.70 8.32 31.37
C ASP H 235 -57.18 9.76 31.53
N LEU H 236 -57.09 10.52 30.45
CA LEU H 236 -57.59 11.89 30.45
C LEU H 236 -58.91 11.99 29.71
N ALA H 237 -59.63 13.08 29.94
CA ALA H 237 -61.02 13.19 29.54
C ALA H 237 -61.22 13.67 28.12
N SER H 238 -60.42 14.64 27.70
CA SER H 238 -60.66 15.30 26.42
C SER H 238 -59.37 15.80 25.78
N ASP H 239 -59.42 15.99 24.47
CA ASP H 239 -58.31 16.61 23.76
C ASP H 239 -57.86 17.88 24.49
N GLU H 240 -58.83 18.64 25.00
CA GLU H 240 -58.52 19.89 25.68
C GLU H 240 -57.68 19.66 26.93
N GLU H 241 -58.04 18.63 27.69
CA GLU H 241 -57.36 18.37 28.96
C GLU H 241 -55.92 17.97 28.67
N ALA H 242 -55.76 17.15 27.63
CA ALA H 242 -54.44 16.71 27.18
C ALA H 242 -53.57 17.93 26.92
N ILE H 243 -54.11 18.84 26.13
CA ILE H 243 -53.40 20.05 25.75
C ILE H 243 -52.99 20.87 26.96
N GLU H 244 -53.87 20.95 27.96
CA GLU H 244 -53.62 21.79 29.12
C GLU H 244 -52.63 21.11 30.05
N TYR H 245 -52.72 19.79 30.15
CA TYR H 245 -51.71 19.04 30.88
C TYR H 245 -50.32 19.29 30.32
N ILE H 246 -50.20 19.22 28.99
CA ILE H 246 -48.91 19.48 28.34
C ILE H 246 -48.43 20.89 28.66
N LEU H 247 -49.31 21.87 28.44
CA LEU H 247 -48.99 23.26 28.72
C LEU H 247 -48.62 23.45 30.18
N GLU H 248 -49.24 22.68 31.06
CA GLU H 248 -48.89 22.70 32.48
C GLU H 248 -47.46 22.22 32.63
N ALA H 249 -47.18 21.06 32.03
CA ALA H 249 -45.85 20.49 32.03
C ALA H 249 -44.84 21.50 31.52
N VAL H 250 -45.18 22.15 30.41
CA VAL H 250 -44.29 23.12 29.80
C VAL H 250 -43.92 24.23 30.77
N LYS H 251 -44.93 24.76 31.45
CA LYS H 251 -44.70 25.83 32.41
C LYS H 251 -43.92 25.30 33.60
N LEU H 252 -44.26 24.08 34.03
CA LEU H 252 -43.57 23.43 35.15
C LEU H 252 -42.06 23.34 34.92
N ALA H 253 -41.66 23.00 33.70
CA ALA H 253 -40.24 22.85 33.38
C ALA H 253 -39.57 24.23 33.34
N GLY H 254 -40.39 25.26 33.34
CA GLY H 254 -39.91 26.62 33.48
C GLY H 254 -39.86 27.30 32.13
N TYR H 255 -40.63 26.77 31.19
CA TYR H 255 -40.66 27.35 29.86
C TYR H 255 -42.02 27.98 29.58
N GLU H 256 -42.05 28.91 28.64
CA GLU H 256 -43.29 29.61 28.29
C GLU H 256 -43.83 29.04 26.99
N PRO H 257 -45.12 28.66 26.99
CA PRO H 257 -45.76 28.35 25.70
C PRO H 257 -45.68 29.58 24.80
N GLY H 258 -45.68 29.38 23.49
CA GLY H 258 -45.45 30.46 22.55
C GLY H 258 -43.96 30.62 22.27
N ARG H 259 -43.26 31.33 23.17
CA ARG H 259 -41.84 31.64 22.98
C ARG H 259 -40.92 30.41 22.94
N ASP H 260 -41.16 29.43 23.80
CA ASP H 260 -40.28 28.27 23.93
C ASP H 260 -40.83 27.01 23.27
N PHE H 261 -42.13 26.74 23.48
CA PHE H 261 -42.75 25.52 22.98
C PHE H 261 -44.07 25.78 22.28
N VAL H 262 -44.32 25.07 21.19
CA VAL H 262 -45.64 25.08 20.58
C VAL H 262 -46.09 23.64 20.41
N LEU H 263 -47.26 23.43 19.83
CA LEU H 263 -47.81 22.09 19.78
C LEU H 263 -48.13 21.65 18.38
N ALA H 264 -48.02 20.35 18.16
CA ALA H 264 -48.49 19.76 16.93
C ALA H 264 -49.39 18.63 17.34
N MET H 265 -50.30 18.22 16.47
CA MET H 265 -51.13 17.07 16.78
C MET H 265 -51.40 16.21 15.55
N ASP H 266 -51.72 14.95 15.80
CA ASP H 266 -52.14 14.05 14.74
C ASP H 266 -53.55 13.58 15.02
N ALA H 267 -54.53 14.25 14.40
CA ALA H 267 -55.93 13.85 14.56
C ALA H 267 -56.15 12.41 14.12
N ALA H 268 -55.51 12.03 13.03
CA ALA H 268 -55.77 10.75 12.39
C ALA H 268 -57.27 10.59 12.14
N SER H 269 -57.89 11.63 11.60
CA SER H 269 -59.34 11.66 11.40
C SER H 269 -59.82 10.69 10.33
N SER H 270 -58.91 9.90 9.76
CA SER H 270 -59.30 8.86 8.82
C SER H 270 -59.89 7.66 9.58
N GLU H 271 -59.79 7.75 10.91
CA GLU H 271 -60.39 6.76 11.80
C GLU H 271 -61.78 7.25 12.20
N TRP H 272 -61.96 8.56 12.10
CA TRP H 272 -63.20 9.23 12.46
C TRP H 272 -64.21 9.18 11.32
N LYS H 273 -64.19 8.09 10.55
CA LYS H 273 -65.15 7.94 9.47
C LYS H 273 -66.57 8.31 9.94
N GLY H 274 -67.38 8.78 9.00
CA GLY H 274 -68.77 9.08 9.31
C GLY H 274 -69.71 8.16 8.56
N GLU H 275 -70.97 8.58 8.41
CA GLU H 275 -71.95 7.84 7.63
C GLU H 275 -71.73 8.12 6.15
N LYS H 276 -71.62 9.38 5.79
CA LYS H 276 -71.31 9.77 4.43
C LYS H 276 -69.97 10.53 4.38
N LYS H 277 -69.35 10.55 3.21
CA LYS H 277 -68.13 11.32 3.00
C LYS H 277 -68.36 12.76 3.44
N GLY H 278 -67.39 13.35 4.13
CA GLY H 278 -67.51 14.72 4.58
C GLY H 278 -68.02 14.89 6.01
N GLU H 279 -68.72 13.89 6.52
CA GLU H 279 -69.19 13.92 7.90
C GLU H 279 -68.29 13.02 8.72
N TYR H 280 -67.96 13.46 9.94
CA TYR H 280 -67.15 12.64 10.84
C TYR H 280 -67.85 12.39 12.17
N ILE H 281 -67.42 11.34 12.87
CA ILE H 281 -67.89 11.08 14.22
C ILE H 281 -66.75 10.59 15.10
N LEU H 282 -66.25 11.45 15.98
CA LEU H 282 -65.24 11.06 16.95
C LEU H 282 -65.74 9.88 17.77
N PRO H 283 -65.04 8.72 17.70
CA PRO H 283 -65.46 7.47 18.33
C PRO H 283 -65.54 7.50 19.87
N LYS H 284 -64.92 8.49 20.50
CA LYS H 284 -65.01 8.61 21.96
C LYS H 284 -65.98 9.70 22.36
N CYS H 285 -65.56 10.95 22.23
CA CYS H 285 -66.45 12.10 22.46
C CYS H 285 -67.80 11.92 21.77
N LYS H 286 -67.80 11.18 20.66
CA LYS H 286 -68.98 10.97 19.82
C LYS H 286 -69.53 12.24 19.17
N ARG H 287 -68.87 13.38 19.43
CA ARG H 287 -69.18 14.64 18.76
C ARG H 287 -69.23 14.45 17.24
N LYS H 288 -70.37 14.76 16.64
CA LYS H 288 -70.52 14.68 15.18
C LYS H 288 -70.06 15.98 14.54
N PHE H 289 -69.34 15.86 13.43
CA PHE H 289 -68.82 17.03 12.73
C PHE H 289 -69.04 16.96 11.22
N ALA H 290 -69.56 18.05 10.67
CA ALA H 290 -69.52 18.24 9.23
C ALA H 290 -68.09 18.63 8.92
N SER H 291 -67.58 18.17 7.78
CA SER H 291 -66.22 18.49 7.38
C SER H 291 -65.86 19.95 7.66
N GLU H 292 -66.77 20.86 7.31
CA GLU H 292 -66.51 22.29 7.48
C GLU H 292 -66.62 22.73 8.95
N GLU H 293 -67.35 21.96 9.76
CA GLU H 293 -67.43 22.22 11.19
C GLU H 293 -66.14 21.79 11.86
N LEU H 294 -65.63 20.63 11.45
CA LEU H 294 -64.37 20.13 11.96
C LEU H 294 -63.28 21.18 11.80
N VAL H 295 -63.16 21.73 10.60
CA VAL H 295 -62.24 22.82 10.35
C VAL H 295 -62.46 23.93 11.36
N ALA H 296 -63.70 24.42 11.43
CA ALA H 296 -64.06 25.46 12.37
C ALA H 296 -63.57 25.10 13.78
N HIS H 297 -63.76 23.83 14.14
CA HIS H 297 -63.28 23.32 15.42
C HIS H 297 -61.76 23.49 15.58
N TRP H 298 -61.01 22.99 14.59
CA TRP H 298 -59.55 23.11 14.62
C TRP H 298 -59.15 24.56 14.77
N LYS H 299 -59.95 25.45 14.17
CA LYS H 299 -59.66 26.88 14.18
C LYS H 299 -59.76 27.45 15.59
N SER H 300 -60.83 27.11 16.31
CA SER H 300 -61.01 27.58 17.68
C SER H 300 -59.84 27.07 18.53
N LEU H 301 -59.62 25.76 18.47
CA LEU H 301 -58.51 25.14 19.18
C LEU H 301 -57.21 25.92 18.98
N CYS H 302 -57.00 26.40 17.76
CA CYS H 302 -55.76 27.09 17.41
C CYS H 302 -55.69 28.55 17.83
N GLU H 303 -56.85 29.17 18.05
CA GLU H 303 -56.87 30.52 18.58
C GLU H 303 -56.77 30.45 20.10
N ARG H 304 -57.25 29.34 20.66
CA ARG H 304 -57.23 29.16 22.11
C ARG H 304 -55.94 28.53 22.62
N TYR H 305 -55.24 27.80 21.74
CA TYR H 305 -54.00 27.14 22.13
C TYR H 305 -52.85 27.40 21.14
N PRO H 306 -51.60 27.29 21.62
CA PRO H 306 -50.43 27.51 20.76
C PRO H 306 -50.11 26.28 19.91
N ILE H 307 -51.09 25.83 19.14
CA ILE H 307 -50.92 24.72 18.20
C ILE H 307 -50.54 25.28 16.82
N VAL H 308 -49.44 24.79 16.23
CA VAL H 308 -48.98 25.32 14.95
C VAL H 308 -49.02 24.32 13.81
N SER H 309 -49.55 23.13 14.08
CA SER H 309 -49.50 22.05 13.10
C SER H 309 -50.55 20.99 13.38
N ILE H 310 -51.20 20.51 12.32
CA ILE H 310 -52.20 19.47 12.47
C ILE H 310 -52.09 18.40 11.39
N GLU H 311 -51.77 17.19 11.80
CA GLU H 311 -51.58 16.10 10.85
C GLU H 311 -52.93 15.44 10.62
N ASP H 312 -53.29 15.25 9.36
CA ASP H 312 -54.56 14.62 9.02
C ASP H 312 -55.74 15.19 9.81
N GLY H 313 -55.94 16.50 9.69
CA GLY H 313 -57.08 17.16 10.30
C GLY H 313 -58.39 16.76 9.63
N LEU H 314 -58.29 16.15 8.46
CA LEU H 314 -59.45 15.65 7.72
C LEU H 314 -59.15 14.27 7.13
N ASP H 315 -60.16 13.67 6.52
CA ASP H 315 -60.02 12.30 6.02
C ASP H 315 -59.09 12.20 4.83
N GLU H 316 -58.59 10.98 4.62
CA GLU H 316 -57.62 10.67 3.57
C GLU H 316 -58.17 10.80 2.16
N GLU H 317 -59.47 11.02 2.05
CA GLU H 317 -60.11 11.13 0.73
C GLU H 317 -61.07 12.32 0.65
N ASP H 318 -61.20 13.06 1.75
CA ASP H 318 -62.02 14.26 1.77
C ASP H 318 -61.25 15.43 1.15
N TRP H 319 -60.89 15.26 -0.12
CA TRP H 319 -60.09 16.27 -0.82
C TRP H 319 -60.80 17.60 -0.87
N GLU H 320 -62.11 17.56 -1.04
CA GLU H 320 -62.91 18.78 -1.00
C GLU H 320 -62.69 19.49 0.34
N GLY H 321 -62.72 18.72 1.42
CA GLY H 321 -62.54 19.28 2.75
C GLY H 321 -61.15 19.84 2.94
N TRP H 322 -60.14 19.04 2.56
CA TRP H 322 -58.76 19.46 2.69
C TRP H 322 -58.54 20.79 1.99
N GLN H 323 -59.09 20.88 0.79
CA GLN H 323 -58.98 22.10 0.01
C GLN H 323 -59.54 23.27 0.80
N TYR H 324 -60.73 23.06 1.34
CA TYR H 324 -61.40 24.05 2.16
C TYR H 324 -60.58 24.41 3.41
N MET H 325 -60.17 23.39 4.15
CA MET H 325 -59.37 23.58 5.35
C MET H 325 -58.07 24.33 5.08
N THR H 326 -57.44 23.96 3.96
CA THR H 326 -56.19 24.60 3.54
C THR H 326 -56.42 26.08 3.29
N ARG H 327 -57.53 26.39 2.62
CA ARG H 327 -57.91 27.78 2.37
C ARG H 327 -58.15 28.48 3.70
N GLU H 328 -58.87 27.80 4.59
CA GLU H 328 -59.22 28.35 5.89
C GLU H 328 -58.02 28.57 6.81
N LEU H 329 -57.21 27.53 6.97
CA LEU H 329 -56.19 27.52 8.01
C LEU H 329 -54.76 27.68 7.48
N GLY H 330 -54.54 27.27 6.24
CA GLY H 330 -53.20 27.19 5.67
C GLY H 330 -52.24 28.34 5.93
N ASP H 331 -52.76 29.55 6.09
CA ASP H 331 -51.91 30.73 6.20
C ASP H 331 -51.23 30.86 7.56
N LYS H 332 -51.81 30.23 8.58
CA LYS H 332 -51.27 30.31 9.94
C LYS H 332 -50.87 28.95 10.51
N ILE H 333 -51.41 27.88 9.94
CA ILE H 333 -51.23 26.54 10.50
C ILE H 333 -50.70 25.51 9.50
N GLN H 334 -49.64 24.80 9.89
CA GLN H 334 -49.16 23.68 9.11
C GLN H 334 -50.21 22.57 9.10
N LEU H 335 -50.61 22.16 7.90
CA LEU H 335 -51.59 21.10 7.74
C LEU H 335 -50.92 19.94 7.07
N VAL H 336 -50.52 18.95 7.87
CA VAL H 336 -49.67 17.87 7.42
C VAL H 336 -50.49 16.68 6.95
N GLY H 337 -50.25 16.23 5.73
CA GLY H 337 -50.91 15.05 5.21
C GLY H 337 -50.11 13.79 5.51
N ASP H 338 -50.68 12.92 6.35
CA ASP H 338 -50.09 11.62 6.66
C ASP H 338 -50.80 10.56 5.83
N ASP H 339 -52.02 10.21 6.25
CA ASP H 339 -52.82 9.25 5.50
C ASP H 339 -53.25 9.84 4.17
N LEU H 340 -53.27 11.17 4.09
CA LEU H 340 -53.67 11.85 2.86
C LEU H 340 -52.76 11.46 1.70
N PHE H 341 -51.44 11.48 1.95
CA PHE H 341 -50.45 11.29 0.90
C PHE H 341 -49.77 9.92 0.93
N VAL H 342 -49.79 9.26 2.09
CA VAL H 342 -49.03 8.02 2.33
C VAL H 342 -47.72 7.96 1.56
N THR H 343 -46.91 9.01 1.71
CA THR H 343 -45.60 9.12 1.06
C THR H 343 -45.66 8.71 -0.42
N ASN H 344 -46.72 9.12 -1.10
CA ASN H 344 -46.96 8.74 -2.49
C ASN H 344 -46.96 9.95 -3.42
N THR H 345 -45.99 10.01 -4.33
CA THR H 345 -45.83 11.21 -5.17
C THR H 345 -47.07 11.55 -6.00
N GLU H 346 -47.78 10.53 -6.47
CA GLU H 346 -49.04 10.76 -7.18
C GLU H 346 -50.03 11.51 -6.31
N ARG H 347 -50.26 10.99 -5.11
CA ARG H 347 -51.18 11.63 -4.19
C ARG H 347 -50.66 13.00 -3.76
N LEU H 348 -49.33 13.12 -3.63
CA LEU H 348 -48.75 14.40 -3.21
C LEU H 348 -48.95 15.44 -4.29
N ASN H 349 -48.84 14.99 -5.53
CA ASN H 349 -49.03 15.86 -6.67
C ASN H 349 -50.49 16.31 -6.78
N LYS H 350 -51.40 15.38 -6.55
CA LYS H 350 -52.82 15.67 -6.56
C LYS H 350 -53.16 16.76 -5.54
N GLY H 351 -52.69 16.57 -4.32
CA GLY H 351 -52.87 17.56 -3.28
C GLY H 351 -52.28 18.89 -3.68
N ILE H 352 -51.05 18.88 -4.18
CA ILE H 352 -50.40 20.10 -4.65
C ILE H 352 -51.28 20.86 -5.66
N LYS H 353 -51.72 20.14 -6.71
CA LYS H 353 -52.56 20.74 -7.76
C LYS H 353 -53.89 21.26 -7.21
N GLU H 354 -54.56 20.44 -6.40
CA GLU H 354 -55.83 20.83 -5.83
C GLU H 354 -55.68 21.67 -4.55
N ARG H 355 -54.48 22.16 -4.30
CA ARG H 355 -54.18 22.99 -3.13
C ARG H 355 -54.67 22.41 -1.81
N CYS H 356 -54.19 21.21 -1.50
CA CYS H 356 -54.53 20.53 -0.25
C CYS H 356 -53.28 20.34 0.64
N GLY H 357 -53.38 20.75 1.90
CA GLY H 357 -52.27 20.64 2.83
C GLY H 357 -51.13 21.58 2.46
N ASN H 358 -50.26 21.87 3.42
CA ASN H 358 -49.04 22.62 3.11
C ASN H 358 -47.80 21.88 3.63
N SER H 359 -47.97 20.58 3.87
CA SER H 359 -46.93 19.76 4.47
C SER H 359 -47.22 18.27 4.27
N ILE H 360 -46.18 17.46 4.25
CA ILE H 360 -46.33 16.03 4.09
C ILE H 360 -45.46 15.29 5.09
N LEU H 361 -46.00 14.21 5.65
CA LEU H 361 -45.27 13.37 6.58
C LEU H 361 -44.56 12.31 5.78
N ILE H 362 -43.25 12.26 5.90
CA ILE H 362 -42.44 11.38 5.06
C ILE H 362 -42.06 10.10 5.78
N LYS H 363 -42.56 8.97 5.26
CA LYS H 363 -42.23 7.66 5.83
C LYS H 363 -41.54 6.82 4.77
N LEU H 364 -40.25 6.58 4.98
CA LEU H 364 -39.41 5.83 4.05
C LEU H 364 -40.05 4.54 3.57
N ASN H 365 -40.67 3.79 4.49
CA ASN H 365 -41.09 2.45 4.15
C ASN H 365 -42.45 2.41 3.47
N GLN H 366 -43.14 3.54 3.44
CA GLN H 366 -44.37 3.64 2.68
C GLN H 366 -44.06 3.74 1.20
N ILE H 367 -42.87 4.22 0.87
CA ILE H 367 -42.46 4.28 -0.53
C ILE H 367 -41.45 3.15 -0.89
N GLY H 368 -40.54 2.83 0.02
CA GLY H 368 -39.76 1.61 -0.13
C GLY H 368 -38.33 1.71 -0.60
N THR H 369 -37.90 2.88 -1.05
CA THR H 369 -36.49 3.05 -1.37
C THR H 369 -36.00 4.40 -0.88
N VAL H 370 -34.68 4.54 -0.80
CA VAL H 370 -34.08 5.81 -0.43
C VAL H 370 -34.27 6.86 -1.53
N SER H 371 -33.91 6.51 -2.76
CA SER H 371 -33.99 7.50 -3.82
C SER H 371 -35.42 8.02 -3.99
N GLU H 372 -36.40 7.13 -3.99
CA GLU H 372 -37.78 7.59 -4.17
C GLU H 372 -38.21 8.51 -3.06
N THR H 373 -37.68 8.29 -1.85
CA THR H 373 -37.97 9.15 -0.72
C THR H 373 -37.37 10.53 -0.92
N LEU H 374 -36.20 10.58 -1.56
CA LEU H 374 -35.59 11.84 -1.92
C LEU H 374 -36.49 12.58 -2.90
N GLU H 375 -37.02 11.84 -3.87
CA GLU H 375 -37.87 12.46 -4.89
C GLU H 375 -39.15 12.98 -4.26
N ALA H 376 -39.67 12.22 -3.30
CA ALA H 376 -40.86 12.63 -2.60
C ALA H 376 -40.62 13.98 -1.97
N ILE H 377 -39.52 14.09 -1.24
CA ILE H 377 -39.21 15.31 -0.50
C ILE H 377 -38.94 16.46 -1.48
N LYS H 378 -38.20 16.20 -2.55
CA LYS H 378 -37.96 17.23 -3.54
C LYS H 378 -39.26 17.78 -4.12
N MET H 379 -40.19 16.90 -4.47
CA MET H 379 -41.50 17.32 -4.95
C MET H 379 -42.19 18.23 -3.94
N ALA H 380 -42.10 17.88 -2.66
CA ALA H 380 -42.75 18.71 -1.64
C ALA H 380 -42.08 20.06 -1.59
N HIS H 381 -40.77 20.06 -1.40
CA HIS H 381 -40.02 21.30 -1.27
C HIS H 381 -40.26 22.22 -2.47
N LYS H 382 -40.40 21.63 -3.65
CA LYS H 382 -40.57 22.40 -4.88
C LYS H 382 -41.91 23.12 -4.83
N ALA H 383 -42.89 22.47 -4.21
CA ALA H 383 -44.24 23.03 -4.11
C ALA H 383 -44.45 23.90 -2.85
N GLY H 384 -43.37 24.17 -2.11
CA GLY H 384 -43.47 24.99 -0.92
C GLY H 384 -44.06 24.28 0.30
N TYR H 385 -44.34 22.99 0.14
CA TYR H 385 -44.72 22.16 1.28
C TYR H 385 -43.50 21.87 2.13
N THR H 386 -43.72 21.68 3.42
CA THR H 386 -42.65 21.20 4.27
C THR H 386 -42.72 19.69 4.26
N ALA H 387 -41.59 19.05 4.56
CA ALA H 387 -41.52 17.60 4.64
C ALA H 387 -41.11 17.22 6.06
N VAL H 388 -42.02 16.55 6.76
CA VAL H 388 -41.74 16.10 8.11
C VAL H 388 -41.31 14.64 8.07
N VAL H 389 -40.03 14.41 8.35
CA VAL H 389 -39.46 13.07 8.32
C VAL H 389 -39.90 12.33 9.55
N SER H 390 -40.52 11.17 9.34
CA SER H 390 -41.24 10.49 10.41
C SER H 390 -40.74 9.08 10.70
N HIS H 391 -40.93 8.67 11.94
CA HIS H 391 -40.72 7.29 12.36
C HIS H 391 -41.98 6.46 12.11
N ARG H 392 -41.90 5.16 12.35
CA ARG H 392 -43.11 4.35 12.43
C ARG H 392 -43.25 3.89 13.88
N SER H 393 -44.40 3.31 14.20
CA SER H 393 -44.63 2.77 15.55
C SER H 393 -43.70 1.61 15.89
N GLY H 394 -43.46 0.74 14.91
CA GLY H 394 -42.48 -0.32 15.05
C GLY H 394 -41.14 0.14 14.50
N GLU H 395 -40.26 0.60 15.38
CA GLU H 395 -38.95 1.09 14.98
C GLU H 395 -37.85 0.13 15.38
N THR H 396 -36.62 0.50 15.08
CA THR H 396 -35.45 -0.26 15.48
C THR H 396 -34.37 0.74 15.92
N GLU H 397 -33.18 0.21 16.20
CA GLU H 397 -32.02 0.99 16.64
C GLU H 397 -31.44 1.82 15.50
N ASP H 398 -31.93 1.58 14.30
CA ASP H 398 -31.50 2.32 13.12
C ASP H 398 -31.78 3.81 13.31
N THR H 399 -30.90 4.68 12.79
CA THR H 399 -31.07 6.12 12.99
C THR H 399 -31.06 6.87 11.69
N THR H 400 -31.47 6.19 10.62
CA THR H 400 -31.36 6.75 9.29
C THR H 400 -32.15 8.03 9.10
N ILE H 401 -33.37 8.07 9.61
CA ILE H 401 -34.22 9.23 9.38
C ILE H 401 -33.63 10.51 9.97
N ALA H 402 -32.73 10.37 10.94
CA ALA H 402 -32.00 11.51 11.48
C ALA H 402 -31.11 12.10 10.40
N ASP H 403 -30.26 11.27 9.81
CA ASP H 403 -29.38 11.70 8.72
C ASP H 403 -30.20 12.21 7.54
N LEU H 404 -31.31 11.53 7.27
CA LEU H 404 -32.20 11.91 6.16
C LEU H 404 -32.75 13.30 6.37
N ALA H 405 -33.15 13.58 7.60
CA ALA H 405 -33.73 14.89 7.90
C ALA H 405 -32.70 15.99 7.65
N VAL H 406 -31.47 15.74 8.05
CA VAL H 406 -30.43 16.75 7.88
C VAL H 406 -29.99 16.83 6.42
N ALA H 407 -29.85 15.67 5.79
CA ALA H 407 -29.43 15.59 4.39
C ALA H 407 -30.23 16.53 3.49
N LEU H 408 -31.53 16.56 3.67
CA LEU H 408 -32.36 17.39 2.80
C LEU H 408 -32.92 18.60 3.53
N ASN H 409 -32.27 18.97 4.63
CA ASN H 409 -32.60 20.21 5.32
C ASN H 409 -34.11 20.36 5.51
N THR H 410 -34.78 19.29 5.91
CA THR H 410 -36.24 19.32 6.05
C THR H 410 -36.69 20.22 7.19
N GLY H 411 -35.84 20.41 8.19
CA GLY H 411 -36.15 21.34 9.27
C GLY H 411 -37.18 20.85 10.28
N GLN H 412 -37.66 19.62 10.12
CA GLN H 412 -38.64 19.03 11.05
C GLN H 412 -38.52 17.52 11.07
N ILE H 413 -38.65 16.94 12.26
CA ILE H 413 -38.69 15.50 12.39
C ILE H 413 -39.70 15.10 13.45
N LYS H 414 -40.43 14.02 13.18
CA LYS H 414 -41.34 13.41 14.16
C LYS H 414 -40.84 12.00 14.45
N THR H 415 -40.21 11.82 15.60
CA THR H 415 -39.64 10.52 15.89
C THR H 415 -39.82 10.08 17.35
N GLY H 416 -40.84 10.60 18.00
CA GLY H 416 -41.23 10.05 19.29
C GLY H 416 -40.95 10.88 20.51
N ALA H 417 -41.44 10.39 21.65
CA ALA H 417 -41.10 10.98 22.94
C ALA H 417 -39.62 10.75 23.20
N PRO H 418 -39.04 11.52 24.12
CA PRO H 418 -37.63 11.31 24.48
C PRO H 418 -37.44 10.15 25.46
N SER H 419 -38.10 9.03 25.18
CA SER H 419 -37.87 7.80 25.91
C SER H 419 -38.10 6.62 24.98
N ARG H 420 -37.49 5.48 25.30
CA ARG H 420 -37.39 4.34 24.40
C ARG H 420 -36.30 4.62 23.36
N SER H 421 -35.24 3.82 23.37
CA SER H 421 -34.06 4.14 22.57
C SER H 421 -34.25 4.00 21.08
N GLU H 422 -35.33 3.34 20.66
CA GLU H 422 -35.65 3.32 19.25
C GLU H 422 -36.10 4.72 18.84
N ARG H 423 -36.52 5.52 19.82
CA ARG H 423 -36.79 6.94 19.58
C ARG H 423 -35.55 7.77 19.86
N VAL H 424 -35.02 7.60 21.06
CA VAL H 424 -33.92 8.46 21.50
C VAL H 424 -32.65 8.30 20.65
N ALA H 425 -32.45 7.12 20.06
CA ALA H 425 -31.25 6.89 19.25
C ALA H 425 -31.19 7.86 18.08
N LYS H 426 -32.35 8.32 17.62
CA LYS H 426 -32.40 9.32 16.56
C LYS H 426 -31.97 10.70 17.11
N TYR H 427 -32.46 11.04 18.29
CA TYR H 427 -32.09 12.30 18.91
C TYR H 427 -30.59 12.31 19.17
N ASN H 428 -30.06 11.16 19.58
CA ASN H 428 -28.64 11.02 19.80
C ASN H 428 -27.83 11.21 18.52
N GLN H 429 -28.27 10.60 17.44
CA GLN H 429 -27.63 10.76 16.16
C GLN H 429 -27.66 12.22 15.70
N LEU H 430 -28.76 12.91 15.97
CA LEU H 430 -28.85 14.33 15.64
C LEU H 430 -27.89 15.14 16.50
N LEU H 431 -27.68 14.73 17.75
CA LEU H 431 -26.68 15.38 18.57
C LEU H 431 -25.30 15.23 17.95
N ARG H 432 -25.03 14.04 17.38
CA ARG H 432 -23.71 13.77 16.83
C ARG H 432 -23.51 14.57 15.57
N ILE H 433 -24.57 14.63 14.76
CA ILE H 433 -24.51 15.34 13.49
C ILE H 433 -24.27 16.82 13.76
N GLU H 434 -24.94 17.36 14.77
CA GLU H 434 -24.80 18.78 15.06
C GLU H 434 -23.39 19.07 15.52
N GLU H 435 -22.89 18.21 16.38
CA GLU H 435 -21.52 18.30 16.86
C GLU H 435 -20.56 18.36 15.68
N GLU H 436 -20.80 17.50 14.70
CA GLU H 436 -19.90 17.35 13.56
C GLU H 436 -19.93 18.57 12.62
N LEU H 437 -21.11 19.12 12.42
CA LEU H 437 -21.28 20.32 11.61
C LEU H 437 -20.57 21.54 12.17
N GLY H 438 -20.25 21.53 13.45
CA GLY H 438 -19.59 22.68 14.08
C GLY H 438 -20.38 23.98 13.91
N ASP H 439 -19.72 25.05 13.47
CA ASP H 439 -20.36 26.35 13.32
C ASP H 439 -21.33 26.44 12.14
N SER H 440 -21.29 25.44 11.25
CA SER H 440 -22.12 25.47 10.05
C SER H 440 -23.53 24.97 10.33
N ALA H 441 -23.70 24.34 11.48
CA ALA H 441 -24.99 23.83 11.92
C ALA H 441 -26.00 24.95 12.04
N VAL H 442 -27.20 24.71 11.54
CA VAL H 442 -28.30 25.64 11.71
C VAL H 442 -29.48 24.91 12.33
N TYR H 443 -30.00 25.46 13.43
CA TYR H 443 -31.26 24.98 14.00
C TYR H 443 -32.28 26.09 13.81
N PRO H 444 -33.30 25.84 12.98
CA PRO H 444 -34.15 26.92 12.47
C PRO H 444 -35.28 27.36 13.41
N GLY H 445 -35.46 26.69 14.54
CA GLY H 445 -36.51 27.08 15.48
C GLY H 445 -37.82 27.47 14.82
N PHE H 446 -38.41 28.58 15.24
CA PHE H 446 -39.71 28.98 14.71
C PHE H 446 -39.75 29.16 13.19
N THR H 447 -38.64 29.57 12.60
CA THR H 447 -38.58 29.88 11.18
C THR H 447 -38.79 28.67 10.28
N THR H 448 -38.78 27.48 10.86
CA THR H 448 -38.79 26.25 10.07
C THR H 448 -40.14 25.98 9.41
N PHE H 449 -41.16 26.69 9.85
CA PHE H 449 -42.50 26.45 9.34
C PHE H 449 -42.73 27.09 7.96
#